data_5W0P
#
_entry.id   5W0P
#
_cell.length_a   109.240
_cell.length_b   109.240
_cell.length_c   452.640
_cell.angle_alpha   90.00
_cell.angle_beta   90.00
_cell.angle_gamma   90.00
#
_symmetry.space_group_name_H-M   'P 21 21 21'
#
loop_
_entity.id
_entity.type
_entity.pdbx_description
1 polymer Endolysin,Rhodopsin,S-arrestin
2 polymer Endolysin,Rhodopsin,S-arrestin
3 branched 2-acetamido-2-deoxy-beta-D-glucopyranose-(1-4)-2-acetamido-2-deoxy-beta-D-glucopyranose
#
loop_
_entity_poly.entity_id
_entity_poly.type
_entity_poly.pdbx_seq_one_letter_code
_entity_poly.pdbx_strand_id
1 'polypeptide(L)'
;NIFEMLRIDEGLRLKIYKDTEGYYTIGIGHLLTKSPSLNAAKSELDKAIGRNTNGVITKDEAEKLFNQDVDAAVRGILRN
AKLKPVYDSLDAVRRAALINMVFQMGETGVAGFTNSLRMLQQKRWDEAAVNLAKSRWYNQTPNRAKRVITTFRTGTWDAY
MCGTEGPNFYVPFSNATGVVRSPFEYPQYYLAEPWQFSMLAAYMFLLIVLGFPINFLTLYVTVQHKKLRTPLNYILLNLA
VADLFMVLGGFTSTLYTSLHGYFVFGPTGCNLQGFFATLGGEIALWSLVVLAIERYVVVCKPMSNFRFGENHAIMGVAFT
WVMALACAAPPLAGWSRYIPEGLQCSCGIDYYTLKPEVNNESFVIYMFVVHFTIPMIIIFFCYGQLVFTVKEAAAQQQES
ATTQKAEKEVTRMVIIYVIAFLICWVPYASVAFYIFTHQGSCFGPIFMTIPAFFAKSAAIYNPVIYIMMNKQFRNCMLTT
ICCGKNPLGDDEASA(TPO)V(SEP)KTETSQVAPAGSAGSAGSAGSAGSASHVIFKKVSRDKSVTIYLGKRDYVDHVSQ
VEPVDGVVLVDPELVKGKKVYVTLTCAFRYGQEDIDVMGLTFRRDLYFSRVQVYPPVGAMSVLTQLQESLLKKLGDNTYP
FLLTFPDYLPCSVMLQPAPQDVGKSCGVDFEVKAFASDITDPEEDKIPKKSSVRLLIRKVQHAPPEMGPQPSAEASWQFF
MSDKPLNLSVSLSKEIYFHGEPIPVTVTVTNNTDKVVKKIKVSVEQIANVVLYSSDYYVKPVASEETQEKVQPNSTLTKT
LVLVPLLANNRERRGIALDGKIKHEDTNLASSTIIKEGIDRTVMGILVSYHIKVKLTVSGFLGELTSSEVATEVPFRLMH
PQPEDPAKESVQDENAAAEEFARQNLKDTGENTE
;
A,B
2 'polypeptide(L)'
;NIFEMLRIDEGLRLKIYKDTEGYYTIGIGHLLTKSPSLNAAKSELDKAIGRNTNGVITKDEAEKLFNQDVDAAVRGILRN
AKLKPVYDSLDAVRRAALINMVFQMGETGVAGFTNSLRMLQQKRWDEAAVNLAKSRWYNQTPNRAKRVITTFRTGTWDAY
MCGTEGPNFYVPFSNATGVVRSPFEYPQYYLAEPWQFSMLAAYMFLLIVLGFPINFLTLYVTVQHKKLRTPLNYILLNLA
VADLFMVLGGFTSTLYTSLHGYFVFGPTGCNLQGFFATLGGEIALWSLVVLAIERYVVVCKPMSNFRFGENHAIMGVAFT
WVMALACAAPPLAGWSRYIPEGLQCSCGIDYYTLKPEVNNESFVIYMFVVHFTIPMIIIFFCYGQLVFTVKEAAAQQQES
ATTQKAEKEVTRMVIIYVIAFLICWVPYASVAFYIFTHQGSCFGPIFMTIPAFFAKSAAIYNPVIYIMMNKQFRNCMLTT
ICCGKNPLGDDEASATV(SEP)KTETSQVAPAGSAGSAGSAGSAGSASHVIFKKVSRDKSVTIYLGKRDYVDHVSQVEPV
DGVVLVDPELVKGKKVYVTLTCAFRYGQEDIDVMGLTFRRDLYFSRVQVYPPVGAMSVLTQLQESLLKKLGDNTYPFLLT
FPDYLPCSVMLQPAPQDVGKSCGVDFEVKAFASDITDPEEDKIPKKSSVRLLIRKVQHAPPEMGPQPSAEASWQFFMSDK
PLNLSVSLSKEIYFHGEPIPVTVTVTNNTDKVVKKIKVSVEQIANVVLYSSDYYVKPVASEETQEKVQPNSTLTKTLVLV
PLLANNRERRGIALDGKIKHEDTNLASSTIIKEGIDRTVMGILVSYHIKVKLTVSGFLGELTSSEVATEVPFRLMHPQPE
DPAKESVQDENAAAEEFARQNLKDTGENTE
;
C,D
#
# COMPACT_ATOMS: atom_id res chain seq x y z
N ASN A 1 33.04 0.77 45.32
CA ASN A 1 33.66 -0.54 45.17
C ASN A 1 32.91 -1.41 44.15
N ILE A 2 33.12 -2.73 44.21
CA ILE A 2 32.47 -3.66 43.27
C ILE A 2 30.96 -3.71 43.47
N PHE A 3 30.53 -3.75 44.74
CA PHE A 3 29.11 -3.79 45.09
C PHE A 3 28.38 -2.57 44.53
N GLU A 4 28.96 -1.39 44.70
CA GLU A 4 28.33 -0.15 44.25
C GLU A 4 28.36 0.02 42.73
N MET A 5 29.35 -0.57 42.07
CA MET A 5 29.38 -0.59 40.61
C MET A 5 28.14 -1.28 40.05
N LEU A 6 28.01 -2.57 40.34
CA LEU A 6 26.97 -3.41 39.76
C LEU A 6 25.56 -3.09 40.28
N ARG A 7 25.46 -2.52 41.48
CA ARG A 7 24.15 -2.15 42.04
C ARG A 7 23.54 -0.96 41.31
N ILE A 8 24.37 0.02 40.99
CA ILE A 8 23.91 1.21 40.27
C ILE A 8 23.69 0.89 38.80
N ASP A 9 24.62 0.14 38.20
CA ASP A 9 24.54 -0.22 36.78
C ASP A 9 23.31 -1.08 36.47
N GLU A 10 23.19 -2.22 37.14
CA GLU A 10 22.09 -3.15 36.89
C GLU A 10 20.79 -2.65 37.52
N GLY A 11 20.89 -2.17 38.75
CA GLY A 11 19.76 -1.71 39.53
C GLY A 11 19.24 -2.83 40.41
N LEU A 12 18.87 -2.49 41.64
CA LEU A 12 18.46 -3.47 42.64
C LEU A 12 16.95 -3.60 42.64
N ARG A 13 16.46 -4.75 42.19
CA ARG A 13 15.03 -5.01 42.10
C ARG A 13 14.61 -6.11 43.06
N LEU A 14 13.70 -5.79 43.98
CA LEU A 14 13.23 -6.75 44.98
C LEU A 14 12.34 -7.83 44.37
N LYS A 15 11.60 -7.47 43.32
CA LYS A 15 10.78 -8.44 42.61
C LYS A 15 11.47 -8.91 41.33
N ILE A 16 10.88 -9.90 40.67
CA ILE A 16 11.43 -10.44 39.44
C ILE A 16 11.11 -9.48 38.28
N TYR A 17 12.11 -9.24 37.44
CA TYR A 17 11.94 -8.34 36.30
C TYR A 17 12.69 -8.88 35.09
N LYS A 18 12.21 -8.52 33.90
CA LYS A 18 12.91 -8.86 32.67
C LYS A 18 13.96 -7.82 32.35
N ASP A 19 15.20 -8.27 32.17
CA ASP A 19 16.31 -7.38 31.84
C ASP A 19 16.26 -6.96 30.37
N THR A 20 17.22 -6.14 29.95
CA THR A 20 17.26 -5.61 28.58
C THR A 20 17.17 -6.72 27.52
N GLU A 21 17.81 -7.85 27.79
CA GLU A 21 17.73 -9.02 26.90
C GLU A 21 16.38 -9.73 26.99
N GLY A 22 15.66 -9.51 28.10
CA GLY A 22 14.35 -10.12 28.29
C GLY A 22 14.30 -11.41 29.08
N TYR A 23 15.30 -11.63 29.93
CA TYR A 23 15.37 -12.84 30.76
C TYR A 23 15.02 -12.54 32.21
N TYR A 24 14.42 -13.51 32.89
CA TYR A 24 13.93 -13.28 34.24
C TYR A 24 15.09 -13.11 35.22
N THR A 25 15.13 -11.92 35.82
CA THR A 25 16.23 -11.51 36.68
C THR A 25 15.65 -10.94 37.96
N ILE A 26 16.39 -11.08 39.05
CA ILE A 26 15.97 -10.52 40.33
C ILE A 26 17.19 -9.99 41.09
N GLY A 27 16.98 -9.00 41.95
CA GLY A 27 18.05 -8.39 42.72
C GLY A 27 19.04 -7.65 41.84
N ILE A 28 20.32 -7.98 41.98
CA ILE A 28 21.33 -7.43 41.08
C ILE A 28 21.83 -8.52 40.13
N GLY A 29 21.35 -8.45 38.89
CA GLY A 29 21.78 -9.34 37.82
C GLY A 29 21.82 -10.82 38.11
N HIS A 30 20.86 -11.32 38.89
CA HIS A 30 20.82 -12.74 39.22
C HIS A 30 19.78 -13.47 38.37
N LEU A 31 20.28 -14.34 37.49
CA LEU A 31 19.41 -15.14 36.63
C LEU A 31 18.81 -16.30 37.40
N LEU A 32 17.49 -16.32 37.48
CA LEU A 32 16.77 -17.39 38.17
C LEU A 32 16.67 -18.62 37.29
N THR A 33 16.01 -18.46 36.14
CA THR A 33 15.86 -19.55 35.19
C THR A 33 15.56 -19.04 33.79
N LYS A 34 15.75 -19.91 32.80
CA LYS A 34 15.40 -19.63 31.41
C LYS A 34 14.03 -20.22 31.03
N SER A 35 13.38 -20.88 31.97
CA SER A 35 12.06 -21.48 31.74
C SER A 35 11.00 -20.40 31.46
N PRO A 36 10.14 -20.62 30.45
CA PRO A 36 9.15 -19.63 30.03
C PRO A 36 8.01 -19.41 31.03
N SER A 37 7.67 -20.44 31.79
CA SER A 37 6.58 -20.36 32.77
C SER A 37 6.94 -19.43 33.91
N LEU A 38 5.96 -18.61 34.30
CA LEU A 38 6.15 -17.65 35.39
C LEU A 38 6.27 -18.38 36.74
N ASN A 39 5.51 -19.47 36.89
CA ASN A 39 5.57 -20.29 38.09
C ASN A 39 6.92 -21.02 38.23
N ALA A 40 7.53 -21.35 37.10
CA ALA A 40 8.84 -22.01 37.09
C ALA A 40 9.94 -21.07 37.57
N ALA A 41 9.77 -19.78 37.30
CA ALA A 41 10.73 -18.76 37.73
C ALA A 41 10.66 -18.54 39.24
N LYS A 42 9.45 -18.59 39.78
CA LYS A 42 9.22 -18.45 41.22
C LYS A 42 9.71 -19.68 41.98
N SER A 43 9.58 -20.85 41.35
CA SER A 43 10.06 -22.10 41.94
C SER A 43 11.58 -22.12 42.05
N GLU A 44 12.24 -21.68 41.00
CA GLU A 44 13.71 -21.60 40.97
C GLU A 44 14.21 -20.49 41.89
N LEU A 45 13.35 -19.52 42.17
CA LEU A 45 13.64 -18.48 43.16
C LEU A 45 13.47 -19.01 44.58
N ASP A 46 12.37 -19.73 44.81
CA ASP A 46 12.04 -20.27 46.14
C ASP A 46 13.13 -21.18 46.68
N LYS A 47 13.70 -22.01 45.82
CA LYS A 47 14.77 -22.92 46.22
C LYS A 47 16.06 -22.15 46.53
N ALA A 48 16.30 -21.06 45.80
CA ALA A 48 17.48 -20.23 46.00
C ALA A 48 17.45 -19.50 47.33
N ILE A 49 16.28 -18.95 47.66
CA ILE A 49 16.10 -18.20 48.91
C ILE A 49 15.89 -19.15 50.10
N GLY A 50 15.16 -20.24 49.88
CA GLY A 50 14.90 -21.21 50.92
C GLY A 50 13.54 -21.11 51.59
N ARG A 51 12.62 -20.39 50.96
CA ARG A 51 11.26 -20.24 51.48
C ARG A 51 10.29 -19.84 50.36
N ASN A 52 9.01 -19.64 50.71
CA ASN A 52 8.02 -19.26 49.72
C ASN A 52 8.02 -17.74 49.63
N THR A 53 8.65 -17.24 48.57
CA THR A 53 8.85 -15.81 48.37
C THR A 53 7.65 -15.15 47.69
N ASN A 54 7.08 -15.86 46.73
CA ASN A 54 6.03 -15.33 45.84
C ASN A 54 6.53 -14.10 45.09
N GLY A 55 7.76 -14.18 44.60
CA GLY A 55 8.35 -13.11 43.80
C GLY A 55 8.69 -11.85 44.56
N VAL A 56 8.92 -11.97 45.87
CA VAL A 56 9.31 -10.84 46.71
C VAL A 56 10.42 -11.26 47.67
N ILE A 57 11.55 -10.53 47.66
CA ILE A 57 12.66 -10.82 48.56
C ILE A 57 13.23 -9.55 49.21
N THR A 58 14.02 -9.74 50.26
CA THR A 58 14.71 -8.64 50.94
C THR A 58 16.07 -8.37 50.30
N LYS A 59 16.78 -7.34 50.77
CA LYS A 59 18.08 -6.96 50.21
C LYS A 59 19.24 -7.78 50.77
N ASP A 60 19.12 -8.25 52.02
CA ASP A 60 20.18 -9.05 52.65
C ASP A 60 20.28 -10.44 52.04
N GLU A 61 19.13 -10.99 51.64
CA GLU A 61 19.10 -12.26 50.92
C GLU A 61 19.65 -12.11 49.50
N ALA A 62 19.44 -10.93 48.92
CA ALA A 62 19.98 -10.59 47.61
C ALA A 62 21.49 -10.35 47.70
N GLU A 63 21.95 -9.87 48.85
CA GLU A 63 23.37 -9.66 49.09
C GLU A 63 24.09 -11.01 49.22
N LYS A 64 23.38 -12.02 49.68
CA LYS A 64 23.90 -13.39 49.75
C LYS A 64 24.03 -14.02 48.36
N LEU A 65 23.03 -13.80 47.51
CA LEU A 65 23.06 -14.26 46.13
C LEU A 65 24.17 -13.57 45.33
N PHE A 66 24.47 -12.33 45.70
CA PHE A 66 25.53 -11.55 45.07
C PHE A 66 26.92 -12.04 45.48
N ASN A 67 27.07 -12.43 46.75
CA ASN A 67 28.35 -12.93 47.27
C ASN A 67 28.75 -14.27 46.67
N GLN A 68 27.77 -15.15 46.46
CA GLN A 68 28.00 -16.44 45.81
C GLN A 68 28.37 -16.23 44.35
N ASP A 69 27.78 -15.21 43.72
CA ASP A 69 28.07 -14.86 42.34
C ASP A 69 29.48 -14.28 42.17
N VAL A 70 29.92 -13.48 43.14
CA VAL A 70 31.26 -12.87 43.09
C VAL A 70 32.35 -13.87 43.43
N ASP A 71 32.09 -14.74 44.42
CA ASP A 71 33.03 -15.80 44.78
C ASP A 71 33.22 -16.80 43.64
N ALA A 72 32.17 -17.03 42.87
CA ALA A 72 32.22 -17.91 41.70
C ALA A 72 32.79 -17.21 40.46
N ALA A 73 32.60 -15.90 40.37
CA ALA A 73 33.11 -15.11 39.24
C ALA A 73 34.63 -15.02 39.28
N VAL A 74 35.18 -14.87 40.48
CA VAL A 74 36.62 -14.87 40.66
C VAL A 74 37.18 -16.25 40.23
N ARG A 75 36.35 -17.30 40.28
CA ARG A 75 36.75 -18.62 39.78
C ARG A 75 36.72 -18.79 38.26
N GLY A 76 35.59 -18.44 37.65
CA GLY A 76 35.42 -18.59 36.21
C GLY A 76 36.45 -17.81 35.42
N ILE A 77 36.91 -16.72 36.01
CA ILE A 77 38.01 -15.93 35.47
C ILE A 77 39.34 -16.67 35.59
N LEU A 78 39.67 -17.10 36.82
CA LEU A 78 40.93 -17.81 37.08
C LEU A 78 40.99 -19.16 36.36
N ARG A 79 39.82 -19.77 36.20
CA ARG A 79 39.68 -21.00 35.45
C ARG A 79 40.01 -20.79 33.97
N ASN A 80 39.51 -19.69 33.42
CA ASN A 80 39.76 -19.34 32.02
C ASN A 80 41.23 -18.97 31.81
N ALA A 81 41.81 -19.48 30.73
CA ALA A 81 43.23 -19.28 30.44
C ALA A 81 43.54 -17.86 29.97
N LYS A 82 42.58 -17.22 29.31
CA LYS A 82 42.75 -15.86 28.81
C LYS A 82 42.52 -14.79 29.88
N LEU A 83 41.59 -15.06 30.79
CA LEU A 83 41.18 -14.09 31.80
C LEU A 83 42.12 -14.02 33.02
N LYS A 84 42.72 -15.15 33.38
CA LYS A 84 43.56 -15.23 34.57
C LYS A 84 44.81 -14.33 34.55
N PRO A 85 45.62 -14.35 33.46
CA PRO A 85 46.82 -13.50 33.44
C PRO A 85 46.48 -12.01 33.46
N VAL A 86 45.35 -11.68 32.86
CA VAL A 86 44.84 -10.31 32.88
C VAL A 86 44.42 -9.96 34.31
N TYR A 87 43.68 -10.87 34.94
CA TYR A 87 43.23 -10.71 36.31
C TYR A 87 44.39 -10.53 37.29
N ASP A 88 45.45 -11.31 37.07
CA ASP A 88 46.63 -11.27 37.94
C ASP A 88 47.47 -10.01 37.74
N SER A 89 47.55 -9.54 36.50
CA SER A 89 48.36 -8.37 36.18
C SER A 89 47.73 -7.07 36.65
N LEU A 90 46.42 -6.95 36.44
CA LEU A 90 45.70 -5.72 36.78
C LEU A 90 45.48 -5.59 38.29
N ASP A 91 45.42 -4.34 38.75
CA ASP A 91 45.23 -4.04 40.18
C ASP A 91 43.77 -4.19 40.62
N ALA A 92 43.52 -3.98 41.91
CA ALA A 92 42.21 -4.23 42.52
C ALA A 92 41.06 -3.39 41.95
N VAL A 93 41.36 -2.18 41.50
CA VAL A 93 40.34 -1.31 40.92
C VAL A 93 39.97 -1.81 39.52
N ARG A 94 40.97 -2.16 38.72
CA ARG A 94 40.75 -2.67 37.37
C ARG A 94 40.26 -4.12 37.36
N ARG A 95 40.49 -4.86 38.45
CA ARG A 95 39.95 -6.21 38.61
C ARG A 95 38.43 -6.17 38.78
N ALA A 96 37.95 -5.17 39.50
CA ALA A 96 36.53 -4.93 39.71
C ALA A 96 35.81 -4.62 38.39
N ALA A 97 36.51 -3.91 37.51
CA ALA A 97 36.00 -3.58 36.19
C ALA A 97 35.86 -4.83 35.31
N LEU A 98 36.83 -5.73 35.42
CA LEU A 98 36.83 -6.97 34.65
C LEU A 98 35.73 -7.93 35.12
N ILE A 99 35.49 -7.96 36.43
CA ILE A 99 34.43 -8.79 37.00
C ILE A 99 33.06 -8.29 36.55
N ASN A 100 32.91 -6.97 36.45
CA ASN A 100 31.71 -6.34 35.93
C ASN A 100 31.39 -6.83 34.51
N MET A 101 32.42 -6.93 33.68
CA MET A 101 32.27 -7.44 32.32
C MET A 101 31.88 -8.93 32.30
N VAL A 102 32.54 -9.73 33.14
CA VAL A 102 32.26 -11.17 33.21
C VAL A 102 30.89 -11.42 33.86
N PHE A 103 30.53 -10.59 34.83
CA PHE A 103 29.24 -10.72 35.50
C PHE A 103 28.07 -10.46 34.55
N GLN A 104 28.25 -9.50 33.65
CA GLN A 104 27.20 -9.12 32.70
C GLN A 104 27.06 -10.00 31.45
N MET A 105 28.16 -10.21 30.73
CA MET A 105 28.17 -11.01 29.50
C MET A 105 28.37 -12.52 29.71
N GLY A 106 29.20 -12.87 30.70
CA GLY A 106 29.56 -14.25 30.97
C GLY A 106 30.99 -14.60 30.63
N GLU A 107 31.34 -15.88 30.79
CA GLU A 107 32.70 -16.36 30.51
C GLU A 107 32.95 -16.37 29.01
N THR A 108 31.98 -16.86 28.25
CA THR A 108 32.09 -16.94 26.80
C THR A 108 32.03 -15.58 26.11
N GLY A 109 31.32 -14.63 26.74
CA GLY A 109 31.17 -13.31 26.17
C GLY A 109 32.44 -12.48 26.24
N VAL A 110 33.10 -12.50 27.39
CA VAL A 110 34.34 -11.77 27.60
C VAL A 110 35.50 -12.41 26.82
N ALA A 111 35.40 -13.71 26.58
CA ALA A 111 36.44 -14.44 25.84
C ALA A 111 36.54 -13.98 24.38
N GLY A 112 35.51 -13.31 23.88
CA GLY A 112 35.52 -12.75 22.54
C GLY A 112 36.44 -11.55 22.37
N PHE A 113 36.85 -10.94 23.49
CA PHE A 113 37.73 -9.78 23.42
C PHE A 113 39.20 -10.24 23.54
N THR A 114 39.90 -10.30 22.40
CA THR A 114 41.30 -10.73 22.40
C THR A 114 42.33 -9.61 22.57
N ASN A 115 42.13 -8.53 21.81
CA ASN A 115 43.08 -7.43 21.77
C ASN A 115 42.90 -6.50 22.97
N SER A 116 41.70 -6.48 23.51
CA SER A 116 41.39 -5.69 24.71
C SER A 116 42.10 -6.29 25.91
N LEU A 117 41.97 -7.59 26.09
CA LEU A 117 42.60 -8.30 27.20
C LEU A 117 44.12 -8.33 27.08
N ARG A 118 44.60 -8.27 25.83
CA ARG A 118 46.03 -8.32 25.55
C ARG A 118 46.74 -7.05 26.00
N MET A 119 46.21 -5.89 25.59
CA MET A 119 46.81 -4.60 25.88
C MET A 119 46.78 -4.24 27.36
N LEU A 120 45.77 -4.72 28.08
CA LEU A 120 45.62 -4.48 29.52
C LEU A 120 46.71 -5.19 30.32
N GLN A 121 47.09 -6.35 29.82
CA GLN A 121 48.16 -7.15 30.39
C GLN A 121 49.51 -6.45 30.20
N GLN A 122 49.64 -5.77 29.07
CA GLN A 122 50.87 -5.07 28.68
C GLN A 122 50.93 -3.65 29.20
N LYS A 123 49.95 -3.28 30.03
CA LYS A 123 49.83 -1.94 30.60
C LYS A 123 49.68 -0.88 29.51
N ARG A 124 48.99 -1.23 28.42
CA ARG A 124 48.59 -0.20 27.47
C ARG A 124 47.13 0.11 27.77
N TRP A 125 46.92 1.17 28.54
CA TRP A 125 45.60 1.55 29.01
C TRP A 125 44.85 2.43 28.01
N ASP A 126 45.60 3.21 27.23
CA ASP A 126 45.02 4.11 26.24
C ASP A 126 44.47 3.37 25.02
N GLU A 127 45.20 2.37 24.56
CA GLU A 127 44.84 1.64 23.33
C GLU A 127 43.72 0.61 23.55
N ALA A 128 43.64 0.04 24.75
CA ALA A 128 42.60 -0.93 25.09
C ALA A 128 41.23 -0.29 25.31
N ALA A 129 41.25 0.98 25.74
CA ALA A 129 40.02 1.72 26.01
C ALA A 129 39.29 2.11 24.73
N VAL A 130 40.06 2.52 23.72
CA VAL A 130 39.53 2.82 22.39
C VAL A 130 38.97 1.53 21.78
N ASN A 131 39.65 0.43 22.07
CA ASN A 131 39.23 -0.90 21.60
C ASN A 131 37.86 -1.30 22.12
N LEU A 132 37.64 -1.08 23.41
CA LEU A 132 36.37 -1.38 24.06
C LEU A 132 35.28 -0.36 23.70
N ALA A 133 35.69 0.87 23.40
CA ALA A 133 34.76 1.94 23.06
C ALA A 133 34.22 1.81 21.63
N LYS A 134 35.02 1.26 20.72
CA LYS A 134 34.59 1.08 19.33
C LYS A 134 33.89 -0.26 19.10
N SER A 135 33.85 -1.10 20.13
CA SER A 135 33.24 -2.44 20.01
C SER A 135 31.71 -2.37 20.07
N ARG A 136 31.06 -3.53 19.87
CA ARG A 136 29.61 -3.63 19.93
C ARG A 136 29.09 -3.43 21.34
N TRP A 137 29.94 -3.79 22.30
CA TRP A 137 29.61 -3.69 23.70
C TRP A 137 29.31 -2.24 24.12
N TYR A 138 30.07 -1.30 23.59
CA TYR A 138 29.85 0.13 23.85
C TYR A 138 28.58 0.63 23.18
N ASN A 139 28.35 0.18 21.95
CA ASN A 139 27.19 0.58 21.17
C ASN A 139 25.87 0.08 21.78
N GLN A 140 25.94 -1.05 22.47
CA GLN A 140 24.77 -1.60 23.14
C GLN A 140 24.31 -0.76 24.33
N THR A 141 25.21 -0.55 25.29
CA THR A 141 24.90 0.29 26.44
C THR A 141 26.11 1.17 26.81
N PRO A 142 26.24 2.32 26.13
CA PRO A 142 27.39 3.21 26.37
C PRO A 142 27.36 3.85 27.76
N ASN A 143 26.19 3.83 28.42
CA ASN A 143 26.07 4.30 29.80
C ASN A 143 26.93 3.49 30.75
N ARG A 144 26.72 2.17 30.74
CA ARG A 144 27.48 1.25 31.56
C ARG A 144 28.93 1.17 31.13
N ALA A 145 29.12 1.03 29.83
CA ALA A 145 30.44 0.79 29.25
C ALA A 145 31.43 1.89 29.59
N LYS A 146 31.01 3.15 29.41
CA LYS A 146 31.92 4.28 29.58
C LYS A 146 32.46 4.38 31.00
N ARG A 147 31.67 3.96 31.98
CA ARG A 147 32.12 3.93 33.37
C ARG A 147 33.20 2.87 33.59
N VAL A 148 33.04 1.73 32.92
CA VAL A 148 34.01 0.65 33.00
C VAL A 148 35.28 0.98 32.22
N ILE A 149 35.11 1.63 31.07
CA ILE A 149 36.24 2.01 30.22
C ILE A 149 37.15 3.06 30.89
N THR A 150 36.53 4.06 31.51
CA THR A 150 37.29 5.11 32.20
C THR A 150 38.08 4.54 33.37
N THR A 151 37.55 3.49 33.99
CA THR A 151 38.23 2.79 35.07
C THR A 151 39.56 2.18 34.61
N PHE A 152 39.54 1.59 33.41
CA PHE A 152 40.76 1.04 32.81
C PHE A 152 41.78 2.13 32.49
N ARG A 153 41.28 3.27 32.00
CA ARG A 153 42.13 4.38 31.58
C ARG A 153 42.78 5.11 32.75
N THR A 154 41.98 5.53 33.71
CA THR A 154 42.48 6.26 34.88
C THR A 154 43.02 5.36 36.00
N GLY A 155 42.32 4.27 36.28
CA GLY A 155 42.65 3.40 37.40
C GLY A 155 42.11 3.92 38.72
N THR A 156 40.97 4.61 38.66
CA THR A 156 40.37 5.25 39.83
C THR A 156 38.87 4.97 39.92
N TRP A 157 38.26 5.44 41.01
CA TRP A 157 36.81 5.34 41.22
C TRP A 157 36.05 6.61 40.84
N ASP A 158 36.72 7.56 40.19
CA ASP A 158 36.09 8.81 39.72
C ASP A 158 34.83 8.58 38.88
N ALA A 159 34.83 7.50 38.11
CA ALA A 159 33.67 7.14 37.28
C ALA A 159 32.51 6.66 38.15
N TYR A 160 32.84 5.86 39.16
CA TYR A 160 31.85 5.29 40.08
C TYR A 160 31.66 6.13 41.36
N MET A 161 32.21 7.34 41.38
CA MET A 161 31.92 8.29 42.46
C MET A 161 30.42 8.65 42.51
N CYS A 162 29.93 8.90 43.71
CA CYS A 162 28.49 9.01 43.96
C CYS A 162 27.85 10.28 43.40
N GLY A 163 28.43 11.42 43.71
CA GLY A 163 27.87 12.69 43.29
C GLY A 163 28.97 13.69 42.98
N THR A 164 28.58 14.82 42.42
CA THR A 164 29.54 15.81 41.97
C THR A 164 30.12 16.57 43.16
N GLU A 165 31.44 16.48 43.32
CA GLU A 165 32.09 17.11 44.46
C GLU A 165 32.82 18.37 44.02
N GLY A 166 32.26 19.52 44.38
CA GLY A 166 32.87 20.80 44.09
C GLY A 166 33.77 21.20 45.23
N PRO A 167 34.52 22.30 45.07
CA PRO A 167 35.37 22.80 46.16
C PRO A 167 34.57 23.36 47.33
N ASN A 168 33.53 24.15 47.04
CA ASN A 168 32.72 24.79 48.06
C ASN A 168 31.39 24.09 48.37
N PHE A 169 31.14 22.96 47.71
CA PHE A 169 29.84 22.30 47.81
C PHE A 169 29.88 20.83 47.42
N TYR A 170 28.84 20.09 47.76
CA TYR A 170 28.62 18.75 47.25
C TYR A 170 27.16 18.56 46.83
N VAL A 171 26.96 18.23 45.56
CA VAL A 171 25.64 17.91 45.03
C VAL A 171 25.49 16.40 44.92
N PRO A 172 24.40 15.84 45.49
CA PRO A 172 24.15 14.40 45.37
C PRO A 172 23.53 14.02 44.03
N PHE A 173 24.27 14.25 42.95
CA PHE A 173 23.82 13.92 41.59
C PHE A 173 25.03 13.68 40.69
N SER A 174 24.88 12.77 39.74
CA SER A 174 25.95 12.45 38.80
C SER A 174 26.03 13.47 37.66
N ASN A 175 27.25 13.91 37.34
CA ASN A 175 27.49 14.86 36.27
C ASN A 175 27.74 14.16 34.93
N ALA A 176 27.54 12.84 34.89
CA ALA A 176 27.67 12.06 33.66
C ALA A 176 26.83 12.64 32.52
N THR A 177 25.58 13.01 32.85
CA THR A 177 24.69 13.65 31.90
C THR A 177 25.18 15.07 31.55
N GLY A 178 25.87 15.70 32.49
CA GLY A 178 26.47 17.01 32.26
C GLY A 178 25.63 18.18 32.73
N VAL A 179 24.52 17.88 33.39
CA VAL A 179 23.55 18.92 33.77
C VAL A 179 23.88 19.61 35.09
N VAL A 180 24.83 19.05 35.85
CA VAL A 180 25.14 19.55 37.19
C VAL A 180 25.84 20.91 37.15
N ARG A 181 25.29 21.87 37.89
CA ARG A 181 25.85 23.22 38.00
C ARG A 181 25.94 23.64 39.47
N SER A 182 26.66 24.72 39.73
CA SER A 182 26.87 25.21 41.10
C SER A 182 25.57 25.67 41.75
N PRO A 183 25.37 25.30 43.03
CA PRO A 183 24.18 25.72 43.77
C PRO A 183 24.18 27.22 44.11
N PHE A 184 25.37 27.84 44.11
CA PHE A 184 25.48 29.27 44.37
C PHE A 184 25.02 30.12 43.17
N GLU A 185 25.24 29.61 41.97
CA GLU A 185 25.08 30.36 40.73
C GLU A 185 23.81 29.96 39.96
N TYR A 186 23.65 28.67 39.68
CA TYR A 186 22.53 28.19 38.86
C TYR A 186 21.48 27.37 39.65
N PRO A 187 20.22 27.34 39.15
CA PRO A 187 19.15 26.52 39.73
C PRO A 187 19.44 25.02 39.79
N GLN A 188 18.92 24.39 40.84
CA GLN A 188 19.10 22.98 41.15
C GLN A 188 17.91 22.06 40.79
N TYR A 189 17.00 22.55 39.96
CA TYR A 189 15.76 21.83 39.63
C TYR A 189 15.94 20.43 39.01
N TYR A 190 17.15 20.10 38.54
CA TYR A 190 17.41 18.76 38.00
C TYR A 190 17.42 17.67 39.09
N LEU A 191 17.61 18.09 40.34
CA LEU A 191 17.63 17.17 41.47
C LEU A 191 16.28 16.50 41.70
N ALA A 192 15.26 17.33 41.90
CA ALA A 192 13.90 16.85 42.12
C ALA A 192 12.90 17.72 41.38
N GLU A 193 11.67 17.25 41.26
CA GLU A 193 10.63 17.96 40.52
C GLU A 193 10.34 19.34 41.15
N PRO A 194 10.22 20.38 40.30
CA PRO A 194 10.12 21.78 40.73
C PRO A 194 9.03 22.09 41.77
N TRP A 195 7.98 21.27 41.83
CA TRP A 195 6.92 21.49 42.81
C TRP A 195 7.39 21.26 44.25
N GLN A 196 8.43 20.45 44.41
CA GLN A 196 8.97 20.15 45.74
C GLN A 196 9.78 21.31 46.33
N PHE A 197 10.21 22.24 45.48
CA PHE A 197 10.90 23.45 45.94
C PHE A 197 9.89 24.45 46.52
N SER A 198 8.76 24.61 45.82
CA SER A 198 7.66 25.44 46.32
C SER A 198 6.99 24.79 47.53
N MET A 199 7.09 23.47 47.61
CA MET A 199 6.62 22.72 48.77
C MET A 199 7.45 23.08 50.00
N LEU A 200 8.78 23.11 49.81
CA LEU A 200 9.70 23.48 50.88
C LEU A 200 9.50 24.96 51.25
N ALA A 201 9.27 25.79 50.24
CA ALA A 201 9.01 27.21 50.45
C ALA A 201 7.77 27.41 51.32
N ALA A 202 6.73 26.61 51.06
CA ALA A 202 5.51 26.64 51.86
C ALA A 202 5.77 26.10 53.26
N TYR A 203 6.60 25.08 53.36
CA TYR A 203 6.96 24.48 54.65
C TYR A 203 7.83 25.41 55.50
N MET A 204 8.85 26.00 54.89
CA MET A 204 9.73 26.91 55.59
C MET A 204 9.02 28.20 55.98
N PHE A 205 8.03 28.60 55.18
CA PHE A 205 7.19 29.75 55.52
C PHE A 205 6.34 29.46 56.75
N LEU A 206 5.83 28.23 56.82
CA LEU A 206 5.00 27.80 57.94
C LEU A 206 5.76 27.81 59.27
N LEU A 207 7.03 27.44 59.23
CA LEU A 207 7.88 27.45 60.42
C LEU A 207 8.17 28.88 60.89
N ILE A 208 8.17 29.83 59.96
CA ILE A 208 8.36 31.24 60.31
C ILE A 208 7.06 31.83 60.89
N VAL A 209 5.93 31.43 60.31
CA VAL A 209 4.63 31.88 60.79
C VAL A 209 4.32 31.37 62.20
N LEU A 210 4.60 30.09 62.44
CA LEU A 210 4.38 29.48 63.75
C LEU A 210 5.52 29.74 64.74
N GLY A 211 6.75 29.62 64.27
CA GLY A 211 7.92 29.69 65.14
C GLY A 211 8.21 31.04 65.74
N PHE A 212 8.15 32.09 64.92
CA PHE A 212 8.54 33.43 65.36
C PHE A 212 7.63 33.98 66.47
N PRO A 213 6.29 33.92 66.31
CA PRO A 213 5.44 34.43 67.39
C PRO A 213 5.53 33.64 68.70
N ILE A 214 5.56 32.31 68.61
CA ILE A 214 5.60 31.45 69.79
C ILE A 214 6.83 31.76 70.64
N ASN A 215 7.98 31.84 70.00
CA ASN A 215 9.23 32.13 70.69
C ASN A 215 9.35 33.60 71.12
N PHE A 216 8.80 34.51 70.31
CA PHE A 216 8.84 35.93 70.63
C PHE A 216 7.90 36.27 71.79
N LEU A 217 6.77 35.59 71.86
CA LEU A 217 5.82 35.79 72.95
C LEU A 217 6.39 35.33 74.29
N THR A 218 7.18 34.26 74.26
CA THR A 218 7.88 33.78 75.45
C THR A 218 8.75 34.88 76.06
N LEU A 219 9.47 35.59 75.20
CA LEU A 219 10.33 36.68 75.63
C LEU A 219 9.54 37.96 75.95
N TYR A 220 8.52 38.24 75.15
CA TYR A 220 7.71 39.45 75.32
C TYR A 220 6.94 39.44 76.63
N VAL A 221 6.33 38.31 76.95
CA VAL A 221 5.50 38.17 78.16
C VAL A 221 6.35 38.24 79.43
N THR A 222 7.55 37.67 79.39
CA THR A 222 8.43 37.65 80.55
C THR A 222 8.91 39.06 80.92
N VAL A 223 9.00 39.93 79.93
CA VAL A 223 9.34 41.33 80.17
C VAL A 223 8.18 42.04 80.88
N GLN A 224 6.96 41.74 80.44
CA GLN A 224 5.76 42.33 81.05
C GLN A 224 5.54 41.81 82.47
N HIS A 225 5.45 40.49 82.61
CA HIS A 225 5.22 39.86 83.92
C HIS A 225 6.52 39.60 84.67
N LYS A 226 6.63 40.20 85.86
CA LYS A 226 7.79 40.01 86.72
C LYS A 226 7.76 38.65 87.40
N LYS A 227 6.58 38.04 87.43
CA LYS A 227 6.38 36.71 88.04
C LYS A 227 7.23 35.64 87.38
N LEU A 228 7.39 35.73 86.06
CA LEU A 228 8.11 34.73 85.28
C LEU A 228 9.61 34.87 85.38
N ARG A 229 10.06 35.94 86.02
CA ARG A 229 11.48 36.24 86.07
C ARG A 229 12.05 35.52 87.29
N THR A 230 12.71 34.39 87.03
CA THR A 230 13.18 33.48 88.08
C THR A 230 14.44 32.81 87.57
N PRO A 231 15.40 32.50 88.46
CA PRO A 231 16.62 31.84 87.98
C PRO A 231 16.37 30.57 87.16
N LEU A 232 15.40 29.77 87.57
CA LEU A 232 15.12 28.50 86.89
C LEU A 232 14.56 28.68 85.48
N ASN A 233 13.75 29.72 85.28
CA ASN A 233 13.18 30.00 83.96
C ASN A 233 14.18 30.58 82.96
N TYR A 234 15.34 31.02 83.45
CA TYR A 234 16.38 31.59 82.59
C TYR A 234 16.79 30.61 81.49
N ILE A 235 16.81 29.32 81.79
CA ILE A 235 17.20 28.31 80.81
C ILE A 235 16.10 28.11 79.76
N LEU A 236 14.84 28.33 80.15
CA LEU A 236 13.71 28.24 79.21
C LEU A 236 13.62 29.47 78.32
N LEU A 237 14.14 30.60 78.80
CA LEU A 237 14.21 31.82 78.00
C LEU A 237 15.31 31.70 76.95
N ASN A 238 16.39 31.00 77.30
CA ASN A 238 17.47 30.72 76.38
C ASN A 238 17.00 29.87 75.20
N LEU A 239 16.02 29.00 75.46
CA LEU A 239 15.43 28.14 74.43
C LEU A 239 14.65 28.97 73.40
N ALA A 240 13.96 30.00 73.88
CA ALA A 240 13.20 30.90 73.02
C ALA A 240 14.14 31.68 72.09
N VAL A 241 15.22 32.19 72.65
CA VAL A 241 16.24 32.92 71.88
C VAL A 241 16.93 31.99 70.89
N ALA A 242 17.15 30.75 71.31
CA ALA A 242 17.78 29.73 70.48
C ALA A 242 16.95 29.42 69.24
N ASP A 243 15.66 29.20 69.45
CA ASP A 243 14.73 28.88 68.38
C ASP A 243 14.51 30.07 67.43
N LEU A 244 14.68 31.29 67.96
CA LEU A 244 14.53 32.49 67.13
C LEU A 244 15.66 32.65 66.12
N PHE A 245 16.87 32.26 66.50
CA PHE A 245 18.01 32.30 65.58
C PHE A 245 17.82 31.35 64.40
N MET A 246 17.13 30.23 64.66
CA MET A 246 16.82 29.28 63.59
C MET A 246 15.79 29.86 62.64
N VAL A 247 14.79 30.54 63.18
CA VAL A 247 13.75 31.17 62.38
C VAL A 247 14.26 32.41 61.65
N LEU A 248 14.87 33.32 62.40
CA LEU A 248 15.34 34.59 61.84
C LEU A 248 16.48 34.41 60.85
N GLY A 249 17.57 33.83 61.32
CA GLY A 249 18.73 33.62 60.47
C GLY A 249 18.56 32.49 59.48
N GLY A 250 18.17 31.31 59.99
CA GLY A 250 18.03 30.13 59.15
C GLY A 250 16.86 30.03 58.19
N PHE A 251 15.64 30.07 58.73
CA PHE A 251 14.45 29.73 57.94
C PHE A 251 14.06 30.85 56.97
N THR A 252 14.33 32.09 57.35
CA THR A 252 14.00 33.25 56.51
C THR A 252 14.84 33.28 55.23
N SER A 253 16.13 32.97 55.38
CA SER A 253 17.02 32.88 54.24
C SER A 253 16.74 31.61 53.42
N THR A 254 16.48 30.50 54.12
CA THR A 254 16.16 29.23 53.48
C THR A 254 14.85 29.33 52.68
N LEU A 255 13.94 30.17 53.16
CA LEU A 255 12.69 30.44 52.45
C LEU A 255 12.95 31.12 51.11
N TYR A 256 13.78 32.17 51.15
CA TYR A 256 14.08 32.96 49.96
C TYR A 256 14.82 32.17 48.88
N THR A 257 15.66 31.22 49.31
CA THR A 257 16.40 30.37 48.39
C THR A 257 15.49 29.30 47.78
N SER A 258 14.60 28.75 48.59
CA SER A 258 13.64 27.75 48.14
C SER A 258 12.60 28.37 47.19
N LEU A 259 12.42 29.68 47.27
CA LEU A 259 11.60 30.42 46.31
C LEU A 259 12.18 30.31 44.90
N HIS A 260 13.43 30.71 44.77
CA HIS A 260 14.10 30.75 43.47
C HIS A 260 14.62 29.39 43.02
N GLY A 261 14.81 28.49 43.98
CA GLY A 261 15.21 27.13 43.66
C GLY A 261 16.67 26.79 43.92
N TYR A 262 17.48 27.82 44.15
CA TYR A 262 18.90 27.63 44.44
C TYR A 262 19.38 28.65 45.47
N PHE A 263 20.64 28.53 45.88
CA PHE A 263 21.16 29.38 46.93
C PHE A 263 21.69 30.67 46.31
N VAL A 264 20.99 31.77 46.57
CA VAL A 264 21.27 33.06 45.95
C VAL A 264 22.38 33.82 46.66
N PHE A 265 22.47 33.66 47.98
CA PHE A 265 23.33 34.51 48.80
C PHE A 265 24.81 34.13 48.76
N GLY A 266 25.13 33.01 48.11
CA GLY A 266 26.51 32.60 47.95
C GLY A 266 27.12 31.96 49.18
N PRO A 267 28.42 31.62 49.13
CA PRO A 267 29.15 31.02 50.24
C PRO A 267 29.14 31.86 51.51
N THR A 268 29.12 33.18 51.35
CA THR A 268 29.05 34.08 52.50
C THR A 268 27.73 33.90 53.24
N GLY A 269 26.64 33.87 52.49
CA GLY A 269 25.32 33.64 53.04
C GLY A 269 25.15 32.23 53.58
N CYS A 270 25.83 31.28 52.94
CA CYS A 270 25.76 29.87 53.35
C CYS A 270 26.45 29.63 54.69
N ASN A 271 27.54 30.35 54.93
CA ASN A 271 28.27 30.25 56.19
C ASN A 271 27.46 30.79 57.36
N LEU A 272 26.83 31.95 57.17
CA LEU A 272 26.05 32.59 58.23
C LEU A 272 24.73 31.87 58.51
N GLN A 273 24.07 31.39 57.46
CA GLN A 273 22.85 30.61 57.62
C GLN A 273 23.13 29.29 58.32
N GLY A 274 24.21 28.63 57.88
CA GLY A 274 24.64 27.39 58.50
C GLY A 274 25.10 27.58 59.94
N PHE A 275 25.68 28.75 60.21
CA PHE A 275 26.12 29.09 61.56
C PHE A 275 24.95 29.25 62.53
N PHE A 276 23.99 30.10 62.15
CA PHE A 276 22.83 30.39 62.98
C PHE A 276 21.91 29.17 63.16
N ALA A 277 21.77 28.38 62.10
CA ALA A 277 20.94 27.17 62.15
C ALA A 277 21.56 26.12 63.06
N THR A 278 22.88 26.01 63.02
CA THR A 278 23.61 25.11 63.91
C THR A 278 23.63 25.63 65.34
N LEU A 279 23.97 26.91 65.49
CA LEU A 279 24.03 27.55 66.80
C LEU A 279 22.67 27.52 67.48
N GLY A 280 21.64 28.00 66.78
CA GLY A 280 20.28 28.02 67.30
C GLY A 280 19.75 26.65 67.67
N GLY A 281 20.18 25.63 66.93
CA GLY A 281 19.82 24.26 67.25
C GLY A 281 20.60 23.72 68.44
N GLU A 282 21.89 24.03 68.49
CA GLU A 282 22.78 23.51 69.53
C GLU A 282 22.54 24.20 70.87
N ILE A 283 22.17 25.49 70.85
CA ILE A 283 21.77 26.18 72.07
C ILE A 283 20.50 25.55 72.62
N ALA A 284 19.54 25.32 71.71
CA ALA A 284 18.27 24.71 72.09
C ALA A 284 18.48 23.30 72.65
N LEU A 285 19.48 22.59 72.14
CA LEU A 285 19.81 21.26 72.63
C LEU A 285 20.28 21.29 74.08
N TRP A 286 21.35 22.03 74.35
CA TRP A 286 21.97 22.06 75.67
C TRP A 286 21.13 22.81 76.69
N SER A 287 20.19 23.62 76.22
CA SER A 287 19.24 24.27 77.10
C SER A 287 18.37 23.23 77.78
N LEU A 288 17.90 22.25 77.00
CA LEU A 288 17.07 21.17 77.51
C LEU A 288 17.86 20.21 78.39
N VAL A 289 19.17 20.12 78.14
CA VAL A 289 20.07 19.33 78.97
C VAL A 289 20.22 19.98 80.35
N VAL A 290 20.57 21.27 80.35
CA VAL A 290 20.72 22.03 81.58
C VAL A 290 19.39 22.10 82.34
N LEU A 291 18.30 22.23 81.60
CA LEU A 291 16.96 22.21 82.18
C LEU A 291 16.68 20.88 82.89
N ALA A 292 17.07 19.78 82.26
CA ALA A 292 16.94 18.44 82.84
C ALA A 292 17.77 18.30 84.11
N ILE A 293 18.98 18.83 84.08
CA ILE A 293 19.87 18.82 85.24
C ILE A 293 19.32 19.70 86.36
N GLU A 294 18.90 20.91 86.01
CA GLU A 294 18.34 21.85 86.97
C GLU A 294 17.08 21.32 87.64
N ARG A 295 16.18 20.75 86.85
CA ARG A 295 14.92 20.20 87.38
C ARG A 295 15.17 18.99 88.29
N TYR A 296 16.21 18.22 87.99
CA TYR A 296 16.55 17.04 88.79
C TYR A 296 17.06 17.41 90.19
N VAL A 297 18.01 18.35 90.23
CA VAL A 297 18.66 18.74 91.48
C VAL A 297 17.76 19.58 92.40
N VAL A 298 17.04 20.54 91.80
CA VAL A 298 16.21 21.48 92.55
C VAL A 298 15.04 20.82 93.28
N VAL A 299 14.33 19.93 92.59
CA VAL A 299 13.16 19.28 93.16
C VAL A 299 13.53 18.25 94.23
N CYS A 300 14.47 17.37 93.90
CA CYS A 300 14.87 16.27 94.77
C CYS A 300 15.49 16.78 96.07
N LYS A 301 16.38 17.75 95.97
CA LYS A 301 17.01 18.35 97.14
C LYS A 301 16.54 19.80 97.31
N PRO A 302 15.72 20.04 98.35
CA PRO A 302 15.16 21.38 98.58
C PRO A 302 16.21 22.39 99.05
N MET A 303 17.34 21.90 99.56
CA MET A 303 18.43 22.77 99.99
C MET A 303 19.05 23.50 98.79
N SER A 304 19.05 22.83 97.64
CA SER A 304 19.66 23.38 96.44
C SER A 304 18.92 24.60 95.89
N ASN A 305 17.64 24.74 96.22
CA ASN A 305 16.87 25.92 95.83
C ASN A 305 17.47 27.20 96.36
N PHE A 306 17.90 27.13 97.60
CA PHE A 306 18.57 28.22 98.28
C PHE A 306 19.91 28.54 97.62
N ARG A 307 20.67 27.49 97.35
CA ARG A 307 21.96 27.63 96.68
C ARG A 307 21.82 28.12 95.25
N PHE A 308 20.66 27.87 94.65
CA PHE A 308 20.51 28.19 93.24
C PHE A 308 20.00 29.62 93.10
N GLY A 309 20.92 30.49 92.71
CA GLY A 309 20.63 31.90 92.47
C GLY A 309 20.76 32.25 91.01
N GLU A 310 20.88 33.55 90.74
CA GLU A 310 21.08 34.05 89.37
C GLU A 310 22.43 33.60 88.82
N ASN A 311 23.42 33.48 89.70
CA ASN A 311 24.75 33.04 89.32
C ASN A 311 24.77 31.63 88.75
N HIS A 312 24.04 30.73 89.39
CA HIS A 312 23.97 29.34 88.96
C HIS A 312 23.17 29.18 87.67
N ALA A 313 22.17 30.04 87.48
CA ALA A 313 21.37 30.04 86.26
C ALA A 313 22.16 30.61 85.08
N ILE A 314 22.87 31.71 85.32
CA ILE A 314 23.76 32.31 84.34
C ILE A 314 24.84 31.31 83.92
N MET A 315 25.34 30.57 84.90
CA MET A 315 26.33 29.52 84.66
C MET A 315 25.79 28.45 83.71
N GLY A 316 24.49 28.17 83.81
CA GLY A 316 23.82 27.22 82.94
C GLY A 316 23.62 27.75 81.53
N VAL A 317 23.24 29.02 81.43
CA VAL A 317 23.01 29.66 80.12
C VAL A 317 24.31 29.92 79.37
N ALA A 318 25.35 30.29 80.12
CA ALA A 318 26.67 30.51 79.53
C ALA A 318 27.27 29.20 79.01
N PHE A 319 27.17 28.15 79.84
CA PHE A 319 27.62 26.81 79.47
C PHE A 319 27.01 26.36 78.15
N THR A 320 25.73 26.69 77.97
CA THR A 320 24.99 26.38 76.76
C THR A 320 25.64 27.01 75.52
N TRP A 321 25.95 28.30 75.62
CA TRP A 321 26.56 29.05 74.53
C TRP A 321 27.99 28.61 74.25
N VAL A 322 28.69 28.14 75.27
CA VAL A 322 30.04 27.61 75.11
C VAL A 322 30.01 26.32 74.29
N MET A 323 29.14 25.40 74.70
CA MET A 323 28.95 24.14 73.98
C MET A 323 28.33 24.36 72.60
N ALA A 324 27.51 25.38 72.47
CA ALA A 324 26.88 25.72 71.19
C ALA A 324 27.93 26.19 70.18
N LEU A 325 28.82 27.06 70.63
CA LEU A 325 29.91 27.55 69.80
C LEU A 325 30.95 26.46 69.51
N ALA A 326 31.02 25.47 70.40
CA ALA A 326 31.91 24.32 70.19
C ALA A 326 31.52 23.53 68.95
N CYS A 327 30.21 23.46 68.69
CA CYS A 327 29.69 22.86 67.47
C CYS A 327 29.66 23.82 66.27
N ALA A 328 29.25 25.06 66.52
CA ALA A 328 28.95 26.02 65.44
C ALA A 328 30.15 26.74 64.84
N ALA A 329 31.14 27.07 65.67
CA ALA A 329 32.32 27.81 65.21
C ALA A 329 33.33 27.04 64.31
N PRO A 330 33.68 25.78 64.65
CA PRO A 330 34.72 25.09 63.87
C PRO A 330 34.49 24.94 62.34
N PRO A 331 33.23 24.73 61.88
CA PRO A 331 33.03 24.73 60.42
C PRO A 331 33.42 26.05 59.76
N LEU A 332 33.24 27.15 60.49
CA LEU A 332 33.66 28.47 60.07
C LEU A 332 35.19 28.57 60.12
N ALA A 333 35.77 28.04 61.19
CA ALA A 333 37.22 28.06 61.39
C ALA A 333 37.96 27.13 60.43
N GLY A 334 37.23 26.22 59.81
CA GLY A 334 37.80 25.26 58.86
C GLY A 334 37.77 23.78 59.21
N TRP A 335 37.51 23.43 60.46
CA TRP A 335 37.31 22.03 60.82
C TRP A 335 35.88 21.62 60.41
N SER A 336 35.79 20.65 59.50
CA SER A 336 34.62 20.40 58.64
C SER A 336 34.23 21.66 57.85
N ARG A 337 32.93 21.87 57.63
CA ARG A 337 32.46 22.98 56.78
C ARG A 337 30.95 23.12 56.71
N TYR A 338 30.51 24.28 56.24
CA TYR A 338 29.10 24.57 55.97
C TYR A 338 28.84 24.54 54.47
N ILE A 339 28.00 23.61 54.02
CA ILE A 339 27.64 23.47 52.60
C ILE A 339 26.14 23.30 52.43
N PRO A 340 25.61 23.58 51.23
CA PRO A 340 24.18 23.33 51.00
C PRO A 340 23.83 21.84 51.09
N GLU A 341 22.78 21.52 51.84
CA GLU A 341 22.39 20.13 52.06
C GLU A 341 21.06 19.83 51.40
N GLY A 342 20.83 18.56 51.04
CA GLY A 342 19.59 18.17 50.42
C GLY A 342 19.42 18.76 49.03
N LEU A 343 18.39 19.58 48.88
CA LEU A 343 18.07 20.24 47.61
C LEU A 343 18.98 21.46 47.36
N GLN A 344 19.92 21.67 48.28
CA GLN A 344 20.94 22.73 48.19
C GLN A 344 20.37 24.15 48.28
N CYS A 345 19.16 24.28 48.79
CA CYS A 345 18.59 25.59 49.12
C CYS A 345 18.84 25.93 50.59
N SER A 346 19.24 24.92 51.36
CA SER A 346 19.45 25.06 52.80
C SER A 346 20.87 24.64 53.14
N CYS A 347 21.57 25.46 53.90
CA CYS A 347 22.95 25.15 54.29
C CYS A 347 23.03 24.57 55.70
N GLY A 348 23.91 23.60 55.87
CA GLY A 348 24.13 22.95 57.15
C GLY A 348 25.51 22.32 57.23
N ILE A 349 25.83 21.71 58.38
CA ILE A 349 27.14 21.06 58.56
C ILE A 349 27.31 19.90 57.60
N ASP A 350 28.55 19.62 57.24
CA ASP A 350 28.81 18.56 56.28
C ASP A 350 29.05 17.25 57.03
N TYR A 351 27.97 16.46 57.15
CA TYR A 351 28.04 15.11 57.70
C TYR A 351 28.27 14.04 56.64
N TYR A 352 27.75 14.28 55.44
CA TYR A 352 27.75 13.24 54.42
C TYR A 352 29.05 13.12 53.63
N THR A 353 29.63 14.25 53.22
CA THR A 353 30.86 14.22 52.43
C THR A 353 32.09 14.00 53.32
N LEU A 354 32.94 13.05 52.92
CA LEU A 354 34.19 12.84 53.63
C LEU A 354 35.29 13.65 52.96
N LYS A 355 35.70 14.73 53.62
CA LYS A 355 36.75 15.60 53.11
C LYS A 355 37.92 15.57 54.09
N PRO A 356 39.06 14.98 53.67
CA PRO A 356 40.22 14.85 54.56
C PRO A 356 40.95 16.16 54.88
N GLU A 357 40.76 17.19 54.06
CA GLU A 357 41.39 18.49 54.32
C GLU A 357 40.79 19.15 55.55
N VAL A 358 39.47 19.22 55.61
CA VAL A 358 38.76 19.81 56.74
C VAL A 358 38.48 18.79 57.84
N ASN A 359 38.79 17.53 57.58
CA ASN A 359 38.62 16.42 58.55
C ASN A 359 37.18 16.27 59.05
N ASN A 360 36.27 15.91 58.14
CA ASN A 360 34.90 15.58 58.51
C ASN A 360 34.82 14.34 59.39
N GLU A 361 35.84 13.49 59.29
CA GLU A 361 35.90 12.23 60.05
C GLU A 361 35.85 12.45 61.56
N SER A 362 36.69 13.37 62.03
CA SER A 362 36.79 13.65 63.46
C SER A 362 35.60 14.48 63.95
N PHE A 363 35.10 15.37 63.09
CA PHE A 363 34.00 16.27 63.47
C PHE A 363 32.68 15.53 63.67
N VAL A 364 32.40 14.54 62.82
CA VAL A 364 31.17 13.78 62.93
C VAL A 364 31.18 12.89 64.17
N ILE A 365 32.34 12.29 64.47
CA ILE A 365 32.51 11.52 65.70
C ILE A 365 32.36 12.43 66.90
N TYR A 366 32.97 13.62 66.81
CA TYR A 366 32.85 14.65 67.82
C TYR A 366 31.39 15.07 68.02
N MET A 367 30.67 15.22 66.90
CA MET A 367 29.23 15.53 66.92
C MET A 367 28.41 14.40 67.53
N PHE A 368 28.69 13.17 67.10
CA PHE A 368 27.92 12.02 67.53
C PHE A 368 28.08 11.73 69.02
N VAL A 369 29.31 11.82 69.53
CA VAL A 369 29.57 11.55 70.94
C VAL A 369 29.35 12.72 71.92
N VAL A 370 29.90 13.89 71.61
CA VAL A 370 29.80 15.05 72.52
C VAL A 370 28.46 15.76 72.40
N HIS A 371 28.06 16.05 71.17
CA HIS A 371 26.89 16.87 70.89
C HIS A 371 25.62 16.08 70.59
N PHE A 372 25.66 14.76 70.76
CA PHE A 372 24.45 13.95 70.68
C PHE A 372 24.31 12.96 71.84
N THR A 373 25.26 12.02 71.93
CA THR A 373 25.19 10.94 72.91
C THR A 373 25.18 11.44 74.36
N ILE A 374 26.01 12.44 74.65
CA ILE A 374 26.08 12.98 76.00
C ILE A 374 24.79 13.72 76.41
N PRO A 375 24.23 14.59 75.53
CA PRO A 375 22.91 15.14 75.84
C PRO A 375 21.82 14.09 75.99
N MET A 376 21.92 13.01 75.22
CA MET A 376 20.95 11.92 75.24
C MET A 376 20.98 11.16 76.57
N ILE A 377 22.19 10.89 77.05
CA ILE A 377 22.37 10.19 78.32
C ILE A 377 21.91 11.04 79.50
N ILE A 378 22.35 12.30 79.53
CA ILE A 378 22.04 13.20 80.63
C ILE A 378 20.54 13.45 80.77
N ILE A 379 19.87 13.75 79.66
CA ILE A 379 18.43 14.03 79.67
C ILE A 379 17.62 12.80 80.10
N PHE A 380 17.95 11.64 79.54
CA PHE A 380 17.28 10.39 79.91
C PHE A 380 17.63 9.97 81.34
N PHE A 381 18.82 10.31 81.80
CA PHE A 381 19.24 10.00 83.17
C PHE A 381 18.51 10.89 84.17
N CYS A 382 18.50 12.20 83.91
CA CYS A 382 17.89 13.18 84.80
C CYS A 382 16.39 12.96 84.94
N TYR A 383 15.67 12.99 83.83
CA TYR A 383 14.22 12.78 83.85
C TYR A 383 13.86 11.35 84.22
N GLY A 384 14.76 10.41 83.94
CA GLY A 384 14.57 9.02 84.33
C GLY A 384 14.66 8.85 85.84
N GLN A 385 15.69 9.42 86.44
CA GLN A 385 15.86 9.40 87.88
C GLN A 385 14.82 10.28 88.59
N LEU A 386 14.32 11.28 87.87
CA LEU A 386 13.31 12.19 88.41
C LEU A 386 11.99 11.46 88.65
N VAL A 387 11.57 10.65 87.69
CA VAL A 387 10.36 9.84 87.84
C VAL A 387 10.57 8.75 88.88
N PHE A 388 11.77 8.18 88.89
CA PHE A 388 12.14 7.14 89.86
C PHE A 388 12.02 7.65 91.31
N THR A 389 12.43 8.90 91.52
CA THR A 389 12.35 9.53 92.83
C THR A 389 10.91 9.81 93.24
N VAL A 390 10.12 10.34 92.30
CA VAL A 390 8.72 10.67 92.55
C VAL A 390 7.90 9.39 92.76
N LYS A 391 8.22 8.35 92.01
CA LYS A 391 7.57 7.05 92.15
C LYS A 391 7.81 6.46 93.54
N GLU A 392 9.01 6.68 94.06
CA GLU A 392 9.38 6.25 95.41
C GLU A 392 8.66 7.08 96.48
N ALA A 393 8.56 8.39 96.23
CA ALA A 393 7.93 9.32 97.16
C ALA A 393 6.41 9.12 97.24
N ALA A 394 5.78 8.88 96.10
CA ALA A 394 4.35 8.63 96.06
C ALA A 394 4.00 7.27 96.68
N ALA A 395 4.94 6.34 96.63
CA ALA A 395 4.76 5.01 97.23
C ALA A 395 4.75 5.09 98.75
N GLN A 396 5.53 6.02 99.30
CA GLN A 396 5.54 6.26 100.74
C GLN A 396 4.21 6.81 101.21
N GLN A 397 3.78 7.91 100.60
CA GLN A 397 2.49 8.49 100.95
C GLN A 397 1.45 8.14 99.90
N GLN A 398 0.65 7.12 100.19
CA GLN A 398 -0.44 6.72 99.32
C GLN A 398 -1.74 7.37 99.77
N GLU A 399 -1.70 7.98 100.95
CA GLU A 399 -2.88 8.62 101.53
C GLU A 399 -3.19 9.94 100.86
N SER A 400 -2.14 10.69 100.52
CA SER A 400 -2.32 11.99 99.88
C SER A 400 -2.61 11.80 98.39
N ALA A 401 -3.81 12.19 97.97
CA ALA A 401 -4.27 11.96 96.61
C ALA A 401 -3.68 12.99 95.64
N THR A 402 -3.29 14.14 96.18
CA THR A 402 -2.67 15.19 95.38
C THR A 402 -1.28 14.79 94.91
N THR A 403 -0.54 14.07 95.75
CA THR A 403 0.78 13.57 95.40
C THR A 403 0.70 12.45 94.37
N GLN A 404 -0.44 11.77 94.33
CA GLN A 404 -0.65 10.66 93.39
C GLN A 404 -0.92 11.15 91.97
N LYS A 405 -1.76 12.17 91.83
CA LYS A 405 -2.10 12.71 90.52
C LYS A 405 -0.90 13.44 89.88
N ALA A 406 -0.03 13.99 90.72
CA ALA A 406 1.18 14.68 90.25
C ALA A 406 2.10 13.69 89.56
N GLU A 407 2.33 12.55 90.22
CA GLU A 407 3.13 11.46 89.67
C GLU A 407 2.62 11.00 88.31
N LYS A 408 1.30 11.08 88.13
CA LYS A 408 0.66 10.81 86.84
C LYS A 408 1.06 11.85 85.80
N GLU A 409 0.98 13.12 86.18
CA GLU A 409 1.37 14.24 85.31
C GLU A 409 2.87 14.28 85.05
N VAL A 410 3.65 13.81 86.01
CA VAL A 410 5.11 13.73 85.86
C VAL A 410 5.47 12.73 84.78
N THR A 411 4.98 11.50 84.94
CA THR A 411 5.26 10.42 83.99
C THR A 411 4.79 10.77 82.58
N ARG A 412 3.68 11.49 82.49
CA ARG A 412 3.15 11.94 81.20
C ARG A 412 4.12 12.85 80.45
N MET A 413 4.52 13.93 81.12
CA MET A 413 5.36 14.94 80.49
C MET A 413 6.76 14.44 80.15
N VAL A 414 7.31 13.57 80.99
CA VAL A 414 8.63 12.99 80.76
C VAL A 414 8.64 12.16 79.48
N ILE A 415 7.59 11.35 79.30
CA ILE A 415 7.43 10.56 78.08
C ILE A 415 7.35 11.48 76.87
N ILE A 416 6.68 12.62 77.03
CA ILE A 416 6.58 13.62 75.96
C ILE A 416 7.95 14.25 75.70
N TYR A 417 8.72 14.51 76.76
CA TYR A 417 10.08 15.04 76.63
C TYR A 417 11.01 14.04 75.93
N VAL A 418 10.81 12.75 76.19
CA VAL A 418 11.58 11.71 75.52
C VAL A 418 11.22 11.69 74.03
N ILE A 419 9.93 11.66 73.74
CA ILE A 419 9.44 11.66 72.36
C ILE A 419 9.87 12.91 71.61
N ALA A 420 9.81 14.07 72.27
CA ALA A 420 10.25 15.33 71.67
C ALA A 420 11.73 15.31 71.30
N PHE A 421 12.54 14.77 72.20
CA PHE A 421 13.98 14.67 71.97
C PHE A 421 14.30 13.62 70.90
N LEU A 422 13.61 12.49 70.94
CA LEU A 422 13.86 11.40 69.99
C LEU A 422 13.46 11.78 68.57
N ILE A 423 12.27 12.36 68.39
CA ILE A 423 11.82 12.80 67.08
C ILE A 423 12.77 13.83 66.48
N CYS A 424 13.36 14.68 67.31
CA CYS A 424 14.23 15.75 66.84
C CYS A 424 15.59 15.25 66.36
N TRP A 425 16.37 14.68 67.28
CA TRP A 425 17.78 14.38 67.01
C TRP A 425 18.14 12.97 66.52
N VAL A 426 17.22 12.01 66.61
CA VAL A 426 17.49 10.67 66.09
C VAL A 426 17.59 10.59 64.55
N PRO A 427 16.72 11.33 63.81
CA PRO A 427 16.87 11.34 62.34
C PRO A 427 18.27 11.72 61.86
N TYR A 428 18.86 12.76 62.46
CA TYR A 428 20.22 13.17 62.12
C TYR A 428 21.24 12.13 62.58
N ALA A 429 21.05 11.61 63.79
CA ALA A 429 21.96 10.61 64.34
C ALA A 429 21.91 9.30 63.59
N SER A 430 20.72 8.93 63.09
CA SER A 430 20.57 7.72 62.30
C SER A 430 21.17 7.89 60.91
N VAL A 431 20.81 8.98 60.24
CA VAL A 431 21.24 9.24 58.87
C VAL A 431 22.74 9.48 58.76
N ALA A 432 23.27 10.42 59.54
CA ALA A 432 24.70 10.74 59.49
C ALA A 432 25.59 9.55 59.86
N PHE A 433 25.14 8.73 60.80
CA PHE A 433 25.85 7.50 61.19
C PHE A 433 25.76 6.44 60.08
N TYR A 434 24.56 6.34 59.47
CA TYR A 434 24.34 5.44 58.36
C TYR A 434 25.21 5.83 57.16
N ILE A 435 25.28 7.13 56.88
CA ILE A 435 26.09 7.65 55.78
C ILE A 435 27.58 7.45 56.06
N PHE A 436 28.00 7.62 57.31
CA PHE A 436 29.40 7.41 57.67
C PHE A 436 29.84 5.95 57.49
N THR A 437 28.96 5.02 57.85
CA THR A 437 29.25 3.59 57.73
C THR A 437 29.07 3.09 56.30
N HIS A 438 28.02 3.57 55.64
CA HIS A 438 27.64 3.18 54.28
C HIS A 438 28.13 4.14 53.17
N GLN A 439 29.13 4.96 53.46
CA GLN A 439 29.59 6.02 52.54
C GLN A 439 29.83 5.58 51.09
N GLY A 440 30.13 4.30 50.86
CA GLY A 440 30.20 3.76 49.52
C GLY A 440 28.89 3.87 48.77
N SER A 441 27.79 3.68 49.51
CA SER A 441 26.44 3.76 48.95
C SER A 441 26.02 5.20 48.67
N CYS A 442 25.06 5.36 47.76
CA CYS A 442 24.61 6.67 47.32
C CYS A 442 23.25 7.05 47.89
N PHE A 443 23.08 8.34 48.16
CA PHE A 443 21.86 8.85 48.77
C PHE A 443 21.40 10.12 48.05
N GLY A 444 20.09 10.24 47.86
CA GLY A 444 19.52 11.39 47.17
C GLY A 444 19.38 12.62 48.05
N PRO A 445 18.90 13.73 47.47
CA PRO A 445 18.67 14.98 48.20
C PRO A 445 17.52 14.90 49.18
N ILE A 446 16.53 14.06 48.85
CA ILE A 446 15.33 13.90 49.68
C ILE A 446 15.68 13.12 50.95
N PHE A 447 16.69 12.26 50.85
CA PHE A 447 17.19 11.49 51.98
C PHE A 447 17.68 12.39 53.11
N MET A 448 18.31 13.50 52.75
CA MET A 448 18.85 14.46 53.72
C MET A 448 17.82 15.49 54.18
N THR A 449 16.71 15.59 53.45
CA THR A 449 15.62 16.51 53.78
C THR A 449 14.73 15.96 54.88
N ILE A 450 14.65 14.63 55.00
CA ILE A 450 13.82 13.99 56.01
C ILE A 450 14.29 14.26 57.46
N PRO A 451 15.62 14.17 57.73
CA PRO A 451 16.08 14.64 59.05
C PRO A 451 15.92 16.15 59.23
N ALA A 452 16.16 16.89 58.15
CA ALA A 452 16.04 18.34 58.15
C ALA A 452 14.60 18.78 58.47
N PHE A 453 13.63 17.93 58.14
CA PHE A 453 12.24 18.20 58.50
C PHE A 453 12.05 18.26 60.01
N PHE A 454 12.53 17.24 60.71
CA PHE A 454 12.25 17.06 62.14
C PHE A 454 13.02 18.03 63.05
N ALA A 455 14.26 18.36 62.70
CA ALA A 455 15.06 19.28 63.49
C ALA A 455 14.55 20.71 63.35
N LYS A 456 14.12 21.07 62.14
CA LYS A 456 13.52 22.37 61.90
C LYS A 456 12.11 22.44 62.49
N SER A 457 11.46 21.29 62.59
CA SER A 457 10.15 21.19 63.24
C SER A 457 10.27 21.34 64.75
N ALA A 458 11.43 21.00 65.30
CA ALA A 458 11.67 21.14 66.74
C ALA A 458 11.66 22.60 67.20
N ALA A 459 11.84 23.53 66.26
CA ALA A 459 11.72 24.95 66.55
C ALA A 459 10.28 25.35 66.87
N ILE A 460 9.36 24.43 66.63
CA ILE A 460 7.94 24.62 66.94
C ILE A 460 7.54 23.85 68.18
N TYR A 461 7.66 22.51 68.15
CA TYR A 461 7.10 21.69 69.21
C TYR A 461 7.92 21.67 70.52
N ASN A 462 9.22 21.94 70.46
CA ASN A 462 9.99 22.06 71.70
C ASN A 462 9.58 23.30 72.52
N PRO A 463 9.39 24.46 71.87
CA PRO A 463 8.75 25.57 72.58
C PRO A 463 7.40 25.20 73.17
N VAL A 464 6.56 24.50 72.42
CA VAL A 464 5.23 24.13 72.89
C VAL A 464 5.29 23.13 74.05
N ILE A 465 6.05 22.05 73.85
CA ILE A 465 6.13 20.99 74.85
C ILE A 465 6.79 21.46 76.16
N TYR A 466 7.89 22.21 76.06
CA TYR A 466 8.59 22.67 77.26
C TYR A 466 8.00 23.93 77.92
N ILE A 467 7.47 24.85 77.12
CA ILE A 467 6.97 26.13 77.65
C ILE A 467 5.46 26.16 77.73
N MET A 468 4.78 25.98 76.60
CA MET A 468 3.32 26.05 76.54
C MET A 468 2.63 25.03 77.45
N MET A 469 3.27 23.88 77.68
CA MET A 469 2.71 22.85 78.56
C MET A 469 2.88 23.19 80.04
N ASN A 470 3.89 24.00 80.36
CA ASN A 470 4.10 24.48 81.72
C ASN A 470 2.96 25.40 82.13
N LYS A 471 2.47 25.23 83.36
CA LYS A 471 1.25 25.89 83.80
C LYS A 471 1.40 27.39 84.05
N GLN A 472 2.53 27.80 84.60
CA GLN A 472 2.77 29.22 84.87
C GLN A 472 2.91 30.00 83.56
N PHE A 473 3.60 29.43 82.59
CA PHE A 473 3.77 30.09 81.29
C PHE A 473 2.47 30.13 80.50
N ARG A 474 1.74 29.02 80.53
CA ARG A 474 0.47 28.89 79.83
C ARG A 474 -0.55 29.93 80.29
N ASN A 475 -0.60 30.16 81.60
CA ASN A 475 -1.55 31.10 82.21
C ASN A 475 -1.24 32.55 81.88
N CYS A 476 0.05 32.90 81.90
CA CYS A 476 0.48 34.27 81.61
C CYS A 476 0.29 34.61 80.14
N MET A 477 0.48 33.62 79.27
CA MET A 477 0.29 33.81 77.83
C MET A 477 -1.17 33.99 77.47
N LEU A 478 -2.05 33.39 78.27
CA LEU A 478 -3.48 33.58 78.11
C LEU A 478 -3.88 35.00 78.48
N THR A 479 -3.31 35.51 79.57
CA THR A 479 -3.59 36.88 80.02
C THR A 479 -3.10 37.92 79.01
N THR A 480 -2.16 37.54 78.16
CA THR A 480 -1.67 38.43 77.10
C THR A 480 -2.66 38.55 75.96
N ILE A 481 -3.26 37.43 75.55
CA ILE A 481 -4.31 37.45 74.54
C ILE A 481 -5.57 38.07 75.15
N CYS A 482 -5.75 37.85 76.45
CA CYS A 482 -6.84 38.48 77.20
C CYS A 482 -6.58 39.96 77.46
N CYS A 483 -5.33 40.38 77.32
CA CYS A 483 -4.91 41.77 77.51
C CYS A 483 -5.19 42.27 78.94
N GLY A 484 -4.80 41.49 79.93
CA GLY A 484 -5.00 41.83 81.33
C GLY A 484 -4.97 40.63 82.25
N ASP A 490 -9.58 38.00 93.28
CA ASP A 490 -8.60 38.22 94.34
C ASP A 490 -8.39 39.71 94.60
N ASP A 491 -8.31 40.49 93.53
CA ASP A 491 -8.11 41.92 93.64
C ASP A 491 -9.27 42.60 94.35
N GLU A 492 -10.49 42.14 94.06
CA GLU A 492 -11.69 42.69 94.67
C GLU A 492 -11.60 42.69 96.20
N ALA A 493 -11.39 41.50 96.76
CA ALA A 493 -11.32 41.34 98.20
C ALA A 493 -10.02 41.89 98.70
N SER A 494 -8.95 41.17 98.38
CA SER A 494 -7.60 41.57 98.74
C SER A 494 -7.46 41.84 100.23
N ALA A 495 -8.28 41.17 101.05
CA ALA A 495 -8.25 41.37 102.49
C ALA A 495 -8.04 40.04 103.21
N VAL A 497 -6.65 39.45 107.09
CA VAL A 497 -6.12 39.97 108.35
C VAL A 497 -6.41 39.03 109.50
N LYS A 499 -7.28 39.01 113.53
CA LYS A 499 -7.73 39.82 114.66
C LYS A 499 -7.57 39.08 115.98
N THR A 500 -7.78 39.79 117.08
CA THR A 500 -7.63 39.22 118.42
C THR A 500 -8.57 39.87 119.44
N GLU A 501 -9.15 39.05 120.31
CA GLU A 501 -10.02 39.52 121.39
C GLU A 501 -9.88 38.61 122.61
N THR A 502 -9.94 39.18 123.80
CA THR A 502 -9.85 38.42 125.05
C THR A 502 -11.24 38.14 125.62
N SER A 503 -11.46 36.91 126.08
CA SER A 503 -12.70 36.53 126.74
C SER A 503 -12.53 35.25 127.55
N VAL A 526 -6.45 34.21 126.05
CA VAL A 526 -6.57 35.09 124.89
C VAL A 526 -6.89 34.29 123.64
N ILE A 527 -7.93 34.73 122.93
CA ILE A 527 -8.41 34.03 121.74
C ILE A 527 -8.22 34.89 120.49
N PHE A 528 -8.00 34.25 119.34
CA PHE A 528 -7.95 34.96 118.08
C PHE A 528 -8.81 34.28 117.02
N LYS A 529 -9.19 35.05 116.02
CA LYS A 529 -10.06 34.58 114.96
C LYS A 529 -9.63 35.17 113.63
N LYS A 530 -10.16 34.61 112.55
CA LYS A 530 -9.97 35.17 111.22
C LYS A 530 -11.22 34.97 110.38
N VAL A 531 -11.61 36.01 109.66
CA VAL A 531 -12.80 35.97 108.80
C VAL A 531 -12.38 35.76 107.35
N SER A 532 -13.20 35.02 106.60
CA SER A 532 -12.90 34.76 105.19
C SER A 532 -13.13 36.00 104.32
N ARG A 533 -12.86 35.87 103.03
CA ARG A 533 -13.00 36.99 102.10
C ARG A 533 -14.47 37.34 101.89
N ASP A 534 -15.29 36.31 101.67
CA ASP A 534 -16.73 36.49 101.50
C ASP A 534 -17.42 36.66 102.85
N LYS A 535 -16.66 36.35 103.92
CA LYS A 535 -17.09 36.49 105.31
C LYS A 535 -18.24 35.55 105.68
N SER A 536 -18.36 34.43 104.96
CA SER A 536 -19.29 33.36 105.29
C SER A 536 -18.74 32.44 106.38
N VAL A 537 -17.51 31.99 106.18
CA VAL A 537 -16.84 31.08 107.10
C VAL A 537 -15.86 31.84 108.00
N THR A 538 -16.10 31.79 109.30
CA THR A 538 -15.22 32.42 110.28
C THR A 538 -14.64 31.36 111.21
N ILE A 539 -13.31 31.33 111.34
CA ILE A 539 -12.63 30.32 112.15
C ILE A 539 -12.11 30.90 113.47
N TYR A 540 -12.10 30.06 114.51
CA TYR A 540 -11.62 30.43 115.84
C TYR A 540 -10.62 29.39 116.35
N LEU A 541 -9.57 29.85 117.02
CA LEU A 541 -8.56 28.94 117.58
C LEU A 541 -8.03 29.44 118.92
N GLY A 542 -7.62 28.49 119.76
CA GLY A 542 -7.12 28.80 121.09
C GLY A 542 -5.72 29.39 121.13
N LYS A 543 -4.78 28.75 120.45
CA LYS A 543 -3.40 29.24 120.41
C LYS A 543 -2.65 28.80 119.15
N ARG A 544 -1.71 29.64 118.71
CA ARG A 544 -0.93 29.39 117.50
C ARG A 544 0.13 28.31 117.77
N ASP A 545 0.82 28.44 118.89
CA ASP A 545 1.84 27.46 119.26
C ASP A 545 1.18 26.26 119.92
N TYR A 546 1.35 25.09 119.32
CA TYR A 546 0.87 23.85 119.91
C TYR A 546 2.05 23.02 120.39
N VAL A 547 2.04 22.67 121.68
CA VAL A 547 3.16 21.98 122.29
C VAL A 547 3.21 20.53 121.84
N ASP A 548 4.37 20.14 121.31
CA ASP A 548 4.59 18.77 120.87
C ASP A 548 5.36 17.99 121.92
N HIS A 549 4.71 17.00 122.53
CA HIS A 549 5.39 16.12 123.47
C HIS A 549 5.96 14.94 122.69
N VAL A 550 6.72 14.08 123.38
CA VAL A 550 7.34 12.94 122.73
C VAL A 550 6.33 11.83 122.48
N SER A 551 5.59 11.48 123.52
CA SER A 551 4.58 10.43 123.44
C SER A 551 3.39 10.83 122.58
N GLN A 552 2.76 11.95 122.92
CA GLN A 552 1.58 12.44 122.23
C GLN A 552 1.77 13.87 121.74
N VAL A 553 0.75 14.41 121.08
CA VAL A 553 0.78 15.78 120.58
C VAL A 553 -0.48 16.52 121.01
N GLU A 554 -0.33 17.82 121.24
CA GLU A 554 -1.47 18.67 121.59
C GLU A 554 -2.26 19.02 120.32
N PRO A 555 -3.53 18.57 120.26
CA PRO A 555 -4.35 18.74 119.05
C PRO A 555 -4.85 20.17 118.86
N VAL A 556 -5.29 20.47 117.63
CA VAL A 556 -5.85 21.78 117.31
C VAL A 556 -7.31 21.86 117.78
N ASP A 557 -7.59 22.76 118.72
CA ASP A 557 -8.95 22.91 119.22
C ASP A 557 -9.52 24.28 118.85
N GLY A 558 -10.79 24.30 118.49
CA GLY A 558 -11.45 25.53 118.09
C GLY A 558 -12.84 25.29 117.55
N VAL A 559 -13.44 26.34 116.99
CA VAL A 559 -14.77 26.27 116.40
C VAL A 559 -14.85 27.05 115.10
N VAL A 560 -15.93 26.85 114.35
CA VAL A 560 -16.15 27.56 113.09
C VAL A 560 -17.57 28.11 113.01
N LEU A 561 -17.69 29.44 112.93
CA LEU A 561 -18.99 30.09 112.73
C LEU A 561 -19.31 30.14 111.24
N VAL A 562 -20.47 29.60 110.88
CA VAL A 562 -20.90 29.53 109.49
C VAL A 562 -22.12 30.42 109.25
N ASP A 563 -22.08 31.23 108.20
CA ASP A 563 -23.23 32.05 107.82
C ASP A 563 -24.25 31.19 107.06
N PRO A 564 -25.45 31.01 107.63
CA PRO A 564 -26.46 30.11 107.04
C PRO A 564 -27.03 30.64 105.73
N GLU A 565 -27.09 31.97 105.60
CA GLU A 565 -27.63 32.62 104.41
C GLU A 565 -26.68 32.43 103.22
N LEU A 566 -25.41 32.76 103.44
CA LEU A 566 -24.38 32.63 102.42
C LEU A 566 -24.07 31.16 102.13
N VAL A 567 -23.94 30.37 103.19
CA VAL A 567 -23.66 28.95 103.01
C VAL A 567 -24.96 28.19 103.16
N LYS A 568 -25.56 27.86 102.02
CA LYS A 568 -26.82 27.14 102.00
C LYS A 568 -26.71 26.00 101.00
N GLY A 569 -26.87 24.79 101.48
CA GLY A 569 -26.71 23.61 100.66
C GLY A 569 -25.28 23.38 100.23
N LYS A 570 -24.33 23.91 101.02
CA LYS A 570 -22.91 23.75 100.73
C LYS A 570 -22.23 22.90 101.80
N LYS A 571 -20.94 22.63 101.60
CA LYS A 571 -20.19 21.80 102.54
C LYS A 571 -19.01 22.55 103.14
N VAL A 572 -19.11 22.87 104.42
CA VAL A 572 -18.04 23.51 105.15
C VAL A 572 -17.08 22.45 105.69
N TYR A 573 -15.80 22.65 105.47
CA TYR A 573 -14.78 21.74 105.95
C TYR A 573 -13.72 22.45 106.77
N VAL A 574 -12.92 21.67 107.49
CA VAL A 574 -11.74 22.18 108.15
C VAL A 574 -10.58 21.23 107.86
N THR A 575 -9.38 21.80 107.71
CA THR A 575 -8.21 20.99 107.37
C THR A 575 -7.06 21.22 108.35
N LEU A 576 -6.14 20.26 108.34
CA LEU A 576 -4.86 20.43 109.01
C LEU A 576 -3.75 20.11 108.03
N THR A 577 -3.04 21.15 107.59
CA THR A 577 -2.07 20.99 106.50
C THR A 577 -0.66 21.17 107.02
N CYS A 578 0.11 20.09 107.00
CA CYS A 578 1.54 20.16 107.27
C CYS A 578 2.27 20.04 105.94
N ALA A 579 2.86 21.14 105.49
CA ALA A 579 3.46 21.19 104.18
C ALA A 579 4.95 21.52 104.23
N PHE A 580 5.76 20.75 103.52
CA PHE A 580 7.17 21.08 103.34
C PHE A 580 7.26 22.07 102.20
N ARG A 581 7.73 23.27 102.50
CA ARG A 581 7.75 24.36 101.54
C ARG A 581 9.17 24.66 101.11
N TYR A 582 9.41 24.72 99.81
CA TYR A 582 10.71 25.09 99.26
C TYR A 582 10.52 25.87 97.96
N GLY A 583 11.26 26.96 97.82
CA GLY A 583 11.17 27.81 96.64
C GLY A 583 9.88 28.60 96.53
N GLN A 584 9.52 28.94 95.29
CA GLN A 584 8.35 29.77 94.98
C GLN A 584 7.10 28.95 94.68
N GLU A 585 5.94 29.49 95.05
CA GLU A 585 4.65 28.83 94.77
C GLU A 585 4.36 28.67 93.29
N ASP A 586 4.76 29.65 92.50
CA ASP A 586 4.44 29.67 91.07
C ASP A 586 5.29 28.66 90.31
N ILE A 587 6.60 28.85 90.36
CA ILE A 587 7.52 28.12 89.52
C ILE A 587 7.73 26.65 89.94
N ASP A 588 7.67 26.37 91.24
CA ASP A 588 7.84 25.00 91.73
C ASP A 588 6.66 24.13 91.35
N VAL A 589 5.46 24.71 91.39
CA VAL A 589 4.25 24.00 90.97
C VAL A 589 4.26 23.78 89.46
N MET A 590 4.84 24.74 88.74
CA MET A 590 4.99 24.64 87.29
C MET A 590 6.01 23.58 86.90
N GLY A 591 6.88 23.24 87.85
CA GLY A 591 8.07 22.45 87.60
C GLY A 591 7.81 20.96 87.44
N LEU A 592 6.60 20.63 87.00
CA LEU A 592 6.16 19.27 86.64
C LEU A 592 5.64 18.52 87.86
N THR A 593 5.90 19.09 89.03
CA THR A 593 5.39 18.58 90.29
C THR A 593 5.15 19.80 91.16
N PHE A 594 4.77 19.61 92.43
CA PHE A 594 4.60 20.74 93.33
C PHE A 594 5.15 20.39 94.72
N ARG A 595 5.07 21.36 95.63
CA ARG A 595 5.55 21.16 97.01
C ARG A 595 4.82 20.01 97.69
N ARG A 596 5.58 19.17 98.39
CA ARG A 596 5.00 17.96 98.94
C ARG A 596 4.25 18.24 100.24
N ASP A 597 2.99 17.83 100.27
CA ASP A 597 2.21 17.89 101.49
C ASP A 597 2.62 16.70 102.36
N LEU A 598 3.17 17.00 103.53
CA LEU A 598 3.67 15.97 104.43
C LEU A 598 2.58 15.19 105.11
N TYR A 599 1.69 15.94 105.75
CA TYR A 599 0.55 15.35 106.39
C TYR A 599 -0.67 16.20 106.08
N PHE A 600 -1.81 15.53 105.98
CA PHE A 600 -3.06 16.20 105.71
C PHE A 600 -4.20 15.48 106.43
N SER A 601 -5.13 16.26 106.97
CA SER A 601 -6.29 15.72 107.68
C SER A 601 -7.55 16.52 107.34
N ARG A 602 -8.71 15.88 107.49
CA ARG A 602 -10.00 16.49 107.16
C ARG A 602 -11.10 16.12 108.13
N VAL A 603 -11.97 17.07 108.42
CA VAL A 603 -13.18 16.83 109.18
C VAL A 603 -14.31 17.67 108.58
N GLN A 604 -15.50 17.08 108.47
CA GLN A 604 -16.66 17.81 108.00
C GLN A 604 -17.29 18.62 109.14
N VAL A 605 -17.36 19.93 108.94
CA VAL A 605 -17.87 20.86 109.94
C VAL A 605 -19.39 21.03 109.80
N TYR A 606 -19.82 21.47 108.62
CA TYR A 606 -21.24 21.62 108.33
C TYR A 606 -21.59 21.11 106.93
N PRO A 607 -22.73 20.42 106.78
CA PRO A 607 -23.62 19.97 107.86
C PRO A 607 -23.02 18.83 108.67
N PRO A 608 -23.20 18.85 110.00
CA PRO A 608 -22.54 17.87 110.85
C PRO A 608 -23.11 16.47 110.71
N VAL A 609 -22.22 15.49 110.54
CA VAL A 609 -22.62 14.10 110.52
C VAL A 609 -22.50 13.57 111.93
N GLY A 610 -23.64 13.34 112.57
CA GLY A 610 -23.67 13.01 113.97
C GLY A 610 -23.24 14.22 114.76
N ALA A 611 -22.39 13.99 115.76
CA ALA A 611 -21.87 15.08 116.55
C ALA A 611 -20.61 14.69 117.30
N MET A 612 -19.91 15.70 117.82
CA MET A 612 -18.74 15.48 118.63
C MET A 612 -19.14 14.90 119.98
N SER A 613 -18.56 13.76 120.32
CA SER A 613 -18.89 13.03 121.54
C SER A 613 -18.50 13.81 122.80
N VAL A 614 -17.32 14.41 122.77
CA VAL A 614 -16.84 15.23 123.89
C VAL A 614 -16.21 16.53 123.41
N LEU A 615 -16.58 17.64 124.05
CA LEU A 615 -16.02 18.94 123.72
C LEU A 615 -14.95 19.34 124.72
N THR A 616 -14.28 20.45 124.44
CA THR A 616 -13.27 21.00 125.34
C THR A 616 -13.84 22.19 126.10
N GLN A 617 -13.05 22.73 127.03
CA GLN A 617 -13.48 23.90 127.80
C GLN A 617 -13.54 25.15 126.95
N LEU A 618 -12.72 25.18 125.90
CA LEU A 618 -12.71 26.28 124.94
C LEU A 618 -13.97 26.25 124.09
N GLN A 619 -14.27 25.10 123.52
CA GLN A 619 -15.44 24.91 122.66
C GLN A 619 -16.75 25.22 123.37
N GLU A 620 -16.83 24.90 124.66
CA GLU A 620 -18.01 25.20 125.47
C GLU A 620 -18.22 26.70 125.61
N SER A 621 -17.12 27.44 125.79
CA SER A 621 -17.18 28.88 125.97
C SER A 621 -17.58 29.60 124.69
N LEU A 622 -16.98 29.18 123.57
CA LEU A 622 -17.21 29.81 122.28
C LEU A 622 -18.61 29.53 121.71
N LEU A 623 -19.14 28.35 122.03
CA LEU A 623 -20.49 27.98 121.60
C LEU A 623 -21.55 28.85 122.27
N LYS A 624 -21.35 29.12 123.56
CA LYS A 624 -22.26 29.99 124.32
C LYS A 624 -22.05 31.45 123.98
N LYS A 625 -20.80 31.83 123.69
CA LYS A 625 -20.46 33.18 123.29
C LYS A 625 -21.08 33.53 121.94
N LEU A 626 -20.82 32.67 120.96
CA LEU A 626 -21.34 32.85 119.61
C LEU A 626 -22.75 32.30 119.47
N GLY A 627 -23.33 32.41 118.27
CA GLY A 627 -24.69 31.99 118.03
C GLY A 627 -24.89 30.50 117.82
N ASP A 628 -26.06 30.13 117.29
CA ASP A 628 -26.42 28.73 117.08
C ASP A 628 -25.69 28.07 115.92
N ASN A 629 -25.21 28.88 114.97
CA ASN A 629 -24.60 28.38 113.74
C ASN A 629 -23.12 28.02 113.88
N THR A 630 -22.60 28.09 115.10
CA THR A 630 -21.23 27.68 115.38
C THR A 630 -21.12 26.16 115.48
N TYR A 631 -20.03 25.60 114.95
CA TYR A 631 -19.78 24.15 115.02
C TYR A 631 -18.34 23.87 115.47
N PRO A 632 -18.16 22.88 116.36
CA PRO A 632 -16.84 22.52 116.87
C PRO A 632 -16.03 21.63 115.93
N PHE A 633 -14.71 21.61 116.13
CA PHE A 633 -13.84 20.67 115.42
C PHE A 633 -12.59 20.35 116.23
N LEU A 634 -11.98 19.20 115.94
CA LEU A 634 -10.75 18.79 116.60
C LEU A 634 -9.84 18.09 115.59
N LEU A 635 -8.57 18.50 115.55
CA LEU A 635 -7.62 17.94 114.61
C LEU A 635 -6.39 17.41 115.34
N THR A 636 -6.25 16.08 115.35
CA THR A 636 -5.12 15.41 115.98
C THR A 636 -3.87 15.36 115.10
N PHE A 637 -2.71 15.21 115.74
CA PHE A 637 -1.46 15.04 115.00
C PHE A 637 -0.94 13.62 115.22
N PRO A 638 -0.34 13.02 114.18
CA PRO A 638 0.33 11.74 114.37
C PRO A 638 1.71 11.90 115.00
N ASP A 639 2.40 10.78 115.20
CA ASP A 639 3.70 10.78 115.85
C ASP A 639 4.90 10.89 114.88
N TYR A 640 4.65 10.82 113.57
CA TYR A 640 5.73 10.88 112.58
C TYR A 640 6.00 12.27 111.98
N LEU A 641 5.39 13.32 112.53
CA LEU A 641 5.59 14.68 112.05
C LEU A 641 6.76 15.43 112.70
N PRO A 642 7.38 16.38 111.96
CA PRO A 642 8.45 17.22 112.49
C PRO A 642 7.92 18.48 113.18
N CYS A 643 8.84 19.35 113.60
CA CYS A 643 8.48 20.64 114.19
C CYS A 643 8.40 21.72 113.12
N SER A 644 8.02 22.93 113.53
CA SER A 644 7.98 24.05 112.60
C SER A 644 9.38 24.65 112.51
N VAL A 645 9.97 24.52 111.32
CA VAL A 645 11.36 24.90 111.09
C VAL A 645 11.49 25.60 109.75
N MET A 646 12.25 26.68 109.70
CA MET A 646 12.54 27.36 108.44
C MET A 646 14.03 27.66 108.31
N LEU A 647 14.52 27.59 107.08
CA LEU A 647 15.91 27.91 106.78
C LEU A 647 16.09 29.41 106.56
N GLN A 648 17.20 29.95 107.04
CA GLN A 648 17.44 31.40 107.00
C GLN A 648 17.94 31.89 105.64
N PRO A 649 17.20 32.84 105.04
CA PRO A 649 17.65 33.53 103.83
C PRO A 649 18.62 34.68 104.12
N ALA A 650 19.50 34.97 103.18
CA ALA A 650 20.38 36.14 103.26
C ALA A 650 19.59 37.42 102.94
N PRO A 651 20.14 38.59 103.31
CA PRO A 651 19.45 39.85 102.98
C PRO A 651 19.32 40.11 101.48
N GLN A 652 20.37 39.80 100.70
CA GLN A 652 20.32 39.98 99.25
C GLN A 652 19.32 39.02 98.60
N ASP A 653 19.10 37.88 99.24
CA ASP A 653 18.13 36.91 98.74
C ASP A 653 16.72 37.37 99.09
N VAL A 654 15.90 37.62 98.08
CA VAL A 654 14.56 38.16 98.29
C VAL A 654 13.50 37.09 98.10
N GLY A 655 13.42 36.53 96.89
CA GLY A 655 12.40 35.57 96.55
C GLY A 655 12.61 34.15 97.05
N LYS A 656 13.82 33.84 97.49
CA LYS A 656 14.13 32.51 98.01
C LYS A 656 13.44 32.26 99.34
N SER A 657 12.66 31.19 99.40
CA SER A 657 11.97 30.81 100.64
C SER A 657 11.90 29.30 100.81
N CYS A 658 12.28 28.81 102.00
CA CYS A 658 12.18 27.38 102.32
C CYS A 658 11.95 27.15 103.80
N GLY A 659 11.10 26.16 104.11
CA GLY A 659 10.87 25.75 105.48
C GLY A 659 9.60 24.92 105.64
N VAL A 660 9.49 24.24 106.77
CA VAL A 660 8.28 23.48 107.10
C VAL A 660 7.35 24.38 107.91
N ASP A 661 6.05 24.28 107.62
CA ASP A 661 5.07 25.04 108.39
C ASP A 661 3.72 24.34 108.41
N PHE A 662 2.96 24.59 109.48
CA PHE A 662 1.63 24.00 109.66
C PHE A 662 0.56 25.05 109.36
N GLU A 663 -0.52 24.62 108.71
CA GLU A 663 -1.59 25.52 108.33
C GLU A 663 -2.98 24.92 108.57
N VAL A 664 -3.77 25.60 109.40
CA VAL A 664 -5.16 25.22 109.63
C VAL A 664 -6.09 26.04 108.73
N LYS A 665 -6.78 25.36 107.83
CA LYS A 665 -7.64 26.03 106.85
C LYS A 665 -9.10 25.61 107.02
N ALA A 666 -9.99 26.49 106.61
CA ALA A 666 -11.43 26.23 106.62
C ALA A 666 -12.08 26.87 105.41
N PHE A 667 -13.04 26.19 104.81
CA PHE A 667 -13.64 26.64 103.56
C PHE A 667 -15.03 26.04 103.34
N ALA A 668 -15.79 26.66 102.44
CA ALA A 668 -17.08 26.13 102.01
C ALA A 668 -17.05 25.85 100.51
N SER A 669 -17.65 24.73 100.10
CA SER A 669 -17.62 24.29 98.71
C SER A 669 -18.85 23.48 98.32
N ASP A 670 -19.31 23.66 97.08
CA ASP A 670 -20.42 22.88 96.53
C ASP A 670 -20.02 21.44 96.27
N ILE A 671 -18.76 21.26 95.88
CA ILE A 671 -18.22 19.95 95.52
C ILE A 671 -17.98 19.10 96.76
N THR A 672 -17.98 17.78 96.58
CA THR A 672 -17.82 16.82 97.67
C THR A 672 -16.41 16.82 98.28
N ASP A 673 -16.24 15.98 99.29
CA ASP A 673 -15.02 15.89 100.10
C ASP A 673 -13.67 15.76 99.36
N PRO A 674 -13.58 14.88 98.35
CA PRO A 674 -12.25 14.64 97.73
C PRO A 674 -11.51 15.85 97.16
N GLU A 675 -12.21 16.91 96.75
CA GLU A 675 -11.54 18.04 96.11
C GLU A 675 -10.89 18.99 97.13
N GLU A 676 -9.56 19.07 97.04
CA GLU A 676 -8.73 19.86 97.95
C GLU A 676 -7.83 20.79 97.14
N ASP A 677 -7.14 20.23 96.15
CA ASP A 677 -6.28 21.01 95.24
C ASP A 677 -6.94 22.28 94.69
N LYS A 678 -8.21 22.20 94.33
CA LYS A 678 -8.97 23.35 93.85
C LYS A 678 -10.12 23.70 94.78
N ILE A 679 -10.07 24.90 95.34
CA ILE A 679 -11.12 25.38 96.23
C ILE A 679 -11.40 26.86 95.95
N PRO A 680 -12.61 27.34 96.32
CA PRO A 680 -12.87 28.77 96.16
C PRO A 680 -12.03 29.61 97.11
N LYS A 681 -11.37 30.65 96.58
CA LYS A 681 -10.53 31.52 97.39
C LYS A 681 -11.36 32.41 98.31
N LYS A 682 -12.53 32.84 97.85
CA LYS A 682 -13.37 33.75 98.62
C LYS A 682 -13.94 33.09 99.87
N SER A 683 -14.38 31.84 99.77
CA SER A 683 -14.97 31.14 100.91
C SER A 683 -13.91 30.64 101.88
N SER A 684 -12.69 30.45 101.39
CA SER A 684 -11.61 29.87 102.18
C SER A 684 -11.00 30.87 103.16
N VAL A 685 -10.58 30.37 104.31
CA VAL A 685 -9.85 31.13 105.32
C VAL A 685 -8.78 30.23 105.93
N ARG A 686 -7.62 30.79 106.24
CA ARG A 686 -6.50 29.99 106.73
C ARG A 686 -5.68 30.74 107.77
N LEU A 687 -5.10 29.98 108.69
CA LEU A 687 -4.28 30.54 109.76
C LEU A 687 -3.08 29.65 110.04
N LEU A 688 -1.90 30.27 110.10
CA LEU A 688 -0.66 29.54 110.35
C LEU A 688 -0.50 29.22 111.83
N ILE A 689 -0.12 27.99 112.13
CA ILE A 689 0.13 27.54 113.49
C ILE A 689 1.51 26.90 113.59
N ARG A 690 1.98 26.70 114.82
CA ARG A 690 3.28 26.09 115.06
C ARG A 690 3.19 24.79 115.87
N LYS A 691 4.06 23.85 115.54
CA LYS A 691 4.25 22.66 116.35
C LYS A 691 5.66 22.71 116.96
N VAL A 692 5.73 23.02 118.25
CA VAL A 692 6.98 23.31 118.93
C VAL A 692 7.24 22.33 120.06
N GLN A 693 8.49 21.90 120.20
CA GLN A 693 8.91 21.02 121.28
C GLN A 693 9.66 21.80 122.35
N HIS A 694 9.08 21.88 123.55
CA HIS A 694 9.80 22.40 124.72
C HIS A 694 10.73 21.34 125.27
N ALA A 695 11.75 21.76 126.01
CA ALA A 695 12.71 20.84 126.61
C ALA A 695 12.06 20.00 127.70
N PRO A 696 12.39 18.69 127.73
CA PRO A 696 11.79 17.78 128.72
C PRO A 696 12.34 18.02 130.13
N PRO A 697 11.60 17.57 131.16
CA PRO A 697 12.04 17.74 132.55
C PRO A 697 13.36 17.03 132.85
N GLU A 698 13.58 15.87 132.24
CA GLU A 698 14.79 15.12 132.52
C GLU A 698 15.95 15.62 131.67
N MET A 699 16.94 16.21 132.35
CA MET A 699 18.21 16.54 131.73
C MET A 699 19.09 15.32 131.79
N GLY A 700 19.63 14.92 130.64
CA GLY A 700 20.38 13.69 130.54
C GLY A 700 21.69 13.73 131.30
N PRO A 701 22.46 12.62 131.23
CA PRO A 701 23.70 12.51 131.98
C PRO A 701 24.75 13.48 131.47
N GLN A 702 25.68 13.84 132.34
CA GLN A 702 26.75 14.76 131.99
C GLN A 702 27.54 14.25 130.78
N PRO A 703 27.48 14.98 129.65
CA PRO A 703 28.12 14.53 128.42
C PRO A 703 29.62 14.40 128.57
N SER A 704 30.16 13.24 128.18
CA SER A 704 31.58 13.00 128.22
C SER A 704 32.05 12.25 126.98
N ALA A 705 32.88 12.90 126.17
CA ALA A 705 33.47 12.24 125.00
C ALA A 705 34.96 12.05 125.24
N GLU A 706 35.51 10.98 124.68
CA GLU A 706 36.92 10.68 124.84
C GLU A 706 37.49 9.97 123.61
N ALA A 707 38.71 10.34 123.23
CA ALA A 707 39.36 9.75 122.07
C ALA A 707 40.89 9.80 122.18
N SER A 708 41.56 8.84 121.54
CA SER A 708 43.01 8.76 121.52
C SER A 708 43.51 8.75 120.07
N TRP A 709 44.61 9.44 119.81
CA TRP A 709 45.10 9.64 118.44
C TRP A 709 46.59 9.31 118.30
N GLN A 710 46.99 8.86 117.11
CA GLN A 710 48.38 8.48 116.83
C GLN A 710 48.82 8.86 115.41
N PHE A 711 50.09 8.61 115.09
CA PHE A 711 50.63 8.92 113.77
C PHE A 711 51.41 7.75 113.18
N PHE A 712 51.75 7.88 111.89
CA PHE A 712 52.42 6.83 111.16
C PHE A 712 53.88 6.65 111.58
N MET A 713 54.62 7.76 111.57
CA MET A 713 55.99 7.76 112.02
C MET A 713 56.07 7.72 113.55
N SER A 714 55.30 8.59 114.19
CA SER A 714 55.25 8.68 115.65
C SER A 714 54.07 7.87 116.22
N ASP A 715 54.38 6.79 116.91
CA ASP A 715 53.35 5.87 117.40
C ASP A 715 52.87 6.19 118.83
N LYS A 716 53.45 7.22 119.44
CA LYS A 716 53.08 7.61 120.80
C LYS A 716 51.67 8.22 120.84
N PRO A 717 50.92 7.94 121.92
CA PRO A 717 49.50 8.32 121.98
C PRO A 717 49.25 9.79 122.31
N LEU A 718 48.09 10.28 121.91
CA LEU A 718 47.59 11.59 122.34
C LEU A 718 46.15 11.44 122.84
N ASN A 719 45.95 11.61 124.14
CA ASN A 719 44.62 11.48 124.73
C ASN A 719 43.92 12.82 124.87
N LEU A 720 42.61 12.80 124.67
CA LEU A 720 41.78 13.98 124.82
C LEU A 720 40.44 13.59 125.42
N SER A 721 39.96 14.41 126.35
CA SER A 721 38.68 14.16 127.00
C SER A 721 37.83 15.42 127.06
N VAL A 722 36.69 15.41 126.36
CA VAL A 722 35.75 16.52 126.38
C VAL A 722 34.70 16.26 127.44
N SER A 723 34.29 17.32 128.14
CA SER A 723 33.24 17.21 129.15
C SER A 723 32.35 18.46 129.18
N LEU A 724 31.04 18.27 129.16
CA LEU A 724 30.10 19.37 129.31
C LEU A 724 29.48 19.38 130.71
N SER A 725 28.66 20.39 130.98
CA SER A 725 27.98 20.54 132.25
C SER A 725 26.59 19.89 132.19
N LYS A 726 25.78 20.36 131.24
CA LYS A 726 24.45 19.82 131.00
C LYS A 726 24.35 19.05 129.69
N GLU A 727 23.43 18.09 129.63
CA GLU A 727 23.10 17.42 128.37
C GLU A 727 22.22 18.31 127.51
N ILE A 728 21.18 18.86 128.13
CA ILE A 728 20.27 19.78 127.47
C ILE A 728 20.59 21.22 127.88
N TYR A 729 20.62 22.11 126.89
CA TYR A 729 20.85 23.53 127.14
C TYR A 729 19.65 24.35 126.66
N PHE A 730 19.59 25.60 127.12
CA PHE A 730 18.52 26.50 126.76
C PHE A 730 19.05 27.63 125.89
N HIS A 731 18.17 28.25 125.11
CA HIS A 731 18.58 29.36 124.26
C HIS A 731 18.90 30.59 125.10
N GLY A 732 20.13 31.09 124.97
CA GLY A 732 20.63 32.17 125.81
C GLY A 732 21.55 31.67 126.91
N GLU A 733 21.43 30.38 127.24
CA GLU A 733 22.28 29.77 128.26
C GLU A 733 23.69 29.52 127.73
N PRO A 734 24.72 29.86 128.52
CA PRO A 734 26.09 29.62 128.09
C PRO A 734 26.47 28.14 128.15
N ILE A 735 27.28 27.68 127.19
CA ILE A 735 27.69 26.29 127.13
C ILE A 735 29.17 26.16 127.46
N PRO A 736 29.49 25.71 128.68
CA PRO A 736 30.89 25.42 129.02
C PRO A 736 31.38 24.13 128.38
N VAL A 737 32.54 24.19 127.74
CA VAL A 737 33.15 22.99 127.19
C VAL A 737 34.48 22.75 127.89
N THR A 738 34.51 21.76 128.78
CA THR A 738 35.73 21.41 129.49
C THR A 738 36.53 20.44 128.64
N VAL A 739 37.75 20.84 128.31
CA VAL A 739 38.61 20.04 127.45
C VAL A 739 39.91 19.73 128.19
N THR A 740 40.24 18.45 128.27
CA THR A 740 41.50 18.02 128.87
C THR A 740 42.38 17.40 127.79
N VAL A 741 43.44 18.11 127.42
CA VAL A 741 44.38 17.63 126.43
C VAL A 741 45.59 17.02 127.13
N THR A 742 45.77 15.70 126.96
CA THR A 742 46.90 15.01 127.56
C THR A 742 47.92 14.65 126.48
N ASN A 743 49.06 15.34 126.49
CA ASN A 743 50.05 15.18 125.43
C ASN A 743 51.18 14.26 125.87
N ASN A 744 51.14 13.03 125.34
CA ASN A 744 52.24 12.08 125.49
C ASN A 744 53.10 11.98 124.23
N THR A 745 52.72 12.69 123.17
CA THR A 745 53.43 12.57 121.90
C THR A 745 54.53 13.61 121.75
N ASP A 746 55.29 13.51 120.66
CA ASP A 746 56.48 14.33 120.46
C ASP A 746 56.18 15.74 119.94
N LYS A 747 55.03 15.90 119.28
CA LYS A 747 54.61 17.18 118.72
C LYS A 747 53.89 18.12 119.68
N VAL A 748 53.94 19.42 119.36
CA VAL A 748 53.29 20.44 120.17
C VAL A 748 51.95 20.86 119.54
N VAL A 749 50.95 21.12 120.40
CA VAL A 749 49.66 21.62 119.94
C VAL A 749 49.71 23.14 119.85
N LYS A 750 49.44 23.68 118.67
CA LYS A 750 49.55 25.12 118.44
C LYS A 750 48.38 25.87 119.07
N LYS A 751 47.17 25.41 118.79
CA LYS A 751 45.97 26.06 119.31
C LYS A 751 44.80 25.08 119.40
N ILE A 752 43.80 25.47 120.19
CA ILE A 752 42.60 24.67 120.40
C ILE A 752 41.37 25.48 120.05
N LYS A 753 40.52 24.92 119.19
CA LYS A 753 39.30 25.59 118.76
C LYS A 753 38.07 24.75 119.08
N VAL A 754 37.12 25.35 119.77
CA VAL A 754 35.84 24.71 120.06
C VAL A 754 34.76 25.31 119.16
N SER A 755 33.85 24.47 118.69
CA SER A 755 32.84 24.91 117.76
C SER A 755 31.48 24.27 118.01
N VAL A 756 30.45 25.10 118.11
CA VAL A 756 29.07 24.62 118.09
C VAL A 756 28.62 24.50 116.64
N GLU A 757 28.23 23.29 116.23
CA GLU A 757 27.82 23.06 114.85
C GLU A 757 26.37 22.58 114.78
N GLN A 758 25.63 23.14 113.82
CA GLN A 758 24.21 22.82 113.67
C GLN A 758 24.00 21.84 112.52
N ILE A 759 23.67 20.61 112.86
CA ILE A 759 23.30 19.61 111.87
C ILE A 759 21.84 19.82 111.47
N ALA A 760 21.60 20.08 110.20
CA ALA A 760 20.23 20.15 109.71
C ALA A 760 19.98 18.99 108.75
N ASN A 761 19.27 17.97 109.23
CA ASN A 761 19.01 16.78 108.44
C ASN A 761 17.69 16.95 107.72
N VAL A 762 17.77 17.17 106.41
CA VAL A 762 16.59 17.38 105.58
C VAL A 762 16.18 16.07 104.95
N VAL A 763 14.97 15.61 105.29
CA VAL A 763 14.41 14.43 104.65
C VAL A 763 13.14 14.81 103.88
N LEU A 764 13.25 14.85 102.56
CA LEU A 764 12.07 14.98 101.70
C LEU A 764 12.03 13.85 100.67
N TYR A 765 12.82 14.00 99.60
CA TYR A 765 13.02 12.91 98.64
C TYR A 765 14.26 12.09 98.99
N SER A 766 15.11 12.64 99.84
CA SER A 766 16.32 11.95 100.27
C SER A 766 16.87 12.52 101.57
N SER A 767 17.62 11.71 102.29
CA SER A 767 18.25 12.14 103.55
C SER A 767 19.54 12.91 103.26
N ASP A 768 19.57 14.17 103.70
CA ASP A 768 20.71 15.04 103.43
C ASP A 768 21.15 15.80 104.69
N TYR A 769 22.38 15.56 105.11
CA TYR A 769 22.96 16.25 106.27
C TYR A 769 23.72 17.49 105.82
N TYR A 770 23.45 18.62 106.48
CA TYR A 770 24.14 19.88 106.20
C TYR A 770 24.64 20.51 107.49
N VAL A 771 25.94 20.77 107.58
CA VAL A 771 26.55 21.29 108.79
C VAL A 771 27.11 22.71 108.61
N LYS A 772 26.51 23.67 109.29
CA LYS A 772 27.00 25.05 109.36
C LYS A 772 27.32 25.44 110.81
N PRO A 773 28.60 25.79 111.10
CA PRO A 773 28.91 26.15 112.50
C PRO A 773 28.21 27.42 112.97
N VAL A 774 27.44 27.30 114.05
CA VAL A 774 26.65 28.41 114.56
C VAL A 774 27.45 29.34 115.47
N ALA A 775 28.35 28.78 116.27
CA ALA A 775 29.20 29.57 117.16
C ALA A 775 30.52 28.85 117.41
N SER A 776 31.57 29.62 117.66
CA SER A 776 32.89 29.04 117.89
C SER A 776 33.78 29.95 118.74
N GLU A 777 34.63 29.32 119.54
CA GLU A 777 35.64 30.02 120.33
C GLU A 777 36.94 29.24 120.33
N GLU A 778 38.06 29.94 120.29
CA GLU A 778 39.37 29.30 120.22
C GLU A 778 40.39 29.96 121.14
N THR A 779 41.45 29.21 121.44
CA THR A 779 42.51 29.68 122.32
C THR A 779 43.88 29.28 121.77
N GLN A 780 44.87 30.13 122.03
CA GLN A 780 46.22 29.94 121.53
C GLN A 780 47.16 29.26 122.53
N GLU A 781 46.60 28.74 123.63
CA GLU A 781 47.39 28.05 124.63
C GLU A 781 48.11 26.82 124.07
N LYS A 782 49.43 26.81 124.16
CA LYS A 782 50.25 25.71 123.64
C LYS A 782 50.34 24.58 124.65
N VAL A 783 50.40 23.35 124.14
CA VAL A 783 50.58 22.17 124.97
C VAL A 783 51.84 21.42 124.57
N GLN A 784 52.84 21.43 125.45
CA GLN A 784 54.13 20.80 125.17
C GLN A 784 54.06 19.28 125.32
N PRO A 785 55.03 18.56 124.72
CA PRO A 785 55.16 17.11 124.92
C PRO A 785 55.36 16.73 126.38
N ASN A 786 54.79 15.59 126.78
CA ASN A 786 54.82 15.12 128.16
C ASN A 786 54.27 16.17 129.13
N SER A 787 53.23 16.88 128.69
CA SER A 787 52.61 17.93 129.51
C SER A 787 51.12 18.04 129.19
N THR A 788 50.31 18.27 130.23
CA THR A 788 48.84 18.31 130.09
C THR A 788 48.28 19.70 130.31
N LEU A 789 47.08 19.91 129.78
CA LEU A 789 46.36 21.17 129.97
C LEU A 789 44.86 20.93 130.10
N THR A 790 44.27 21.52 131.14
CA THR A 790 42.82 21.52 131.32
C THR A 790 42.30 22.93 131.09
N LYS A 791 41.36 23.08 130.16
CA LYS A 791 40.82 24.39 129.83
C LYS A 791 39.33 24.31 129.55
N THR A 792 38.55 25.18 130.18
CA THR A 792 37.11 25.26 129.93
C THR A 792 36.76 26.53 129.20
N LEU A 793 36.20 26.38 128.00
CA LEU A 793 35.82 27.52 127.17
C LEU A 793 34.31 27.58 126.98
N VAL A 794 33.75 28.77 127.21
CA VAL A 794 32.32 29.00 127.06
C VAL A 794 31.97 29.44 125.64
N LEU A 795 30.88 28.91 125.10
CA LEU A 795 30.38 29.30 123.79
C LEU A 795 28.95 29.82 123.89
N VAL A 796 28.62 30.78 123.03
CA VAL A 796 27.33 31.46 123.06
C VAL A 796 26.61 31.32 121.72
N PRO A 797 25.82 30.25 121.56
CA PRO A 797 25.12 29.99 120.30
C PRO A 797 23.88 30.87 120.14
N LEU A 798 24.09 32.08 119.64
CA LEU A 798 23.00 33.03 119.43
C LEU A 798 22.79 33.36 117.96
N LEU A 799 21.54 33.64 117.61
CA LEU A 799 21.16 33.97 116.24
C LEU A 799 21.68 35.34 115.83
N ALA A 800 21.66 36.29 116.76
CA ALA A 800 22.02 37.68 116.49
C ALA A 800 23.36 37.84 115.78
N ASN A 801 24.36 37.07 116.22
CA ASN A 801 25.66 37.05 115.56
C ASN A 801 25.58 36.40 114.18
N ASN A 802 24.70 35.42 114.06
CA ASN A 802 24.55 34.63 112.84
C ASN A 802 23.51 35.17 111.85
N ARG A 803 22.97 36.34 112.15
CA ARG A 803 22.05 37.01 111.24
C ARG A 803 22.77 37.37 109.93
N GLU A 804 21.98 37.50 108.87
CA GLU A 804 22.50 37.78 107.53
C GLU A 804 23.50 36.69 107.08
N ARG A 805 23.03 35.45 107.14
CA ARG A 805 23.78 34.28 106.68
C ARG A 805 22.88 33.36 105.84
N ARG A 806 23.46 32.28 105.35
CA ARG A 806 22.74 31.35 104.50
C ARG A 806 22.65 29.95 105.10
N GLY A 807 21.47 29.32 104.99
CA GLY A 807 21.29 27.94 105.38
C GLY A 807 21.18 27.64 106.85
N ILE A 808 21.00 28.67 107.67
CA ILE A 808 20.87 28.50 109.13
C ILE A 808 19.44 28.07 109.48
N ALA A 809 19.32 26.96 110.19
CA ALA A 809 18.00 26.46 110.58
C ALA A 809 17.42 27.25 111.74
N LEU A 810 16.21 27.74 111.55
CA LEU A 810 15.53 28.54 112.57
C LEU A 810 14.18 27.96 112.97
N ASP A 811 13.73 28.31 114.17
CA ASP A 811 12.35 28.03 114.58
C ASP A 811 11.40 28.90 113.77
N GLY A 812 10.25 28.34 113.43
CA GLY A 812 9.27 29.02 112.59
C GLY A 812 8.81 30.33 113.20
N LYS A 813 8.76 31.37 112.38
CA LYS A 813 8.30 32.66 112.87
C LYS A 813 6.86 32.89 112.43
N ILE A 814 6.01 33.24 113.40
CA ILE A 814 4.66 33.66 113.09
C ILE A 814 4.78 34.99 112.40
N LYS A 815 4.20 35.10 111.21
CA LYS A 815 4.39 36.28 110.39
C LYS A 815 5.86 36.54 110.15
N HIS A 816 6.26 37.76 110.44
CA HIS A 816 7.63 38.23 110.32
C HIS A 816 8.40 38.46 111.65
N GLU A 817 7.83 38.03 112.78
CA GLU A 817 8.41 38.30 114.10
C GLU A 817 9.78 37.66 114.35
N ASP A 818 10.54 38.23 115.30
CA ASP A 818 11.86 37.73 115.66
C ASP A 818 11.77 36.31 116.20
N THR A 819 12.72 35.46 115.81
CA THR A 819 12.72 34.06 116.21
C THR A 819 14.13 33.60 116.60
N ASN A 820 14.23 32.52 117.36
CA ASN A 820 15.52 32.00 117.77
C ASN A 820 15.99 30.82 116.90
N LEU A 821 17.21 30.35 117.15
CA LEU A 821 17.78 29.23 116.40
C LEU A 821 16.92 27.99 116.56
N ALA A 822 16.91 27.12 115.56
CA ALA A 822 16.04 25.95 115.55
C ALA A 822 16.29 25.04 116.75
N SER A 823 15.20 24.57 117.35
CA SER A 823 15.26 23.68 118.51
C SER A 823 15.64 22.27 118.07
N SER A 824 16.26 21.52 118.99
CA SER A 824 16.67 20.16 118.70
C SER A 824 15.45 19.25 118.61
N THR A 825 15.27 18.62 117.45
CA THR A 825 14.06 17.83 117.21
C THR A 825 14.18 16.44 117.81
N ILE A 826 13.22 16.09 118.66
CA ILE A 826 13.16 14.77 119.27
C ILE A 826 12.15 13.90 118.54
N ILE A 827 12.62 12.74 118.07
CA ILE A 827 11.78 11.76 117.41
C ILE A 827 11.26 10.74 118.42
N LYS A 828 10.01 10.31 118.27
CA LYS A 828 9.44 9.31 119.16
C LYS A 828 10.13 7.97 118.96
N GLU A 829 10.41 7.29 120.07
CA GLU A 829 11.13 6.03 120.03
C GLU A 829 10.28 4.90 119.48
N GLY A 830 10.85 4.11 118.57
CA GLY A 830 10.17 2.95 118.02
C GLY A 830 8.97 3.26 117.13
N ILE A 831 9.20 3.95 116.02
CA ILE A 831 8.12 4.26 115.07
C ILE A 831 8.33 3.60 113.70
N ASP A 832 7.21 3.35 113.02
CA ASP A 832 7.18 2.66 111.73
C ASP A 832 7.54 3.52 110.53
N ARG A 833 6.94 4.72 110.46
CA ARG A 833 7.15 5.64 109.35
C ARG A 833 8.40 6.49 109.56
N THR A 834 9.12 6.76 108.48
CA THR A 834 10.27 7.64 108.51
C THR A 834 9.80 9.09 108.61
N VAL A 835 10.41 9.87 109.50
CA VAL A 835 9.98 11.25 109.70
C VAL A 835 10.52 12.13 108.59
N MET A 836 9.60 12.70 107.81
CA MET A 836 9.97 13.59 106.71
C MET A 836 9.86 15.03 107.16
N GLY A 837 10.91 15.81 106.89
CA GLY A 837 10.97 17.19 107.28
C GLY A 837 12.39 17.65 107.56
N ILE A 838 12.52 18.82 108.20
CA ILE A 838 13.82 19.32 108.60
C ILE A 838 14.09 18.92 110.05
N LEU A 839 15.02 17.98 110.22
CA LEU A 839 15.36 17.44 111.54
C LEU A 839 16.69 18.01 112.00
N VAL A 840 16.66 18.79 113.07
CA VAL A 840 17.83 19.53 113.54
C VAL A 840 18.52 18.83 114.70
N SER A 841 19.85 18.90 114.72
CA SER A 841 20.66 18.35 115.79
C SER A 841 21.90 19.22 116.02
N TYR A 842 22.38 19.27 117.26
CA TYR A 842 23.56 20.05 117.59
C TYR A 842 24.67 19.17 118.17
N HIS A 843 25.91 19.62 118.02
CA HIS A 843 27.05 18.97 118.67
C HIS A 843 28.21 19.94 118.86
N ILE A 844 29.08 19.63 119.82
CA ILE A 844 30.28 20.40 120.07
C ILE A 844 31.50 19.74 119.44
N LYS A 845 32.09 20.42 118.47
CA LYS A 845 33.32 19.94 117.85
C LYS A 845 34.54 20.62 118.46
N VAL A 846 35.36 19.84 119.15
CA VAL A 846 36.62 20.35 119.68
C VAL A 846 37.70 20.09 118.67
N LYS A 847 38.18 21.15 118.02
CA LYS A 847 39.18 21.05 116.98
C LYS A 847 40.56 21.34 117.54
N LEU A 848 41.53 20.50 117.16
CA LEU A 848 42.91 20.68 117.56
C LEU A 848 43.80 20.95 116.36
N THR A 849 44.67 21.95 116.48
CA THR A 849 45.66 22.23 115.46
C THR A 849 47.04 21.86 115.98
N VAL A 850 47.62 20.82 115.39
CA VAL A 850 48.91 20.31 115.80
C VAL A 850 49.95 20.58 114.72
N SER A 851 51.19 20.82 115.14
CA SER A 851 52.30 21.02 114.20
C SER A 851 52.64 19.71 113.48
N GLY A 852 52.73 19.79 112.16
CA GLY A 852 52.99 18.64 111.33
C GLY A 852 54.40 18.12 111.53
N PHE A 853 54.58 16.82 111.33
CA PHE A 853 55.86 16.22 111.62
C PHE A 853 56.90 16.61 110.57
N LEU A 854 56.49 16.71 109.32
CA LEU A 854 57.39 17.08 108.22
C LEU A 854 57.94 18.49 108.36
N GLY A 855 57.04 19.43 108.65
CA GLY A 855 57.43 20.81 108.78
C GLY A 855 56.51 21.57 109.71
N GLU A 856 56.98 22.74 110.13
CA GLU A 856 56.22 23.64 110.98
C GLU A 856 54.96 24.11 110.26
N LEU A 857 55.10 24.42 108.98
CA LEU A 857 53.98 24.86 108.15
C LEU A 857 52.93 23.76 107.99
N THR A 858 53.40 22.54 107.79
CA THR A 858 52.53 21.37 107.77
C THR A 858 51.82 21.25 109.11
N SER A 859 50.55 20.87 109.07
CA SER A 859 49.77 20.71 110.29
C SER A 859 48.73 19.60 110.16
N SER A 860 48.39 19.01 111.30
CA SER A 860 47.41 17.92 111.35
C SER A 860 46.21 18.32 112.19
N GLU A 861 45.08 18.58 111.54
CA GLU A 861 43.85 18.97 112.23
C GLU A 861 43.12 17.74 112.73
N VAL A 862 42.95 17.68 114.05
CA VAL A 862 42.26 16.57 114.68
C VAL A 862 41.04 17.09 115.45
N ALA A 863 39.96 16.31 115.47
CA ALA A 863 38.75 16.73 116.15
C ALA A 863 37.86 15.56 116.56
N THR A 864 37.00 15.82 117.54
CA THR A 864 36.01 14.86 118.01
C THR A 864 34.70 15.58 118.31
N GLU A 865 33.60 14.86 118.23
CA GLU A 865 32.28 15.45 118.41
C GLU A 865 31.53 14.84 119.59
N VAL A 866 30.72 15.65 120.25
CA VAL A 866 29.79 15.16 121.27
C VAL A 866 28.44 15.84 121.09
N PRO A 867 27.35 15.07 121.14
CA PRO A 867 26.02 15.65 120.91
C PRO A 867 25.46 16.36 122.12
N PHE A 868 24.59 17.35 121.88
CA PHE A 868 23.84 18.01 122.95
C PHE A 868 22.56 18.61 122.38
N ARG A 869 21.60 18.90 123.26
CA ARG A 869 20.34 19.51 122.85
C ARG A 869 20.28 20.99 123.18
N LEU A 870 19.69 21.76 122.27
CA LEU A 870 19.37 23.17 122.51
C LEU A 870 17.89 23.38 122.20
N MET A 871 17.11 23.66 123.24
CA MET A 871 15.64 23.75 123.14
C MET A 871 15.06 24.88 124.00
N HIS A 872 13.78 25.18 123.78
CA HIS A 872 13.06 26.15 124.59
C HIS A 872 12.81 25.62 125.99
N PRO A 873 12.82 26.53 126.99
CA PRO A 873 12.45 26.14 128.35
C PRO A 873 10.92 26.03 128.50
N GLN A 874 10.48 25.13 129.38
CA GLN A 874 9.07 24.96 129.64
C GLN A 874 8.56 26.04 130.60
N PRO A 875 7.57 26.83 130.15
CA PRO A 875 7.06 27.97 130.93
C PRO A 875 6.16 27.59 132.11
N GLU A 876 5.95 28.52 133.02
CA GLU A 876 5.05 28.32 134.14
C GLU A 876 3.62 28.65 133.74
N ASN B 1 -32.84 5.66 83.52
CA ASN B 1 -33.36 4.57 84.34
C ASN B 1 -32.52 4.38 85.60
N ILE B 2 -32.58 3.19 86.21
CA ILE B 2 -31.82 2.92 87.44
C ILE B 2 -30.32 2.87 87.17
N PHE B 3 -29.94 2.20 86.09
CA PHE B 3 -28.54 2.07 85.71
C PHE B 3 -27.85 3.42 85.58
N GLU B 4 -28.52 4.34 84.90
CA GLU B 4 -27.95 5.66 84.65
C GLU B 4 -27.91 6.51 85.92
N MET B 5 -28.85 6.27 86.85
CA MET B 5 -28.82 6.92 88.16
C MET B 5 -27.57 6.60 88.96
N LEU B 6 -27.39 5.31 89.22
CA LEU B 6 -26.30 4.82 90.07
C LEU B 6 -24.94 5.02 89.40
N ARG B 7 -24.95 5.08 88.07
CA ARG B 7 -23.74 5.35 87.30
C ARG B 7 -23.27 6.77 87.56
N ILE B 8 -24.24 7.69 87.66
CA ILE B 8 -23.94 9.07 87.99
C ILE B 8 -23.62 9.24 89.48
N ASP B 9 -24.49 8.70 90.33
CA ASP B 9 -24.36 8.83 91.78
C ASP B 9 -23.16 8.08 92.40
N GLU B 10 -23.09 6.77 92.20
CA GLU B 10 -21.98 5.98 92.77
C GLU B 10 -20.68 6.05 91.96
N GLY B 11 -20.79 5.91 90.64
CA GLY B 11 -19.63 5.90 89.77
C GLY B 11 -19.12 4.50 89.48
N VAL B 56 -9.79 -5.81 87.52
CA VAL B 56 -10.25 -5.17 86.29
C VAL B 56 -11.39 -5.94 85.64
N ILE B 57 -12.48 -5.23 85.37
CA ILE B 57 -13.59 -5.79 84.60
C ILE B 57 -14.05 -4.76 83.57
N THR B 58 -14.73 -5.23 82.54
CA THR B 58 -15.23 -4.34 81.49
C THR B 58 -16.53 -3.71 81.96
N LYS B 59 -17.12 -2.83 81.15
CA LYS B 59 -18.34 -2.16 81.54
C LYS B 59 -19.50 -3.13 81.39
N ASP B 60 -19.34 -4.09 80.48
CA ASP B 60 -20.34 -5.13 80.26
C ASP B 60 -20.35 -6.14 81.42
N GLU B 61 -19.17 -6.42 81.98
CA GLU B 61 -19.03 -7.27 83.17
C GLU B 61 -19.34 -6.53 84.48
N ALA B 62 -19.08 -5.22 84.50
CA ALA B 62 -19.47 -4.38 85.64
C ALA B 62 -20.98 -4.20 85.69
N GLU B 63 -21.63 -4.23 84.52
CA GLU B 63 -23.08 -4.16 84.43
C GLU B 63 -23.75 -5.42 84.97
N LYS B 64 -23.10 -6.57 84.80
CA LYS B 64 -23.60 -7.85 85.32
C LYS B 64 -23.52 -7.92 86.85
N LEU B 65 -22.41 -7.42 87.40
CA LEU B 65 -22.21 -7.35 88.86
C LEU B 65 -23.19 -6.39 89.52
N PHE B 66 -23.59 -5.35 88.78
CA PHE B 66 -24.57 -4.39 89.26
C PHE B 66 -25.98 -4.96 89.30
N ASN B 67 -26.33 -5.74 88.27
CA ASN B 67 -27.65 -6.34 88.20
C ASN B 67 -27.88 -7.32 89.35
N GLN B 68 -26.84 -8.04 89.73
CA GLN B 68 -26.90 -8.97 90.87
C GLN B 68 -27.09 -8.20 92.17
N ASP B 69 -26.46 -7.04 92.27
CA ASP B 69 -26.59 -6.17 93.45
C ASP B 69 -28.00 -5.59 93.49
N VAL B 70 -28.54 -5.28 92.31
CA VAL B 70 -29.90 -4.76 92.19
C VAL B 70 -30.90 -5.89 92.44
N ASP B 71 -30.63 -7.08 91.91
CA ASP B 71 -31.46 -8.25 92.19
C ASP B 71 -31.44 -8.64 93.67
N ALA B 72 -30.32 -8.35 94.34
CA ALA B 72 -30.23 -8.60 95.78
C ALA B 72 -30.91 -7.49 96.58
N ALA B 73 -30.89 -6.28 96.04
CA ALA B 73 -31.55 -5.14 96.69
C ALA B 73 -33.07 -5.22 96.62
N VAL B 74 -33.60 -5.51 95.44
CA VAL B 74 -35.04 -5.69 95.23
C VAL B 74 -35.59 -6.90 96.00
N ARG B 75 -34.73 -7.90 96.19
CA ARG B 75 -35.08 -9.10 96.95
C ARG B 75 -35.21 -8.70 98.42
N GLY B 76 -34.26 -7.90 98.90
CA GLY B 76 -34.32 -7.36 100.25
C GLY B 76 -35.51 -6.45 100.51
N ILE B 77 -35.97 -5.76 99.48
CA ILE B 77 -37.14 -4.89 99.56
C ILE B 77 -38.46 -5.64 99.70
N LEU B 78 -38.73 -6.55 98.76
CA LEU B 78 -40.00 -7.27 98.73
C LEU B 78 -40.21 -8.20 99.93
N ARG B 79 -39.13 -8.82 100.39
CA ARG B 79 -39.21 -9.68 101.56
C ARG B 79 -39.39 -8.89 102.86
N ASN B 80 -38.84 -7.68 102.92
CA ASN B 80 -39.08 -6.80 104.05
C ASN B 80 -40.54 -6.34 104.01
N ALA B 81 -41.21 -6.35 105.17
CA ALA B 81 -42.65 -6.08 105.23
C ALA B 81 -43.02 -4.61 105.00
N LYS B 82 -42.11 -3.71 105.36
CA LYS B 82 -42.33 -2.27 105.22
C LYS B 82 -42.03 -1.73 103.81
N LEU B 83 -41.03 -2.32 103.16
CA LEU B 83 -40.53 -1.86 101.87
C LEU B 83 -41.38 -2.31 100.67
N LYS B 84 -41.99 -3.47 100.78
CA LYS B 84 -42.78 -4.05 99.68
C LYS B 84 -44.02 -3.22 99.28
N PRO B 85 -44.88 -2.82 100.24
CA PRO B 85 -46.07 -2.04 99.86
C PRO B 85 -45.71 -0.68 99.27
N VAL B 86 -44.58 -0.14 99.72
CA VAL B 86 -44.04 1.09 99.18
C VAL B 86 -43.62 0.86 97.73
N TYR B 87 -42.87 -0.22 97.52
CA TYR B 87 -42.40 -0.62 96.18
C TYR B 87 -43.56 -0.86 95.21
N ASP B 88 -44.64 -1.49 95.70
CA ASP B 88 -45.78 -1.80 94.84
C ASP B 88 -46.59 -0.58 94.45
N SER B 89 -46.76 0.35 95.37
CA SER B 89 -47.60 1.51 95.13
C SER B 89 -46.93 2.52 94.19
N LEU B 90 -45.62 2.70 94.36
CA LEU B 90 -44.85 3.68 93.58
C LEU B 90 -44.58 3.23 92.13
N ASP B 91 -44.49 4.21 91.22
CA ASP B 91 -44.28 3.93 89.79
C ASP B 91 -42.82 3.65 89.41
N ALA B 92 -42.59 3.38 88.13
CA ALA B 92 -41.29 2.95 87.60
C ALA B 92 -40.15 3.96 87.82
N VAL B 93 -40.48 5.25 87.81
CA VAL B 93 -39.49 6.29 88.04
C VAL B 93 -39.12 6.39 89.53
N ARG B 94 -40.13 6.36 90.40
CA ARG B 94 -39.89 6.41 91.86
C ARG B 94 -39.39 5.09 92.43
N ARG B 95 -39.63 3.98 91.74
CA ARG B 95 -39.09 2.68 92.13
C ARG B 95 -37.57 2.69 91.95
N ALA B 96 -37.10 3.41 90.94
CA ALA B 96 -35.67 3.60 90.69
C ALA B 96 -34.98 4.36 91.83
N ALA B 97 -35.70 5.29 92.45
CA ALA B 97 -35.21 6.03 93.60
C ALA B 97 -35.06 5.17 94.86
N LEU B 98 -36.01 4.28 95.10
CA LEU B 98 -35.99 3.42 96.29
C LEU B 98 -34.88 2.36 96.24
N ILE B 99 -34.64 1.79 95.07
CA ILE B 99 -33.55 0.83 94.88
C ILE B 99 -32.20 1.53 95.08
N ASN B 100 -32.13 2.80 94.70
CA ASN B 100 -30.94 3.61 94.95
C ASN B 100 -30.64 3.72 96.46
N MET B 101 -31.67 3.96 97.26
CA MET B 101 -31.53 4.05 98.71
C MET B 101 -31.15 2.71 99.36
N VAL B 102 -31.79 1.64 98.92
CA VAL B 102 -31.50 0.30 99.46
C VAL B 102 -30.10 -0.16 99.01
N PHE B 103 -29.71 0.20 97.78
CA PHE B 103 -28.35 -0.07 97.30
C PHE B 103 -27.34 0.72 98.12
N GLN B 104 -27.71 1.93 98.51
CA GLN B 104 -26.81 2.82 99.24
C GLN B 104 -26.68 2.53 100.74
N MET B 105 -27.81 2.48 101.45
CA MET B 105 -27.84 2.19 102.89
C MET B 105 -27.97 0.71 103.27
N GLY B 106 -28.71 -0.06 102.47
CA GLY B 106 -29.03 -1.45 102.76
C GLY B 106 -30.50 -1.69 103.09
N GLU B 107 -30.83 -2.92 103.47
CA GLU B 107 -32.21 -3.27 103.84
C GLU B 107 -32.63 -2.65 105.17
N THR B 108 -31.76 -2.80 106.17
CA THR B 108 -32.01 -2.30 107.51
C THR B 108 -31.92 -0.77 107.60
N GLY B 109 -31.16 -0.17 106.70
CA GLY B 109 -30.99 1.28 106.69
C GLY B 109 -32.22 2.04 106.22
N VAL B 110 -32.80 1.60 105.11
CA VAL B 110 -34.01 2.20 104.55
C VAL B 110 -35.22 1.90 105.43
N ALA B 111 -35.18 0.75 106.11
CA ALA B 111 -36.27 0.32 106.99
C ALA B 111 -36.45 1.21 108.22
N GLY B 112 -35.41 1.96 108.58
CA GLY B 112 -35.48 2.87 109.71
C GLY B 112 -36.36 4.09 109.48
N PHE B 113 -36.68 4.38 108.22
CA PHE B 113 -37.50 5.53 107.88
C PHE B 113 -38.96 5.09 107.90
N THR B 114 -39.71 5.59 108.89
CA THR B 114 -41.12 5.23 109.06
C THR B 114 -42.08 6.22 108.36
N ASN B 115 -41.96 7.51 108.68
CA ASN B 115 -42.88 8.51 108.11
C ASN B 115 -42.64 8.75 106.63
N SER B 116 -41.41 8.50 106.19
CA SER B 116 -41.07 8.66 104.79
C SER B 116 -41.79 7.60 103.94
N LEU B 117 -41.67 6.35 104.36
CA LEU B 117 -42.31 5.22 103.68
C LEU B 117 -43.83 5.29 103.82
N ARG B 118 -44.26 5.92 104.91
CA ARG B 118 -45.68 6.10 105.23
C ARG B 118 -46.35 7.10 104.28
N MET B 119 -45.73 8.27 104.14
CA MET B 119 -46.27 9.36 103.31
C MET B 119 -46.27 9.03 101.82
N LEU B 120 -45.35 8.17 101.38
CA LEU B 120 -45.28 7.73 99.98
C LEU B 120 -46.47 6.84 99.60
N GLN B 121 -46.97 6.07 100.56
CA GLN B 121 -48.19 5.27 100.39
C GLN B 121 -49.43 6.15 100.27
N GLN B 122 -49.43 7.23 101.03
CA GLN B 122 -50.56 8.14 101.09
C GLN B 122 -50.52 9.19 99.98
N LYS B 123 -49.52 9.05 99.10
CA LYS B 123 -49.30 10.00 98.00
C LYS B 123 -49.06 11.42 98.51
N ARG B 124 -48.35 11.53 99.63
CA ARG B 124 -47.87 12.83 100.08
C ARG B 124 -46.40 12.96 99.70
N TRP B 125 -46.17 13.64 98.58
CA TRP B 125 -44.83 13.80 98.01
C TRP B 125 -44.06 14.98 98.59
N ASP B 126 -44.76 16.03 98.99
CA ASP B 126 -44.12 17.22 99.55
C ASP B 126 -43.57 16.97 100.95
N GLU B 127 -44.37 16.34 101.79
CA GLU B 127 -44.00 16.12 103.19
C GLU B 127 -42.99 15.00 103.33
N ALA B 128 -43.01 14.06 102.38
CA ALA B 128 -42.05 12.96 102.36
C ALA B 128 -40.67 13.48 101.94
N ALA B 129 -40.66 14.54 101.12
CA ALA B 129 -39.43 15.15 100.65
C ALA B 129 -38.73 15.96 101.76
N VAL B 130 -39.52 16.65 102.58
CA VAL B 130 -39.00 17.38 103.74
C VAL B 130 -38.44 16.44 104.81
N ASN B 131 -39.07 15.27 104.98
CA ASN B 131 -38.62 14.27 105.94
C ASN B 131 -37.22 13.76 105.64
N LEU B 132 -36.98 13.43 104.37
CA LEU B 132 -35.69 12.95 103.91
C LEU B 132 -34.63 14.06 103.86
N ALA B 133 -35.06 15.29 103.63
CA ALA B 133 -34.14 16.43 103.54
C ALA B 133 -33.64 16.90 104.91
N LYS B 134 -34.47 16.76 105.93
CA LYS B 134 -34.10 17.18 107.30
C LYS B 134 -33.41 16.07 108.09
N SER B 135 -33.33 14.88 107.51
CA SER B 135 -32.70 13.75 108.16
C SER B 135 -31.17 13.80 108.04
N ARG B 136 -30.50 12.85 108.70
CA ARG B 136 -29.04 12.73 108.68
C ARG B 136 -28.49 12.30 107.32
N TRP B 137 -29.30 11.55 106.58
CA TRP B 137 -28.94 11.03 105.25
C TRP B 137 -28.62 12.17 104.28
N TYR B 138 -29.40 13.26 104.38
CA TYR B 138 -29.15 14.46 103.59
C TYR B 138 -27.89 15.18 104.07
N ASN B 139 -27.73 15.24 105.39
CA ASN B 139 -26.56 15.89 105.99
C ASN B 139 -25.28 15.16 105.67
N GLN B 140 -25.37 13.84 105.51
CA GLN B 140 -24.22 13.03 105.16
C GLN B 140 -23.75 13.25 103.72
N THR B 141 -24.66 13.09 102.76
CA THR B 141 -24.36 13.28 101.36
C THR B 141 -25.51 14.00 100.62
N PRO B 142 -25.57 15.34 100.72
CA PRO B 142 -26.67 16.11 100.12
C PRO B 142 -26.67 16.18 98.59
N ASN B 143 -25.53 15.93 97.95
CA ASN B 143 -25.47 15.85 96.48
C ASN B 143 -26.32 14.73 95.94
N ARG B 144 -26.05 13.51 96.42
CA ARG B 144 -26.81 12.34 96.04
C ARG B 144 -28.25 12.44 96.52
N ALA B 145 -28.41 12.85 97.76
CA ALA B 145 -29.72 12.91 98.41
C ALA B 145 -30.69 13.84 97.71
N LYS B 146 -30.25 15.08 97.44
CA LYS B 146 -31.13 16.10 96.88
C LYS B 146 -31.70 15.70 95.51
N ARG B 147 -30.92 14.94 94.74
CA ARG B 147 -31.36 14.44 93.45
C ARG B 147 -32.46 13.38 93.61
N VAL B 148 -32.31 12.54 94.63
CA VAL B 148 -33.30 11.51 94.95
C VAL B 148 -34.55 12.13 95.55
N ILE B 149 -34.35 13.18 96.34
CA ILE B 149 -35.45 13.90 96.99
C ILE B 149 -36.36 14.59 95.96
N THR B 150 -35.75 15.24 94.98
CA THR B 150 -36.52 15.93 93.93
C THR B 150 -37.34 14.94 93.07
N THR B 151 -36.84 13.70 92.93
CA THR B 151 -37.57 12.63 92.22
C THR B 151 -38.90 12.28 92.90
N PHE B 152 -38.91 12.18 94.22
CA PHE B 152 -40.13 11.93 94.97
C PHE B 152 -41.10 13.10 94.86
N ARG B 153 -40.56 14.31 94.92
CA ARG B 153 -41.34 15.54 94.88
C ARG B 153 -41.95 15.83 93.51
N THR B 154 -41.12 15.85 92.46
CA THR B 154 -41.59 16.12 91.10
C THR B 154 -42.14 14.90 90.37
N GLY B 155 -41.45 13.77 90.49
CA GLY B 155 -41.80 12.55 89.77
C GLY B 155 -41.31 12.44 88.33
N THR B 156 -40.16 13.04 88.06
CA THR B 156 -39.59 13.09 86.70
C THR B 156 -38.11 12.71 86.69
N TRP B 157 -37.53 12.67 85.49
CA TRP B 157 -36.10 12.44 85.31
C TRP B 157 -35.31 13.77 85.15
N ASP B 158 -35.97 14.90 85.43
CA ASP B 158 -35.35 16.23 85.38
C ASP B 158 -34.07 16.39 86.21
N ALA B 159 -34.02 15.72 87.38
CA ALA B 159 -32.87 15.76 88.26
C ALA B 159 -31.66 15.02 87.69
N TYR B 160 -31.92 13.88 87.05
CA TYR B 160 -30.89 13.02 86.47
C TYR B 160 -30.57 13.33 85.00
N MET B 161 -31.07 14.45 84.51
CA MET B 161 -30.75 14.92 83.16
C MET B 161 -29.24 15.17 83.02
N CYS B 162 -28.68 14.87 81.84
CA CYS B 162 -27.23 14.88 81.62
C CYS B 162 -26.67 16.29 81.60
N GLY B 163 -27.36 17.18 80.88
CA GLY B 163 -26.93 18.56 80.78
C GLY B 163 -28.11 19.52 80.71
N THR B 164 -27.80 20.81 80.80
CA THR B 164 -28.83 21.84 80.85
C THR B 164 -29.43 22.07 79.48
N GLU B 165 -30.75 21.86 79.36
CA GLU B 165 -31.41 21.99 78.07
C GLU B 165 -32.19 23.31 78.00
N GLY B 166 -31.66 24.25 77.24
CA GLY B 166 -32.31 25.52 76.99
C GLY B 166 -33.23 25.43 75.80
N PRO B 167 -33.98 26.50 75.49
CA PRO B 167 -34.83 26.49 74.31
C PRO B 167 -34.06 26.48 72.98
N ASN B 168 -33.06 27.35 72.87
CA ASN B 168 -32.26 27.49 71.65
C ASN B 168 -30.93 26.75 71.69
N PHE B 169 -30.68 26.05 72.78
CA PHE B 169 -29.37 25.43 72.98
C PHE B 169 -29.40 24.26 73.96
N TYR B 170 -28.30 23.50 73.95
CA TYR B 170 -28.05 22.49 74.98
C TYR B 170 -26.59 22.56 75.42
N VAL B 171 -26.38 22.77 76.72
CA VAL B 171 -25.03 22.75 77.28
C VAL B 171 -24.80 21.41 77.95
N PRO B 172 -23.71 20.72 77.61
CA PRO B 172 -23.39 19.44 78.24
C PRO B 172 -22.73 19.63 79.61
N PHE B 173 -23.49 20.18 80.56
CA PHE B 173 -23.01 20.38 81.91
C PHE B 173 -24.19 20.43 82.89
N SER B 174 -23.97 19.95 84.11
CA SER B 174 -25.03 19.94 85.13
C SER B 174 -25.18 21.30 85.78
N ASN B 175 -26.43 21.73 85.95
CA ASN B 175 -26.75 23.01 86.57
C ASN B 175 -26.97 22.93 88.08
N ALA B 176 -26.64 21.77 88.65
CA ALA B 176 -26.71 21.57 90.10
C ALA B 176 -25.94 22.63 90.88
N THR B 177 -24.73 22.93 90.42
CA THR B 177 -23.92 23.98 91.02
C THR B 177 -24.51 25.36 90.78
N GLY B 178 -25.25 25.51 89.69
CA GLY B 178 -25.94 26.76 89.42
C GLY B 178 -25.13 27.71 88.54
N VAL B 179 -24.00 27.22 88.02
CA VAL B 179 -23.09 28.05 87.25
C VAL B 179 -23.43 28.14 85.75
N VAL B 180 -24.33 27.28 85.28
CA VAL B 180 -24.62 27.17 83.86
C VAL B 180 -25.41 28.36 83.33
N ARG B 181 -24.91 28.95 82.24
CA ARG B 181 -25.54 30.10 81.60
C ARG B 181 -25.64 29.90 80.09
N SER B 182 -26.40 30.77 79.43
CA SER B 182 -26.62 30.69 77.98
C SER B 182 -25.32 30.93 77.19
N PRO B 183 -25.10 30.13 76.13
CA PRO B 183 -23.91 30.30 75.29
C PRO B 183 -23.97 31.57 74.44
N PHE B 184 -25.17 32.11 74.25
CA PHE B 184 -25.35 33.35 73.50
C PHE B 184 -24.96 34.60 74.31
N GLU B 185 -25.21 34.57 75.62
CA GLU B 185 -25.09 35.74 76.48
C GLU B 185 -23.79 35.76 77.31
N TYR B 186 -23.51 34.68 78.03
CA TYR B 186 -22.35 34.60 78.94
C TYR B 186 -21.24 33.66 78.47
N PRO B 187 -19.99 33.89 78.95
CA PRO B 187 -18.87 32.98 78.71
C PRO B 187 -19.08 31.56 79.22
N GLN B 188 -18.52 30.61 78.49
CA GLN B 188 -18.65 29.18 78.77
C GLN B 188 -17.42 28.52 79.43
N TYR B 189 -16.53 29.34 80.01
CA TYR B 189 -15.26 28.85 80.55
C TYR B 189 -15.38 27.79 81.66
N TYR B 190 -16.56 27.61 82.23
CA TYR B 190 -16.77 26.57 83.24
C TYR B 190 -16.74 25.14 82.67
N LEU B 191 -16.95 25.00 81.37
CA LEU B 191 -16.97 23.70 80.72
C LEU B 191 -15.60 23.02 80.74
N ALA B 192 -14.61 23.72 80.21
CA ALA B 192 -13.23 23.23 80.18
C ALA B 192 -12.29 24.37 80.49
N GLU B 193 -11.03 24.04 80.77
CA GLU B 193 -10.03 25.04 81.14
C GLU B 193 -9.84 26.05 80.00
N PRO B 194 -9.79 27.35 80.34
CA PRO B 194 -9.76 28.47 79.37
C PRO B 194 -8.68 28.39 78.27
N TRP B 195 -7.60 27.66 78.49
CA TRP B 195 -6.56 27.51 77.47
C TRP B 195 -7.03 26.74 76.24
N GLN B 196 -8.03 25.87 76.42
CA GLN B 196 -8.57 25.10 75.30
C GLN B 196 -9.42 25.96 74.36
N PHE B 197 -9.82 27.13 74.83
CA PHE B 197 -10.56 28.09 74.00
C PHE B 197 -9.63 28.81 73.04
N SER B 198 -8.51 29.28 73.57
CA SER B 198 -7.44 29.87 72.76
C SER B 198 -6.76 28.83 71.87
N MET B 199 -6.81 27.57 72.30
CA MET B 199 -6.35 26.45 71.48
C MET B 199 -7.22 26.29 70.24
N LEU B 200 -8.53 26.35 70.44
CA LEU B 200 -9.49 26.27 69.35
C LEU B 200 -9.36 27.50 68.44
N ALA B 201 -9.12 28.66 69.04
CA ALA B 201 -8.88 29.89 68.29
C ALA B 201 -7.65 29.75 67.39
N ALA B 202 -6.59 29.14 67.92
CA ALA B 202 -5.39 28.87 67.15
C ALA B 202 -5.64 27.83 66.07
N TYR B 203 -6.47 26.84 66.39
CA TYR B 203 -6.83 25.79 65.45
C TYR B 203 -7.71 26.33 64.32
N MET B 204 -8.69 27.17 64.67
CA MET B 204 -9.54 27.81 63.66
C MET B 204 -8.76 28.79 62.80
N PHE B 205 -7.75 29.44 63.40
CA PHE B 205 -6.86 30.33 62.66
C PHE B 205 -6.02 29.54 61.66
N LEU B 206 -5.55 28.38 62.09
CA LEU B 206 -4.75 27.52 61.24
C LEU B 206 -5.51 27.04 60.00
N LEU B 207 -6.78 26.71 60.18
CA LEU B 207 -7.63 26.28 59.07
C LEU B 207 -7.93 27.40 58.09
N ILE B 208 -7.94 28.64 58.58
CA ILE B 208 -8.12 29.81 57.72
C ILE B 208 -6.83 30.11 56.96
N VAL B 209 -5.70 30.00 57.65
CA VAL B 209 -4.39 30.22 57.05
C VAL B 209 -4.07 29.19 55.96
N LEU B 210 -4.31 27.92 56.25
CA LEU B 210 -4.06 26.85 55.28
C LEU B 210 -5.20 26.65 54.28
N GLY B 211 -6.43 26.68 54.77
CA GLY B 211 -7.59 26.34 53.97
C GLY B 211 -7.98 27.30 52.88
N PHE B 212 -7.98 28.59 53.21
CA PHE B 212 -8.45 29.60 52.26
C PHE B 212 -7.56 29.70 51.02
N PRO B 213 -6.22 29.81 51.19
CA PRO B 213 -5.39 29.91 49.98
C PRO B 213 -5.44 28.67 49.09
N ILE B 214 -5.40 27.48 49.68
CA ILE B 214 -5.41 26.24 48.91
C ILE B 214 -6.64 26.19 48.01
N ASN B 215 -7.79 26.51 48.59
CA ASN B 215 -9.03 26.55 47.83
C ASN B 215 -9.16 27.79 46.93
N PHE B 216 -8.62 28.92 47.38
CA PHE B 216 -8.67 30.15 46.59
C PHE B 216 -7.76 30.06 45.36
N LEU B 217 -6.60 29.43 45.54
CA LEU B 217 -5.68 29.20 44.42
C LEU B 217 -6.27 28.26 43.38
N THR B 218 -7.03 27.26 43.83
CA THR B 218 -7.70 26.32 42.92
C THR B 218 -8.60 27.05 41.91
N LEU B 219 -9.35 28.04 42.38
CA LEU B 219 -10.23 28.84 41.51
C LEU B 219 -9.49 29.94 40.73
N TYR B 220 -8.51 30.58 41.37
CA TYR B 220 -7.77 31.69 40.76
C TYR B 220 -6.99 31.23 39.52
N VAL B 221 -6.39 30.05 39.61
CA VAL B 221 -5.59 29.50 38.53
C VAL B 221 -6.45 29.10 37.32
N THR B 222 -7.64 28.57 37.59
CA THR B 222 -8.56 28.12 36.54
C THR B 222 -9.02 29.26 35.63
N VAL B 223 -9.08 30.47 36.20
CA VAL B 223 -9.40 31.66 35.43
C VAL B 223 -8.27 32.00 34.44
N GLN B 224 -7.04 31.86 34.90
CA GLN B 224 -5.86 32.13 34.09
C GLN B 224 -5.71 31.13 32.95
N HIS B 225 -5.65 29.85 33.31
CA HIS B 225 -5.43 28.78 32.35
C HIS B 225 -6.71 28.27 31.71
N LYS B 226 -6.77 28.33 30.39
CA LYS B 226 -7.89 27.78 29.63
C LYS B 226 -7.82 26.26 29.63
N LYS B 227 -6.64 25.73 29.92
CA LYS B 227 -6.40 24.29 29.96
C LYS B 227 -7.29 23.60 30.98
N LEU B 228 -7.49 24.24 32.12
CA LEU B 228 -8.26 23.65 33.22
C LEU B 228 -9.78 23.71 33.05
N ARG B 229 -10.25 24.43 32.03
CA ARG B 229 -11.69 24.58 31.89
C ARG B 229 -12.21 23.40 31.08
N THR B 230 -12.80 22.45 31.79
CA THR B 230 -13.28 21.21 31.21
C THR B 230 -14.47 20.75 32.03
N PRO B 231 -15.46 20.12 31.39
CA PRO B 231 -16.62 19.59 32.12
C PRO B 231 -16.27 18.69 33.33
N LEU B 232 -15.25 17.86 33.19
CA LEU B 232 -14.85 16.97 34.28
C LEU B 232 -14.32 17.72 35.48
N ASN B 233 -13.61 18.81 35.24
CA ASN B 233 -13.06 19.60 36.33
C ASN B 233 -14.07 20.47 37.09
N TYR B 234 -15.26 20.64 36.52
CA TYR B 234 -16.32 21.44 37.14
C TYR B 234 -16.70 20.92 38.53
N ILE B 235 -16.67 19.61 38.72
CA ILE B 235 -16.99 19.02 40.01
C ILE B 235 -15.86 19.25 41.02
N LEU B 236 -14.63 19.33 40.53
CA LEU B 236 -13.47 19.61 41.39
C LEU B 236 -13.42 21.09 41.75
N LEU B 237 -13.99 21.93 40.89
CA LEU B 237 -14.13 23.36 41.18
C LEU B 237 -15.20 23.59 42.24
N ASN B 238 -16.24 22.76 42.18
CA ASN B 238 -17.31 22.79 43.17
C ASN B 238 -16.80 22.45 44.58
N LEU B 239 -15.80 21.58 44.64
CA LEU B 239 -15.17 21.21 45.91
C LEU B 239 -14.43 22.38 46.55
N ALA B 240 -13.76 23.17 45.72
CA ALA B 240 -13.05 24.35 46.18
C ALA B 240 -14.02 25.40 46.75
N VAL B 241 -15.12 25.60 46.04
CA VAL B 241 -16.18 26.51 46.50
C VAL B 241 -16.84 25.99 47.78
N ALA B 242 -17.02 24.68 47.85
CA ALA B 242 -17.62 24.03 49.02
C ALA B 242 -16.76 24.23 50.26
N ASP B 243 -15.45 24.00 50.11
CA ASP B 243 -14.51 24.14 51.21
C ASP B 243 -14.35 25.61 51.63
N LEU B 244 -14.55 26.53 50.70
CA LEU B 244 -14.49 27.96 51.01
C LEU B 244 -15.65 28.44 51.88
N PHE B 245 -16.84 27.85 51.70
CA PHE B 245 -17.99 28.19 52.55
C PHE B 245 -17.73 27.81 54.01
N MET B 246 -16.99 26.73 54.22
CA MET B 246 -16.63 26.29 55.56
C MET B 246 -15.61 27.22 56.20
N VAL B 247 -14.64 27.68 55.41
CA VAL B 247 -13.61 28.59 55.89
C VAL B 247 -14.16 30.00 56.11
N LEU B 248 -14.78 30.55 55.07
CA LEU B 248 -15.25 31.93 55.09
C LEU B 248 -16.41 32.10 56.07
N GLY B 249 -17.47 31.32 55.89
CA GLY B 249 -18.62 31.41 56.77
C GLY B 249 -18.39 30.78 58.14
N GLY B 250 -17.97 29.53 58.15
CA GLY B 250 -17.80 28.78 59.38
C GLY B 250 -16.62 29.13 60.28
N PHE B 251 -15.41 28.99 59.75
CA PHE B 251 -14.21 29.05 60.58
C PHE B 251 -13.87 30.47 61.01
N THR B 252 -14.21 31.44 60.16
CA THR B 252 -13.94 32.85 60.45
C THR B 252 -14.78 33.34 61.63
N SER B 253 -16.05 32.95 61.63
CA SER B 253 -16.95 33.29 62.73
C SER B 253 -16.66 32.48 63.98
N THR B 254 -16.38 31.18 63.82
CA THR B 254 -16.02 30.31 64.93
C THR B 254 -14.75 30.78 65.62
N LEU B 255 -13.84 31.37 64.85
CA LEU B 255 -12.62 31.96 65.38
C LEU B 255 -12.93 33.13 66.31
N TYR B 256 -13.82 34.01 65.86
CA TYR B 256 -14.21 35.20 66.62
C TYR B 256 -14.93 34.83 67.92
N THR B 257 -15.69 33.74 67.89
CA THR B 257 -16.39 33.25 69.09
C THR B 257 -15.44 32.58 70.06
N SER B 258 -14.50 31.80 69.53
CA SER B 258 -13.50 31.13 70.34
C SER B 258 -12.56 32.11 71.03
N LEU B 259 -12.43 33.28 70.44
CA LEU B 259 -11.65 34.38 71.01
C LEU B 259 -12.28 34.84 72.33
N HIS B 260 -13.56 35.20 72.27
CA HIS B 260 -14.26 35.73 73.43
C HIS B 260 -14.66 34.65 74.44
N GLY B 261 -14.77 33.40 73.98
CA GLY B 261 -15.08 32.29 74.84
C GLY B 261 -16.52 31.78 74.75
N TYR B 262 -17.38 32.55 74.08
CA TYR B 262 -18.77 32.16 73.88
C TYR B 262 -19.29 32.60 72.50
N PHE B 263 -20.54 32.26 72.20
CA PHE B 263 -21.10 32.58 70.89
C PHE B 263 -21.70 33.98 70.95
N VAL B 264 -21.02 34.93 70.30
CA VAL B 264 -21.36 36.34 70.37
C VAL B 264 -22.51 36.70 69.43
N PHE B 265 -22.60 35.99 68.31
CA PHE B 265 -23.50 36.36 67.22
C PHE B 265 -24.97 36.01 67.47
N GLY B 266 -25.25 35.27 68.54
CA GLY B 266 -26.63 34.93 68.89
C GLY B 266 -27.23 33.80 68.08
N PRO B 267 -28.52 33.50 68.31
CA PRO B 267 -29.25 32.44 67.61
C PRO B 267 -29.32 32.62 66.08
N THR B 268 -29.45 33.86 65.63
CA THR B 268 -29.48 34.18 64.20
C THR B 268 -28.13 33.84 63.57
N GLY B 269 -27.06 34.21 64.26
CA GLY B 269 -25.71 33.90 63.82
C GLY B 269 -25.39 32.42 63.88
N CYS B 270 -25.98 31.73 64.84
CA CYS B 270 -25.78 30.29 65.01
C CYS B 270 -26.42 29.51 63.86
N ASN B 271 -27.56 30.02 63.36
CA ASN B 271 -28.25 29.41 62.23
C ASN B 271 -27.46 29.56 60.93
N LEU B 272 -26.96 30.76 60.67
CA LEU B 272 -26.21 31.04 59.43
C LEU B 272 -24.84 30.37 59.42
N GLN B 273 -24.17 30.34 60.57
CA GLN B 273 -22.89 29.63 60.68
C GLN B 273 -23.09 28.14 60.50
N GLY B 274 -24.14 27.60 61.16
CA GLY B 274 -24.47 26.21 61.03
C GLY B 274 -24.90 25.84 59.62
N PHE B 275 -25.55 26.78 58.94
CA PHE B 275 -25.99 26.57 57.56
C PHE B 275 -24.82 26.43 56.59
N PHE B 276 -23.93 27.42 56.58
CA PHE B 276 -22.80 27.45 55.66
C PHE B 276 -21.79 26.32 55.95
N ALA B 277 -21.60 25.99 57.22
CA ALA B 277 -20.70 24.92 57.62
C ALA B 277 -21.24 23.55 57.18
N THR B 278 -22.54 23.37 57.29
CA THR B 278 -23.21 22.13 56.84
C THR B 278 -23.28 22.10 55.31
N LEU B 279 -23.67 23.22 54.72
CA LEU B 279 -23.77 23.34 53.27
C LEU B 279 -22.41 23.09 52.63
N GLY B 280 -21.39 23.81 53.10
CA GLY B 280 -20.04 23.66 52.61
C GLY B 280 -19.48 22.26 52.78
N GLY B 281 -19.90 21.58 53.84
CA GLY B 281 -19.52 20.19 54.06
C GLY B 281 -20.27 19.23 53.18
N GLU B 282 -21.57 19.46 52.99
CA GLU B 282 -22.41 18.55 52.20
C GLU B 282 -22.17 18.69 50.71
N ILE B 283 -21.86 19.90 50.24
CA ILE B 283 -21.48 20.09 48.85
C ILE B 283 -20.16 19.37 48.60
N ALA B 284 -19.22 19.52 49.53
CA ALA B 284 -17.93 18.84 49.44
C ALA B 284 -18.08 17.32 49.44
N LEU B 285 -19.06 16.83 50.19
CA LEU B 285 -19.35 15.40 50.26
C LEU B 285 -19.80 14.85 48.91
N TRP B 286 -20.90 15.41 48.40
CA TRP B 286 -21.49 14.91 47.16
C TRP B 286 -20.65 15.24 45.92
N SER B 287 -19.74 16.20 46.06
CA SER B 287 -18.79 16.49 44.99
C SER B 287 -17.90 15.27 44.74
N LEU B 288 -17.43 14.67 45.82
CA LEU B 288 -16.57 13.49 45.74
C LEU B 288 -17.32 12.24 45.28
N VAL B 289 -18.62 12.21 45.55
CA VAL B 289 -19.48 11.13 45.05
C VAL B 289 -19.64 11.25 43.53
N VAL B 290 -20.03 12.44 43.08
CA VAL B 290 -20.20 12.70 41.65
C VAL B 290 -18.87 12.53 40.91
N LEU B 291 -17.78 12.96 41.55
CA LEU B 291 -16.44 12.79 41.01
C LEU B 291 -16.09 11.31 40.81
N ALA B 292 -16.43 10.49 41.81
CA ALA B 292 -16.21 9.05 41.75
C ALA B 292 -17.03 8.40 40.64
N ILE B 293 -18.28 8.83 40.49
CA ILE B 293 -19.15 8.33 39.43
C ILE B 293 -18.63 8.78 38.06
N GLU B 294 -18.28 10.06 37.96
CA GLU B 294 -17.77 10.63 36.70
C GLU B 294 -16.47 9.95 36.25
N ARG B 295 -15.53 9.76 37.18
CA ARG B 295 -14.26 9.12 36.87
C ARG B 295 -14.42 7.65 36.48
N TYR B 296 -15.42 6.98 37.08
CA TYR B 296 -15.67 5.58 36.78
C TYR B 296 -16.23 5.36 35.38
N VAL B 297 -17.23 6.15 35.01
CA VAL B 297 -17.90 6.00 33.72
C VAL B 297 -17.05 6.47 32.53
N VAL B 298 -16.38 7.61 32.69
CA VAL B 298 -15.60 8.22 31.62
C VAL B 298 -14.41 7.36 31.18
N VAL B 299 -13.68 6.82 32.15
CA VAL B 299 -12.49 6.02 31.86
C VAL B 299 -12.87 4.65 31.28
N CYS B 300 -13.80 3.97 31.96
CA CYS B 300 -14.19 2.60 31.61
C CYS B 300 -14.80 2.52 30.22
N LYS B 301 -15.71 3.44 29.90
CA LYS B 301 -16.31 3.54 28.58
C LYS B 301 -15.86 4.81 27.88
N PRO B 302 -15.04 4.68 26.83
CA PRO B 302 -14.48 5.85 26.14
C PRO B 302 -15.52 6.66 25.38
N MET B 303 -16.67 6.06 25.09
CA MET B 303 -17.76 6.75 24.41
C MET B 303 -18.32 7.87 25.29
N SER B 304 -18.34 7.63 26.60
CA SER B 304 -18.95 8.56 27.55
C SER B 304 -18.21 9.88 27.75
N ASN B 305 -16.91 9.89 27.48
CA ASN B 305 -16.13 11.13 27.58
C ASN B 305 -16.63 12.17 26.60
N PHE B 306 -16.90 11.70 25.39
CA PHE B 306 -17.47 12.50 24.34
C PHE B 306 -18.88 12.97 24.71
N ARG B 307 -19.65 12.04 25.25
CA ARG B 307 -21.00 12.33 25.70
C ARG B 307 -21.01 13.26 26.90
N PHE B 308 -19.86 13.39 27.57
CA PHE B 308 -19.85 14.16 28.80
C PHE B 308 -19.64 15.60 28.39
N GLY B 309 -20.75 16.33 28.35
CA GLY B 309 -20.72 17.70 27.92
C GLY B 309 -20.93 18.56 29.13
N GLU B 310 -20.97 19.87 28.92
CA GLU B 310 -21.15 20.81 30.01
C GLU B 310 -22.48 20.59 30.71
N ASN B 311 -23.48 20.14 29.95
CA ASN B 311 -24.78 19.79 30.51
C ASN B 311 -24.69 18.65 31.52
N HIS B 312 -23.89 17.63 31.18
CA HIS B 312 -23.71 16.48 32.05
C HIS B 312 -22.91 16.86 33.29
N ALA B 313 -21.98 17.79 33.12
CA ALA B 313 -21.17 18.29 34.23
C ALA B 313 -21.98 19.19 35.16
N ILE B 314 -22.76 20.10 34.59
CA ILE B 314 -23.63 20.99 35.34
C ILE B 314 -24.66 20.22 36.16
N MET B 315 -25.24 19.17 35.57
CA MET B 315 -26.17 18.29 36.27
C MET B 315 -25.53 17.63 37.49
N GLY B 316 -24.24 17.33 37.40
CA GLY B 316 -23.50 16.78 38.51
C GLY B 316 -23.27 17.80 39.62
N VAL B 317 -22.92 19.03 39.23
CA VAL B 317 -22.67 20.11 40.18
C VAL B 317 -23.98 20.61 40.81
N ALA B 318 -25.05 20.64 40.00
CA ALA B 318 -26.37 21.05 40.48
C ALA B 318 -26.94 20.04 41.48
N PHE B 319 -26.87 18.75 41.13
CA PHE B 319 -27.29 17.67 42.01
C PHE B 319 -26.62 17.76 43.38
N THR B 320 -25.35 18.14 43.37
CA THR B 320 -24.58 18.33 44.59
C THR B 320 -25.22 19.39 45.51
N TRP B 321 -25.54 20.54 44.92
CA TRP B 321 -26.16 21.63 45.67
C TRP B 321 -27.58 21.29 46.13
N VAL B 322 -28.28 20.48 45.35
CA VAL B 322 -29.63 20.04 45.71
C VAL B 322 -29.61 19.13 46.93
N MET B 323 -28.73 18.12 46.89
CA MET B 323 -28.56 17.21 48.01
C MET B 323 -27.97 17.92 49.24
N ALA B 324 -27.16 18.94 48.98
CA ALA B 324 -26.59 19.73 50.06
C ALA B 324 -27.67 20.52 50.81
N LEU B 325 -28.57 21.15 50.06
CA LEU B 325 -29.69 21.88 50.64
C LEU B 325 -30.71 20.96 51.29
N ALA B 326 -30.75 19.70 50.85
CA ALA B 326 -31.61 18.69 51.47
C ALA B 326 -31.20 18.44 52.92
N CYS B 327 -29.90 18.52 53.18
CA CYS B 327 -29.37 18.45 54.54
C CYS B 327 -29.38 19.80 55.28
N ALA B 328 -29.01 20.87 54.58
CA ALA B 328 -28.74 22.16 55.21
C ALA B 328 -29.99 22.99 55.51
N ALA B 329 -30.98 22.95 54.64
CA ALA B 329 -32.21 23.73 54.81
C ALA B 329 -33.18 23.28 55.93
N PRO B 330 -33.46 21.96 56.08
CA PRO B 330 -34.45 21.56 57.09
C PRO B 330 -34.19 21.96 58.56
N PRO B 331 -32.92 21.99 59.04
CA PRO B 331 -32.71 22.52 60.40
C PRO B 331 -33.19 23.96 60.58
N LEU B 332 -33.11 24.75 59.51
CA LEU B 332 -33.66 26.10 59.50
C LEU B 332 -35.19 26.06 59.47
N ALA B 333 -35.73 25.15 58.66
CA ALA B 333 -37.16 24.98 58.50
C ALA B 333 -37.84 24.40 59.74
N GLY B 334 -37.04 23.79 60.63
CA GLY B 334 -37.54 23.18 61.86
C GLY B 334 -37.38 21.68 62.02
N TRP B 335 -37.06 20.95 60.96
CA TRP B 335 -36.69 19.54 61.10
C TRP B 335 -35.25 19.46 61.58
N SER B 336 -35.08 18.92 62.79
CA SER B 336 -33.91 19.14 63.64
C SER B 336 -33.66 20.63 63.87
N ARG B 337 -32.39 21.05 64.00
CA ARG B 337 -32.04 22.44 64.30
C ARG B 337 -30.53 22.69 64.36
N TYR B 338 -30.15 23.97 64.32
CA TYR B 338 -28.77 24.42 64.48
C TYR B 338 -28.56 24.98 65.87
N ILE B 339 -27.67 24.35 66.64
CA ILE B 339 -27.35 24.77 68.00
C ILE B 339 -25.83 24.77 68.23
N PRO B 340 -25.35 25.50 69.25
CA PRO B 340 -23.93 25.41 69.56
C PRO B 340 -23.54 24.00 70.01
N GLU B 341 -22.47 23.45 69.42
CA GLU B 341 -22.04 22.09 69.73
C GLU B 341 -20.70 22.12 70.46
N GLY B 342 -20.45 21.12 71.29
CA GLY B 342 -19.21 21.03 72.03
C GLY B 342 -19.04 22.10 73.09
N LEU B 343 -18.01 22.93 72.91
CA LEU B 343 -17.71 24.03 73.81
C LEU B 343 -18.61 25.24 73.58
N GLN B 344 -19.56 25.08 72.66
CA GLN B 344 -20.60 26.07 72.33
C GLN B 344 -20.07 27.36 71.69
N CYS B 345 -18.87 27.30 71.14
CA CYS B 345 -18.36 28.39 70.30
C CYS B 345 -18.60 28.12 68.82
N SER B 346 -18.97 26.88 68.50
CA SER B 346 -19.18 26.45 67.13
C SER B 346 -20.58 25.85 67.02
N CYS B 347 -21.31 26.27 66.00
CA CYS B 347 -22.68 25.78 65.79
C CYS B 347 -22.76 24.71 64.70
N GLY B 348 -23.61 23.71 64.92
CA GLY B 348 -23.82 22.63 63.98
C GLY B 348 -25.18 21.99 64.18
N ILE B 349 -25.51 21.00 63.35
CA ILE B 349 -26.78 20.28 63.46
C ILE B 349 -26.90 19.57 64.79
N ASP B 350 -28.13 19.39 65.27
CA ASP B 350 -28.32 18.78 66.57
C ASP B 350 -28.49 17.27 66.39
N TYR B 351 -27.38 16.54 66.52
CA TYR B 351 -27.36 15.08 66.49
C TYR B 351 -27.38 14.49 67.88
N TYR B 352 -27.14 15.38 68.82
CA TYR B 352 -26.86 15.03 70.19
C TYR B 352 -28.11 14.85 71.05
N THR B 353 -28.90 15.93 71.14
CA THR B 353 -30.13 15.96 71.91
C THR B 353 -31.30 15.32 71.17
N LEU B 354 -32.10 14.53 71.90
CA LEU B 354 -33.35 14.03 71.33
C LEU B 354 -34.46 15.01 71.69
N LYS B 355 -34.88 15.77 70.69
CA LYS B 355 -35.94 16.76 70.82
C LYS B 355 -37.11 16.33 69.94
N PRO B 356 -38.22 15.92 70.56
CA PRO B 356 -39.37 15.39 69.80
C PRO B 356 -40.09 16.47 69.00
N GLU B 357 -39.90 17.73 69.34
CA GLU B 357 -40.52 18.81 68.59
C GLU B 357 -39.93 18.87 67.19
N VAL B 358 -38.60 18.93 67.11
CA VAL B 358 -37.92 19.02 65.82
C VAL B 358 -37.66 17.64 65.18
N ASN B 359 -37.93 16.57 65.93
CA ASN B 359 -37.71 15.19 65.48
C ASN B 359 -36.28 14.93 65.03
N ASN B 360 -35.34 15.03 65.96
CA ASN B 360 -33.95 14.67 65.72
C ASN B 360 -33.75 13.19 65.42
N GLU B 361 -34.69 12.38 65.87
CA GLU B 361 -34.65 10.93 65.69
C GLU B 361 -34.59 10.53 64.21
N SER B 362 -35.51 11.09 63.43
CA SER B 362 -35.59 10.79 62.00
C SER B 362 -34.50 11.47 61.20
N PHE B 363 -34.12 12.67 61.62
CA PHE B 363 -33.14 13.46 60.89
C PHE B 363 -31.77 12.79 60.94
N VAL B 364 -31.44 12.20 62.08
CA VAL B 364 -30.17 11.50 62.23
C VAL B 364 -30.16 10.21 61.41
N ILE B 365 -31.30 9.51 61.38
CA ILE B 365 -31.45 8.32 60.54
C ILE B 365 -31.38 8.71 59.06
N TYR B 366 -32.05 9.80 58.70
CA TYR B 366 -32.00 10.37 57.36
C TYR B 366 -30.58 10.74 56.99
N MET B 367 -29.86 11.34 57.93
CA MET B 367 -28.45 11.69 57.76
C MET B 367 -27.59 10.44 57.60
N PHE B 368 -27.81 9.45 58.45
CA PHE B 368 -26.99 8.24 58.46
C PHE B 368 -27.15 7.39 57.20
N VAL B 369 -28.39 7.24 56.74
CA VAL B 369 -28.68 6.42 55.56
C VAL B 369 -28.49 7.13 54.22
N VAL B 370 -29.06 8.32 54.06
CA VAL B 370 -28.98 9.06 52.80
C VAL B 370 -27.65 9.79 52.63
N HIS B 371 -27.25 10.52 53.67
CA HIS B 371 -26.11 11.43 53.62
C HIS B 371 -24.81 10.87 54.18
N PHE B 372 -24.79 9.58 54.50
CA PHE B 372 -23.54 8.91 54.89
C PHE B 372 -23.35 7.58 54.17
N THR B 373 -24.25 6.63 54.43
CA THR B 373 -24.12 5.26 53.92
C THR B 373 -24.11 5.16 52.39
N ILE B 374 -24.98 5.92 51.73
CA ILE B 374 -25.06 5.89 50.27
C ILE B 374 -23.83 6.54 49.61
N PRO B 375 -23.38 7.70 50.09
CA PRO B 375 -22.08 8.18 49.59
C PRO B 375 -20.91 7.22 49.87
N MET B 376 -20.98 6.51 50.99
CA MET B 376 -19.93 5.56 51.37
C MET B 376 -19.94 4.35 50.44
N ILE B 377 -21.13 3.86 50.10
CA ILE B 377 -21.28 2.73 49.17
C ILE B 377 -20.87 3.10 47.75
N ILE B 378 -21.38 4.22 47.25
CA ILE B 378 -21.13 4.66 45.88
C ILE B 378 -19.65 4.93 45.62
N ILE B 379 -19.01 5.66 46.51
CA ILE B 379 -17.59 5.99 46.36
C ILE B 379 -16.72 4.74 46.37
N PHE B 380 -16.98 3.84 47.31
CA PHE B 380 -16.24 2.58 47.38
C PHE B 380 -16.56 1.65 46.21
N PHE B 381 -17.79 1.76 45.70
CA PHE B 381 -18.20 0.97 44.53
C PHE B 381 -17.54 1.49 43.26
N CYS B 382 -17.59 2.80 43.06
CA CYS B 382 -17.05 3.44 41.87
C CYS B 382 -15.54 3.25 41.76
N TYR B 383 -14.81 3.70 42.77
CA TYR B 383 -13.36 3.55 42.80
C TYR B 383 -12.93 2.09 42.96
N GLY B 384 -13.78 1.27 43.58
CA GLY B 384 -13.53 -0.15 43.71
C GLY B 384 -13.63 -0.92 42.40
N GLN B 385 -14.70 -0.67 41.65
CA GLN B 385 -14.89 -1.28 40.34
C GLN B 385 -13.91 -0.70 39.32
N LEU B 386 -13.44 0.51 39.58
CA LEU B 386 -12.45 1.15 38.72
C LEU B 386 -11.12 0.41 38.74
N VAL B 387 -10.66 0.04 39.94
CA VAL B 387 -9.44 -0.74 40.11
C VAL B 387 -9.62 -2.16 39.57
N PHE B 388 -10.81 -2.71 39.77
CA PHE B 388 -11.15 -4.04 39.25
C PHE B 388 -11.02 -4.11 37.72
N THR B 389 -11.44 -3.03 37.06
CA THR B 389 -11.35 -2.92 35.61
C THR B 389 -9.90 -2.75 35.16
N VAL B 390 -9.15 -1.92 35.88
CA VAL B 390 -7.75 -1.65 35.55
C VAL B 390 -6.85 -2.88 35.81
N LYS B 391 -7.15 -3.62 36.88
CA LYS B 391 -6.41 -4.84 37.20
C LYS B 391 -6.58 -5.92 36.12
N GLU B 392 -7.78 -6.02 35.55
CA GLU B 392 -8.04 -6.94 34.45
C GLU B 392 -7.31 -6.52 33.20
N ALA B 393 -7.32 -5.21 32.92
CA ALA B 393 -6.72 -4.65 31.73
C ALA B 393 -5.19 -4.75 31.76
N ALA B 394 -4.61 -4.48 32.93
CA ALA B 394 -3.16 -4.59 33.09
C ALA B 394 -2.72 -6.06 33.04
N ALA B 395 -3.60 -6.96 33.46
CA ALA B 395 -3.34 -8.40 33.41
C ALA B 395 -3.37 -8.92 31.97
N GLN B 396 -4.21 -8.33 31.14
CA GLN B 396 -4.28 -8.69 29.72
C GLN B 396 -2.98 -8.34 29.01
N GLN B 397 -2.60 -7.06 29.07
CA GLN B 397 -1.32 -6.64 28.51
C GLN B 397 -0.32 -6.38 29.61
N GLN B 398 0.55 -7.36 29.81
CA GLN B 398 1.62 -7.28 30.77
C GLN B 398 2.89 -6.80 30.09
N GLU B 399 2.83 -6.76 28.76
CA GLU B 399 3.97 -6.39 27.94
C GLU B 399 4.22 -4.89 28.05
N SER B 400 3.13 -4.13 28.07
CA SER B 400 3.23 -2.68 28.16
C SER B 400 3.53 -2.30 29.60
N ALA B 401 4.70 -1.71 29.81
CA ALA B 401 5.16 -1.33 31.14
C ALA B 401 4.50 -0.03 31.59
N THR B 402 4.03 0.74 30.61
CA THR B 402 3.35 2.00 30.90
C THR B 402 2.01 1.75 31.60
N THR B 403 1.34 0.68 31.20
CA THR B 403 0.06 0.28 31.81
C THR B 403 0.20 -0.30 33.23
N GLN B 404 1.39 -0.82 33.55
CA GLN B 404 1.63 -1.41 34.86
C GLN B 404 1.82 -0.38 35.98
N LYS B 405 2.62 0.65 35.72
CA LYS B 405 2.88 1.70 36.71
C LYS B 405 1.66 2.59 36.94
N ALA B 406 0.77 2.67 35.95
CA ALA B 406 -0.48 3.39 36.10
C ALA B 406 -1.36 2.70 37.15
N GLU B 407 -1.50 1.38 37.03
CA GLU B 407 -2.23 0.56 38.00
C GLU B 407 -1.69 0.76 39.42
N LYS B 408 -0.38 0.95 39.50
CA LYS B 408 0.28 1.25 40.77
C LYS B 408 -0.17 2.60 41.32
N GLU B 409 -0.16 3.62 40.47
CA GLU B 409 -0.62 4.96 40.86
C GLU B 409 -2.12 5.03 41.15
N VAL B 410 -2.90 4.24 40.44
CA VAL B 410 -4.33 4.18 40.68
C VAL B 410 -4.63 3.59 42.06
N THR B 411 -4.13 2.38 42.31
CA THR B 411 -4.36 1.67 43.57
C THR B 411 -3.87 2.47 44.77
N ARG B 412 -2.76 3.17 44.59
CA ARG B 412 -2.18 4.00 45.63
C ARG B 412 -3.13 5.12 46.02
N MET B 413 -3.58 5.89 45.04
CA MET B 413 -4.46 7.03 45.25
C MET B 413 -5.88 6.66 45.71
N VAL B 414 -6.40 5.54 45.22
CA VAL B 414 -7.73 5.07 45.62
C VAL B 414 -7.79 4.74 47.11
N ILE B 415 -6.76 4.06 47.60
CA ILE B 415 -6.65 3.76 49.03
C ILE B 415 -6.60 5.05 49.85
N ILE B 416 -5.93 6.07 49.31
CA ILE B 416 -5.89 7.39 49.96
C ILE B 416 -7.27 8.07 49.94
N TYR B 417 -8.00 7.90 48.83
CA TYR B 417 -9.36 8.42 48.72
C TYR B 417 -10.29 7.75 49.74
N VAL B 418 -10.08 6.46 49.97
CA VAL B 418 -10.86 5.72 50.97
C VAL B 418 -10.56 6.22 52.38
N ILE B 419 -9.27 6.28 52.73
CA ILE B 419 -8.83 6.74 54.04
C ILE B 419 -9.25 8.19 54.31
N ALA B 420 -9.10 9.05 53.31
CA ALA B 420 -9.50 10.46 53.42
C ALA B 420 -10.99 10.59 53.71
N PHE B 421 -11.80 9.76 53.04
CA PHE B 421 -13.23 9.74 53.26
C PHE B 421 -13.58 9.18 54.64
N LEU B 422 -12.87 8.11 55.03
CA LEU B 422 -13.12 7.46 56.31
C LEU B 422 -12.73 8.33 57.50
N ILE B 423 -11.55 8.94 57.43
CA ILE B 423 -11.10 9.83 58.50
C ILE B 423 -12.07 11.00 58.68
N CYS B 424 -12.63 11.48 57.58
CA CYS B 424 -13.53 12.64 57.57
C CYS B 424 -14.93 12.38 58.17
N TRP B 425 -15.65 11.40 57.63
CA TRP B 425 -17.05 11.17 58.02
C TRP B 425 -17.37 10.07 59.03
N VAL B 426 -16.43 9.16 59.32
CA VAL B 426 -16.65 8.10 60.31
C VAL B 426 -16.76 8.61 61.76
N PRO B 427 -15.93 9.60 62.16
CA PRO B 427 -16.08 10.16 63.52
C PRO B 427 -17.49 10.64 63.84
N TYR B 428 -18.13 11.34 62.91
CA TYR B 428 -19.52 11.76 63.09
C TYR B 428 -20.44 10.56 63.12
N ALA B 429 -20.18 9.61 62.23
CA ALA B 429 -20.97 8.38 62.15
C ALA B 429 -20.81 7.54 63.42
N SER B 430 -19.61 7.57 63.99
CA SER B 430 -19.34 6.85 65.23
C SER B 430 -19.99 7.52 66.43
N VAL B 431 -19.76 8.83 66.56
CA VAL B 431 -20.23 9.60 67.71
C VAL B 431 -21.75 9.71 67.77
N ALA B 432 -22.35 10.19 66.68
CA ALA B 432 -23.81 10.38 66.61
C ALA B 432 -24.58 9.07 66.79
N PHE B 433 -24.01 7.97 66.32
CA PHE B 433 -24.60 6.64 66.50
C PHE B 433 -24.48 6.15 67.94
N TYR B 434 -23.32 6.39 68.54
CA TYR B 434 -23.08 6.01 69.92
C TYR B 434 -24.01 6.77 70.86
N ILE B 435 -24.19 8.06 70.60
CA ILE B 435 -25.07 8.90 71.41
C ILE B 435 -26.53 8.47 71.28
N PHE B 436 -26.95 8.09 70.07
CA PHE B 436 -28.30 7.61 69.82
C PHE B 436 -28.57 6.30 70.57
N THR B 437 -27.56 5.44 70.64
CA THR B 437 -27.68 4.16 71.32
C THR B 437 -27.57 4.30 72.83
N HIS B 438 -26.59 5.11 73.25
CA HIS B 438 -26.24 5.33 74.65
C HIS B 438 -26.85 6.59 75.26
N GLN B 439 -27.93 7.10 74.67
CA GLN B 439 -28.56 8.37 75.09
C GLN B 439 -28.80 8.50 76.60
N GLY B 440 -28.98 7.36 77.30
CA GLY B 440 -29.08 7.37 78.75
C GLY B 440 -27.80 7.88 79.40
N SER B 441 -26.66 7.52 78.81
CA SER B 441 -25.35 7.96 79.30
C SER B 441 -25.11 9.43 78.98
N CYS B 442 -24.22 10.06 79.74
CA CYS B 442 -23.95 11.48 79.60
C CYS B 442 -22.59 11.71 78.93
N PHE B 443 -22.50 12.78 78.12
CA PHE B 443 -21.30 13.07 77.35
C PHE B 443 -20.85 14.52 77.48
N GLY B 444 -19.54 14.72 77.53
CA GLY B 444 -18.94 16.03 77.66
C GLY B 444 -18.80 16.81 76.35
N PRO B 445 -18.29 18.04 76.43
CA PRO B 445 -18.07 18.91 75.26
C PRO B 445 -16.91 18.48 74.33
N ILE B 446 -15.86 17.90 74.89
CA ILE B 446 -14.69 17.49 74.11
C ILE B 446 -15.04 16.27 73.26
N PHE B 447 -16.00 15.50 73.74
CA PHE B 447 -16.53 14.34 73.04
C PHE B 447 -17.07 14.73 71.65
N MET B 448 -17.70 15.89 71.55
CA MET B 448 -18.23 16.41 70.30
C MET B 448 -17.21 17.17 69.45
N THR B 449 -16.10 17.54 70.07
CA THR B 449 -15.03 18.28 69.38
C THR B 449 -14.15 17.35 68.54
N ILE B 450 -14.06 16.09 68.96
CA ILE B 450 -13.22 15.11 68.27
C ILE B 450 -13.72 14.78 66.84
N PRO B 451 -15.04 14.54 66.66
CA PRO B 451 -15.53 14.45 65.27
C PRO B 451 -15.47 15.78 64.53
N ALA B 452 -15.74 16.87 65.24
CA ALA B 452 -15.66 18.21 64.67
C ALA B 452 -14.24 18.57 64.21
N PHE B 453 -13.24 17.96 64.83
CA PHE B 453 -11.85 18.14 64.42
C PHE B 453 -11.61 17.63 62.99
N PHE B 454 -12.03 16.40 62.72
CA PHE B 454 -11.70 15.72 61.47
C PHE B 454 -12.48 16.24 60.24
N ALA B 455 -13.73 16.63 60.45
CA ALA B 455 -14.55 17.18 59.37
C ALA B 455 -14.08 18.58 58.95
N LYS B 456 -13.70 19.37 59.95
CA LYS B 456 -13.13 20.70 59.71
C LYS B 456 -11.72 20.59 59.16
N SER B 457 -11.03 19.50 59.50
CA SER B 457 -9.71 19.20 58.94
C SER B 457 -9.81 18.79 57.48
N ALA B 458 -10.95 18.24 57.09
CA ALA B 458 -11.19 17.83 55.70
C ALA B 458 -11.18 19.01 54.74
N ALA B 459 -11.39 20.22 55.26
CA ALA B 459 -11.28 21.45 54.47
C ALA B 459 -9.83 21.73 54.06
N ILE B 460 -8.90 20.96 54.62
CA ILE B 460 -7.48 21.06 54.29
C ILE B 460 -7.04 19.87 53.41
N TYR B 461 -7.19 18.65 53.90
CA TYR B 461 -6.66 17.48 53.17
C TYR B 461 -7.49 16.99 51.97
N ASN B 462 -8.81 17.22 51.96
CA ASN B 462 -9.60 16.87 50.77
C ASN B 462 -9.24 17.74 49.56
N PRO B 463 -9.10 19.08 49.76
CA PRO B 463 -8.53 19.87 48.66
C PRO B 463 -7.17 19.38 48.19
N VAL B 464 -6.27 19.08 49.12
CA VAL B 464 -4.92 18.66 48.76
C VAL B 464 -4.91 17.31 48.05
N ILE B 465 -5.59 16.33 48.62
CA ILE B 465 -5.59 14.97 48.08
C ILE B 465 -6.28 14.90 46.69
N TYR B 466 -7.41 15.57 46.54
CA TYR B 466 -8.13 15.56 45.27
C TYR B 466 -7.65 16.57 44.23
N ILE B 467 -7.21 17.75 44.67
CA ILE B 467 -6.80 18.79 43.72
C ILE B 467 -5.27 18.81 43.56
N MET B 468 -4.55 19.07 44.64
CA MET B 468 -3.10 19.22 44.61
C MET B 468 -2.33 17.99 44.11
N MET B 469 -2.87 16.79 44.35
CA MET B 469 -2.23 15.55 43.91
C MET B 469 -2.37 15.30 42.42
N ASN B 470 -3.38 15.90 41.80
CA ASN B 470 -3.56 15.80 40.36
C ASN B 470 -2.43 16.48 39.58
N LYS B 471 -2.00 15.83 38.51
CA LYS B 471 -0.83 16.28 37.76
C LYS B 471 -1.11 17.57 37.01
N GLN B 472 -2.32 17.70 36.49
CA GLN B 472 -2.69 18.90 35.75
C GLN B 472 -2.72 20.11 36.66
N PHE B 473 -3.25 19.94 37.87
CA PHE B 473 -3.37 21.03 38.83
C PHE B 473 -2.04 21.49 39.41
N ARG B 474 -1.18 20.55 39.79
CA ARG B 474 0.13 20.87 40.35
C ARG B 474 0.96 21.71 39.36
N ASN B 475 0.83 21.42 38.07
CA ASN B 475 1.56 22.14 37.03
C ASN B 475 1.06 23.58 36.89
N CYS B 476 -0.26 23.72 36.95
CA CYS B 476 -0.89 25.02 36.86
C CYS B 476 -0.60 25.84 38.12
N MET B 477 -0.50 25.16 39.26
CA MET B 477 -0.16 25.80 40.54
C MET B 477 1.26 26.33 40.54
N LEU B 478 2.12 25.66 39.78
CA LEU B 478 3.50 26.07 39.65
C LEU B 478 3.62 27.40 38.92
N THR B 479 2.83 27.56 37.86
CA THR B 479 2.88 28.77 37.05
C THR B 479 2.46 30.06 37.78
N THR B 480 1.65 29.91 38.83
CA THR B 480 1.22 31.06 39.65
C THR B 480 2.32 31.54 40.59
N ILE B 481 3.01 30.59 41.22
CA ILE B 481 4.12 30.90 42.09
C ILE B 481 5.26 31.49 41.24
N CYS B 482 5.38 30.98 40.02
CA CYS B 482 6.36 31.49 39.06
C CYS B 482 5.97 32.84 38.44
N CYS B 483 4.69 33.19 38.51
CA CYS B 483 4.17 34.44 37.96
C CYS B 483 4.45 34.53 36.47
N GLY B 489 12.57 25.08 25.27
CA GLY B 489 12.48 24.19 24.13
C GLY B 489 11.22 24.33 23.30
N ASP B 490 10.08 24.53 23.97
CA ASP B 490 8.78 24.53 23.31
C ASP B 490 8.56 25.87 22.62
N ASP B 491 8.88 26.92 23.35
CA ASP B 491 8.78 28.28 22.88
C ASP B 491 9.76 28.46 21.72
N GLU B 492 10.92 27.86 21.90
CA GLU B 492 11.99 27.86 20.92
C GLU B 492 11.61 27.23 19.59
N ALA B 493 11.10 26.00 19.68
CA ALA B 493 10.79 25.21 18.49
C ALA B 493 9.58 25.77 17.77
N SER B 494 8.43 25.59 18.39
CA SER B 494 7.17 26.16 17.89
C SER B 494 6.83 25.79 16.45
N ALA B 495 7.24 24.61 16.00
CA ALA B 495 6.94 24.20 14.63
C ALA B 495 6.51 22.74 14.52
N VAL B 497 5.94 21.02 11.14
CA VAL B 497 5.90 20.90 9.68
C VAL B 497 5.92 19.46 9.17
N LYS B 499 6.68 17.53 5.39
CA LYS B 499 7.28 17.90 4.11
C LYS B 499 7.14 16.77 3.09
N THR B 500 7.31 17.10 1.82
CA THR B 500 7.15 16.12 0.75
C THR B 500 8.11 16.37 -0.42
N GLU B 501 8.68 15.30 -0.95
CA GLU B 501 9.57 15.36 -2.11
C GLU B 501 9.46 14.08 -2.95
N THR B 502 9.56 14.22 -4.27
CA THR B 502 9.54 13.06 -5.18
C THR B 502 10.95 12.67 -5.63
N SER B 503 11.25 11.38 -5.63
CA SER B 503 12.52 10.87 -6.15
C SER B 503 12.52 9.36 -6.43
N VAL B 526 6.43 8.68 -4.68
CA VAL B 526 6.32 9.88 -3.84
C VAL B 526 6.78 9.57 -2.41
N ILE B 527 7.65 10.45 -1.88
CA ILE B 527 8.26 10.25 -0.57
C ILE B 527 7.82 11.35 0.41
N PHE B 528 7.79 11.02 1.71
CA PHE B 528 7.52 12.00 2.76
C PHE B 528 8.64 12.05 3.77
N LYS B 529 8.81 13.22 4.39
CA LYS B 529 9.79 13.39 5.45
C LYS B 529 9.30 14.38 6.49
N LYS B 530 9.94 14.35 7.65
CA LYS B 530 9.71 15.36 8.68
C LYS B 530 10.98 15.59 9.51
N VAL B 531 11.26 16.85 9.81
CA VAL B 531 12.43 17.20 10.59
C VAL B 531 12.04 17.46 12.04
N SER B 532 12.92 17.10 12.97
CA SER B 532 12.66 17.33 14.39
C SER B 532 12.80 18.80 14.75
N ARG B 533 12.55 19.14 16.01
CA ARG B 533 12.62 20.52 16.48
C ARG B 533 14.06 21.02 16.52
N ASP B 534 14.94 20.21 17.10
CA ASP B 534 16.37 20.52 17.15
C ASP B 534 17.01 20.19 15.79
N LYS B 535 16.28 19.46 14.97
CA LYS B 535 16.67 19.11 13.60
C LYS B 535 17.88 18.19 13.54
N SER B 536 18.11 17.46 14.63
CA SER B 536 19.13 16.43 14.67
C SER B 536 18.63 15.14 14.02
N VAL B 537 17.43 14.73 14.46
CA VAL B 537 16.80 13.52 13.97
C VAL B 537 15.79 13.87 12.89
N THR B 538 16.01 13.34 11.69
CA THR B 538 15.09 13.53 10.58
C THR B 538 14.56 12.18 10.10
N ILE B 539 13.24 12.05 10.02
CA ILE B 539 12.61 10.79 9.65
C ILE B 539 12.06 10.83 8.22
N TYR B 540 12.07 9.69 7.56
CA TYR B 540 11.56 9.54 6.20
C TYR B 540 10.63 8.33 6.08
N LEU B 541 9.58 8.45 5.27
CA LEU B 541 8.65 7.33 5.05
C LEU B 541 8.15 7.27 3.61
N GLY B 542 7.84 6.06 3.16
CA GLY B 542 7.37 5.83 1.81
C GLY B 542 5.95 6.29 1.57
N LYS B 543 5.05 5.90 2.45
CA LYS B 543 3.64 6.30 2.35
C LYS B 543 2.93 6.29 3.69
N ARG B 544 1.92 7.14 3.82
CA ARG B 544 1.12 7.23 5.04
C ARG B 544 0.13 6.08 5.16
N ASP B 545 -0.56 5.79 4.06
CA ASP B 545 -1.55 4.72 4.05
C ASP B 545 -0.85 3.38 3.88
N TYR B 546 -1.01 2.52 4.88
CA TYR B 546 -0.49 1.16 4.80
C TYR B 546 -1.66 0.17 4.70
N VAL B 547 -1.67 -0.62 3.63
CA VAL B 547 -2.78 -1.52 3.34
C VAL B 547 -2.76 -2.71 4.29
N ASP B 548 -3.91 -2.95 4.92
CA ASP B 548 -4.07 -4.05 5.86
C ASP B 548 -4.75 -5.23 5.16
N HIS B 549 -4.02 -6.32 4.99
CA HIS B 549 -4.62 -7.52 4.44
C HIS B 549 -5.22 -8.29 5.62
N VAL B 550 -5.95 -9.37 5.34
CA VAL B 550 -6.59 -10.13 6.41
C VAL B 550 -5.55 -10.97 7.12
N SER B 551 -4.77 -11.70 6.32
CA SER B 551 -3.72 -12.58 6.83
C SER B 551 -2.56 -11.81 7.48
N GLN B 552 -1.97 -10.91 6.70
CA GLN B 552 -0.82 -10.13 7.15
C GLN B 552 -1.04 -8.63 6.98
N VAL B 553 -0.04 -7.84 7.35
CA VAL B 553 -0.11 -6.38 7.25
C VAL B 553 1.10 -5.81 6.54
N GLU B 554 0.92 -4.71 5.82
CA GLU B 554 2.02 -4.02 5.15
C GLU B 554 2.82 -3.22 6.17
N PRO B 555 4.11 -3.54 6.33
CA PRO B 555 4.95 -2.92 7.36
C PRO B 555 5.38 -1.49 7.03
N VAL B 556 5.84 -0.76 8.04
CA VAL B 556 6.31 0.60 7.88
C VAL B 556 7.72 0.60 7.32
N ASP B 557 7.86 1.17 6.12
CA ASP B 557 9.13 1.19 5.41
C ASP B 557 9.68 2.61 5.33
N GLY B 558 10.96 2.76 5.66
CA GLY B 558 11.59 4.07 5.66
C GLY B 558 13.00 4.09 6.25
N VAL B 559 13.55 5.29 6.40
CA VAL B 559 14.90 5.50 6.96
C VAL B 559 14.95 6.70 7.89
N VAL B 560 16.05 6.83 8.62
CA VAL B 560 16.26 7.95 9.52
C VAL B 560 17.64 8.58 9.35
N LEU B 561 17.66 9.85 8.96
CA LEU B 561 18.91 10.62 8.88
C LEU B 561 19.24 11.20 10.25
N VAL B 562 20.46 10.95 10.70
CA VAL B 562 20.91 11.40 12.02
C VAL B 562 22.05 12.40 11.91
N ASP B 563 21.98 13.49 12.68
CA ASP B 563 23.10 14.44 12.76
C ASP B 563 24.17 13.89 13.70
N PRO B 564 25.37 13.63 13.16
CA PRO B 564 26.41 13.01 14.00
C PRO B 564 26.95 13.92 15.09
N GLU B 565 26.99 15.23 14.85
CA GLU B 565 27.49 16.19 15.82
C GLU B 565 26.53 16.32 17.00
N LEU B 566 25.27 16.54 16.68
CA LEU B 566 24.22 16.73 17.66
C LEU B 566 23.90 15.46 18.46
N VAL B 567 23.88 14.32 17.77
CA VAL B 567 23.55 13.02 18.38
C VAL B 567 24.81 12.25 18.84
N LYS B 568 25.94 12.91 18.89
CA LYS B 568 27.19 12.27 19.29
C LYS B 568 27.08 11.59 20.67
N GLY B 569 27.34 10.28 20.70
CA GLY B 569 27.24 9.48 21.90
C GLY B 569 25.85 9.27 22.47
N LYS B 570 24.83 9.36 21.61
CA LYS B 570 23.45 9.15 22.04
C LYS B 570 22.82 7.94 21.35
N LYS B 571 21.59 7.63 21.73
CA LYS B 571 20.88 6.47 21.18
C LYS B 571 19.60 6.85 20.47
N VAL B 572 19.60 6.73 19.15
CA VAL B 572 18.43 6.99 18.33
C VAL B 572 17.53 5.75 18.24
N TYR B 573 16.24 5.96 18.42
CA TYR B 573 15.27 4.89 18.30
C TYR B 573 14.18 5.27 17.31
N VAL B 574 13.41 4.28 16.88
CA VAL B 574 12.22 4.51 16.08
C VAL B 574 11.09 3.68 16.67
N THR B 575 9.87 4.22 16.62
CA THR B 575 8.73 3.55 17.24
C THR B 575 7.54 3.36 16.30
N LEU B 576 6.67 2.43 16.67
CA LEU B 576 5.37 2.26 16.05
C LEU B 576 4.31 2.23 17.14
N THR B 577 3.52 3.30 17.24
CA THR B 577 2.57 3.48 18.34
C THR B 577 1.12 3.40 17.87
N CYS B 578 0.39 2.40 18.34
CA CYS B 578 -1.05 2.35 18.14
C CYS B 578 -1.76 2.69 19.44
N ALA B 579 -2.38 3.86 19.51
CA ALA B 579 -2.99 4.33 20.74
C ALA B 579 -4.49 4.59 20.60
N PHE B 580 -5.25 4.08 21.55
CA PHE B 580 -6.67 4.39 21.63
C PHE B 580 -6.80 5.71 22.39
N ARG B 581 -7.33 6.72 21.70
CA ARG B 581 -7.43 8.06 22.24
C ARG B 581 -8.88 8.36 22.57
N TYR B 582 -9.12 8.87 23.78
CA TYR B 582 -10.44 9.30 24.18
C TYR B 582 -10.34 10.51 25.10
N GLY B 583 -11.19 11.50 24.84
CA GLY B 583 -11.21 12.74 25.60
C GLY B 583 -10.00 13.61 25.34
N GLN B 584 -9.70 14.48 26.30
CA GLN B 584 -8.61 15.42 26.14
C GLN B 584 -7.33 14.88 26.77
N GLU B 585 -6.18 15.21 26.16
CA GLU B 585 -4.88 14.71 26.61
C GLU B 585 -4.52 15.13 28.04
N ASP B 586 -4.87 16.35 28.43
CA ASP B 586 -4.51 16.90 29.73
C ASP B 586 -5.32 16.24 30.84
N ILE B 587 -6.64 16.24 30.68
CA ILE B 587 -7.54 15.77 31.74
C ILE B 587 -7.48 14.25 31.91
N ASP B 588 -7.17 13.54 30.82
CA ASP B 588 -7.10 12.09 30.84
C ASP B 588 -5.92 11.61 31.68
N VAL B 589 -4.80 12.31 31.57
CA VAL B 589 -3.63 12.01 32.38
C VAL B 589 -3.83 12.42 33.84
N MET B 590 -4.62 13.48 34.05
CA MET B 590 -4.88 13.97 35.40
C MET B 590 -5.69 13.00 36.23
N GLY B 591 -6.50 12.17 35.57
CA GLY B 591 -7.42 11.31 36.29
C GLY B 591 -6.79 10.02 36.79
N LEU B 592 -5.47 10.00 36.91
CA LEU B 592 -4.69 8.90 37.50
C LEU B 592 -4.53 7.70 36.59
N THR B 593 -5.25 7.73 35.47
CA THR B 593 -5.11 6.70 34.46
C THR B 593 -5.24 7.39 33.10
N PHE B 594 -4.26 7.17 32.25
CA PHE B 594 -4.23 7.84 30.94
C PHE B 594 -4.72 6.97 29.79
N ARG B 595 -4.68 7.54 28.59
CA ARG B 595 -5.12 6.87 27.37
C ARG B 595 -4.36 5.57 27.13
N ARG B 596 -5.10 4.54 26.71
CA ARG B 596 -4.55 3.22 26.56
C ARG B 596 -3.80 3.06 25.23
N ASP B 597 -2.54 2.66 25.32
CA ASP B 597 -1.79 2.27 24.14
C ASP B 597 -2.18 0.85 23.77
N LEU B 598 -2.77 0.68 22.60
CA LEU B 598 -3.24 -0.62 22.15
C LEU B 598 -2.07 -1.53 21.80
N TYR B 599 -1.18 -1.02 20.96
CA TYR B 599 0.05 -1.72 20.59
C TYR B 599 1.25 -0.78 20.53
N PHE B 600 2.42 -1.33 20.83
CA PHE B 600 3.67 -0.57 20.74
C PHE B 600 4.83 -1.43 20.30
N SER B 601 5.70 -0.83 19.48
CA SER B 601 6.93 -1.49 19.05
C SER B 601 8.07 -0.49 18.99
N ARG B 602 9.30 -0.98 19.12
CA ARG B 602 10.48 -0.13 19.05
C ARG B 602 11.67 -0.85 18.44
N VAL B 603 12.50 -0.11 17.70
CA VAL B 603 13.73 -0.64 17.11
C VAL B 603 14.86 0.37 17.27
N GLN B 604 16.07 -0.12 17.55
CA GLN B 604 17.24 0.75 17.65
C GLN B 604 17.77 1.12 16.27
N VAL B 605 17.83 2.42 16.01
CA VAL B 605 18.28 2.94 14.74
C VAL B 605 19.80 3.13 14.75
N TYR B 606 20.26 3.95 15.68
CA TYR B 606 21.69 4.22 15.84
C TYR B 606 22.11 4.16 17.30
N PRO B 607 23.27 3.55 17.59
CA PRO B 607 24.10 2.80 16.64
C PRO B 607 23.47 1.47 16.25
N PRO B 608 23.47 1.13 14.95
CA PRO B 608 22.78 -0.06 14.45
C PRO B 608 23.45 -1.37 14.84
N VAL B 609 22.65 -2.36 15.26
CA VAL B 609 23.17 -3.68 15.58
C VAL B 609 23.17 -4.54 14.30
N GLY B 610 22.79 -3.91 13.19
CA GLY B 610 22.83 -4.55 11.88
C GLY B 610 21.86 -5.67 11.74
N ALA B 611 20.64 -5.33 12.10
CA ALA B 611 19.55 -6.27 12.15
C ALA B 611 18.99 -6.77 10.85
N MET B 612 18.56 -5.85 10.00
CA MET B 612 17.87 -6.26 8.79
C MET B 612 18.86 -6.87 7.83
N SER B 613 18.63 -8.13 7.53
CA SER B 613 19.48 -8.90 6.64
C SER B 613 19.34 -8.36 5.23
N VAL B 614 18.12 -7.93 4.89
CA VAL B 614 17.81 -7.41 3.56
C VAL B 614 16.98 -6.12 3.62
N LEU B 615 17.32 -5.17 2.74
CA LEU B 615 16.62 -3.89 2.66
C LEU B 615 15.55 -3.90 1.57
N THR B 616 14.80 -2.81 1.49
CA THR B 616 13.76 -2.66 0.46
C THR B 616 14.24 -1.77 -0.68
N GLN B 617 13.42 -1.64 -1.72
CA GLN B 617 13.76 -0.79 -2.87
C GLN B 617 13.76 0.68 -2.49
N LEU B 618 12.91 1.02 -1.52
CA LEU B 618 12.80 2.39 -1.03
C LEU B 618 14.06 2.75 -0.22
N GLN B 619 14.44 1.88 0.71
CA GLN B 619 15.63 2.07 1.54
C GLN B 619 16.91 2.16 0.72
N GLU B 620 16.99 1.40 -0.37
CA GLU B 620 18.13 1.43 -1.28
C GLU B 620 18.24 2.79 -1.97
N SER B 621 17.09 3.36 -2.31
CA SER B 621 17.05 4.64 -2.99
C SER B 621 17.49 5.80 -2.09
N LEU B 622 16.96 5.81 -0.87
CA LEU B 622 17.22 6.90 0.07
C LEU B 622 18.63 6.88 0.65
N LEU B 623 19.21 5.69 0.81
CA LEU B 623 20.57 5.57 1.32
C LEU B 623 21.58 6.14 0.33
N LYS B 624 21.35 5.87 -0.96
CA LYS B 624 22.19 6.39 -2.03
C LYS B 624 21.93 7.87 -2.27
N LYS B 625 20.67 8.27 -2.09
CA LYS B 625 20.29 9.68 -2.20
C LYS B 625 20.89 10.54 -1.10
N LEU B 626 20.67 10.13 0.14
CA LEU B 626 21.15 10.85 1.31
C LEU B 626 22.59 10.50 1.68
N GLY B 627 23.09 11.12 2.73
CA GLY B 627 24.46 10.95 3.17
C GLY B 627 24.76 9.68 3.93
N ASP B 628 25.92 9.65 4.58
CA ASP B 628 26.41 8.46 5.26
C ASP B 628 25.68 8.11 6.56
N ASN B 629 25.09 9.11 7.19
CA ASN B 629 24.47 8.95 8.49
C ASN B 629 23.02 8.45 8.46
N THR B 630 22.52 8.14 7.26
CA THR B 630 21.17 7.60 7.11
C THR B 630 21.14 6.13 7.52
N TYR B 631 20.09 5.73 8.23
CA TYR B 631 19.94 4.35 8.69
C TYR B 631 18.53 3.83 8.45
N PRO B 632 18.41 2.56 7.99
CA PRO B 632 17.11 1.95 7.70
C PRO B 632 16.38 1.41 8.93
N PHE B 633 15.06 1.24 8.79
CA PHE B 633 14.25 0.58 9.80
C PHE B 633 13.01 -0.09 9.20
N LEU B 634 12.47 -1.06 9.92
CA LEU B 634 11.24 -1.74 9.52
C LEU B 634 10.39 -2.03 10.76
N LEU B 635 9.10 -1.69 10.70
CA LEU B 635 8.19 -1.91 11.81
C LEU B 635 6.96 -2.70 11.37
N THR B 636 6.89 -3.94 11.83
CA THR B 636 5.79 -4.85 11.50
C THR B 636 4.56 -4.63 12.38
N PHE B 637 3.40 -5.04 11.85
CA PHE B 637 2.16 -4.99 12.62
C PHE B 637 1.72 -6.41 12.91
N PRO B 638 1.14 -6.64 14.10
CA PRO B 638 0.54 -7.96 14.35
C PRO B 638 -0.83 -8.08 13.71
N ASP B 639 -1.46 -9.24 13.88
CA ASP B 639 -2.75 -9.52 13.25
C ASP B 639 -3.94 -9.18 14.14
N TYR B 640 -3.70 -8.77 15.38
CA TYR B 640 -4.79 -8.46 16.33
C TYR B 640 -5.14 -6.95 16.44
N LEU B 641 -4.56 -6.13 15.56
CA LEU B 641 -4.84 -4.69 15.57
C LEU B 641 -6.02 -4.27 14.69
N PRO B 642 -6.70 -3.17 15.06
CA PRO B 642 -7.82 -2.63 14.27
C PRO B 642 -7.36 -1.68 13.17
N CYS B 643 -8.31 -1.07 12.48
CA CYS B 643 -8.03 -0.08 11.45
C CYS B 643 -7.97 1.32 12.05
N SER B 644 -7.65 2.31 11.22
CA SER B 644 -7.66 3.69 11.71
C SER B 644 -9.08 4.21 11.64
N VAL B 645 -9.66 4.46 12.81
CA VAL B 645 -11.06 4.84 12.94
C VAL B 645 -11.20 5.95 13.97
N MET B 646 -12.01 6.95 13.67
CA MET B 646 -12.33 8.00 14.62
C MET B 646 -13.82 8.29 14.63
N LEU B 647 -14.34 8.61 15.82
CA LEU B 647 -15.75 8.97 15.98
C LEU B 647 -15.96 10.45 15.70
N GLN B 648 -17.10 10.77 15.09
CA GLN B 648 -17.38 12.13 14.64
C GLN B 648 -17.87 13.03 15.75
N PRO B 649 -17.15 14.15 15.98
CA PRO B 649 -17.64 15.20 16.88
C PRO B 649 -18.63 16.15 16.20
N ALA B 650 -19.51 16.75 16.99
CA ALA B 650 -20.41 17.79 16.52
C ALA B 650 -19.67 19.13 16.41
N PRO B 651 -20.23 20.11 15.68
CA PRO B 651 -19.59 21.43 15.58
C PRO B 651 -19.49 22.17 16.92
N GLN B 652 -20.53 22.10 17.74
CA GLN B 652 -20.52 22.73 19.06
C GLN B 652 -19.49 22.06 19.96
N ASP B 653 -19.19 20.79 19.69
CA ASP B 653 -18.18 20.08 20.45
C ASP B 653 -16.81 20.53 19.95
N VAL B 654 -16.06 21.19 20.83
CA VAL B 654 -14.78 21.78 20.46
C VAL B 654 -13.65 20.93 21.01
N GLY B 655 -13.60 20.81 22.34
CA GLY B 655 -12.54 20.07 23.01
C GLY B 655 -12.70 18.57 22.95
N LYS B 656 -13.88 18.09 22.56
CA LYS B 656 -14.12 16.67 22.45
C LYS B 656 -13.41 16.03 21.26
N SER B 657 -12.56 15.04 21.54
CA SER B 657 -11.84 14.31 20.51
C SER B 657 -11.67 12.84 20.92
N CYS B 658 -12.02 11.93 20.03
CA CYS B 658 -11.86 10.49 20.27
C CYS B 658 -11.64 9.71 18.97
N GLY B 659 -10.76 8.72 19.02
CA GLY B 659 -10.53 7.83 17.89
C GLY B 659 -9.24 7.05 17.99
N VAL B 660 -9.14 5.99 17.18
CA VAL B 660 -7.93 5.19 17.11
C VAL B 660 -7.03 5.78 16.03
N ASP B 661 -5.73 5.81 16.30
CA ASP B 661 -4.77 6.31 15.31
C ASP B 661 -3.39 5.68 15.50
N PHE B 662 -2.67 5.56 14.39
CA PHE B 662 -1.32 4.99 14.40
C PHE B 662 -0.28 6.10 14.26
N GLU B 663 0.82 5.97 14.98
CA GLU B 663 1.85 7.00 15.00
C GLU B 663 3.27 6.45 14.95
N VAL B 664 4.02 6.87 13.93
CA VAL B 664 5.43 6.52 13.82
C VAL B 664 6.30 7.66 14.35
N LYS B 665 7.05 7.40 15.41
CA LYS B 665 7.91 8.41 16.00
C LYS B 665 9.38 7.99 15.97
N ALA B 666 10.26 8.99 16.03
CA ALA B 666 11.69 8.76 16.11
C ALA B 666 12.31 9.83 17.00
N PHE B 667 13.30 9.44 17.79
CA PHE B 667 13.91 10.34 18.77
C PHE B 667 15.31 9.89 19.18
N ALA B 668 16.06 10.81 19.76
CA ALA B 668 17.38 10.52 20.33
C ALA B 668 17.41 10.84 21.82
N SER B 669 18.10 10.01 22.60
CA SER B 669 18.15 10.20 24.05
C SER B 669 19.43 9.65 24.69
N ASP B 670 19.88 10.30 25.75
CA ASP B 670 21.01 9.81 26.55
C ASP B 670 20.61 8.58 27.34
N ILE B 671 19.35 8.57 27.76
CA ILE B 671 18.83 7.50 28.62
C ILE B 671 18.63 6.23 27.79
N THR B 672 18.70 5.09 28.46
CA THR B 672 18.61 3.80 27.81
C THR B 672 17.21 3.47 27.28
N ASP B 673 17.11 2.33 26.61
CA ASP B 673 15.92 1.88 25.90
C ASP B 673 14.58 1.93 26.68
N PRO B 674 14.56 1.48 27.95
CA PRO B 674 13.27 1.41 28.66
C PRO B 674 12.46 2.71 28.76
N GLU B 675 13.10 3.88 28.67
CA GLU B 675 12.33 5.11 28.85
C GLU B 675 11.68 5.52 27.52
N GLU B 676 10.36 5.38 27.48
CA GLU B 676 9.52 5.65 26.32
C GLU B 676 8.43 6.65 26.69
N ASP B 677 7.73 6.37 27.79
CA ASP B 677 6.71 7.27 28.32
C ASP B 677 7.19 8.72 28.39
N LYS B 678 8.46 8.89 28.74
CA LYS B 678 9.08 10.20 28.83
C LYS B 678 10.20 10.33 27.81
N ILE B 679 10.09 11.31 26.92
CA ILE B 679 11.10 11.55 25.90
C ILE B 679 11.41 13.04 25.76
N PRO B 680 12.61 13.38 25.28
CA PRO B 680 12.91 14.79 25.00
C PRO B 680 12.06 15.30 23.85
N LYS B 681 11.40 16.44 24.02
CA LYS B 681 10.53 16.98 22.98
C LYS B 681 11.29 17.51 21.77
N LYS B 682 12.45 18.12 22.00
CA LYS B 682 13.22 18.71 20.90
C LYS B 682 13.78 17.67 19.93
N SER B 683 14.30 16.57 20.45
CA SER B 683 14.90 15.53 19.61
C SER B 683 13.84 14.66 18.92
N SER B 684 12.65 14.61 19.52
CA SER B 684 11.58 13.75 19.02
C SER B 684 10.93 14.32 17.77
N VAL B 685 10.53 13.43 16.88
CA VAL B 685 9.77 13.78 15.68
C VAL B 685 8.73 12.68 15.46
N ARG B 686 7.56 13.06 14.98
CA ARG B 686 6.46 12.11 14.84
C ARG B 686 5.64 12.35 13.59
N LEU B 687 5.13 11.26 13.02
CA LEU B 687 4.35 11.31 11.79
C LEU B 687 3.19 10.33 11.86
N LEU B 688 1.99 10.82 11.56
CA LEU B 688 0.78 10.01 11.58
C LEU B 688 0.67 9.14 10.34
N ILE B 689 0.30 7.88 10.54
CA ILE B 689 0.08 6.95 9.44
C ILE B 689 -1.29 6.29 9.58
N ARG B 690 -1.74 5.63 8.52
CA ARG B 690 -3.04 4.96 8.53
C ARG B 690 -2.92 3.46 8.26
N LYS B 691 -3.76 2.69 8.93
CA LYS B 691 -3.91 1.26 8.64
C LYS B 691 -5.32 1.05 8.08
N VAL B 692 -5.38 0.83 6.77
CA VAL B 692 -6.64 0.80 6.03
C VAL B 692 -6.87 -0.56 5.37
N GLN B 693 -8.11 -1.03 5.41
CA GLN B 693 -8.51 -2.25 4.72
C GLN B 693 -9.29 -1.95 3.45
N HIS B 694 -8.74 -2.32 2.31
CA HIS B 694 -9.47 -2.29 1.04
C HIS B 694 -10.40 -3.48 0.93
N ALA B 695 -11.41 -3.37 0.08
CA ALA B 695 -12.37 -4.45 -0.11
C ALA B 695 -11.70 -5.66 -0.76
N PRO B 696 -12.02 -6.87 -0.27
CA PRO B 696 -11.39 -8.09 -0.79
C PRO B 696 -11.89 -8.46 -2.18
N PRO B 697 -11.13 -9.29 -2.91
CA PRO B 697 -11.53 -9.71 -4.26
C PRO B 697 -12.86 -10.45 -4.27
N GLU B 698 -13.15 -11.25 -3.24
CA GLU B 698 -14.37 -12.03 -3.26
C GLU B 698 -15.54 -11.23 -2.77
N MET B 699 -16.42 -10.88 -3.69
CA MET B 699 -17.72 -10.32 -3.37
C MET B 699 -18.65 -11.50 -3.14
N GLY B 700 -19.26 -11.57 -1.97
CA GLY B 700 -20.05 -12.73 -1.60
C GLY B 700 -21.34 -12.90 -2.38
N PRO B 701 -22.08 -13.98 -2.09
CA PRO B 701 -23.34 -14.29 -2.79
C PRO B 701 -24.39 -13.26 -2.40
N GLN B 702 -25.39 -13.04 -3.25
CA GLN B 702 -26.41 -12.04 -2.95
C GLN B 702 -27.13 -12.33 -1.63
N PRO B 703 -27.04 -11.38 -0.68
CA PRO B 703 -27.61 -11.52 0.67
C PRO B 703 -29.12 -11.73 0.65
N SER B 704 -29.58 -12.73 1.39
CA SER B 704 -31.00 -13.00 1.50
C SER B 704 -31.40 -13.35 2.94
N ALA B 705 -32.22 -12.49 3.55
CA ALA B 705 -32.74 -12.75 4.89
C ALA B 705 -34.23 -13.04 4.79
N GLU B 706 -34.72 -13.89 5.71
CA GLU B 706 -36.13 -14.28 5.71
C GLU B 706 -36.62 -14.53 7.14
N ALA B 707 -37.84 -14.09 7.43
CA ALA B 707 -38.44 -14.30 8.73
C ALA B 707 -39.97 -14.32 8.64
N SER B 708 -40.60 -15.08 9.54
CA SER B 708 -42.05 -15.20 9.60
C SER B 708 -42.57 -14.81 10.98
N TRP B 709 -43.67 -14.06 11.01
CA TRP B 709 -44.20 -13.47 12.25
C TRP B 709 -45.68 -13.72 12.49
N GLN B 710 -46.06 -13.69 13.77
CA GLN B 710 -47.43 -13.90 14.22
C GLN B 710 -47.79 -12.93 15.33
N PHE B 711 -49.07 -12.90 15.72
CA PHE B 711 -49.58 -11.95 16.72
C PHE B 711 -50.45 -12.63 17.78
N PHE B 712 -50.82 -11.90 18.83
CA PHE B 712 -51.63 -12.46 19.91
C PHE B 712 -53.03 -12.85 19.50
N MET B 713 -53.75 -11.87 18.97
CA MET B 713 -55.12 -12.07 18.56
C MET B 713 -55.16 -12.84 17.26
N SER B 714 -54.37 -12.39 16.28
CA SER B 714 -54.30 -13.02 14.97
C SER B 714 -53.14 -14.01 14.90
N ASP B 715 -53.46 -15.30 14.80
CA ASP B 715 -52.43 -16.34 14.79
C ASP B 715 -51.96 -16.66 13.37
N LYS B 716 -52.54 -15.98 12.38
CA LYS B 716 -52.17 -16.17 10.98
C LYS B 716 -50.77 -15.61 10.69
N PRO B 717 -50.01 -16.27 9.79
CA PRO B 717 -48.62 -15.89 9.56
C PRO B 717 -48.43 -14.65 8.69
N LEU B 718 -47.28 -14.00 8.84
CA LEU B 718 -46.86 -12.94 7.95
C LEU B 718 -45.42 -13.21 7.49
N ASN B 719 -45.27 -13.54 6.22
CA ASN B 719 -43.97 -13.88 5.68
C ASN B 719 -43.29 -12.65 5.07
N LEU B 720 -41.98 -12.56 5.23
CA LEU B 720 -41.18 -11.49 4.65
C LEU B 720 -39.81 -11.99 4.22
N SER B 721 -39.36 -11.51 3.05
CA SER B 721 -38.07 -11.91 2.51
C SER B 721 -37.29 -10.71 2.00
N VAL B 722 -36.16 -10.43 2.64
CA VAL B 722 -35.26 -9.36 2.24
C VAL B 722 -34.21 -9.91 1.29
N SER B 723 -33.84 -9.13 0.28
CA SER B 723 -32.80 -9.52 -0.65
C SER B 723 -31.98 -8.32 -1.14
N LEU B 724 -30.65 -8.43 -1.07
CA LEU B 724 -29.77 -7.41 -1.62
C LEU B 724 -29.14 -7.87 -2.93
N SER B 725 -28.37 -6.99 -3.56
CA SER B 725 -27.68 -7.29 -4.81
C SER B 725 -26.28 -7.84 -4.52
N LYS B 726 -25.50 -7.02 -3.82
CA LYS B 726 -24.13 -7.36 -3.43
C LYS B 726 -24.01 -7.62 -1.93
N GLU B 727 -23.04 -8.45 -1.56
CA GLU B 727 -22.68 -8.63 -0.15
C GLU B 727 -21.82 -7.46 0.32
N ILE B 728 -20.80 -7.14 -0.48
CA ILE B 728 -19.93 -6.01 -0.21
C ILE B 728 -20.32 -4.83 -1.09
N TYR B 729 -20.39 -3.65 -0.48
CA TYR B 729 -20.70 -2.42 -1.20
C TYR B 729 -19.54 -1.44 -1.07
N PHE B 730 -19.53 -0.42 -1.92
CA PHE B 730 -18.47 0.58 -1.94
C PHE B 730 -19.03 1.93 -1.49
N HIS B 731 -18.14 2.81 -1.01
CA HIS B 731 -18.56 4.12 -0.55
C HIS B 731 -18.99 5.01 -1.72
N GLY B 732 -20.22 5.49 -1.66
CA GLY B 732 -20.80 6.23 -2.77
C GLY B 732 -21.74 5.40 -3.63
N GLU B 733 -21.59 4.08 -3.54
CA GLU B 733 -22.44 3.15 -4.29
C GLU B 733 -23.83 3.07 -3.69
N PRO B 734 -24.86 3.11 -4.55
CA PRO B 734 -26.24 2.95 -4.06
C PRO B 734 -26.54 1.51 -3.66
N ILE B 735 -27.33 1.34 -2.60
CA ILE B 735 -27.66 0.02 -2.09
C ILE B 735 -29.13 -0.32 -2.33
N PRO B 736 -29.39 -1.20 -3.32
CA PRO B 736 -30.76 -1.69 -3.52
C PRO B 736 -31.18 -2.70 -2.46
N VAL B 737 -32.36 -2.51 -1.88
CA VAL B 737 -32.88 -3.49 -0.94
C VAL B 737 -34.21 -4.02 -1.48
N THR B 738 -34.17 -5.25 -1.99
CA THR B 738 -35.38 -5.89 -2.50
C THR B 738 -36.13 -6.54 -1.35
N VAL B 739 -37.37 -6.09 -1.13
CA VAL B 739 -38.19 -6.60 -0.04
C VAL B 739 -39.50 -7.14 -0.59
N THR B 740 -39.79 -8.39 -0.25
CA THR B 740 -41.05 -9.02 -0.64
C THR B 740 -41.90 -9.30 0.59
N VAL B 741 -43.00 -8.57 0.73
CA VAL B 741 -43.92 -8.73 1.84
C VAL B 741 -45.07 -9.63 1.43
N THR B 742 -45.19 -10.79 2.08
CA THR B 742 -46.28 -11.71 1.81
C THR B 742 -47.28 -11.70 2.96
N ASN B 743 -48.45 -11.09 2.74
CA ASN B 743 -49.41 -10.89 3.82
C ASN B 743 -50.52 -11.92 3.77
N ASN B 744 -50.45 -12.88 4.69
CA ASN B 744 -51.53 -13.83 4.92
C ASN B 744 -52.38 -13.53 6.16
N THR B 745 -52.01 -12.51 6.92
CA THR B 745 -52.67 -12.21 8.19
C THR B 745 -53.81 -11.19 8.04
N ASP B 746 -54.51 -10.94 9.14
CA ASP B 746 -55.73 -10.12 9.14
C ASP B 746 -55.49 -8.61 9.10
N LYS B 747 -54.30 -8.16 9.48
CA LYS B 747 -53.94 -6.74 9.57
C LYS B 747 -53.30 -6.15 8.30
N VAL B 748 -53.46 -4.83 8.15
CA VAL B 748 -52.88 -4.07 7.04
C VAL B 748 -51.54 -3.43 7.43
N VAL B 749 -50.59 -3.42 6.50
CA VAL B 749 -49.32 -2.72 6.67
C VAL B 749 -49.44 -1.26 6.25
N LYS B 750 -49.11 -0.34 7.17
CA LYS B 750 -49.23 1.09 6.91
C LYS B 750 -48.15 1.61 5.99
N LYS B 751 -46.90 1.34 6.36
CA LYS B 751 -45.74 1.83 5.62
C LYS B 751 -44.57 0.92 5.86
N ILE B 752 -43.60 0.99 4.95
CA ILE B 752 -42.39 0.19 5.05
C ILE B 752 -41.20 1.13 5.04
N LYS B 753 -40.34 0.98 6.04
CA LYS B 753 -39.16 1.83 6.18
C LYS B 753 -37.89 0.97 6.18
N VAL B 754 -36.96 1.32 5.31
CA VAL B 754 -35.67 0.66 5.27
C VAL B 754 -34.62 1.57 5.88
N SER B 755 -33.68 0.98 6.61
CA SER B 755 -32.67 1.76 7.32
C SER B 755 -31.29 1.10 7.26
N VAL B 756 -30.29 1.88 6.85
CA VAL B 756 -28.90 1.48 6.98
C VAL B 756 -28.40 1.88 8.36
N GLU B 757 -27.96 0.90 9.14
CA GLU B 757 -27.53 1.17 10.51
C GLU B 757 -26.07 0.81 10.71
N GLN B 758 -25.35 1.70 11.39
CA GLN B 758 -23.92 1.54 11.63
C GLN B 758 -23.66 1.02 13.04
N ILE B 759 -23.27 -0.25 13.14
CA ILE B 759 -22.86 -0.81 14.41
C ILE B 759 -21.43 -0.40 14.67
N ALA B 760 -21.20 0.31 15.77
CA ALA B 760 -19.84 0.63 16.19
C ALA B 760 -19.51 -0.07 17.51
N ASN B 761 -18.73 -1.14 17.43
CA ASN B 761 -18.38 -1.92 18.62
C ASN B 761 -17.06 -1.42 19.19
N VAL B 762 -17.14 -0.73 20.33
CA VAL B 762 -15.97 -0.16 20.96
C VAL B 762 -15.44 -1.13 21.99
N VAL B 763 -14.22 -1.61 21.77
CA VAL B 763 -13.56 -2.47 22.74
C VAL B 763 -12.30 -1.79 23.27
N LEU B 764 -12.39 -1.30 24.50
CA LEU B 764 -11.20 -0.85 25.22
C LEU B 764 -11.12 -1.60 26.54
N TYR B 765 -11.89 -1.17 27.52
CA TYR B 765 -12.00 -1.90 28.78
C TYR B 765 -13.16 -2.90 28.77
N SER B 766 -14.09 -2.70 27.83
CA SER B 766 -15.24 -3.58 27.70
C SER B 766 -15.86 -3.47 26.32
N SER B 767 -16.57 -4.51 25.90
CA SER B 767 -17.23 -4.54 24.60
C SER B 767 -18.56 -3.80 24.66
N ASP B 768 -18.68 -2.76 23.84
CA ASP B 768 -19.87 -1.90 23.83
C ASP B 768 -20.36 -1.64 22.42
N TYR B 769 -21.59 -2.08 22.14
CA TYR B 769 -22.20 -1.87 20.84
C TYR B 769 -23.03 -0.59 20.83
N TYR B 770 -22.81 0.24 19.81
CA TYR B 770 -23.55 1.49 19.65
C TYR B 770 -24.10 1.57 18.22
N VAL B 771 -25.42 1.70 18.09
CA VAL B 771 -26.07 1.71 16.78
C VAL B 771 -26.71 3.06 16.46
N LYS B 772 -26.17 3.74 15.45
CA LYS B 772 -26.76 4.97 14.92
C LYS B 772 -27.09 4.83 13.43
N PRO B 773 -28.38 4.99 13.05
CA PRO B 773 -28.73 4.84 11.63
C PRO B 773 -28.11 5.92 10.73
N VAL B 774 -27.35 5.48 9.73
CA VAL B 774 -26.62 6.39 8.85
C VAL B 774 -27.49 6.91 7.69
N ALA B 775 -28.38 6.06 7.18
CA ALA B 775 -29.28 6.45 6.10
C ALA B 775 -30.57 5.66 6.18
N SER B 776 -31.65 6.25 5.68
CA SER B 776 -32.95 5.59 5.70
C SER B 776 -33.85 6.09 4.58
N GLU B 777 -34.69 5.18 4.08
CA GLU B 777 -35.68 5.51 3.06
C GLU B 777 -36.96 4.73 3.36
N GLU B 778 -38.12 5.36 3.14
CA GLU B 778 -39.40 4.74 3.48
C GLU B 778 -40.48 4.96 2.43
N THR B 779 -41.50 4.11 2.45
CA THR B 779 -42.59 4.15 1.48
C THR B 779 -43.95 3.92 2.12
N GLN B 780 -44.97 4.52 1.52
CA GLN B 780 -46.35 4.46 2.00
C GLN B 780 -47.20 3.39 1.31
N GLU B 781 -46.57 2.52 0.53
CA GLU B 781 -47.33 1.49 -0.17
C GLU B 781 -47.94 0.53 0.85
N LYS B 782 -49.27 0.49 0.89
CA LYS B 782 -49.98 -0.34 1.84
C LYS B 782 -50.13 -1.76 1.31
N VAL B 783 -50.14 -2.73 2.23
CA VAL B 783 -50.29 -4.13 1.88
C VAL B 783 -51.55 -4.73 2.54
N GLN B 784 -52.52 -5.12 1.71
CA GLN B 784 -53.79 -5.66 2.20
C GLN B 784 -53.67 -7.13 2.61
N PRO B 785 -54.62 -7.63 3.42
CA PRO B 785 -54.70 -9.06 3.74
C PRO B 785 -54.91 -9.95 2.51
N ASN B 786 -54.29 -11.13 2.52
CA ASN B 786 -54.29 -12.05 1.38
C ASN B 786 -53.80 -11.38 0.11
N SER B 787 -52.80 -10.51 0.25
CA SER B 787 -52.21 -9.79 -0.87
C SER B 787 -50.74 -9.50 -0.59
N THR B 788 -49.90 -9.61 -1.62
CA THR B 788 -48.44 -9.46 -1.46
C THR B 788 -47.93 -8.23 -2.18
N LEU B 789 -46.74 -7.78 -1.79
CA LEU B 789 -46.08 -6.66 -2.45
C LEU B 789 -44.57 -6.85 -2.50
N THR B 790 -44.00 -6.63 -3.68
CA THR B 790 -42.55 -6.61 -3.86
C THR B 790 -42.12 -5.18 -4.18
N LYS B 791 -41.16 -4.66 -3.43
CA LYS B 791 -40.69 -3.30 -3.62
C LYS B 791 -39.18 -3.21 -3.40
N THR B 792 -38.47 -2.62 -4.36
CA THR B 792 -37.02 -2.42 -4.24
C THR B 792 -36.73 -0.94 -4.04
N LEU B 793 -36.11 -0.63 -2.90
CA LEU B 793 -35.79 0.74 -2.54
C LEU B 793 -34.30 0.98 -2.39
N VAL B 794 -33.82 2.06 -2.99
CA VAL B 794 -32.40 2.41 -2.93
C VAL B 794 -32.11 3.33 -1.74
N LEU B 795 -30.97 3.08 -1.09
CA LEU B 795 -30.50 3.94 0.00
C LEU B 795 -29.08 4.42 -0.30
N VAL B 796 -28.78 5.64 0.16
CA VAL B 796 -27.50 6.28 -0.13
C VAL B 796 -26.79 6.65 1.17
N PRO B 797 -26.00 5.72 1.71
CA PRO B 797 -25.28 5.97 2.96
C PRO B 797 -24.05 6.84 2.71
N LEU B 798 -24.28 8.15 2.69
CA LEU B 798 -23.21 9.12 2.44
C LEU B 798 -22.97 9.99 3.67
N LEU B 799 -21.72 10.41 3.85
CA LEU B 799 -21.33 11.21 5.01
C LEU B 799 -21.89 12.63 4.98
N ALA B 800 -21.96 13.22 3.78
CA ALA B 800 -22.39 14.62 3.61
C ALA B 800 -23.73 14.93 4.28
N ASN B 801 -24.69 14.02 4.15
CA ASN B 801 -25.98 14.16 4.82
C ASN B 801 -25.85 14.02 6.34
N ASN B 802 -24.93 13.16 6.76
CA ASN B 802 -24.74 12.83 8.17
C ASN B 802 -23.73 13.71 8.89
N ARG B 803 -23.24 14.74 8.21
CA ARG B 803 -22.37 15.70 8.87
C ARG B 803 -23.11 16.46 9.95
N GLU B 804 -22.35 16.99 10.90
CA GLU B 804 -22.89 17.67 12.08
C GLU B 804 -23.81 16.75 12.88
N ARG B 805 -23.27 15.59 13.25
CA ARG B 805 -23.94 14.63 14.13
C ARG B 805 -22.95 14.10 15.16
N ARG B 806 -23.42 13.26 16.08
CA ARG B 806 -22.57 12.75 17.16
C ARG B 806 -22.42 11.24 17.10
N GLY B 807 -21.20 10.77 17.38
CA GLY B 807 -20.94 9.34 17.52
C GLY B 807 -20.85 8.55 16.24
N ILE B 808 -20.76 9.23 15.10
CA ILE B 808 -20.67 8.56 13.80
C ILE B 808 -19.23 8.11 13.56
N ALA B 809 -19.05 6.82 13.28
CA ALA B 809 -17.72 6.26 13.05
C ALA B 809 -17.22 6.61 11.66
N LEU B 810 -16.01 7.18 11.60
CA LEU B 810 -15.42 7.63 10.34
C LEU B 810 -14.08 6.94 10.10
N ASP B 811 -13.66 6.86 8.83
CA ASP B 811 -12.29 6.46 8.50
C ASP B 811 -11.32 7.55 8.95
N GLY B 812 -10.14 7.13 9.41
CA GLY B 812 -9.14 8.07 9.88
C GLY B 812 -8.74 9.04 8.78
N LYS B 813 -8.70 10.32 9.13
CA LYS B 813 -8.27 11.36 8.19
C LYS B 813 -6.93 11.95 8.62
N ILE B 814 -6.00 12.05 7.68
CA ILE B 814 -4.76 12.74 7.95
C ILE B 814 -5.08 14.20 8.13
N LYS B 815 -4.61 14.77 9.23
CA LYS B 815 -4.90 16.16 9.53
C LYS B 815 -6.42 16.37 9.64
N HIS B 816 -6.94 17.37 8.95
CA HIS B 816 -8.35 17.70 8.85
C HIS B 816 -9.01 17.42 7.48
N GLU B 817 -8.36 16.66 6.62
CA GLU B 817 -8.85 16.47 5.25
C GLU B 817 -10.22 15.76 5.20
N ASP B 818 -10.95 16.00 4.10
CA ASP B 818 -12.28 15.41 3.92
C ASP B 818 -12.17 13.89 3.93
N THR B 819 -13.14 13.24 4.55
CA THR B 819 -13.10 11.80 4.74
C THR B 819 -14.43 11.15 4.39
N ASN B 820 -14.53 9.85 4.60
CA ASN B 820 -15.78 9.11 4.39
C ASN B 820 -16.18 8.35 5.65
N LEU B 821 -17.33 7.68 5.59
CA LEU B 821 -17.81 6.85 6.69
C LEU B 821 -16.85 5.69 6.94
N ALA B 822 -16.78 5.22 8.18
CA ALA B 822 -15.84 4.15 8.55
C ALA B 822 -16.08 2.87 7.76
N SER B 823 -14.99 2.25 7.30
CA SER B 823 -15.08 1.01 6.55
C SER B 823 -15.38 -0.16 7.49
N SER B 824 -16.01 -1.20 6.96
CA SER B 824 -16.35 -2.37 7.76
C SER B 824 -15.08 -3.12 8.13
N THR B 825 -14.83 -3.27 9.41
CA THR B 825 -13.58 -3.85 9.89
C THR B 825 -13.62 -5.38 9.83
N ILE B 826 -12.67 -5.95 9.10
CA ILE B 826 -12.54 -7.40 9.01
C ILE B 826 -11.46 -7.92 9.96
N ILE B 827 -11.86 -8.84 10.84
CA ILE B 827 -10.94 -9.49 11.77
C ILE B 827 -10.42 -10.78 11.17
N LYS B 828 -9.15 -11.07 11.41
CA LYS B 828 -8.54 -12.32 10.93
C LYS B 828 -9.16 -13.51 11.66
N GLU B 829 -9.45 -14.56 10.91
CA GLU B 829 -10.11 -15.74 11.46
C GLU B 829 -9.14 -16.59 12.29
N GLY B 830 -9.58 -16.99 13.48
CA GLY B 830 -8.76 -17.83 14.34
C GLY B 830 -7.54 -17.17 14.93
N ILE B 831 -7.75 -16.12 15.72
CA ILE B 831 -6.67 -15.40 16.40
C ILE B 831 -6.74 -15.55 17.93
N ASP B 832 -5.60 -15.38 18.57
CA ASP B 832 -5.47 -15.61 20.01
C ASP B 832 -6.00 -14.47 20.89
N ARG B 833 -5.61 -13.24 20.60
CA ARG B 833 -6.08 -12.08 21.37
C ARG B 833 -7.36 -11.46 20.83
N THR B 834 -8.21 -10.97 21.73
CA THR B 834 -9.39 -10.22 21.33
C THR B 834 -8.96 -8.84 20.86
N VAL B 835 -9.52 -8.40 19.73
CA VAL B 835 -9.14 -7.14 19.13
C VAL B 835 -9.74 -5.94 19.86
N MET B 836 -8.87 -5.11 20.41
CA MET B 836 -9.27 -3.91 21.11
C MET B 836 -9.21 -2.72 20.16
N GLY B 837 -10.28 -1.94 20.13
CA GLY B 837 -10.38 -0.80 19.23
C GLY B 837 -11.83 -0.56 18.83
N ILE B 838 -12.01 0.27 17.81
CA ILE B 838 -13.35 0.53 17.28
C ILE B 838 -13.64 -0.41 16.11
N LEU B 839 -14.54 -1.36 16.35
CA LEU B 839 -14.88 -2.36 15.35
C LEU B 839 -16.24 -2.01 14.73
N VAL B 840 -16.23 -1.66 13.45
CA VAL B 840 -17.41 -1.17 12.77
C VAL B 840 -18.07 -2.27 11.94
N SER B 841 -19.40 -2.26 11.91
CA SER B 841 -20.17 -3.18 11.08
C SER B 841 -21.45 -2.51 10.61
N TYR B 842 -21.94 -2.90 9.45
CA TYR B 842 -23.17 -2.35 8.89
C TYR B 842 -24.23 -3.42 8.68
N HIS B 843 -25.50 -3.01 8.70
CA HIS B 843 -26.61 -3.90 8.36
C HIS B 843 -27.83 -3.12 7.89
N ILE B 844 -28.68 -3.80 7.12
CA ILE B 844 -29.94 -3.22 6.66
C ILE B 844 -31.10 -3.67 7.52
N LYS B 845 -31.70 -2.71 8.24
CA LYS B 845 -32.89 -2.98 9.03
C LYS B 845 -34.13 -2.66 8.22
N VAL B 846 -34.94 -3.68 7.93
CA VAL B 846 -36.20 -3.47 7.25
C VAL B 846 -37.28 -3.31 8.31
N LYS B 847 -37.76 -2.08 8.45
CA LYS B 847 -38.77 -1.76 9.46
C LYS B 847 -40.16 -1.76 8.85
N LEU B 848 -41.09 -2.42 9.52
CA LEU B 848 -42.49 -2.42 9.10
C LEU B 848 -43.38 -1.79 10.15
N THR B 849 -44.29 -0.92 9.70
CA THR B 849 -45.27 -0.32 10.58
C THR B 849 -46.65 -0.90 10.28
N VAL B 850 -47.17 -1.67 11.22
CA VAL B 850 -48.45 -2.36 11.06
C VAL B 850 -49.51 -1.77 11.98
N SER B 851 -50.76 -1.74 11.52
CA SER B 851 -51.88 -1.26 12.35
C SER B 851 -52.21 -2.22 13.48
N GLY B 852 -52.39 -1.65 14.66
CA GLY B 852 -52.70 -2.40 15.86
C GLY B 852 -54.09 -2.97 15.85
N PHE B 853 -54.28 -4.01 16.64
CA PHE B 853 -55.54 -4.69 16.71
C PHE B 853 -56.63 -3.86 17.39
N LEU B 854 -56.25 -3.19 18.47
CA LEU B 854 -57.19 -2.39 19.26
C LEU B 854 -57.71 -1.23 18.43
N GLY B 855 -56.80 -0.56 17.72
CA GLY B 855 -57.15 0.58 16.90
C GLY B 855 -56.17 0.83 15.77
N GLU B 856 -56.55 1.69 14.82
CA GLU B 856 -55.62 2.11 13.76
C GLU B 856 -54.42 2.84 14.31
N LEU B 857 -54.68 3.69 15.30
CA LEU B 857 -53.62 4.46 15.94
C LEU B 857 -52.63 3.56 16.65
N THR B 858 -53.15 2.54 17.35
CA THR B 858 -52.29 1.52 17.94
C THR B 858 -51.53 0.83 16.83
N SER B 859 -50.27 0.49 17.09
CA SER B 859 -49.44 -0.15 16.08
C SER B 859 -48.41 -1.10 16.66
N SER B 860 -48.05 -2.09 15.85
CA SER B 860 -47.02 -3.06 16.22
C SER B 860 -45.88 -3.01 15.20
N GLU B 861 -44.75 -2.42 15.60
CA GLU B 861 -43.58 -2.34 14.73
C GLU B 861 -42.71 -3.59 14.82
N VAL B 862 -42.59 -4.29 13.69
CA VAL B 862 -41.75 -5.49 13.63
C VAL B 862 -40.69 -5.27 12.56
N ALA B 863 -39.50 -5.83 12.77
CA ALA B 863 -38.39 -5.63 11.84
C ALA B 863 -37.37 -6.77 11.88
N THR B 864 -36.58 -6.84 10.83
CA THR B 864 -35.49 -7.81 10.71
C THR B 864 -34.27 -7.16 10.10
N GLU B 865 -33.11 -7.75 10.37
CA GLU B 865 -31.84 -7.19 9.94
C GLU B 865 -31.08 -8.15 9.03
N VAL B 866 -30.31 -7.59 8.11
CA VAL B 866 -29.38 -8.39 7.33
C VAL B 866 -28.05 -7.63 7.22
N PRO B 867 -26.93 -8.32 7.45
CA PRO B 867 -25.62 -7.66 7.45
C PRO B 867 -25.04 -7.43 6.05
N PHE B 868 -24.20 -6.42 5.93
CA PHE B 868 -23.44 -6.17 4.71
C PHE B 868 -22.17 -5.39 5.01
N ARG B 869 -21.22 -5.42 4.08
CA ARG B 869 -19.97 -4.68 4.24
C ARG B 869 -19.96 -3.41 3.40
N LEU B 870 -19.40 -2.34 3.95
CA LEU B 870 -19.14 -1.11 3.20
C LEU B 870 -17.68 -0.74 3.36
N MET B 871 -16.93 -0.81 2.25
CA MET B 871 -15.48 -0.62 2.25
C MET B 871 -14.99 0.15 1.03
N HIS B 872 -13.73 0.57 1.05
CA HIS B 872 -13.11 1.25 -0.09
C HIS B 872 -12.87 0.30 -1.27
N PRO B 873 -12.94 0.84 -2.49
CA PRO B 873 -12.59 0.06 -3.69
C PRO B 873 -11.08 -0.07 -3.86
N GLN B 874 -10.64 -1.17 -4.44
CA GLN B 874 -9.22 -1.41 -4.68
C GLN B 874 -8.76 -0.65 -5.92
N PRO B 875 -7.74 0.22 -5.77
CA PRO B 875 -7.26 1.04 -6.89
C PRO B 875 -6.42 0.26 -7.89
N ASN C 1 22.40 3.22 -87.91
CA ASN C 1 22.61 3.33 -89.34
C ASN C 1 23.66 2.32 -89.81
N ILE C 2 24.90 2.52 -89.37
CA ILE C 2 25.98 1.57 -89.66
C ILE C 2 25.82 0.34 -88.77
N PHE C 3 25.59 0.59 -87.49
CA PHE C 3 25.36 -0.44 -86.48
C PHE C 3 24.14 -1.30 -86.82
N GLU C 4 23.10 -0.66 -87.34
CA GLU C 4 21.85 -1.33 -87.64
C GLU C 4 21.95 -2.30 -88.83
N MET C 5 22.87 -2.02 -89.77
CA MET C 5 23.13 -2.96 -90.87
C MET C 5 23.70 -4.30 -90.44
N LEU C 6 24.89 -4.25 -89.84
CA LEU C 6 25.64 -5.45 -89.51
C LEU C 6 25.01 -6.26 -88.37
N ARG C 7 24.17 -5.61 -87.55
CA ARG C 7 23.48 -6.32 -86.48
C ARG C 7 22.38 -7.23 -87.06
N ILE C 8 21.65 -6.73 -88.06
CA ILE C 8 20.61 -7.53 -88.70
C ILE C 8 21.19 -8.59 -89.65
N ASP C 9 22.17 -8.18 -90.45
CA ASP C 9 22.81 -9.07 -91.42
C ASP C 9 23.65 -10.21 -90.79
N GLU C 10 24.64 -9.84 -89.99
CA GLU C 10 25.56 -10.80 -89.38
C GLU C 10 24.88 -11.54 -88.22
N GLY C 11 24.20 -10.75 -87.39
CA GLY C 11 23.50 -11.19 -86.20
C GLY C 11 24.32 -11.05 -84.92
N LEU C 12 23.65 -10.59 -83.88
CA LEU C 12 24.26 -10.31 -82.58
C LEU C 12 24.04 -11.46 -81.62
N ARG C 13 25.10 -12.18 -81.28
CA ARG C 13 25.03 -13.30 -80.36
C ARG C 13 25.88 -13.05 -79.12
N LEU C 14 25.26 -13.05 -77.95
CA LEU C 14 25.93 -12.79 -76.68
C LEU C 14 26.86 -13.91 -76.21
N LYS C 15 26.50 -15.15 -76.52
CA LYS C 15 27.33 -16.30 -76.15
C LYS C 15 28.17 -16.80 -77.33
N ILE C 16 29.06 -17.74 -77.06
CA ILE C 16 29.92 -18.29 -78.10
C ILE C 16 29.13 -19.30 -78.95
N TYR C 17 29.25 -19.18 -80.27
CA TYR C 17 28.58 -20.08 -81.20
C TYR C 17 29.48 -20.37 -82.39
N LYS C 18 29.26 -21.51 -83.02
CA LYS C 18 29.98 -21.87 -84.23
C LYS C 18 29.32 -21.27 -85.47
N ASP C 19 30.13 -20.58 -86.27
CA ASP C 19 29.67 -19.94 -87.51
C ASP C 19 29.48 -20.96 -88.64
N THR C 20 29.18 -20.46 -89.84
CA THR C 20 28.97 -21.30 -91.02
C THR C 20 30.15 -22.26 -91.29
N GLU C 21 31.38 -21.76 -91.10
CA GLU C 21 32.59 -22.57 -91.27
C GLU C 21 32.80 -23.58 -90.13
N GLY C 22 32.23 -23.29 -88.96
CA GLY C 22 32.37 -24.14 -87.80
C GLY C 22 33.43 -23.75 -86.78
N TYR C 23 33.79 -22.47 -86.75
CA TYR C 23 34.75 -21.94 -85.79
C TYR C 23 34.04 -21.05 -84.76
N TYR C 24 34.57 -21.01 -83.54
CA TYR C 24 33.91 -20.27 -82.47
C TYR C 24 34.00 -18.75 -82.66
N THR C 25 32.84 -18.12 -82.75
CA THR C 25 32.69 -16.70 -83.06
C THR C 25 31.81 -16.08 -81.98
N ILE C 26 31.99 -14.80 -81.70
CA ILE C 26 31.13 -14.13 -80.72
C ILE C 26 30.80 -12.69 -81.13
N GLY C 27 29.70 -12.18 -80.60
CA GLY C 27 29.24 -10.83 -80.88
C GLY C 27 28.76 -10.66 -82.30
N ILE C 28 29.31 -9.67 -83.00
CA ILE C 28 29.04 -9.49 -84.41
C ILE C 28 30.28 -9.86 -85.21
N GLY C 29 30.22 -11.03 -85.84
CA GLY C 29 31.25 -11.50 -86.75
C GLY C 29 32.68 -11.42 -86.25
N HIS C 30 32.87 -11.59 -84.94
CA HIS C 30 34.21 -11.53 -84.38
C HIS C 30 34.70 -12.94 -84.06
N LEU C 31 35.67 -13.41 -84.82
CA LEU C 31 36.22 -14.74 -84.63
C LEU C 31 37.13 -14.75 -83.41
N LEU C 32 36.78 -15.62 -82.45
CA LEU C 32 37.58 -15.80 -81.26
C LEU C 32 38.77 -16.69 -81.56
N THR C 33 38.49 -17.91 -81.99
CA THR C 33 39.53 -18.87 -82.33
C THR C 33 39.04 -19.98 -83.26
N LYS C 34 39.99 -20.69 -83.87
CA LYS C 34 39.67 -21.86 -84.71
C LYS C 34 39.81 -23.19 -83.96
N SER C 35 40.20 -23.12 -82.69
CA SER C 35 40.38 -24.32 -81.85
C SER C 35 39.09 -25.10 -81.63
N PRO C 36 39.16 -26.44 -81.71
CA PRO C 36 37.95 -27.27 -81.56
C PRO C 36 37.41 -27.28 -80.13
N SER C 37 38.28 -27.06 -79.15
CA SER C 37 37.88 -27.02 -77.74
C SER C 37 37.05 -25.78 -77.44
N LEU C 38 35.95 -25.97 -76.71
CA LEU C 38 35.05 -24.88 -76.31
C LEU C 38 35.71 -23.98 -75.26
N ASN C 39 36.48 -24.58 -74.36
CA ASN C 39 37.22 -23.84 -73.34
C ASN C 39 38.30 -22.94 -73.95
N ALA C 40 38.85 -23.35 -75.08
CA ALA C 40 39.84 -22.55 -75.80
C ALA C 40 39.20 -21.29 -76.37
N ALA C 41 37.93 -21.41 -76.75
CA ALA C 41 37.15 -20.27 -77.22
C ALA C 41 36.79 -19.35 -76.05
N LYS C 42 36.51 -19.94 -74.89
CA LYS C 42 36.27 -19.18 -73.67
C LYS C 42 37.54 -18.51 -73.16
N SER C 43 38.69 -19.16 -73.37
CA SER C 43 39.97 -18.60 -72.99
C SER C 43 40.35 -17.37 -73.83
N GLU C 44 40.16 -17.48 -75.15
CA GLU C 44 40.44 -16.36 -76.05
C GLU C 44 39.41 -15.23 -75.90
N LEU C 45 38.23 -15.57 -75.40
CA LEU C 45 37.20 -14.57 -75.10
C LEU C 45 37.58 -13.77 -73.85
N ASP C 46 38.12 -14.48 -72.85
CA ASP C 46 38.58 -13.85 -71.61
C ASP C 46 39.62 -12.77 -71.88
N LYS C 47 40.53 -13.06 -72.80
CA LYS C 47 41.56 -12.10 -73.19
C LYS C 47 40.98 -10.91 -73.96
N ALA C 48 39.96 -11.18 -74.77
CA ALA C 48 39.30 -10.12 -75.55
C ALA C 48 38.51 -9.18 -74.65
N ILE C 49 37.71 -9.75 -73.75
CA ILE C 49 36.86 -8.96 -72.86
C ILE C 49 37.65 -8.39 -71.68
N GLY C 50 38.59 -9.16 -71.15
CA GLY C 50 39.41 -8.70 -70.03
C GLY C 50 38.98 -9.21 -68.67
N ARG C 51 38.17 -10.26 -68.65
CA ARG C 51 37.73 -10.88 -67.39
C ARG C 51 37.27 -12.32 -67.63
N ASN C 52 36.85 -13.02 -66.58
CA ASN C 52 36.44 -14.42 -66.75
C ASN C 52 34.98 -14.44 -67.15
N THR C 53 34.73 -14.66 -68.43
CA THR C 53 33.39 -14.64 -69.01
C THR C 53 32.63 -15.96 -68.91
N ASN C 54 33.34 -17.06 -69.17
CA ASN C 54 32.76 -18.40 -69.29
C ASN C 54 31.67 -18.46 -70.37
N GLY C 55 31.93 -17.80 -71.50
CA GLY C 55 31.01 -17.77 -72.64
C GLY C 55 29.73 -16.95 -72.52
N VAL C 56 29.76 -15.88 -71.72
CA VAL C 56 28.63 -14.96 -71.60
C VAL C 56 29.11 -13.50 -71.50
N ILE C 57 28.59 -12.63 -72.37
CA ILE C 57 28.86 -11.17 -72.29
C ILE C 57 27.58 -10.37 -72.51
N THR C 58 27.58 -9.10 -72.13
CA THR C 58 26.41 -8.23 -72.29
C THR C 58 26.36 -7.61 -73.69
N LYS C 59 25.28 -6.88 -73.98
CA LYS C 59 25.11 -6.31 -75.32
C LYS C 59 25.98 -5.07 -75.47
N ASP C 60 26.23 -4.39 -74.36
CA ASP C 60 27.06 -3.20 -74.37
C ASP C 60 28.51 -3.60 -74.60
N GLU C 61 28.90 -4.74 -74.03
CA GLU C 61 30.23 -5.31 -74.27
C GLU C 61 30.39 -5.82 -75.70
N ALA C 62 29.30 -6.35 -76.26
CA ALA C 62 29.29 -6.81 -77.65
C ALA C 62 29.34 -5.64 -78.63
N GLU C 63 28.77 -4.50 -78.23
CA GLU C 63 28.82 -3.30 -79.05
C GLU C 63 30.24 -2.74 -79.12
N LYS C 64 31.00 -2.90 -78.04
CA LYS C 64 32.40 -2.47 -78.00
C LYS C 64 33.27 -3.38 -78.86
N LEU C 65 33.01 -4.68 -78.82
CA LEU C 65 33.75 -5.66 -79.62
C LEU C 65 33.49 -5.44 -81.12
N PHE C 66 32.30 -4.96 -81.44
CA PHE C 66 31.94 -4.61 -82.81
C PHE C 66 32.64 -3.34 -83.26
N ASN C 67 32.82 -2.40 -82.33
CA ASN C 67 33.48 -1.13 -82.64
C ASN C 67 34.95 -1.32 -83.02
N GLN C 68 35.64 -2.24 -82.35
CA GLN C 68 37.02 -2.58 -82.71
C GLN C 68 37.07 -3.27 -84.07
N ASP C 69 36.04 -4.06 -84.38
CA ASP C 69 35.94 -4.71 -85.68
C ASP C 69 35.71 -3.68 -86.78
N VAL C 70 34.91 -2.66 -86.48
CA VAL C 70 34.65 -1.58 -87.43
C VAL C 70 35.87 -0.63 -87.51
N ASP C 71 36.49 -0.35 -86.36
CA ASP C 71 37.73 0.45 -86.35
C ASP C 71 38.87 -0.23 -87.08
N ALA C 72 38.90 -1.56 -87.03
CA ALA C 72 39.91 -2.31 -87.76
C ALA C 72 39.51 -2.42 -89.23
N ALA C 73 38.22 -2.45 -89.49
CA ALA C 73 37.72 -2.53 -90.87
C ALA C 73 37.93 -1.26 -91.67
N VAL C 74 37.65 -0.10 -91.06
CA VAL C 74 37.89 1.19 -91.70
C VAL C 74 39.39 1.47 -91.91
N ARG C 75 40.21 0.90 -91.04
CA ARG C 75 41.66 1.03 -91.12
C ARG C 75 42.20 0.22 -92.29
N GLY C 76 41.75 -1.03 -92.40
CA GLY C 76 42.12 -1.90 -93.51
C GLY C 76 41.69 -1.42 -94.90
N ILE C 77 40.56 -0.72 -94.96
CA ILE C 77 40.06 -0.13 -96.20
C ILE C 77 40.92 1.03 -96.69
N LEU C 78 41.13 2.01 -95.80
CA LEU C 78 41.92 3.20 -96.12
C LEU C 78 43.37 2.85 -96.42
N ARG C 79 43.88 1.83 -95.76
CA ARG C 79 45.23 1.36 -96.00
C ARG C 79 45.37 0.69 -97.38
N ASN C 80 44.36 -0.06 -97.77
CA ASN C 80 44.33 -0.72 -99.08
C ASN C 80 44.21 0.29 -100.21
N ALA C 81 45.00 0.09 -101.27
CA ALA C 81 45.08 1.04 -102.38
C ALA C 81 43.85 1.03 -103.30
N LYS C 82 43.22 -0.14 -103.43
CA LYS C 82 42.05 -0.29 -104.29
C LYS C 82 40.78 0.18 -103.60
N LEU C 83 40.70 -0.05 -102.29
CA LEU C 83 39.48 0.23 -101.51
C LEU C 83 39.33 1.69 -101.08
N LYS C 84 40.45 2.37 -100.82
CA LYS C 84 40.40 3.75 -100.32
C LYS C 84 39.74 4.74 -101.30
N PRO C 85 40.13 4.73 -102.60
CA PRO C 85 39.47 5.66 -103.53
C PRO C 85 37.99 5.37 -103.69
N VAL C 86 37.62 4.09 -103.58
CA VAL C 86 36.22 3.68 -103.65
C VAL C 86 35.47 4.26 -102.46
N TYR C 87 36.04 4.10 -101.27
CA TYR C 87 35.50 4.65 -100.04
C TYR C 87 35.34 6.17 -100.11
N ASP C 88 36.31 6.84 -100.71
CA ASP C 88 36.32 8.30 -100.77
C ASP C 88 35.26 8.91 -101.68
N SER C 89 35.05 8.31 -102.86
CA SER C 89 34.12 8.87 -103.84
C SER C 89 32.67 8.61 -103.45
N LEU C 90 32.40 7.42 -102.90
CA LEU C 90 31.05 7.03 -102.53
C LEU C 90 30.53 7.77 -101.30
N ASP C 91 29.22 8.03 -101.26
CA ASP C 91 28.62 8.75 -100.15
C ASP C 91 28.43 7.84 -98.94
N ALA C 92 27.95 8.42 -97.84
CA ALA C 92 27.86 7.72 -96.55
C ALA C 92 26.98 6.48 -96.57
N VAL C 93 25.96 6.49 -97.42
CA VAL C 93 25.06 5.34 -97.53
C VAL C 93 25.78 4.17 -98.20
N ARG C 94 26.44 4.46 -99.32
CA ARG C 94 27.18 3.44 -100.08
C ARG C 94 28.49 3.05 -99.39
N ARG C 95 29.00 3.91 -98.51
CA ARG C 95 30.18 3.56 -97.71
C ARG C 95 29.86 2.45 -96.72
N ALA C 96 28.66 2.51 -96.16
CA ALA C 96 28.18 1.49 -95.24
C ALA C 96 28.03 0.12 -95.92
N ALA C 97 27.65 0.15 -97.19
CA ALA C 97 27.50 -1.07 -97.98
C ALA C 97 28.83 -1.77 -98.21
N LEU C 98 29.87 -0.97 -98.46
CA LEU C 98 31.22 -1.48 -98.69
C LEU C 98 31.83 -2.08 -97.42
N ILE C 99 31.57 -1.45 -96.28
CA ILE C 99 32.07 -1.93 -95.00
C ILE C 99 31.47 -3.30 -94.67
N ASN C 100 30.19 -3.49 -95.00
CA ASN C 100 29.51 -4.77 -94.82
C ASN C 100 30.22 -5.90 -95.57
N MET C 101 30.61 -5.61 -96.81
CA MET C 101 31.35 -6.58 -97.64
C MET C 101 32.71 -6.89 -97.04
N VAL C 102 33.41 -5.86 -96.58
CA VAL C 102 34.71 -6.02 -95.96
C VAL C 102 34.59 -6.70 -94.60
N PHE C 103 33.52 -6.37 -93.87
CA PHE C 103 33.27 -6.95 -92.56
C PHE C 103 33.03 -8.46 -92.64
N GLN C 104 32.30 -8.86 -93.68
CA GLN C 104 31.93 -10.27 -93.83
C GLN C 104 33.01 -11.16 -94.47
N MET C 105 33.54 -10.73 -95.62
CA MET C 105 34.57 -11.49 -96.35
C MET C 105 36.01 -11.21 -95.93
N GLY C 106 36.30 -9.95 -95.61
CA GLY C 106 37.66 -9.53 -95.27
C GLY C 106 38.33 -8.65 -96.32
N GLU C 107 39.60 -8.32 -96.08
CA GLU C 107 40.37 -7.48 -97.01
C GLU C 107 40.73 -8.23 -98.29
N THR C 108 41.20 -9.47 -98.14
CA THR C 108 41.60 -10.28 -99.29
C THR C 108 40.40 -10.75 -100.11
N GLY C 109 39.26 -10.90 -99.45
CA GLY C 109 38.04 -11.32 -100.11
C GLY C 109 37.46 -10.25 -101.01
N VAL C 110 37.37 -9.02 -100.48
CA VAL C 110 36.83 -7.89 -101.22
C VAL C 110 37.79 -7.42 -102.33
N ALA C 111 39.09 -7.68 -102.15
CA ALA C 111 40.10 -7.31 -103.14
C ALA C 111 39.97 -8.06 -104.47
N GLY C 112 39.30 -9.21 -104.43
CA GLY C 112 39.06 -10.00 -105.62
C GLY C 112 38.06 -9.41 -106.61
N PHE C 113 37.26 -8.44 -106.14
CA PHE C 113 36.27 -7.81 -107.01
C PHE C 113 36.92 -6.56 -107.63
N THR C 114 37.32 -6.66 -108.90
CA THR C 114 38.03 -5.58 -109.60
C THR C 114 37.10 -4.64 -110.39
N ASN C 115 36.33 -5.24 -111.29
CA ASN C 115 35.48 -4.48 -112.21
C ASN C 115 34.32 -3.83 -111.47
N SER C 116 33.95 -4.42 -110.35
CA SER C 116 32.91 -3.88 -109.48
C SER C 116 33.35 -2.57 -108.82
N LEU C 117 34.52 -2.60 -108.20
CA LEU C 117 35.07 -1.44 -107.50
C LEU C 117 35.37 -0.30 -108.45
N ARG C 118 35.67 -0.64 -109.69
CA ARG C 118 36.03 0.36 -110.68
C ARG C 118 34.82 1.19 -111.11
N MET C 119 33.72 0.52 -111.43
CA MET C 119 32.50 1.20 -111.88
C MET C 119 31.86 2.10 -110.81
N LEU C 120 32.12 1.79 -109.54
CA LEU C 120 31.62 2.60 -108.43
C LEU C 120 32.27 3.99 -108.39
N GLN C 121 33.54 4.06 -108.79
CA GLN C 121 34.26 5.33 -108.93
C GLN C 121 33.69 6.15 -110.06
N GLN C 122 33.35 5.45 -111.13
CA GLN C 122 32.86 6.06 -112.36
C GLN C 122 31.34 6.26 -112.35
N LYS C 123 30.74 6.00 -111.19
CA LYS C 123 29.31 6.20 -110.96
C LYS C 123 28.38 5.42 -111.88
N ARG C 124 28.75 4.18 -112.17
CA ARG C 124 27.79 3.27 -112.81
C ARG C 124 27.17 2.38 -111.73
N TRP C 125 25.94 2.71 -111.38
CA TRP C 125 25.23 2.03 -110.30
C TRP C 125 24.52 0.76 -110.77
N ASP C 126 24.00 0.79 -112.00
CA ASP C 126 23.23 -0.32 -112.56
C ASP C 126 24.11 -1.51 -112.96
N GLU C 127 25.22 -1.22 -113.63
CA GLU C 127 26.09 -2.26 -114.14
C GLU C 127 26.89 -2.90 -113.02
N ALA C 128 27.16 -2.13 -111.97
CA ALA C 128 27.88 -2.63 -110.81
C ALA C 128 26.99 -3.55 -109.98
N ALA C 129 25.69 -3.30 -110.02
CA ALA C 129 24.72 -4.11 -109.29
C ALA C 129 24.54 -5.48 -109.96
N VAL C 130 24.53 -5.50 -111.28
CA VAL C 130 24.49 -6.74 -112.06
C VAL C 130 25.76 -7.56 -111.87
N ASN C 131 26.89 -6.86 -111.79
CA ASN C 131 28.21 -7.48 -111.61
C ASN C 131 28.29 -8.27 -110.30
N LEU C 132 27.83 -7.65 -109.22
CA LEU C 132 27.81 -8.27 -107.91
C LEU C 132 26.75 -9.38 -107.82
N ALA C 133 25.68 -9.23 -108.59
CA ALA C 133 24.59 -10.20 -108.60
C ALA C 133 24.96 -11.49 -109.32
N LYS C 134 25.81 -11.39 -110.33
CA LYS C 134 26.22 -12.56 -111.11
C LYS C 134 27.44 -13.27 -110.52
N SER C 135 28.02 -12.69 -109.48
CA SER C 135 29.21 -13.28 -108.85
C SER C 135 28.84 -14.41 -107.88
N ARG C 136 29.86 -15.07 -107.35
CA ARG C 136 29.70 -16.18 -106.42
C ARG C 136 29.16 -15.74 -105.06
N TRP C 137 29.46 -14.50 -104.69
CA TRP C 137 29.02 -13.91 -103.42
C TRP C 137 27.50 -13.88 -103.32
N TYR C 138 26.82 -13.59 -104.43
CA TYR C 138 25.36 -13.60 -104.49
C TYR C 138 24.83 -15.01 -104.39
N ASN C 139 25.50 -15.94 -105.06
CA ASN C 139 25.11 -17.35 -105.03
C ASN C 139 25.30 -17.94 -103.63
N GLN C 140 26.27 -17.42 -102.92
CA GLN C 140 26.57 -17.84 -101.56
C GLN C 140 25.47 -17.42 -100.57
N THR C 141 25.21 -16.11 -100.49
CA THR C 141 24.18 -15.57 -99.62
C THR C 141 23.38 -14.48 -100.31
N PRO C 142 22.39 -14.86 -101.13
CA PRO C 142 21.60 -13.87 -101.85
C PRO C 142 20.67 -13.05 -100.97
N ASN C 143 20.34 -13.57 -99.78
CA ASN C 143 19.54 -12.82 -98.82
C ASN C 143 20.29 -11.61 -98.30
N ARG C 144 21.53 -11.84 -97.86
CA ARG C 144 22.40 -10.76 -97.39
C ARG C 144 22.87 -9.86 -98.53
N ALA C 145 23.31 -10.48 -99.63
CA ALA C 145 23.88 -9.78 -100.78
C ALA C 145 22.92 -8.79 -101.44
N LYS C 146 21.70 -9.23 -101.70
CA LYS C 146 20.74 -8.42 -102.46
C LYS C 146 20.41 -7.09 -101.79
N ARG C 147 20.44 -7.06 -100.46
CA ARG C 147 20.22 -5.83 -99.72
C ARG C 147 21.38 -4.85 -99.90
N VAL C 148 22.59 -5.40 -99.96
CA VAL C 148 23.80 -4.60 -100.16
C VAL C 148 23.87 -4.09 -101.60
N ILE C 149 23.45 -4.93 -102.54
CA ILE C 149 23.46 -4.59 -103.95
C ILE C 149 22.51 -3.43 -104.25
N THR C 150 21.31 -3.48 -103.69
CA THR C 150 20.31 -2.43 -103.88
C THR C 150 20.79 -1.08 -103.31
N THR C 151 21.58 -1.14 -102.24
CA THR C 151 22.16 0.06 -101.65
C THR C 151 23.11 0.77 -102.63
N PHE C 152 23.93 -0.01 -103.32
CA PHE C 152 24.81 0.55 -104.35
C PHE C 152 23.99 1.10 -105.51
N ARG C 153 22.93 0.38 -105.86
CA ARG C 153 22.09 0.76 -107.00
C ARG C 153 21.22 1.99 -106.72
N THR C 154 20.44 1.95 -105.63
CA THR C 154 19.53 3.05 -105.31
C THR C 154 20.22 4.20 -104.59
N GLY C 155 21.09 3.86 -103.64
CA GLY C 155 21.73 4.86 -102.81
C GLY C 155 20.83 5.31 -101.68
N THR C 156 19.98 4.39 -101.22
CA THR C 156 19.00 4.69 -100.17
C THR C 156 18.99 3.61 -99.10
N TRP C 157 18.25 3.86 -98.02
CA TRP C 157 18.05 2.90 -96.95
C TRP C 157 16.74 2.10 -97.09
N ASP C 158 16.09 2.24 -98.24
CA ASP C 158 14.84 1.50 -98.53
C ASP C 158 14.96 -0.01 -98.35
N ALA C 159 16.13 -0.56 -98.63
CA ALA C 159 16.39 -1.99 -98.48
C ALA C 159 16.42 -2.44 -97.02
N TYR C 160 17.01 -1.60 -96.17
CA TYR C 160 17.18 -1.90 -94.75
C TYR C 160 16.06 -1.36 -93.84
N MET C 161 14.95 -0.93 -94.44
CA MET C 161 13.77 -0.55 -93.66
C MET C 161 13.23 -1.73 -92.85
N CYS C 162 12.73 -1.44 -91.64
CA CYS C 162 12.34 -2.48 -90.69
C CYS C 162 11.07 -3.19 -91.11
N GLY C 163 10.05 -2.42 -91.50
CA GLY C 163 8.79 -2.98 -91.93
C GLY C 163 8.15 -2.17 -93.04
N THR C 164 7.08 -2.72 -93.61
CA THR C 164 6.40 -2.10 -94.75
C THR C 164 5.59 -0.90 -94.34
N GLU C 165 5.90 0.25 -94.93
CA GLU C 165 5.19 1.48 -94.60
C GLU C 165 4.19 1.83 -95.70
N GLY C 166 2.91 1.60 -95.41
CA GLY C 166 1.82 1.95 -96.31
C GLY C 166 1.35 3.37 -96.06
N PRO C 167 0.41 3.87 -96.87
CA PRO C 167 -0.14 5.20 -96.62
C PRO C 167 -0.99 5.31 -95.35
N ASN C 168 -1.88 4.34 -95.16
CA ASN C 168 -2.81 4.32 -94.03
C ASN C 168 -2.38 3.38 -92.91
N PHE C 169 -1.22 2.74 -93.04
CA PHE C 169 -0.79 1.73 -92.08
C PHE C 169 0.72 1.48 -92.08
N TYR C 170 1.18 0.79 -91.04
CA TYR C 170 2.54 0.25 -90.99
C TYR C 170 2.51 -1.16 -90.41
N VAL C 171 2.98 -2.13 -91.18
CA VAL C 171 3.12 -3.51 -90.71
C VAL C 171 4.58 -3.79 -90.36
N PRO C 172 4.83 -4.31 -89.14
CA PRO C 172 6.20 -4.63 -88.74
C PRO C 172 6.71 -5.94 -89.32
N PHE C 173 6.83 -6.00 -90.65
CA PHE C 173 7.35 -7.18 -91.33
C PHE C 173 7.95 -6.78 -92.68
N SER C 174 9.00 -7.50 -93.09
CA SER C 174 9.69 -7.23 -94.35
C SER C 174 8.95 -7.85 -95.54
N ASN C 175 8.87 -7.09 -96.63
CA ASN C 175 8.22 -7.56 -97.85
C ASN C 175 9.20 -8.27 -98.78
N ALA C 176 10.41 -8.53 -98.27
CA ALA C 176 11.42 -9.29 -98.99
C ALA C 176 10.91 -10.65 -99.46
N THR C 177 10.22 -11.36 -98.58
CA THR C 177 9.59 -12.64 -98.93
C THR C 177 8.41 -12.45 -99.88
N GLY C 178 7.75 -11.29 -99.80
CA GLY C 178 6.68 -10.94 -100.71
C GLY C 178 5.29 -11.27 -100.17
N VAL C 179 5.22 -11.72 -98.93
CA VAL C 179 3.98 -12.19 -98.33
C VAL C 179 3.14 -11.07 -97.71
N VAL C 180 3.73 -9.89 -97.56
CA VAL C 180 3.07 -8.79 -96.85
C VAL C 180 1.91 -8.22 -97.66
N ARG C 181 0.73 -8.15 -97.03
CA ARG C 181 -0.46 -7.60 -97.66
C ARG C 181 -1.16 -6.63 -96.72
N SER C 182 -2.12 -5.87 -97.25
CA SER C 182 -2.85 -4.85 -96.48
C SER C 182 -3.66 -5.44 -95.33
N PRO C 183 -3.60 -4.80 -94.15
CA PRO C 183 -4.37 -5.26 -92.99
C PRO C 183 -5.88 -5.02 -93.13
N PHE C 184 -6.27 -4.08 -94.00
CA PHE C 184 -7.68 -3.80 -94.24
C PHE C 184 -8.33 -4.88 -95.13
N GLU C 185 -7.57 -5.42 -96.06
CA GLU C 185 -8.08 -6.30 -97.11
C GLU C 185 -7.74 -7.78 -96.88
N TYR C 186 -6.47 -8.08 -96.65
CA TYR C 186 -6.02 -9.47 -96.55
C TYR C 186 -5.64 -9.86 -95.11
N PRO C 187 -5.71 -11.16 -94.78
CA PRO C 187 -5.27 -11.69 -93.48
C PRO C 187 -3.80 -11.43 -93.17
N GLN C 188 -3.52 -11.23 -91.88
CA GLN C 188 -2.19 -10.91 -91.35
C GLN C 188 -1.47 -12.10 -90.68
N TYR C 189 -1.92 -13.32 -90.94
CA TYR C 189 -1.40 -14.52 -90.27
C TYR C 189 0.11 -14.79 -90.45
N TYR C 190 0.75 -14.11 -91.41
CA TYR C 190 2.19 -14.26 -91.63
C TYR C 190 3.05 -13.65 -90.51
N LEU C 191 2.48 -12.73 -89.74
CA LEU C 191 3.19 -12.05 -88.67
C LEU C 191 3.60 -12.99 -87.53
N ALA C 192 2.60 -13.66 -86.96
CA ALA C 192 2.82 -14.58 -85.85
C ALA C 192 1.94 -15.82 -86.04
N GLU C 193 2.19 -16.86 -85.26
CA GLU C 193 1.45 -18.11 -85.40
C GLU C 193 -0.04 -17.88 -85.14
N PRO C 194 -0.91 -18.40 -86.04
CA PRO C 194 -2.35 -18.11 -86.04
C PRO C 194 -3.09 -18.35 -84.73
N TRP C 195 -2.57 -19.21 -83.86
CA TRP C 195 -3.21 -19.47 -82.56
C TRP C 195 -3.19 -18.23 -81.68
N GLN C 196 -2.24 -17.33 -81.90
CA GLN C 196 -2.13 -16.11 -81.12
C GLN C 196 -3.22 -15.07 -81.48
N PHE C 197 -3.83 -15.22 -82.66
CA PHE C 197 -4.94 -14.37 -83.05
C PHE C 197 -6.22 -14.79 -82.33
N SER C 198 -6.45 -16.10 -82.27
CA SER C 198 -7.57 -16.66 -81.51
C SER C 198 -7.37 -16.47 -80.01
N MET C 199 -6.11 -16.40 -79.59
CA MET C 199 -5.76 -16.10 -78.20
C MET C 199 -6.20 -14.69 -77.84
N LEU C 200 -5.92 -13.74 -78.74
CA LEU C 200 -6.31 -12.35 -78.56
C LEU C 200 -7.83 -12.20 -78.60
N ALA C 201 -8.48 -12.96 -79.48
CA ALA C 201 -9.94 -12.98 -79.57
C ALA C 201 -10.57 -13.45 -78.26
N ALA C 202 -9.98 -14.48 -77.67
CA ALA C 202 -10.43 -15.00 -76.38
C ALA C 202 -10.16 -13.98 -75.27
N TYR C 203 -9.04 -13.28 -75.38
CA TYR C 203 -8.67 -12.24 -74.42
C TYR C 203 -9.60 -11.03 -74.53
N MET C 204 -9.90 -10.62 -75.76
CA MET C 204 -10.84 -9.51 -76.00
C MET C 204 -12.24 -9.86 -75.53
N PHE C 205 -12.60 -11.14 -75.63
CA PHE C 205 -13.90 -11.59 -75.14
C PHE C 205 -13.99 -11.47 -73.63
N LEU C 206 -12.90 -11.81 -72.95
CA LEU C 206 -12.82 -11.74 -71.49
C LEU C 206 -12.98 -10.31 -70.96
N LEU C 207 -12.40 -9.35 -71.67
CA LEU C 207 -12.53 -7.93 -71.29
C LEU C 207 -13.94 -7.41 -71.50
N ILE C 208 -14.66 -7.97 -72.46
CA ILE C 208 -16.06 -7.61 -72.68
C ILE C 208 -16.94 -8.26 -71.60
N VAL C 209 -16.63 -9.50 -71.27
CA VAL C 209 -17.36 -10.23 -70.22
C VAL C 209 -17.16 -9.61 -68.83
N LEU C 210 -15.93 -9.26 -68.50
CA LEU C 210 -15.62 -8.65 -67.20
C LEU C 210 -15.87 -7.13 -67.18
N GLY C 211 -15.47 -6.45 -68.24
CA GLY C 211 -15.49 -4.99 -68.28
C GLY C 211 -16.87 -4.35 -68.33
N PHE C 212 -17.74 -4.86 -69.20
CA PHE C 212 -19.04 -4.24 -69.40
C PHE C 212 -19.94 -4.28 -68.17
N PRO C 213 -20.10 -5.47 -67.54
CA PRO C 213 -20.99 -5.50 -66.36
C PRO C 213 -20.48 -4.65 -65.18
N ILE C 214 -19.18 -4.70 -64.91
CA ILE C 214 -18.60 -3.94 -63.81
C ILE C 214 -18.87 -2.45 -63.98
N ASN C 215 -18.63 -1.94 -65.18
CA ASN C 215 -18.88 -0.55 -65.48
C ASN C 215 -20.37 -0.21 -65.65
N PHE C 216 -21.15 -1.17 -66.17
CA PHE C 216 -22.60 -0.97 -66.33
C PHE C 216 -23.34 -0.94 -65.00
N LEU C 217 -22.95 -1.83 -64.08
CA LEU C 217 -23.53 -1.85 -62.74
C LEU C 217 -23.20 -0.59 -61.95
N THR C 218 -22.01 -0.05 -62.16
CA THR C 218 -21.62 1.22 -61.53
C THR C 218 -22.62 2.34 -61.86
N LEU C 219 -23.01 2.42 -63.13
CA LEU C 219 -23.98 3.42 -63.56
C LEU C 219 -25.41 3.02 -63.20
N TYR C 220 -25.72 1.73 -63.32
CA TYR C 220 -27.07 1.22 -63.06
C TYR C 220 -27.48 1.41 -61.61
N VAL C 221 -26.58 1.08 -60.70
CA VAL C 221 -26.85 1.18 -59.26
C VAL C 221 -26.97 2.63 -58.79
N THR C 222 -26.17 3.52 -59.37
CA THR C 222 -26.21 4.94 -59.02
C THR C 222 -27.55 5.58 -59.37
N VAL C 223 -28.19 5.07 -60.41
CA VAL C 223 -29.53 5.51 -60.78
C VAL C 223 -30.55 5.04 -59.74
N GLN C 224 -30.38 3.81 -59.27
CA GLN C 224 -31.25 3.23 -58.25
C GLN C 224 -31.11 3.93 -56.90
N HIS C 225 -29.88 3.99 -56.39
CA HIS C 225 -29.61 4.59 -55.09
C HIS C 225 -29.37 6.11 -55.18
N LYS C 226 -30.20 6.86 -54.47
CA LYS C 226 -30.06 8.32 -54.40
C LYS C 226 -28.89 8.72 -53.50
N LYS C 227 -28.47 7.80 -52.64
CA LYS C 227 -27.36 8.01 -51.73
C LYS C 227 -26.05 8.32 -52.48
N LEU C 228 -25.87 7.63 -53.60
CA LEU C 228 -24.64 7.71 -54.37
C LEU C 228 -24.55 8.96 -55.26
N ARG C 229 -25.62 9.74 -55.34
CA ARG C 229 -25.59 10.89 -56.23
C ARG C 229 -25.01 12.04 -55.45
N THR C 230 -23.74 12.31 -55.72
CA THR C 230 -22.97 13.32 -54.99
C THR C 230 -21.95 13.90 -55.97
N PRO C 231 -21.64 15.20 -55.84
CA PRO C 231 -20.63 15.83 -56.70
C PRO C 231 -19.29 15.09 -56.75
N LEU C 232 -18.84 14.55 -55.63
CA LEU C 232 -17.56 13.85 -55.55
C LEU C 232 -17.57 12.53 -56.33
N ASN C 233 -18.72 11.86 -56.37
CA ASN C 233 -18.84 10.62 -57.12
C ASN C 233 -19.00 10.79 -58.64
N TYR C 234 -19.29 12.01 -59.08
CA TYR C 234 -19.46 12.30 -60.52
C TYR C 234 -18.21 11.97 -61.35
N ILE C 235 -17.03 12.17 -60.76
CA ILE C 235 -15.77 11.86 -61.45
C ILE C 235 -15.58 10.35 -61.54
N LEU C 236 -16.10 9.62 -60.55
CA LEU C 236 -16.02 8.17 -60.54
C LEU C 236 -17.03 7.55 -61.51
N LEU C 237 -18.11 8.28 -61.76
CA LEU C 237 -19.09 7.88 -62.77
C LEU C 237 -18.53 8.11 -64.18
N ASN C 238 -17.72 9.15 -64.32
CA ASN C 238 -17.04 9.45 -65.58
C ASN C 238 -16.07 8.34 -65.98
N LEU C 239 -15.47 7.69 -64.98
CA LEU C 239 -14.56 6.56 -65.20
C LEU C 239 -15.28 5.35 -65.79
N ALA C 240 -16.48 5.08 -65.28
CA ALA C 240 -17.30 3.98 -65.76
C ALA C 240 -17.70 4.18 -67.22
N VAL C 241 -18.12 5.40 -67.54
CA VAL C 241 -18.48 5.76 -68.91
C VAL C 241 -17.25 5.69 -69.83
N ALA C 242 -16.10 6.11 -69.31
CA ALA C 242 -14.84 6.07 -70.05
C ALA C 242 -14.45 4.65 -70.39
N ASP C 243 -14.53 3.77 -69.39
CA ASP C 243 -14.17 2.36 -69.58
C ASP C 243 -15.17 1.65 -70.49
N LEU C 244 -16.42 2.11 -70.50
CA LEU C 244 -17.43 1.55 -71.39
C LEU C 244 -17.17 1.86 -72.86
N PHE C 245 -16.62 3.04 -73.13
CA PHE C 245 -16.26 3.41 -74.50
C PHE C 245 -15.18 2.49 -75.05
N MET C 246 -14.29 2.04 -74.17
CA MET C 246 -13.24 1.09 -74.54
C MET C 246 -13.81 -0.29 -74.82
N VAL C 247 -14.76 -0.72 -73.99
CA VAL C 247 -15.40 -2.02 -74.16
C VAL C 247 -16.37 -2.05 -75.34
N LEU C 248 -17.30 -1.10 -75.36
CA LEU C 248 -18.35 -1.04 -76.37
C LEU C 248 -17.78 -0.72 -77.76
N GLY C 249 -17.11 0.41 -77.87
CA GLY C 249 -16.53 0.82 -79.14
C GLY C 249 -15.28 0.06 -79.52
N GLY C 250 -14.30 0.02 -78.63
CA GLY C 250 -13.02 -0.62 -78.89
C GLY C 250 -12.98 -2.13 -78.95
N PHE C 251 -13.32 -2.78 -77.84
CA PHE C 251 -13.07 -4.21 -77.67
C PHE C 251 -14.04 -5.08 -78.48
N THR C 252 -15.26 -4.60 -78.68
CA THR C 252 -16.26 -5.33 -79.45
C THR C 252 -15.85 -5.46 -80.91
N SER C 253 -15.33 -4.37 -81.46
CA SER C 253 -14.81 -4.38 -82.83
C SER C 253 -13.47 -5.11 -82.92
N THR C 254 -12.60 -4.90 -81.92
CA THR C 254 -11.30 -5.60 -81.86
C THR C 254 -11.48 -7.11 -81.77
N LEU C 255 -12.56 -7.54 -81.12
CA LEU C 255 -12.90 -8.95 -81.04
C LEU C 255 -13.21 -9.53 -82.42
N TYR C 256 -14.05 -8.83 -83.17
CA TYR C 256 -14.49 -9.27 -84.49
C TYR C 256 -13.33 -9.31 -85.49
N THR C 257 -12.38 -8.38 -85.36
CA THR C 257 -11.21 -8.35 -86.23
C THR C 257 -10.20 -9.45 -85.86
N SER C 258 -10.01 -9.66 -84.56
CA SER C 258 -9.12 -10.70 -84.07
C SER C 258 -9.65 -12.09 -84.37
N LEU C 259 -10.96 -12.19 -84.54
CA LEU C 259 -11.63 -13.42 -84.98
C LEU C 259 -11.19 -13.81 -86.39
N HIS C 260 -11.36 -12.89 -87.34
CA HIS C 260 -11.04 -13.14 -88.74
C HIS C 260 -9.54 -13.08 -89.02
N GLY C 261 -8.80 -12.37 -88.18
CA GLY C 261 -7.34 -12.30 -88.30
C GLY C 261 -6.80 -11.00 -88.87
N TYR C 262 -7.68 -10.18 -89.44
CA TYR C 262 -7.29 -8.87 -89.97
C TYR C 262 -8.37 -7.84 -89.73
N PHE C 263 -8.14 -6.59 -90.12
CA PHE C 263 -9.08 -5.52 -89.85
C PHE C 263 -10.10 -5.46 -90.97
N VAL C 264 -11.33 -5.87 -90.66
CA VAL C 264 -12.39 -6.00 -91.66
C VAL C 264 -13.04 -4.65 -91.95
N PHE C 265 -13.09 -3.78 -90.94
CA PHE C 265 -13.88 -2.55 -91.01
C PHE C 265 -13.24 -1.44 -91.85
N GLY C 266 -11.99 -1.64 -92.26
CA GLY C 266 -11.32 -0.67 -93.12
C GLY C 266 -10.81 0.54 -92.36
N PRO C 267 -10.23 1.52 -93.10
CA PRO C 267 -9.71 2.77 -92.54
C PRO C 267 -10.74 3.59 -91.78
N THR C 268 -12.00 3.55 -92.22
CA THR C 268 -13.09 4.24 -91.54
C THR C 268 -13.29 3.67 -90.16
N GLY C 269 -13.34 2.34 -90.08
CA GLY C 269 -13.47 1.64 -88.81
C GLY C 269 -12.26 1.80 -87.91
N CYS C 270 -11.07 1.92 -88.51
CA CYS C 270 -9.83 2.06 -87.76
C CYS C 270 -9.74 3.42 -87.04
N ASN C 271 -10.28 4.46 -87.67
CA ASN C 271 -10.31 5.79 -87.07
C ASN C 271 -11.26 5.87 -85.87
N LEU C 272 -12.47 5.35 -86.03
CA LEU C 272 -13.49 5.41 -84.98
C LEU C 272 -13.17 4.47 -83.83
N GLN C 273 -12.62 3.29 -84.13
CA GLN C 273 -12.18 2.39 -83.07
C GLN C 273 -11.03 3.00 -82.29
N GLY C 274 -10.08 3.58 -83.01
CA GLY C 274 -8.96 4.27 -82.41
C GLY C 274 -9.40 5.52 -81.65
N PHE C 275 -10.47 6.16 -82.15
CA PHE C 275 -11.02 7.34 -81.50
C PHE C 275 -11.61 7.03 -80.14
N PHE C 276 -12.53 6.07 -80.11
CA PHE C 276 -13.21 5.67 -78.87
C PHE C 276 -12.26 5.00 -77.87
N ALA C 277 -11.33 4.20 -78.37
CA ALA C 277 -10.34 3.55 -77.50
C ALA C 277 -9.39 4.55 -76.85
N THR C 278 -9.01 5.57 -77.61
CA THR C 278 -8.17 6.66 -77.09
C THR C 278 -8.98 7.56 -76.17
N LEU C 279 -10.18 7.93 -76.60
CA LEU C 279 -11.06 8.77 -75.80
C LEU C 279 -11.41 8.10 -74.48
N GLY C 280 -11.87 6.86 -74.56
CA GLY C 280 -12.22 6.07 -73.40
C GLY C 280 -11.05 5.85 -72.45
N GLY C 281 -9.85 5.77 -73.00
CA GLY C 281 -8.65 5.66 -72.18
C GLY C 281 -8.21 6.99 -71.57
N GLU C 282 -8.29 8.06 -72.36
CA GLU C 282 -7.84 9.38 -71.93
C GLU C 282 -8.81 10.04 -70.94
N ILE C 283 -10.10 9.78 -71.08
CA ILE C 283 -11.08 10.25 -70.10
C ILE C 283 -10.82 9.52 -68.77
N ALA C 284 -10.59 8.21 -68.85
CA ALA C 284 -10.30 7.41 -67.66
C ALA C 284 -9.02 7.87 -66.95
N LEU C 285 -8.04 8.34 -67.73
CA LEU C 285 -6.80 8.85 -67.16
C LEU C 285 -7.03 10.10 -66.32
N TRP C 286 -7.57 11.14 -66.95
CA TRP C 286 -7.75 12.44 -66.28
C TRP C 286 -8.86 12.40 -65.22
N SER C 287 -9.71 11.38 -65.28
CA SER C 287 -10.70 11.15 -64.24
C SER C 287 -10.00 10.85 -62.93
N LEU C 288 -8.98 10.01 -62.99
CA LEU C 288 -8.19 9.64 -61.81
C LEU C 288 -7.31 10.79 -61.33
N VAL C 289 -6.93 11.67 -62.24
CA VAL C 289 -6.18 12.88 -61.90
C VAL C 289 -7.08 13.85 -61.14
N VAL C 290 -8.24 14.16 -61.70
CA VAL C 290 -9.20 15.04 -61.06
C VAL C 290 -9.67 14.46 -59.73
N LEU C 291 -9.86 13.14 -59.69
CA LEU C 291 -10.20 12.43 -58.47
C LEU C 291 -9.13 12.62 -57.41
N ALA C 292 -7.86 12.51 -57.81
CA ALA C 292 -6.73 12.71 -56.90
C ALA C 292 -6.68 14.13 -56.37
N ILE C 293 -6.94 15.10 -57.25
CA ILE C 293 -6.99 16.51 -56.86
C ILE C 293 -8.16 16.76 -55.92
N GLU C 294 -9.33 16.26 -56.28
CA GLU C 294 -10.54 16.42 -55.48
C GLU C 294 -10.38 15.80 -54.09
N ARG C 295 -9.89 14.57 -54.04
CA ARG C 295 -9.70 13.86 -52.77
C ARG C 295 -8.67 14.53 -51.86
N TYR C 296 -7.66 15.15 -52.46
CA TYR C 296 -6.63 15.86 -51.70
C TYR C 296 -7.17 17.14 -51.05
N VAL C 297 -7.88 17.93 -51.82
CA VAL C 297 -8.40 19.23 -51.36
C VAL C 297 -9.55 19.05 -50.37
N VAL C 298 -10.46 18.12 -50.68
CA VAL C 298 -11.67 17.92 -49.88
C VAL C 298 -11.39 17.45 -48.45
N VAL C 299 -10.48 16.48 -48.30
CA VAL C 299 -10.18 15.92 -46.99
C VAL C 299 -9.38 16.88 -46.10
N CYS C 300 -8.32 17.44 -46.66
CA CYS C 300 -7.42 18.34 -45.94
C CYS C 300 -8.11 19.61 -45.45
N LYS C 301 -8.89 20.23 -46.34
CA LYS C 301 -9.61 21.45 -46.01
C LYS C 301 -11.11 21.16 -45.90
N PRO C 302 -11.65 21.18 -44.66
CA PRO C 302 -13.06 20.88 -44.45
C PRO C 302 -13.99 21.97 -44.99
N MET C 303 -13.45 23.18 -45.16
CA MET C 303 -14.19 24.29 -45.74
C MET C 303 -14.52 24.04 -47.20
N SER C 304 -13.62 23.33 -47.90
CA SER C 304 -13.80 23.06 -49.32
C SER C 304 -14.95 22.11 -49.63
N ASN C 305 -15.31 21.26 -48.67
CA ASN C 305 -16.47 20.38 -48.82
C ASN C 305 -17.74 21.14 -49.06
N PHE C 306 -17.90 22.18 -48.25
CA PHE C 306 -19.04 23.07 -48.34
C PHE C 306 -19.07 23.84 -49.65
N ARG C 307 -17.91 24.35 -50.06
CA ARG C 307 -17.80 25.07 -51.32
C ARG C 307 -17.97 24.17 -52.54
N PHE C 308 -17.74 22.87 -52.37
CA PHE C 308 -17.72 21.95 -53.51
C PHE C 308 -19.14 21.48 -53.80
N GLY C 309 -19.71 22.01 -54.88
CA GLY C 309 -21.04 21.65 -55.33
C GLY C 309 -21.03 20.89 -56.63
N GLU C 310 -22.19 20.81 -57.29
CA GLU C 310 -22.30 20.16 -58.59
C GLU C 310 -21.53 20.90 -59.67
N ASN C 311 -21.47 22.23 -59.56
CA ASN C 311 -20.74 23.05 -60.51
C ASN C 311 -19.24 22.76 -60.50
N HIS C 312 -18.68 22.56 -59.31
CA HIS C 312 -17.26 22.26 -59.17
C HIS C 312 -16.94 20.85 -59.69
N ALA C 313 -17.88 19.94 -59.54
CA ALA C 313 -17.74 18.57 -60.05
C ALA C 313 -17.84 18.52 -61.57
N ILE C 314 -18.80 19.25 -62.12
CA ILE C 314 -18.98 19.38 -63.57
C ILE C 314 -17.73 19.98 -64.23
N MET C 315 -17.13 20.98 -63.58
CA MET C 315 -15.88 21.56 -64.06
C MET C 315 -14.76 20.53 -64.13
N GLY C 316 -14.75 19.59 -63.20
CA GLY C 316 -13.78 18.50 -63.20
C GLY C 316 -14.02 17.50 -64.31
N VAL C 317 -15.28 17.15 -64.54
CA VAL C 317 -15.66 16.19 -65.58
C VAL C 317 -15.53 16.81 -66.98
N ALA C 318 -15.85 18.09 -67.09
CA ALA C 318 -15.70 18.81 -68.37
C ALA C 318 -14.23 18.93 -68.74
N PHE C 319 -13.40 19.31 -67.76
CA PHE C 319 -11.94 19.39 -67.94
C PHE C 319 -11.37 18.07 -68.46
N THR C 320 -11.90 16.97 -67.94
CA THR C 320 -11.51 15.63 -68.36
C THR C 320 -11.76 15.40 -69.84
N TRP C 321 -12.98 15.72 -70.28
CA TRP C 321 -13.38 15.55 -71.68
C TRP C 321 -12.64 16.50 -72.63
N VAL C 322 -12.28 17.67 -72.15
CA VAL C 322 -11.50 18.62 -72.95
C VAL C 322 -10.08 18.08 -73.19
N MET C 323 -9.43 17.64 -72.12
CA MET C 323 -8.10 17.03 -72.22
C MET C 323 -8.13 15.70 -72.98
N ALA C 324 -9.26 15.00 -72.90
CA ALA C 324 -9.45 13.74 -73.62
C ALA C 324 -9.53 13.96 -75.13
N LEU C 325 -10.32 14.94 -75.54
CA LEU C 325 -10.44 15.28 -76.96
C LEU C 325 -9.18 15.92 -77.50
N ALA C 326 -8.37 16.51 -76.62
CA ALA C 326 -7.08 17.08 -77.01
C ALA C 326 -6.12 15.99 -77.53
N CYS C 327 -6.20 14.80 -76.94
CA CYS C 327 -5.44 13.65 -77.40
C CYS C 327 -6.12 12.87 -78.54
N ALA C 328 -7.44 12.68 -78.43
CA ALA C 328 -8.18 11.78 -79.32
C ALA C 328 -8.55 12.37 -80.69
N ALA C 329 -8.91 13.66 -80.72
CA ALA C 329 -9.33 14.30 -81.96
C ALA C 329 -8.24 14.56 -83.04
N PRO C 330 -7.05 15.06 -82.66
CA PRO C 330 -6.05 15.40 -83.69
C PRO C 330 -5.61 14.27 -84.64
N PRO C 331 -5.52 13.00 -84.17
CA PRO C 331 -5.26 11.93 -85.13
C PRO C 331 -6.35 11.81 -86.19
N LEU C 332 -7.58 12.14 -85.83
CA LEU C 332 -8.70 12.19 -86.77
C LEU C 332 -8.51 13.40 -87.71
N ALA C 333 -8.13 14.52 -87.13
CA ALA C 333 -7.90 15.77 -87.87
C ALA C 333 -6.64 15.70 -88.74
N GLY C 334 -5.76 14.76 -88.46
CA GLY C 334 -4.52 14.60 -89.20
C GLY C 334 -3.19 14.81 -88.48
N TRP C 335 -3.21 15.38 -87.28
CA TRP C 335 -1.98 15.45 -86.48
C TRP C 335 -1.75 14.09 -85.85
N SER C 336 -0.63 13.48 -86.22
CA SER C 336 -0.39 12.03 -86.14
C SER C 336 -1.50 11.27 -86.87
N ARG C 337 -1.89 10.10 -86.35
CA ARG C 337 -2.86 9.24 -87.05
C ARG C 337 -3.28 8.00 -86.26
N TYR C 338 -4.38 7.39 -86.70
CA TYR C 338 -4.85 6.11 -86.17
C TYR C 338 -4.53 4.99 -87.15
N ILE C 339 -3.71 4.04 -86.74
CA ILE C 339 -3.32 2.92 -87.58
C ILE C 339 -3.41 1.60 -86.81
N PRO C 340 -3.49 0.47 -87.52
CA PRO C 340 -3.46 -0.82 -86.82
C PRO C 340 -2.11 -1.07 -86.12
N GLU C 341 -2.16 -1.48 -84.85
CA GLU C 341 -0.96 -1.69 -84.05
C GLU C 341 -0.78 -3.16 -83.71
N GLY C 342 0.47 -3.58 -83.52
CA GLY C 342 0.76 -4.97 -83.18
C GLY C 342 0.44 -5.94 -84.30
N LEU C 343 -0.51 -6.84 -84.03
CA LEU C 343 -0.94 -7.84 -84.99
C LEU C 343 -1.92 -7.24 -86.03
N GLN C 344 -2.14 -5.94 -85.92
CA GLN C 344 -2.95 -5.14 -86.85
C GLN C 344 -4.44 -5.51 -86.86
N CYS C 345 -4.90 -6.17 -85.81
CA CYS C 345 -6.34 -6.38 -85.59
C CYS C 345 -6.94 -5.28 -84.71
N SER C 346 -6.06 -4.53 -84.05
CA SER C 346 -6.45 -3.48 -83.12
C SER C 346 -5.80 -2.17 -83.54
N CYS C 347 -6.60 -1.11 -83.61
CA CYS C 347 -6.09 0.19 -84.03
C CYS C 347 -5.80 1.12 -82.84
N GLY C 348 -4.73 1.90 -82.98
CA GLY C 348 -4.33 2.84 -81.96
C GLY C 348 -3.50 3.97 -82.55
N ILE C 349 -3.12 4.94 -81.73
CA ILE C 349 -2.30 6.07 -82.19
C ILE C 349 -0.94 5.60 -82.68
N ASP C 350 -0.34 6.34 -83.61
CA ASP C 350 0.93 5.92 -84.17
C ASP C 350 2.06 6.56 -83.36
N TYR C 351 2.56 5.79 -82.39
CA TYR C 351 3.72 6.19 -81.59
C TYR C 351 5.05 5.71 -82.17
N TYR C 352 5.04 4.58 -82.88
CA TYR C 352 6.29 3.97 -83.31
C TYR C 352 6.87 4.53 -84.61
N THR C 353 6.02 4.72 -85.61
CA THR C 353 6.48 5.22 -86.90
C THR C 353 6.70 6.72 -86.88
N LEU C 354 7.84 7.16 -87.43
CA LEU C 354 8.10 8.59 -87.60
C LEU C 354 7.67 9.06 -88.98
N LYS C 355 6.58 9.81 -89.02
CA LYS C 355 6.08 10.41 -90.26
C LYS C 355 6.06 11.93 -90.18
N PRO C 356 6.89 12.61 -90.99
CA PRO C 356 7.03 14.07 -90.92
C PRO C 356 5.82 14.85 -91.46
N GLU C 357 4.96 14.22 -92.24
CA GLU C 357 3.75 14.87 -92.75
C GLU C 357 2.77 15.13 -91.61
N VAL C 358 2.49 14.08 -90.85
CA VAL C 358 1.55 14.14 -89.72
C VAL C 358 2.23 14.58 -88.42
N ASN C 359 3.56 14.72 -88.44
CA ASN C 359 4.34 15.16 -87.27
C ASN C 359 4.12 14.29 -86.04
N ASN C 360 4.51 13.02 -86.14
CA ASN C 360 4.49 12.13 -85.00
C ASN C 360 5.49 12.53 -83.91
N GLU C 361 6.56 13.24 -84.29
CA GLU C 361 7.57 13.67 -83.35
C GLU C 361 7.02 14.60 -82.27
N SER C 362 6.26 15.61 -82.70
CA SER C 362 5.73 16.59 -81.77
C SER C 362 4.59 16.01 -80.94
N PHE C 363 3.80 15.14 -81.56
CA PHE C 363 2.63 14.56 -80.88
C PHE C 363 3.02 13.59 -79.78
N VAL C 364 4.06 12.79 -80.03
CA VAL C 364 4.52 11.82 -79.04
C VAL C 364 5.16 12.53 -77.84
N ILE C 365 5.92 13.59 -78.12
CA ILE C 365 6.48 14.42 -77.05
C ILE C 365 5.37 15.14 -76.28
N TYR C 366 4.40 15.66 -77.02
CA TYR C 366 3.21 16.29 -76.45
C TYR C 366 2.43 15.33 -75.56
N MET C 367 2.25 14.12 -76.05
CA MET C 367 1.59 13.05 -75.32
C MET C 367 2.38 12.63 -74.09
N PHE C 368 3.68 12.44 -74.26
CA PHE C 368 4.54 11.95 -73.19
C PHE C 368 4.64 12.93 -72.02
N VAL C 369 4.73 14.23 -72.33
CA VAL C 369 4.81 15.26 -71.29
C VAL C 369 3.46 15.75 -70.72
N VAL C 370 2.50 16.06 -71.60
CA VAL C 370 1.20 16.57 -71.17
C VAL C 370 0.26 15.46 -70.68
N HIS C 371 0.15 14.41 -71.50
CA HIS C 371 -0.81 13.34 -71.27
C HIS C 371 -0.24 12.12 -70.56
N PHE C 372 1.01 12.20 -70.10
CA PHE C 372 1.58 11.15 -69.28
C PHE C 372 2.29 11.68 -68.04
N THR C 373 3.33 12.49 -68.24
CA THR C 373 4.17 12.97 -67.14
C THR C 373 3.38 13.83 -66.14
N ILE C 374 2.51 14.70 -66.65
CA ILE C 374 1.72 15.57 -65.79
C ILE C 374 0.65 14.81 -64.97
N PRO C 375 -0.12 13.89 -65.60
CA PRO C 375 -0.98 13.04 -64.79
C PRO C 375 -0.23 12.20 -63.75
N MET C 376 0.98 11.78 -64.08
CA MET C 376 1.81 10.97 -63.19
C MET C 376 2.27 11.79 -61.99
N ILE C 377 2.69 13.03 -62.25
CA ILE C 377 3.14 13.93 -61.19
C ILE C 377 2.01 14.33 -60.25
N ILE C 378 0.88 14.74 -60.82
CA ILE C 378 -0.26 15.21 -60.04
C ILE C 378 -0.84 14.13 -59.12
N ILE C 379 -1.05 12.94 -59.67
CA ILE C 379 -1.62 11.82 -58.91
C ILE C 379 -0.71 11.40 -57.76
N PHE C 380 0.59 11.26 -58.04
CA PHE C 380 1.55 10.89 -57.02
C PHE C 380 1.77 12.01 -55.99
N PHE C 381 1.63 13.26 -56.43
CA PHE C 381 1.76 14.41 -55.52
C PHE C 381 0.55 14.52 -54.59
N CYS C 382 -0.64 14.43 -55.17
CA CYS C 382 -1.89 14.56 -54.42
C CYS C 382 -2.03 13.45 -53.37
N TYR C 383 -1.99 12.20 -53.82
CA TYR C 383 -2.08 11.05 -52.93
C TYR C 383 -0.86 10.95 -52.02
N GLY C 384 0.28 11.45 -52.49
CA GLY C 384 1.49 11.48 -51.68
C GLY C 384 1.38 12.47 -50.53
N GLN C 385 0.93 13.68 -50.83
CA GLN C 385 0.72 14.71 -49.81
C GLN C 385 -0.47 14.37 -48.93
N LEU C 386 -1.40 13.57 -49.46
CA LEU C 386 -2.57 13.13 -48.71
C LEU C 386 -2.17 12.20 -47.56
N VAL C 387 -1.27 11.26 -47.82
CA VAL C 387 -0.76 10.37 -46.79
C VAL C 387 0.12 11.13 -45.80
N PHE C 388 0.89 12.09 -46.32
CA PHE C 388 1.76 12.94 -45.51
C PHE C 388 0.98 13.72 -44.46
N THR C 389 -0.20 14.21 -44.85
CA THR C 389 -1.08 14.95 -43.95
C THR C 389 -1.69 14.06 -42.88
N VAL C 390 -2.13 12.86 -43.29
CA VAL C 390 -2.74 11.90 -42.37
C VAL C 390 -1.72 11.34 -41.38
N LYS C 391 -0.50 11.12 -41.85
CA LYS C 391 0.59 10.64 -41.01
C LYS C 391 0.96 11.66 -39.93
N GLU C 392 0.91 12.93 -40.29
CA GLU C 392 1.13 14.03 -39.36
C GLU C 392 -0.02 14.16 -38.37
N ALA C 393 -1.24 13.98 -38.86
CA ALA C 393 -2.45 14.09 -38.05
C ALA C 393 -2.59 12.92 -37.07
N ALA C 394 -2.28 11.71 -37.52
CA ALA C 394 -2.35 10.54 -36.67
C ALA C 394 -1.27 10.54 -35.59
N ALA C 395 -0.14 11.18 -35.88
CA ALA C 395 0.97 11.29 -34.95
C ALA C 395 0.66 12.21 -33.76
N GLN C 396 -0.13 13.24 -33.99
CA GLN C 396 -0.56 14.14 -32.91
C GLN C 396 -1.51 13.44 -31.93
N GLN C 397 -2.60 12.86 -32.45
CA GLN C 397 -3.50 12.11 -31.59
C GLN C 397 -3.27 10.61 -31.78
N GLN C 398 -2.53 10.03 -30.85
CA GLN C 398 -2.26 8.59 -30.83
C GLN C 398 -3.23 7.88 -29.89
N GLU C 399 -4.02 8.66 -29.16
CA GLU C 399 -4.96 8.09 -28.21
C GLU C 399 -6.16 7.49 -28.91
N SER C 400 -6.59 8.13 -29.99
CA SER C 400 -7.75 7.65 -30.74
C SER C 400 -7.33 6.48 -31.63
N ALA C 401 -7.88 5.31 -31.33
CA ALA C 401 -7.53 4.08 -32.05
C ALA C 401 -8.22 4.05 -33.41
N THR C 402 -9.30 4.82 -33.54
CA THR C 402 -10.04 4.91 -34.78
C THR C 402 -9.25 5.62 -35.87
N THR C 403 -8.50 6.65 -35.49
CA THR C 403 -7.66 7.39 -36.43
C THR C 403 -6.42 6.61 -36.90
N GLN C 404 -5.97 5.67 -36.07
CA GLN C 404 -4.80 4.86 -36.39
C GLN C 404 -5.11 3.77 -37.42
N LYS C 405 -6.26 3.12 -37.24
CA LYS C 405 -6.70 2.07 -38.14
C LYS C 405 -7.03 2.63 -39.53
N ALA C 406 -7.50 3.88 -39.56
CA ALA C 406 -7.77 4.58 -40.81
C ALA C 406 -6.47 4.84 -41.58
N GLU C 407 -5.47 5.37 -40.88
CA GLU C 407 -4.14 5.64 -41.43
C GLU C 407 -3.51 4.40 -42.08
N LYS C 408 -3.79 3.23 -41.51
CA LYS C 408 -3.38 1.96 -42.11
C LYS C 408 -4.08 1.73 -43.45
N GLU C 409 -5.39 1.91 -43.46
CA GLU C 409 -6.21 1.75 -44.65
C GLU C 409 -5.92 2.81 -45.72
N VAL C 410 -5.49 3.99 -45.31
CA VAL C 410 -5.10 5.04 -46.24
C VAL C 410 -3.87 4.61 -47.03
N THR C 411 -2.80 4.26 -46.32
CA THR C 411 -1.55 3.85 -46.94
C THR C 411 -1.73 2.62 -47.83
N ARG C 412 -2.63 1.74 -47.42
CA ARG C 412 -2.93 0.53 -48.16
C ARG C 412 -3.46 0.83 -49.57
N MET C 413 -4.53 1.61 -49.64
CA MET C 413 -5.18 1.93 -50.90
C MET C 413 -4.34 2.83 -51.81
N VAL C 414 -3.58 3.74 -51.24
CA VAL C 414 -2.72 4.65 -52.02
C VAL C 414 -1.64 3.89 -52.78
N ILE C 415 -1.00 2.94 -52.10
CA ILE C 415 -0.01 2.08 -52.72
C ILE C 415 -0.62 1.29 -53.89
N ILE C 416 -1.85 0.85 -53.73
CA ILE C 416 -2.57 0.16 -54.81
C ILE C 416 -2.88 1.11 -55.97
N TYR C 417 -3.24 2.35 -55.66
CA TYR C 417 -3.51 3.37 -56.68
C TYR C 417 -2.25 3.70 -57.49
N VAL C 418 -1.10 3.69 -56.83
CA VAL C 418 0.18 3.91 -57.51
C VAL C 418 0.46 2.76 -58.46
N ILE C 419 0.35 1.54 -57.95
CA ILE C 419 0.56 0.32 -58.73
C ILE C 419 -0.41 0.24 -59.90
N ALA C 420 -1.67 0.59 -59.66
CA ALA C 420 -2.70 0.60 -60.69
C ALA C 420 -2.34 1.56 -61.82
N PHE C 421 -1.81 2.73 -61.46
CA PHE C 421 -1.39 3.71 -62.44
C PHE C 421 -0.14 3.22 -63.17
N LEU C 422 0.79 2.66 -62.40
CA LEU C 422 2.08 2.22 -62.96
C LEU C 422 1.92 1.03 -63.90
N ILE C 423 1.15 0.02 -63.51
CA ILE C 423 0.91 -1.13 -64.38
C ILE C 423 0.26 -0.72 -65.70
N CYS C 424 -0.63 0.28 -65.65
CA CYS C 424 -1.37 0.71 -66.83
C CYS C 424 -0.54 1.47 -67.85
N TRP C 425 -0.03 2.63 -67.46
CA TRP C 425 0.58 3.57 -68.41
C TRP C 425 2.11 3.51 -68.59
N VAL C 426 2.82 2.82 -67.71
CA VAL C 426 4.28 2.68 -67.87
C VAL C 426 4.70 1.81 -69.07
N PRO C 427 3.99 0.68 -69.33
CA PRO C 427 4.31 -0.10 -70.53
C PRO C 427 4.26 0.73 -71.83
N TYR C 428 3.23 1.54 -72.00
CA TYR C 428 3.13 2.42 -73.16
C TYR C 428 4.23 3.48 -73.14
N ALA C 429 4.49 4.04 -71.97
CA ALA C 429 5.52 5.06 -71.82
C ALA C 429 6.91 4.48 -72.04
N SER C 430 7.12 3.24 -71.63
CA SER C 430 8.39 2.56 -71.81
C SER C 430 8.61 2.20 -73.28
N VAL C 431 7.60 1.61 -73.89
CA VAL C 431 7.67 1.15 -75.28
C VAL C 431 7.81 2.33 -76.25
N ALA C 432 6.90 3.29 -76.19
CA ALA C 432 6.91 4.44 -77.10
C ALA C 432 8.18 5.30 -76.99
N PHE C 433 8.73 5.42 -75.78
CA PHE C 433 9.98 6.14 -75.56
C PHE C 433 11.19 5.38 -76.10
N TYR C 434 11.20 4.07 -75.88
CA TYR C 434 12.25 3.20 -76.38
C TYR C 434 12.30 3.21 -77.89
N ILE C 435 11.13 3.15 -78.52
CA ILE C 435 11.02 3.16 -79.97
C ILE C 435 11.44 4.52 -80.54
N PHE C 436 11.10 5.60 -79.84
CA PHE C 436 11.50 6.94 -80.28
C PHE C 436 13.02 7.15 -80.24
N THR C 437 13.68 6.61 -79.21
CA THR C 437 15.12 6.73 -79.07
C THR C 437 15.88 5.71 -79.92
N HIS C 438 15.39 4.48 -79.94
CA HIS C 438 16.00 3.35 -80.66
C HIS C 438 15.39 3.05 -82.05
N GLN C 439 14.72 4.04 -82.65
CA GLN C 439 13.99 3.85 -83.93
C GLN C 439 14.78 3.15 -85.05
N GLY C 440 16.11 3.22 -85.01
CA GLY C 440 16.95 2.46 -85.94
C GLY C 440 16.73 0.97 -85.82
N SER C 441 16.49 0.50 -84.60
CA SER C 441 16.23 -0.91 -84.34
C SER C 441 14.84 -1.32 -84.82
N CYS C 442 14.65 -2.60 -85.09
CA CYS C 442 13.40 -3.12 -85.64
C CYS C 442 12.63 -3.87 -84.56
N PHE C 443 11.30 -3.76 -84.58
CA PHE C 443 10.45 -4.35 -83.55
C PHE C 443 9.28 -5.14 -84.12
N GLY C 444 8.97 -6.27 -83.47
CA GLY C 444 7.89 -7.13 -83.90
C GLY C 444 6.51 -6.70 -83.44
N PRO C 445 5.46 -7.43 -83.87
CA PRO C 445 4.07 -7.15 -83.49
C PRO C 445 3.75 -7.49 -82.03
N ILE C 446 4.38 -8.52 -81.47
CA ILE C 446 4.11 -8.95 -80.10
C ILE C 446 4.71 -7.96 -79.12
N PHE C 447 5.77 -7.29 -79.54
CA PHE C 447 6.39 -6.24 -78.75
C PHE C 447 5.41 -5.10 -78.44
N MET C 448 4.54 -4.79 -79.40
CA MET C 448 3.55 -3.72 -79.25
C MET C 448 2.24 -4.20 -78.59
N THR C 449 2.06 -5.51 -78.52
CA THR C 449 0.88 -6.11 -77.87
C THR C 449 1.05 -6.13 -76.36
N ILE C 450 2.28 -6.17 -75.89
CA ILE C 450 2.58 -6.22 -74.45
C ILE C 450 2.14 -4.94 -73.71
N PRO C 451 2.44 -3.74 -74.26
CA PRO C 451 1.83 -2.56 -73.64
C PRO C 451 0.32 -2.50 -73.82
N ALA C 452 -0.16 -2.93 -74.99
CA ALA C 452 -1.59 -2.98 -75.29
C ALA C 452 -2.35 -3.90 -74.34
N PHE C 453 -1.67 -4.91 -73.81
CA PHE C 453 -2.25 -5.80 -72.81
C PHE C 453 -2.63 -5.03 -71.53
N PHE C 454 -1.69 -4.25 -71.00
CA PHE C 454 -1.85 -3.61 -69.70
C PHE C 454 -2.82 -2.42 -69.67
N ALA C 455 -2.86 -1.63 -70.73
CA ALA C 455 -3.78 -0.49 -70.81
C ALA C 455 -5.22 -0.95 -70.99
N LYS C 456 -5.42 -2.00 -71.78
CA LYS C 456 -6.72 -2.60 -71.96
C LYS C 456 -7.14 -3.39 -70.72
N SER C 457 -6.15 -3.85 -69.96
CA SER C 457 -6.42 -4.51 -68.68
C SER C 457 -6.92 -3.53 -67.62
N ALA C 458 -6.53 -2.25 -67.76
CA ALA C 458 -6.97 -1.20 -66.84
C ALA C 458 -8.48 -0.96 -66.92
N ALA C 459 -9.10 -1.36 -68.03
CA ALA C 459 -10.56 -1.29 -68.16
C ALA C 459 -11.27 -2.25 -67.20
N ILE C 460 -10.49 -3.12 -66.58
CA ILE C 460 -11.00 -4.05 -65.57
C ILE C 460 -10.61 -3.60 -64.16
N TYR C 461 -9.30 -3.55 -63.89
CA TYR C 461 -8.85 -3.33 -62.50
C TYR C 461 -8.97 -1.89 -61.99
N ASN C 462 -8.95 -0.90 -62.89
CA ASN C 462 -9.20 0.48 -62.45
C ASN C 462 -10.65 0.67 -61.95
N PRO C 463 -11.65 0.12 -62.68
CA PRO C 463 -12.99 0.07 -62.07
C PRO C 463 -13.02 -0.64 -60.73
N VAL C 464 -12.36 -1.77 -60.61
CA VAL C 464 -12.38 -2.54 -59.36
C VAL C 464 -11.66 -1.79 -58.23
N ILE C 465 -10.42 -1.36 -58.49
CA ILE C 465 -9.60 -0.72 -57.47
C ILE C 465 -10.19 0.61 -56.99
N TYR C 466 -10.65 1.45 -57.91
CA TYR C 466 -11.19 2.75 -57.54
C TYR C 466 -12.67 2.71 -57.11
N ILE C 467 -13.47 1.84 -57.71
CA ILE C 467 -14.90 1.80 -57.38
C ILE C 467 -15.24 0.66 -56.42
N MET C 468 -14.97 -0.58 -56.83
CA MET C 468 -15.34 -1.76 -56.04
C MET C 468 -14.69 -1.84 -54.67
N MET C 469 -13.47 -1.30 -54.54
CA MET C 469 -12.75 -1.31 -53.26
C MET C 469 -13.27 -0.26 -52.27
N ASN C 470 -13.93 0.78 -52.79
CA ASN C 470 -14.56 1.78 -51.94
C ASN C 470 -15.70 1.17 -51.14
N LYS C 471 -15.81 1.59 -49.88
CA LYS C 471 -16.69 0.95 -48.93
C LYS C 471 -18.18 1.24 -49.19
N GLN C 472 -18.48 2.47 -49.60
CA GLN C 472 -19.86 2.86 -49.89
C GLN C 472 -20.41 2.12 -51.12
N PHE C 473 -19.59 2.02 -52.15
CA PHE C 473 -19.98 1.36 -53.40
C PHE C 473 -20.13 -0.15 -53.21
N ARG C 474 -19.19 -0.74 -52.46
CA ARG C 474 -19.17 -2.16 -52.19
C ARG C 474 -20.46 -2.63 -51.50
N ASN C 475 -20.97 -1.81 -50.59
CA ASN C 475 -22.20 -2.11 -49.85
C ASN C 475 -23.42 -2.04 -50.76
N CYS C 476 -23.42 -1.06 -51.65
CA CYS C 476 -24.51 -0.88 -52.62
C CYS C 476 -24.50 -2.03 -53.64
N MET C 477 -23.32 -2.50 -53.98
CA MET C 477 -23.15 -3.63 -54.90
C MET C 477 -23.68 -4.92 -54.26
N LEU C 478 -23.55 -4.99 -52.94
CA LEU C 478 -24.04 -6.11 -52.16
C LEU C 478 -25.56 -6.17 -52.18
N THR C 479 -26.18 -5.00 -52.03
CA THR C 479 -27.63 -4.89 -52.01
C THR C 479 -28.28 -5.31 -53.31
N THR C 480 -27.55 -5.22 -54.42
CA THR C 480 -28.06 -5.65 -55.72
C THR C 480 -28.08 -7.16 -55.86
N ILE C 481 -26.98 -7.79 -55.47
CA ILE C 481 -26.88 -9.24 -55.50
C ILE C 481 -27.76 -9.88 -54.43
N CYS C 482 -27.92 -9.19 -53.31
CA CYS C 482 -28.82 -9.66 -52.25
C CYS C 482 -30.29 -9.57 -52.62
N CYS C 483 -30.59 -8.81 -53.68
CA CYS C 483 -31.97 -8.58 -54.15
C CYS C 483 -32.82 -7.96 -53.05
N GLY C 484 -32.27 -6.94 -52.40
CA GLY C 484 -32.96 -6.27 -51.32
C GLY C 484 -32.03 -5.48 -50.40
N GLY C 489 -32.76 -1.50 -42.81
CA GLY C 489 -32.09 -0.22 -42.70
C GLY C 489 -32.84 0.73 -41.79
N ASP C 490 -33.84 1.37 -42.37
CA ASP C 490 -34.65 2.38 -41.72
C ASP C 490 -35.79 1.88 -40.91
N ASP C 491 -36.44 0.89 -41.50
CA ASP C 491 -37.61 0.30 -40.92
C ASP C 491 -37.27 -0.18 -39.56
N GLU C 492 -36.11 -0.79 -39.49
CA GLU C 492 -35.60 -1.28 -38.25
C GLU C 492 -35.48 -0.16 -37.24
N ALA C 493 -34.84 0.94 -37.65
CA ALA C 493 -34.56 2.06 -36.75
C ALA C 493 -35.83 2.64 -36.21
N SER C 494 -36.79 2.79 -37.09
CA SER C 494 -38.08 3.28 -36.69
C SER C 494 -38.02 4.66 -36.04
N ALA C 495 -38.25 4.69 -34.73
CA ALA C 495 -38.33 5.95 -34.01
C ALA C 495 -37.37 6.07 -32.84
N THR C 496 -36.48 7.05 -32.90
CA THR C 496 -35.66 7.40 -31.76
C THR C 496 -36.37 8.53 -31.03
N VAL C 497 -36.72 8.28 -29.77
CA VAL C 497 -37.58 9.20 -29.05
C VAL C 497 -36.83 9.96 -27.96
N LYS C 499 -37.49 12.44 -24.74
CA LYS C 499 -38.54 12.86 -23.83
C LYS C 499 -38.02 13.78 -22.74
N THR C 500 -38.95 14.43 -22.05
CA THR C 500 -38.60 15.42 -21.05
C THR C 500 -39.59 15.42 -19.88
N GLU C 501 -39.08 15.54 -18.66
CA GLU C 501 -39.87 15.64 -17.43
C GLU C 501 -39.23 16.54 -16.40
N THR C 502 -40.07 17.20 -15.60
CA THR C 502 -39.61 18.04 -14.50
C THR C 502 -39.70 17.29 -13.18
N SER C 503 -38.66 17.38 -12.36
CA SER C 503 -38.66 16.79 -11.03
C SER C 503 -37.57 17.36 -10.14
N HIS C 525 -35.27 21.58 -11.19
CA HIS C 525 -34.35 21.05 -12.19
C HIS C 525 -35.08 20.24 -13.27
N VAL C 526 -35.04 20.75 -14.50
CA VAL C 526 -35.61 20.05 -15.66
C VAL C 526 -34.64 18.99 -16.16
N ILE C 527 -35.15 17.79 -16.38
CA ILE C 527 -34.33 16.64 -16.75
C ILE C 527 -34.66 16.15 -18.17
N PHE C 528 -33.66 15.58 -18.86
CA PHE C 528 -33.89 14.97 -20.17
C PHE C 528 -33.52 13.50 -20.15
N LYS C 529 -34.17 12.72 -21.00
CA LYS C 529 -33.87 11.31 -21.13
C LYS C 529 -34.04 10.85 -22.57
N LYS C 530 -33.50 9.68 -22.88
CA LYS C 530 -33.69 9.06 -24.18
C LYS C 530 -33.67 7.53 -24.07
N VAL C 531 -34.57 6.88 -24.79
CA VAL C 531 -34.65 5.43 -24.79
C VAL C 531 -33.98 4.88 -26.06
N SER C 532 -33.33 3.73 -25.95
CA SER C 532 -32.69 3.09 -27.10
C SER C 532 -33.72 2.47 -28.04
N ARG C 533 -33.25 1.89 -29.13
CA ARG C 533 -34.11 1.27 -30.14
C ARG C 533 -34.73 -0.02 -29.61
N ASP C 534 -33.89 -0.86 -29.00
CA ASP C 534 -34.35 -2.10 -28.37
C ASP C 534 -34.98 -1.80 -27.02
N LYS C 535 -34.74 -0.59 -26.52
CA LYS C 535 -35.30 -0.07 -25.27
C LYS C 535 -34.81 -0.82 -24.02
N SER C 536 -33.62 -1.41 -24.13
CA SER C 536 -32.95 -2.01 -22.98
C SER C 536 -32.22 -0.96 -22.15
N VAL C 537 -31.42 -0.16 -22.85
CA VAL C 537 -30.62 0.90 -22.24
C VAL C 537 -31.31 2.24 -22.37
N THR C 538 -31.60 2.87 -21.23
CA THR C 538 -32.21 4.19 -21.21
C THR C 538 -31.26 5.17 -20.53
N ILE C 539 -30.97 6.29 -21.20
CA ILE C 539 -30.01 7.27 -20.69
C ILE C 539 -30.73 8.50 -20.12
N TYR C 540 -30.12 9.10 -19.10
CA TYR C 540 -30.63 10.31 -18.45
C TYR C 540 -29.55 11.36 -18.30
N LEU C 541 -29.90 12.64 -18.47
CA LEU C 541 -28.96 13.74 -18.34
C LEU C 541 -29.61 14.96 -17.70
N GLY C 542 -28.80 15.76 -17.02
CA GLY C 542 -29.27 16.94 -16.32
C GLY C 542 -29.62 18.08 -17.25
N LYS C 543 -28.71 18.41 -18.16
CA LYS C 543 -28.95 19.47 -19.14
C LYS C 543 -28.12 19.30 -20.42
N ARG C 544 -28.66 19.83 -21.52
CA ARG C 544 -27.97 19.76 -22.81
C ARG C 544 -26.81 20.74 -22.86
N ASP C 545 -27.07 21.97 -22.44
CA ASP C 545 -26.03 23.01 -22.48
C ASP C 545 -25.11 22.88 -21.28
N TYR C 546 -23.84 22.63 -21.54
CA TYR C 546 -22.83 22.61 -20.48
C TYR C 546 -21.92 23.82 -20.60
N VAL C 547 -21.85 24.60 -19.53
CA VAL C 547 -21.11 25.85 -19.53
C VAL C 547 -19.61 25.59 -19.52
N ASP C 548 -18.91 26.18 -20.48
CA ASP C 548 -17.46 26.01 -20.56
C ASP C 548 -16.79 27.21 -19.89
N HIS C 549 -16.18 26.93 -18.74
CA HIS C 549 -15.40 27.94 -18.02
C HIS C 549 -14.01 28.01 -18.64
N VAL C 550 -13.25 29.04 -18.29
CA VAL C 550 -11.90 29.19 -18.84
C VAL C 550 -10.95 28.20 -18.18
N SER C 551 -10.97 28.18 -16.85
CA SER C 551 -10.11 27.30 -16.07
C SER C 551 -10.53 25.83 -16.20
N GLN C 552 -11.80 25.56 -15.91
CA GLN C 552 -12.34 24.21 -15.91
C GLN C 552 -13.51 24.10 -16.87
N VAL C 553 -14.12 22.92 -16.92
CA VAL C 553 -15.32 22.70 -17.73
C VAL C 553 -16.39 22.03 -16.89
N GLU C 554 -17.65 22.35 -17.16
CA GLU C 554 -18.77 21.72 -16.48
C GLU C 554 -18.98 20.33 -17.08
N PRO C 555 -18.79 19.27 -16.27
CA PRO C 555 -18.81 17.89 -16.78
C PRO C 555 -20.20 17.37 -17.06
N VAL C 556 -20.28 16.28 -17.82
CA VAL C 556 -21.56 15.66 -18.14
C VAL C 556 -22.02 14.82 -16.96
N ASP C 557 -23.14 15.22 -16.37
CA ASP C 557 -23.69 14.56 -15.20
C ASP C 557 -24.99 13.85 -15.54
N GLY C 558 -25.14 12.62 -15.05
CA GLY C 558 -26.32 11.83 -15.34
C GLY C 558 -26.27 10.39 -14.89
N VAL C 559 -27.27 9.62 -15.30
CA VAL C 559 -27.35 8.18 -14.98
C VAL C 559 -27.85 7.37 -16.16
N VAL C 560 -27.73 6.05 -16.05
CA VAL C 560 -28.19 5.11 -17.08
C VAL C 560 -28.98 3.95 -16.48
N LEU C 561 -30.26 3.85 -16.88
CA LEU C 561 -31.09 2.71 -16.49
C LEU C 561 -30.86 1.53 -17.44
N VAL C 562 -30.53 0.39 -16.87
CA VAL C 562 -30.22 -0.82 -17.63
C VAL C 562 -31.27 -1.90 -17.36
N ASP C 563 -31.79 -2.52 -18.42
CA ASP C 563 -32.73 -3.64 -18.27
C ASP C 563 -31.95 -4.91 -17.94
N PRO C 564 -32.16 -5.47 -16.74
CA PRO C 564 -31.35 -6.63 -16.31
C PRO C 564 -31.67 -7.90 -17.10
N GLU C 565 -32.91 -7.99 -17.58
CA GLU C 565 -33.36 -9.14 -18.35
C GLU C 565 -32.71 -9.15 -19.73
N LEU C 566 -32.82 -8.01 -20.41
CA LEU C 566 -32.27 -7.82 -21.75
C LEU C 566 -30.74 -7.74 -21.78
N VAL C 567 -30.16 -7.06 -20.79
CA VAL C 567 -28.71 -6.84 -20.72
C VAL C 567 -28.00 -7.89 -19.85
N LYS C 568 -28.68 -8.97 -19.52
CA LYS C 568 -28.09 -10.01 -18.68
C LYS C 568 -26.73 -10.49 -19.19
N GLY C 569 -25.71 -10.37 -18.34
CA GLY C 569 -24.35 -10.78 -18.68
C GLY C 569 -23.66 -9.99 -19.78
N LYS C 570 -24.06 -8.74 -19.98
CA LYS C 570 -23.47 -7.90 -21.02
C LYS C 570 -22.72 -6.72 -20.42
N LYS C 571 -22.08 -5.93 -21.29
CA LYS C 571 -21.27 -4.80 -20.85
C LYS C 571 -21.84 -3.47 -21.34
N VAL C 572 -22.40 -2.71 -20.40
CA VAL C 572 -22.90 -1.37 -20.69
C VAL C 572 -21.79 -0.34 -20.49
N TYR C 573 -21.67 0.56 -21.47
CA TYR C 573 -20.70 1.65 -21.40
C TYR C 573 -21.37 2.99 -21.63
N VAL C 574 -20.65 4.06 -21.33
CA VAL C 574 -21.07 5.41 -21.67
C VAL C 574 -19.90 6.15 -22.30
N THR C 575 -20.19 7.00 -23.28
CA THR C 575 -19.14 7.70 -24.02
C THR C 575 -19.30 9.22 -24.03
N LEU C 576 -18.19 9.91 -24.29
CA LEU C 576 -18.19 11.33 -24.58
C LEU C 576 -17.43 11.57 -25.88
N THR C 577 -18.15 11.91 -26.95
CA THR C 577 -17.54 12.05 -28.27
C THR C 577 -17.59 13.49 -28.77
N CYS C 578 -16.42 14.10 -28.92
CA CYS C 578 -16.32 15.39 -29.58
C CYS C 578 -15.77 15.16 -30.99
N ALA C 579 -16.62 15.35 -32.00
CA ALA C 579 -16.25 15.03 -33.37
C ALA C 579 -16.32 16.24 -34.29
N PHE C 580 -15.28 16.44 -35.08
CA PHE C 580 -15.31 17.45 -36.13
C PHE C 580 -15.98 16.82 -37.34
N ARG C 581 -17.12 17.37 -37.72
CA ARG C 581 -17.94 16.80 -38.77
C ARG C 581 -17.93 17.68 -40.02
N TYR C 582 -17.66 17.07 -41.17
CA TYR C 582 -17.71 17.77 -42.45
C TYR C 582 -18.20 16.83 -43.55
N GLY C 583 -19.11 17.31 -44.40
CA GLY C 583 -19.69 16.52 -45.47
C GLY C 583 -20.64 15.42 -45.03
N GLN C 584 -20.86 14.43 -45.90
CA GLN C 584 -21.81 13.36 -45.63
C GLN C 584 -21.10 12.15 -45.03
N GLU C 585 -21.77 11.46 -44.11
CA GLU C 585 -21.19 10.33 -43.39
C GLU C 585 -20.82 9.15 -44.30
N ASP C 586 -21.64 8.91 -45.32
CA ASP C 586 -21.46 7.77 -46.21
C ASP C 586 -20.25 7.99 -47.08
N ILE C 587 -20.20 9.13 -47.76
CA ILE C 587 -19.13 9.43 -48.71
C ILE C 587 -17.82 9.72 -47.99
N ASP C 588 -17.89 10.20 -46.73
CA ASP C 588 -16.68 10.51 -45.98
C ASP C 588 -15.86 9.27 -45.66
N VAL C 589 -16.55 8.22 -45.24
CA VAL C 589 -15.89 6.95 -44.91
C VAL C 589 -15.34 6.27 -46.15
N MET C 590 -16.00 6.51 -47.28
CA MET C 590 -15.61 5.95 -48.57
C MET C 590 -14.26 6.51 -49.03
N GLY C 591 -13.90 7.68 -48.53
CA GLY C 591 -12.78 8.45 -49.05
C GLY C 591 -11.41 8.04 -48.52
N LEU C 592 -11.28 6.76 -48.14
CA LEU C 592 -10.04 6.12 -47.67
C LEU C 592 -9.76 6.40 -46.21
N THR C 593 -10.48 7.38 -45.68
CA THR C 593 -10.40 7.75 -44.28
C THR C 593 -11.79 8.22 -43.91
N PHE C 594 -11.98 8.71 -42.70
CA PHE C 594 -13.26 9.29 -42.29
C PHE C 594 -13.05 10.52 -41.43
N ARG C 595 -14.16 11.15 -41.01
CA ARG C 595 -14.10 12.35 -40.16
C ARG C 595 -13.37 12.09 -38.85
N ARG C 596 -12.52 13.03 -38.46
CA ARG C 596 -11.69 12.86 -37.28
C ARG C 596 -12.45 13.17 -36.01
N ASP C 597 -12.45 12.21 -35.09
CA ASP C 597 -12.97 12.44 -33.77
C ASP C 597 -11.92 13.24 -33.02
N LEU C 598 -12.30 14.45 -32.60
CA LEU C 598 -11.37 15.37 -31.96
C LEU C 598 -10.98 14.88 -30.58
N TYR C 599 -11.98 14.51 -29.78
CA TYR C 599 -11.77 13.94 -28.46
C TYR C 599 -12.72 12.76 -28.19
N PHE C 600 -12.23 11.79 -27.43
CA PHE C 600 -13.06 10.65 -27.06
C PHE C 600 -12.75 10.16 -25.65
N SER C 601 -13.80 9.79 -24.93
CA SER C 601 -13.69 9.26 -23.57
C SER C 601 -14.72 8.15 -23.34
N ARG C 602 -14.46 7.28 -22.38
CA ARG C 602 -15.38 6.20 -22.05
C ARG C 602 -15.33 5.82 -20.57
N VAL C 603 -16.47 5.39 -20.04
CA VAL C 603 -16.56 4.86 -18.67
C VAL C 603 -17.46 3.62 -18.66
N GLN C 604 -17.08 2.62 -17.85
CA GLN C 604 -17.91 1.44 -17.66
C GLN C 604 -19.06 1.70 -16.71
N VAL C 605 -20.28 1.52 -17.20
CA VAL C 605 -21.49 1.75 -16.43
C VAL C 605 -21.90 0.49 -15.68
N TYR C 606 -22.11 -0.60 -16.42
CA TYR C 606 -22.45 -1.89 -15.84
C TYR C 606 -21.70 -3.03 -16.52
N PRO C 607 -21.22 -4.01 -15.74
CA PRO C 607 -21.21 -3.99 -14.28
C PRO C 607 -20.11 -3.06 -13.76
N PRO C 608 -20.42 -2.26 -12.73
CA PRO C 608 -19.45 -1.27 -12.26
C PRO C 608 -18.26 -1.90 -11.53
N VAL C 609 -17.04 -1.54 -11.94
CA VAL C 609 -15.86 -1.97 -11.21
C VAL C 609 -15.54 -0.86 -10.24
N GLY C 610 -15.82 -1.09 -8.97
CA GLY C 610 -15.75 -0.02 -8.01
C GLY C 610 -16.88 0.95 -8.32
N ALA C 611 -17.01 1.96 -7.49
CA ALA C 611 -18.05 2.93 -7.68
C ALA C 611 -17.50 4.32 -7.52
N MET C 612 -18.34 5.29 -7.88
CA MET C 612 -18.00 6.68 -7.72
C MET C 612 -17.95 7.03 -6.24
N SER C 613 -16.84 7.63 -5.82
CA SER C 613 -16.59 7.95 -4.42
C SER C 613 -17.62 8.93 -3.87
N VAL C 614 -17.95 9.93 -4.67
CA VAL C 614 -18.93 10.96 -4.31
C VAL C 614 -19.88 11.20 -5.48
N LEU C 615 -21.18 11.17 -5.19
CA LEU C 615 -22.18 11.40 -6.23
C LEU C 615 -22.64 12.86 -6.18
N THR C 616 -23.48 13.24 -7.14
CA THR C 616 -24.03 14.59 -7.19
C THR C 616 -25.46 14.63 -6.66
N GLN C 617 -26.01 15.83 -6.57
CA GLN C 617 -27.39 16.01 -6.09
C GLN C 617 -28.39 15.48 -7.11
N LEU C 618 -27.99 15.52 -8.38
CA LEU C 618 -28.82 14.98 -9.45
C LEU C 618 -28.88 13.47 -9.37
N GLN C 619 -27.71 12.84 -9.28
CA GLN C 619 -27.60 11.39 -9.23
C GLN C 619 -28.34 10.79 -8.02
N GLU C 620 -28.34 11.50 -6.90
CA GLU C 620 -29.07 11.08 -5.72
C GLU C 620 -30.57 11.06 -5.97
N SER C 621 -31.05 12.06 -6.71
CA SER C 621 -32.48 12.18 -6.99
C SER C 621 -32.96 11.10 -7.95
N LEU C 622 -32.19 10.87 -9.00
CA LEU C 622 -32.57 9.92 -10.05
C LEU C 622 -32.46 8.46 -9.60
N LEU C 623 -31.50 8.16 -8.73
CA LEU C 623 -31.33 6.80 -8.23
C LEU C 623 -32.51 6.36 -7.38
N LYS C 624 -33.00 7.27 -6.53
CA LYS C 624 -34.17 7.00 -5.70
C LYS C 624 -35.46 7.06 -6.50
N LYS C 625 -35.50 7.94 -7.50
CA LYS C 625 -36.65 8.05 -8.39
C LYS C 625 -36.82 6.79 -9.23
N LEU C 626 -35.75 6.38 -9.88
CA LEU C 626 -35.74 5.19 -10.71
C LEU C 626 -35.50 3.94 -9.87
N GLY C 627 -35.47 2.78 -10.52
CA GLY C 627 -35.33 1.51 -9.84
C GLY C 627 -33.91 1.16 -9.42
N ASP C 628 -33.71 -0.10 -9.07
CA ASP C 628 -32.42 -0.60 -8.59
C ASP C 628 -31.34 -0.72 -9.67
N ASN C 629 -31.78 -0.85 -10.92
CA ASN C 629 -30.89 -1.13 -12.04
C ASN C 629 -30.26 0.12 -12.65
N THR C 630 -30.48 1.27 -12.03
CA THR C 630 -29.85 2.52 -12.45
C THR C 630 -28.40 2.63 -12.00
N TYR C 631 -27.53 3.18 -12.86
CA TYR C 631 -26.12 3.37 -12.53
C TYR C 631 -25.64 4.77 -12.90
N PRO C 632 -24.85 5.41 -12.02
CA PRO C 632 -24.32 6.76 -12.26
C PRO C 632 -23.11 6.80 -13.18
N PHE C 633 -22.84 7.96 -13.77
CA PHE C 633 -21.63 8.20 -14.54
C PHE C 633 -21.24 9.68 -14.55
N LEU C 634 -19.97 9.94 -14.81
CA LEU C 634 -19.46 11.31 -14.94
C LEU C 634 -18.40 11.38 -16.04
N LEU C 635 -18.54 12.35 -16.93
CA LEU C 635 -17.58 12.51 -18.03
C LEU C 635 -16.98 13.92 -18.00
N THR C 636 -15.70 13.99 -17.64
CA THR C 636 -14.97 15.26 -17.58
C THR C 636 -14.44 15.70 -18.95
N PHE C 637 -14.19 17.00 -19.09
CA PHE C 637 -13.61 17.54 -20.31
C PHE C 637 -12.20 18.05 -20.05
N PRO C 638 -11.31 17.89 -21.04
CA PRO C 638 -9.98 18.51 -20.96
C PRO C 638 -10.00 19.99 -21.38
N ASP C 639 -8.83 20.62 -21.38
CA ASP C 639 -8.73 22.05 -21.70
C ASP C 639 -8.50 22.35 -23.17
N TYR C 640 -8.24 21.32 -23.98
CA TYR C 640 -7.89 21.53 -25.37
C TYR C 640 -9.06 21.43 -26.38
N LEU C 641 -10.29 21.36 -25.87
CA LEU C 641 -11.48 21.27 -26.73
C LEU C 641 -12.10 22.63 -27.10
N PRO C 642 -12.74 22.70 -28.29
CA PRO C 642 -13.44 23.90 -28.74
C PRO C 642 -14.89 23.94 -28.26
N CYS C 643 -15.64 24.93 -28.73
CA CYS C 643 -17.06 25.06 -28.43
C CYS C 643 -17.89 24.36 -29.49
N SER C 644 -19.21 24.33 -29.31
CA SER C 644 -20.09 23.76 -30.34
C SER C 644 -20.34 24.83 -31.39
N VAL C 645 -19.83 24.57 -32.59
CA VAL C 645 -19.85 25.54 -33.69
C VAL C 645 -20.20 24.83 -34.99
N MET C 646 -21.05 25.44 -35.80
CA MET C 646 -21.35 24.92 -37.12
C MET C 646 -21.34 26.01 -38.18
N LEU C 647 -20.94 25.66 -39.40
CA LEU C 647 -20.96 26.60 -40.52
C LEU C 647 -22.36 26.65 -41.14
N GLN C 648 -22.75 27.84 -41.59
CA GLN C 648 -24.11 28.09 -42.05
C GLN C 648 -24.37 27.56 -43.45
N PRO C 649 -25.38 26.68 -43.60
CA PRO C 649 -25.76 26.23 -44.94
C PRO C 649 -26.62 27.24 -45.69
N ALA C 650 -26.45 27.28 -47.01
CA ALA C 650 -27.28 28.10 -47.90
C ALA C 650 -28.63 27.40 -48.14
N PRO C 651 -29.62 28.13 -48.65
CA PRO C 651 -30.90 27.48 -48.98
C PRO C 651 -30.76 26.43 -50.08
N GLN C 652 -29.99 26.73 -51.12
CA GLN C 652 -29.78 25.77 -52.20
C GLN C 652 -28.96 24.56 -51.72
N ASP C 653 -28.10 24.78 -50.74
CA ASP C 653 -27.31 23.68 -50.18
C ASP C 653 -28.17 22.88 -49.22
N VAL C 654 -28.43 21.63 -49.56
CA VAL C 654 -29.32 20.77 -48.79
C VAL C 654 -28.51 19.74 -48.01
N GLY C 655 -27.81 18.88 -48.74
CA GLY C 655 -27.05 17.79 -48.14
C GLY C 655 -25.72 18.20 -47.54
N LYS C 656 -25.25 19.40 -47.87
CA LYS C 656 -24.00 19.90 -47.33
C LYS C 656 -24.14 20.22 -45.84
N SER C 657 -23.25 19.64 -45.04
CA SER C 657 -23.24 19.86 -43.60
C SER C 657 -21.81 19.88 -43.05
N CYS C 658 -21.50 20.90 -42.25
CA CYS C 658 -20.19 20.98 -41.60
C CYS C 658 -20.29 21.68 -40.25
N GLY C 659 -19.56 21.15 -39.26
CA GLY C 659 -19.51 21.76 -37.94
C GLY C 659 -19.01 20.83 -36.85
N VAL C 660 -18.65 21.42 -35.71
CA VAL C 660 -18.22 20.67 -34.53
C VAL C 660 -19.44 20.39 -33.67
N ASP C 661 -19.50 19.18 -33.10
CA ASP C 661 -20.59 18.84 -32.20
C ASP C 661 -20.16 17.78 -31.18
N PHE C 662 -20.79 17.83 -30.01
CA PHE C 662 -20.51 16.91 -28.92
C PHE C 662 -21.62 15.86 -28.82
N GLU C 663 -21.23 14.62 -28.54
CA GLU C 663 -22.19 13.53 -28.51
C GLU C 663 -21.97 12.58 -27.33
N VAL C 664 -22.98 12.47 -26.47
CA VAL C 664 -22.98 11.52 -25.37
C VAL C 664 -23.77 10.26 -25.74
N LYS C 665 -23.08 9.13 -25.84
CA LYS C 665 -23.72 7.89 -26.25
C LYS C 665 -23.67 6.83 -25.14
N ALA C 666 -24.61 5.89 -25.19
CA ALA C 666 -24.65 4.77 -24.27
C ALA C 666 -25.14 3.53 -25.01
N PHE C 667 -24.56 2.38 -24.70
CA PHE C 667 -24.86 1.14 -25.42
C PHE C 667 -24.54 -0.10 -24.59
N ALA C 668 -25.08 -1.24 -25.01
CA ALA C 668 -24.76 -2.53 -24.41
C ALA C 668 -24.16 -3.48 -25.46
N SER C 669 -23.14 -4.23 -25.07
CA SER C 669 -22.46 -5.15 -25.99
C SER C 669 -21.83 -6.34 -25.27
N ASP C 670 -21.81 -7.49 -25.95
CA ASP C 670 -21.15 -8.69 -25.44
C ASP C 670 -19.63 -8.56 -25.49
N ILE C 671 -19.17 -7.84 -26.51
CA ILE C 671 -17.75 -7.73 -26.83
C ILE C 671 -17.01 -6.86 -25.81
N THR C 672 -15.70 -7.08 -25.69
CA THR C 672 -14.88 -6.38 -24.71
C THR C 672 -14.72 -4.89 -25.02
N ASP C 673 -14.21 -4.16 -24.04
CA ASP C 673 -14.10 -2.70 -24.09
C ASP C 673 -13.47 -2.09 -25.37
N PRO C 674 -12.38 -2.68 -25.90
CA PRO C 674 -11.73 -2.06 -27.06
C PRO C 674 -12.62 -1.81 -28.31
N GLU C 675 -13.70 -2.57 -28.50
CA GLU C 675 -14.49 -2.37 -29.71
C GLU C 675 -15.54 -1.28 -29.47
N GLU C 676 -15.29 -0.12 -30.07
CA GLU C 676 -16.10 1.09 -29.87
C GLU C 676 -16.64 1.60 -31.20
N ASP C 677 -15.73 1.77 -32.16
CA ASP C 677 -16.11 2.19 -33.52
C ASP C 677 -17.28 1.38 -34.10
N LYS C 678 -17.32 0.09 -33.78
CA LYS C 678 -18.38 -0.80 -34.23
C LYS C 678 -19.22 -1.26 -33.06
N ILE C 679 -20.52 -0.92 -33.08
CA ILE C 679 -21.44 -1.29 -32.01
C ILE C 679 -22.79 -1.73 -32.54
N PRO C 680 -23.57 -2.47 -31.73
CA PRO C 680 -24.93 -2.80 -32.17
C PRO C 680 -25.79 -1.53 -32.22
N LYS C 681 -26.49 -1.32 -33.34
CA LYS C 681 -27.34 -0.15 -33.50
C LYS C 681 -28.58 -0.21 -32.61
N LYS C 682 -29.11 -1.42 -32.42
CA LYS C 682 -30.32 -1.62 -31.63
C LYS C 682 -30.12 -1.28 -30.15
N SER C 683 -28.98 -1.69 -29.59
CA SER C 683 -28.69 -1.46 -28.17
C SER C 683 -28.26 -0.01 -27.87
N SER C 684 -27.73 0.66 -28.90
CA SER C 684 -27.16 1.99 -28.76
C SER C 684 -28.20 3.09 -28.61
N VAL C 685 -27.84 4.12 -27.83
CA VAL C 685 -28.63 5.33 -27.70
C VAL C 685 -27.67 6.51 -27.57
N ARG C 686 -28.04 7.65 -28.16
CA ARG C 686 -27.15 8.80 -28.14
C ARG C 686 -27.93 10.10 -28.04
N LEU C 687 -27.35 11.09 -27.37
CA LEU C 687 -28.00 12.36 -27.16
C LEU C 687 -27.00 13.49 -27.32
N LEU C 688 -27.33 14.46 -28.18
CA LEU C 688 -26.45 15.57 -28.48
C LEU C 688 -26.47 16.62 -27.37
N ILE C 689 -25.29 17.12 -27.04
CA ILE C 689 -25.13 18.17 -26.03
C ILE C 689 -24.30 19.33 -26.57
N ARG C 690 -24.31 20.45 -25.85
CA ARG C 690 -23.52 21.61 -26.25
C ARG C 690 -22.46 21.98 -25.23
N LYS C 691 -21.32 22.44 -25.74
CA LYS C 691 -20.29 23.05 -24.90
C LYS C 691 -20.21 24.52 -25.29
N VAL C 692 -20.76 25.37 -24.43
CA VAL C 692 -20.94 26.78 -24.77
C VAL C 692 -20.20 27.69 -23.76
N GLN C 693 -19.63 28.77 -24.27
CA GLN C 693 -18.95 29.76 -23.43
C GLN C 693 -19.78 31.03 -23.23
N HIS C 694 -20.16 31.31 -21.98
CA HIS C 694 -20.74 32.60 -21.63
C HIS C 694 -19.64 33.64 -21.49
N ALA C 695 -20.01 34.91 -21.65
CA ALA C 695 -19.06 36.01 -21.50
C ALA C 695 -18.60 36.13 -20.05
N PRO C 696 -17.30 36.35 -19.84
CA PRO C 696 -16.78 36.45 -18.47
C PRO C 696 -17.24 37.74 -17.78
N PRO C 697 -17.22 37.76 -16.45
CA PRO C 697 -17.63 38.94 -15.69
C PRO C 697 -16.81 40.17 -16.01
N GLU C 698 -15.52 39.97 -16.25
CA GLU C 698 -14.63 41.10 -16.43
C GLU C 698 -14.64 41.56 -17.87
N MET C 699 -15.22 42.73 -18.08
CA MET C 699 -15.18 43.42 -19.35
C MET C 699 -13.91 44.23 -19.43
N GLY C 700 -13.11 44.01 -20.46
CA GLY C 700 -11.81 44.64 -20.57
C GLY C 700 -11.85 46.14 -20.79
N PRO C 701 -10.67 46.76 -20.90
CA PRO C 701 -10.54 48.21 -21.08
C PRO C 701 -11.02 48.64 -22.46
N GLN C 702 -11.34 49.93 -22.61
CA GLN C 702 -11.79 50.46 -23.88
C GLN C 702 -10.80 50.18 -25.00
N PRO C 703 -11.23 49.40 -26.01
CA PRO C 703 -10.34 49.11 -27.14
C PRO C 703 -9.98 50.39 -27.89
N SER C 704 -8.70 50.60 -28.13
CA SER C 704 -8.23 51.75 -28.88
C SER C 704 -7.12 51.36 -29.85
N ALA C 705 -7.40 51.51 -31.14
CA ALA C 705 -6.41 51.26 -32.18
C ALA C 705 -6.00 52.59 -32.81
N GLU C 706 -4.75 52.67 -33.25
CA GLU C 706 -4.24 53.88 -33.88
C GLU C 706 -3.19 53.55 -34.93
N ALA C 707 -3.22 54.27 -36.04
CA ALA C 707 -2.26 54.05 -37.13
C ALA C 707 -2.01 55.31 -37.94
N SER C 708 -0.80 55.39 -38.51
CA SER C 708 -0.40 56.51 -39.36
C SER C 708 0.00 56.00 -40.73
N TRP C 709 -0.36 56.74 -41.78
CA TRP C 709 -0.15 56.29 -43.15
C TRP C 709 0.54 57.36 -43.99
N GLN C 710 1.29 56.92 -45.00
CA GLN C 710 2.05 57.83 -45.87
C GLN C 710 1.97 57.37 -47.33
N PHE C 711 2.46 58.21 -48.23
CA PHE C 711 2.44 57.92 -49.66
C PHE C 711 3.74 58.23 -50.38
N PHE C 712 3.82 57.78 -51.62
CA PHE C 712 4.99 57.96 -52.46
C PHE C 712 5.19 59.41 -52.92
N MET C 713 4.15 59.99 -53.51
CA MET C 713 4.19 61.37 -53.97
C MET C 713 4.13 62.34 -52.78
N SER C 714 3.17 62.09 -51.88
CA SER C 714 2.99 62.90 -50.68
C SER C 714 3.55 62.23 -49.42
N ASP C 715 4.54 62.85 -48.78
CA ASP C 715 5.20 62.26 -47.60
C ASP C 715 4.50 62.63 -46.30
N LYS C 716 3.49 63.48 -46.40
CA LYS C 716 2.77 63.98 -45.24
C LYS C 716 1.92 62.87 -44.59
N PRO C 717 1.79 62.90 -43.26
CA PRO C 717 1.12 61.82 -42.53
C PRO C 717 -0.41 61.90 -42.58
N LEU C 718 -1.05 60.74 -42.41
CA LEU C 718 -2.49 60.65 -42.23
C LEU C 718 -2.77 59.83 -40.98
N ASN C 719 -3.27 60.50 -39.95
CA ASN C 719 -3.54 59.83 -38.68
C ASN C 719 -4.98 59.38 -38.57
N LEU C 720 -5.16 58.23 -37.94
CA LEU C 720 -6.46 57.63 -37.70
C LEU C 720 -6.49 57.01 -36.32
N SER C 721 -7.58 57.22 -35.60
CA SER C 721 -7.74 56.66 -34.27
C SER C 721 -9.12 56.03 -34.10
N VAL C 722 -9.14 54.71 -33.94
CA VAL C 722 -10.36 53.96 -33.71
C VAL C 722 -10.56 53.79 -32.21
N SER C 723 -11.81 53.90 -31.75
CA SER C 723 -12.13 53.68 -30.34
C SER C 723 -13.50 53.04 -30.16
N LEU C 724 -13.56 51.98 -29.35
CA LEU C 724 -14.84 51.36 -29.00
C LEU C 724 -15.27 51.70 -27.58
N SER C 725 -16.47 51.26 -27.20
CA SER C 725 -17.02 51.48 -25.87
C SER C 725 -16.66 50.33 -24.95
N LYS C 726 -17.07 49.14 -25.35
CA LYS C 726 -16.81 47.91 -24.60
C LYS C 726 -15.78 47.02 -25.31
N GLU C 727 -15.04 46.24 -24.54
CA GLU C 727 -14.17 45.22 -25.10
C GLU C 727 -15.00 44.01 -25.50
N ILE C 728 -15.87 43.59 -24.59
CA ILE C 728 -16.79 42.49 -24.84
C ILE C 728 -18.18 43.04 -25.17
N TYR C 729 -18.80 42.50 -26.20
CA TYR C 729 -20.15 42.87 -26.58
C TYR C 729 -21.06 41.65 -26.48
N PHE C 730 -22.36 41.89 -26.48
CA PHE C 730 -23.34 40.83 -26.35
C PHE C 730 -24.10 40.66 -27.66
N HIS C 731 -24.66 39.47 -27.85
CA HIS C 731 -25.41 39.19 -29.07
C HIS C 731 -26.71 39.98 -29.07
N GLY C 732 -26.89 40.81 -30.09
CA GLY C 732 -28.02 41.73 -30.15
C GLY C 732 -27.67 43.15 -29.75
N GLU C 733 -26.58 43.31 -29.02
CA GLU C 733 -26.11 44.63 -28.57
C GLU C 733 -25.50 45.41 -29.72
N PRO C 734 -25.84 46.70 -29.85
CA PRO C 734 -25.25 47.55 -30.89
C PRO C 734 -23.81 47.91 -30.57
N ILE C 735 -22.97 47.99 -31.61
CA ILE C 735 -21.56 48.29 -31.43
C ILE C 735 -21.22 49.68 -31.98
N PRO C 736 -21.04 50.66 -31.10
CA PRO C 736 -20.57 51.98 -31.53
C PRO C 736 -19.08 51.96 -31.88
N VAL C 737 -18.73 52.49 -33.04
CA VAL C 737 -17.34 52.61 -33.43
C VAL C 737 -16.98 54.09 -33.58
N THR C 738 -16.25 54.61 -32.60
CA THR C 738 -15.80 55.99 -32.65
C THR C 738 -14.55 56.08 -33.50
N VAL C 739 -14.62 56.88 -34.55
CA VAL C 739 -13.51 57.05 -35.48
C VAL C 739 -13.12 58.51 -35.59
N THR C 740 -11.84 58.79 -35.37
CA THR C 740 -11.31 60.13 -35.57
C THR C 740 -10.31 60.14 -36.72
N VAL C 741 -10.70 60.76 -37.83
CA VAL C 741 -9.82 60.87 -38.99
C VAL C 741 -9.13 62.22 -38.97
N THR C 742 -7.82 62.22 -38.82
CA THR C 742 -7.05 63.45 -38.82
C THR C 742 -6.26 63.54 -40.13
N ASN C 743 -6.69 64.43 -41.02
CA ASN C 743 -6.10 64.52 -42.36
C ASN C 743 -5.08 65.65 -42.41
N ASN C 744 -3.81 65.27 -42.42
CA ASN C 744 -2.71 66.21 -42.64
C ASN C 744 -2.16 66.16 -44.06
N THR C 745 -2.73 65.29 -44.90
CA THR C 745 -2.22 65.07 -46.25
C THR C 745 -2.88 65.98 -47.28
N ASP C 746 -2.39 65.91 -48.52
CA ASP C 746 -2.87 66.77 -49.61
C ASP C 746 -4.18 66.27 -50.20
N LYS C 747 -4.50 65.00 -49.98
CA LYS C 747 -5.68 64.33 -50.54
C LYS C 747 -6.92 64.29 -49.63
N VAL C 748 -8.08 64.17 -50.27
CA VAL C 748 -9.38 64.09 -49.58
C VAL C 748 -9.83 62.65 -49.35
N VAL C 749 -10.45 62.40 -48.20
CA VAL C 749 -11.08 61.12 -47.93
C VAL C 749 -12.50 61.18 -48.50
N LYS C 750 -12.82 60.28 -49.43
CA LYS C 750 -14.11 60.28 -50.11
C LYS C 750 -15.21 59.78 -49.18
N LYS C 751 -14.97 58.62 -48.57
CA LYS C 751 -15.95 58.04 -47.66
C LYS C 751 -15.26 57.16 -46.63
N ILE C 752 -15.99 56.89 -45.55
CA ILE C 752 -15.51 56.06 -44.47
C ILE C 752 -16.47 54.90 -44.28
N LYS C 753 -15.93 53.68 -44.30
CA LYS C 753 -16.75 52.48 -44.17
C LYS C 753 -16.25 51.64 -42.99
N VAL C 754 -17.15 51.32 -42.07
CA VAL C 754 -16.84 50.47 -40.93
C VAL C 754 -17.44 49.09 -41.18
N SER C 755 -16.71 48.05 -40.78
CA SER C 755 -17.11 46.68 -41.05
C SER C 755 -16.82 45.73 -39.90
N VAL C 756 -17.83 44.99 -39.46
CA VAL C 756 -17.64 43.87 -38.55
C VAL C 756 -17.31 42.61 -39.34
N GLU C 757 -16.14 42.03 -39.08
CA GLU C 757 -15.69 40.86 -39.81
C GLU C 757 -15.50 39.65 -38.89
N GLN C 758 -15.95 38.49 -39.36
CA GLN C 758 -15.90 37.27 -38.56
C GLN C 758 -14.75 36.39 -39.01
N ILE C 759 -13.71 36.32 -38.18
CA ILE C 759 -12.60 35.40 -38.43
C ILE C 759 -12.99 34.02 -37.95
N ALA C 760 -13.00 33.06 -38.86
CA ALA C 760 -13.22 31.67 -38.47
C ALA C 760 -11.95 30.86 -38.72
N ASN C 761 -11.23 30.56 -37.64
CA ASN C 761 -9.97 29.84 -37.77
C ASN C 761 -10.24 28.36 -37.61
N VAL C 762 -10.16 27.64 -38.73
CA VAL C 762 -10.44 26.22 -38.75
C VAL C 762 -9.14 25.44 -38.62
N VAL C 763 -9.02 24.67 -37.55
CA VAL C 763 -7.87 23.79 -37.37
C VAL C 763 -8.33 22.34 -37.34
N LEU C 764 -8.07 21.61 -38.42
CA LEU C 764 -8.26 20.17 -38.44
C LEU C 764 -6.97 19.47 -38.87
N TYR C 765 -6.72 19.44 -40.18
CA TYR C 765 -5.43 18.98 -40.69
C TYR C 765 -4.45 20.12 -40.87
N SER C 766 -4.99 21.35 -40.89
CA SER C 766 -4.17 22.55 -41.04
C SER C 766 -4.92 23.79 -40.54
N SER C 767 -4.15 24.82 -40.19
CA SER C 767 -4.71 26.09 -39.73
C SER C 767 -5.15 26.94 -40.92
N ASP C 768 -6.44 27.27 -40.96
CA ASP C 768 -7.01 28.00 -42.07
C ASP C 768 -7.90 29.14 -41.58
N TYR C 769 -7.53 30.38 -41.91
CA TYR C 769 -8.31 31.55 -41.54
C TYR C 769 -9.26 31.93 -42.67
N TYR C 770 -10.53 32.14 -42.33
CA TYR C 770 -11.56 32.54 -43.29
C TYR C 770 -12.32 33.75 -42.77
N VAL C 771 -12.35 34.82 -43.55
CA VAL C 771 -12.99 36.07 -43.13
C VAL C 771 -14.21 36.42 -43.99
N LYS C 772 -15.38 36.41 -43.37
CA LYS C 772 -16.63 36.87 -43.97
C LYS C 772 -17.21 38.05 -43.19
N PRO C 773 -17.39 39.21 -43.84
CA PRO C 773 -17.96 40.36 -43.10
C PRO C 773 -19.39 40.13 -42.65
N VAL C 774 -19.63 40.28 -41.36
CA VAL C 774 -20.94 40.01 -40.77
C VAL C 774 -21.87 41.22 -40.89
N ALA C 775 -21.32 42.41 -40.67
CA ALA C 775 -22.09 43.64 -40.74
C ALA C 775 -21.19 44.80 -41.18
N SER C 776 -21.79 45.80 -41.82
CA SER C 776 -21.04 46.94 -42.28
C SER C 776 -21.90 48.19 -42.36
N GLU C 777 -21.29 49.34 -42.06
CA GLU C 777 -21.95 50.63 -42.17
C GLU C 777 -20.96 51.67 -42.68
N GLU C 778 -21.43 52.56 -43.56
CA GLU C 778 -20.55 53.56 -44.17
C GLU C 778 -21.19 54.94 -44.23
N THR C 779 -20.35 55.95 -44.41
CA THR C 779 -20.79 57.34 -44.45
C THR C 779 -20.09 58.10 -45.57
N GLN C 780 -20.79 59.08 -46.14
CA GLN C 780 -20.28 59.85 -47.27
C GLN C 780 -19.60 61.14 -46.83
N GLU C 781 -19.37 61.30 -45.53
CA GLU C 781 -18.76 62.51 -45.00
C GLU C 781 -17.31 62.66 -45.47
N LYS C 782 -17.03 63.74 -46.19
CA LYS C 782 -15.69 63.99 -46.72
C LYS C 782 -14.82 64.75 -45.72
N VAL C 783 -13.53 64.44 -45.74
CA VAL C 783 -12.55 65.08 -44.87
C VAL C 783 -11.50 65.80 -45.72
N GLN C 784 -11.47 67.12 -45.61
CA GLN C 784 -10.57 67.96 -46.40
C GLN C 784 -9.14 67.94 -45.86
N PRO C 785 -8.16 68.34 -46.69
CA PRO C 785 -6.78 68.55 -46.24
C PRO C 785 -6.66 69.59 -45.13
N ASN C 786 -5.72 69.36 -44.21
CA ASN C 786 -5.54 70.21 -43.03
C ASN C 786 -6.83 70.37 -42.24
N SER C 787 -7.58 69.27 -42.16
CA SER C 787 -8.87 69.24 -41.46
C SER C 787 -9.16 67.87 -40.86
N THR C 788 -9.76 67.85 -39.67
CA THR C 788 -10.07 66.58 -38.99
C THR C 788 -11.59 66.38 -38.82
N LEU C 789 -11.98 65.13 -38.64
CA LEU C 789 -13.39 64.76 -38.44
C LEU C 789 -13.51 63.61 -37.45
N THR C 790 -14.38 63.78 -36.46
CA THR C 790 -14.72 62.72 -35.53
C THR C 790 -16.16 62.28 -35.76
N LYS C 791 -16.36 60.98 -35.97
CA LYS C 791 -17.70 60.44 -36.22
C LYS C 791 -17.86 59.05 -35.60
N THR C 792 -18.98 58.84 -34.91
CA THR C 792 -19.27 57.54 -34.31
C THR C 792 -20.40 56.85 -35.06
N LEU C 793 -20.10 55.67 -35.61
CA LEU C 793 -21.09 54.90 -36.37
C LEU C 793 -21.40 53.58 -35.68
N VAL C 794 -22.70 53.30 -35.55
CA VAL C 794 -23.16 52.06 -34.93
C VAL C 794 -23.35 50.95 -35.95
N LEU C 795 -22.97 49.73 -35.57
CA LEU C 795 -23.16 48.56 -36.41
C LEU C 795 -23.95 47.48 -35.68
N VAL C 796 -24.73 46.70 -36.44
CA VAL C 796 -25.61 45.68 -35.87
C VAL C 796 -25.31 44.28 -36.44
N PRO C 797 -24.42 43.55 -35.75
CA PRO C 797 -24.05 42.21 -36.22
C PRO C 797 -25.13 41.18 -35.86
N LEU C 798 -26.15 41.10 -36.70
CA LEU C 798 -27.28 40.20 -36.48
C LEU C 798 -27.32 39.11 -37.54
N LEU C 799 -27.81 37.93 -37.14
CA LEU C 799 -27.89 36.79 -38.03
C LEU C 799 -28.98 36.94 -39.11
N ALA C 800 -30.12 37.53 -38.72
CA ALA C 800 -31.28 37.66 -39.59
C ALA C 800 -30.96 38.29 -40.94
N ASN C 801 -30.14 39.33 -40.93
CA ASN C 801 -29.66 39.96 -42.17
C ASN C 801 -28.69 39.05 -42.93
N ASN C 802 -27.91 38.26 -42.19
CA ASN C 802 -26.89 37.40 -42.78
C ASN C 802 -27.39 36.00 -43.12
N ARG C 803 -28.70 35.78 -42.98
CA ARG C 803 -29.31 34.54 -43.42
C ARG C 803 -29.18 34.40 -44.92
N GLU C 804 -29.23 33.16 -45.40
CA GLU C 804 -29.06 32.83 -46.81
C GLU C 804 -27.70 33.29 -47.34
N ARG C 805 -26.64 32.86 -46.65
CA ARG C 805 -25.25 33.11 -47.06
C ARG C 805 -24.39 31.86 -46.92
N ARG C 806 -23.12 32.00 -47.31
CA ARG C 806 -22.16 30.89 -47.30
C ARG C 806 -20.99 31.14 -46.36
N GLY C 807 -20.62 30.10 -45.60
CA GLY C 807 -19.44 30.12 -44.77
C GLY C 807 -19.52 30.87 -43.45
N ILE C 808 -20.73 31.24 -43.03
CA ILE C 808 -20.92 31.98 -41.79
C ILE C 808 -20.88 31.04 -40.59
N ALA C 809 -20.03 31.33 -39.63
CA ALA C 809 -19.90 30.52 -38.42
C ALA C 809 -21.01 30.84 -37.42
N LEU C 810 -21.73 29.79 -36.99
CA LEU C 810 -22.84 29.95 -36.07
C LEU C 810 -22.64 29.14 -34.79
N ASP C 811 -23.31 29.56 -33.73
CA ASP C 811 -23.39 28.73 -32.52
C ASP C 811 -24.23 27.50 -32.84
N GLY C 812 -23.82 26.35 -32.30
CA GLY C 812 -24.47 25.10 -32.57
C GLY C 812 -25.93 25.12 -32.18
N LYS C 813 -26.80 24.59 -33.03
CA LYS C 813 -28.23 24.55 -32.74
C LYS C 813 -28.62 23.18 -32.21
N ILE C 814 -29.42 23.17 -31.15
CA ILE C 814 -29.99 21.92 -30.69
C ILE C 814 -31.02 21.51 -31.69
N LYS C 815 -30.87 20.31 -32.27
CA LYS C 815 -31.78 19.84 -33.30
C LYS C 815 -31.75 20.86 -34.46
N HIS C 816 -32.93 21.30 -34.91
CA HIS C 816 -33.02 22.43 -35.82
C HIS C 816 -33.83 23.57 -35.24
N GLU C 817 -33.18 24.47 -34.53
CA GLU C 817 -33.87 25.55 -33.85
C GLU C 817 -33.16 26.83 -34.17
N ASP C 818 -33.86 27.95 -34.01
CA ASP C 818 -33.27 29.25 -34.29
C ASP C 818 -32.04 29.44 -33.41
N THR C 819 -30.99 30.00 -34.01
CA THR C 819 -29.72 30.17 -33.33
C THR C 819 -29.21 31.57 -33.60
N ASN C 820 -27.97 31.83 -33.19
CA ASN C 820 -27.32 33.10 -33.42
C ASN C 820 -25.93 32.92 -34.00
N LEU C 821 -25.28 34.03 -34.32
CA LEU C 821 -23.90 34.02 -34.81
C LEU C 821 -22.96 33.42 -33.76
N ALA C 822 -21.89 32.79 -34.24
CA ALA C 822 -20.95 32.08 -33.36
C ALA C 822 -20.30 33.00 -32.32
N SER C 823 -20.21 32.51 -31.09
CA SER C 823 -19.58 33.24 -30.00
C SER C 823 -18.07 33.20 -30.12
N SER C 824 -17.41 34.22 -29.59
CA SER C 824 -15.95 34.30 -29.66
C SER C 824 -15.32 33.25 -28.74
N THR C 825 -14.51 32.38 -29.33
CA THR C 825 -13.91 31.26 -28.60
C THR C 825 -12.68 31.69 -27.82
N ILE C 826 -12.69 31.44 -26.52
CA ILE C 826 -11.57 31.72 -25.64
C ILE C 826 -10.77 30.45 -25.35
N ILE C 827 -9.47 30.51 -25.62
CA ILE C 827 -8.56 29.42 -25.32
C ILE C 827 -7.88 29.65 -23.96
N LYS C 828 -7.68 28.57 -23.21
CA LYS C 828 -7.02 28.64 -21.90
C LYS C 828 -5.54 29.02 -22.04
N GLU C 829 -5.06 29.84 -21.11
CA GLU C 829 -3.70 30.35 -21.10
C GLU C 829 -2.69 29.25 -20.76
N GLY C 830 -1.63 29.13 -21.57
CA GLY C 830 -0.56 28.19 -21.27
C GLY C 830 -0.90 26.72 -21.36
N ILE C 831 -1.29 26.27 -22.55
CA ILE C 831 -1.64 24.85 -22.75
C ILE C 831 -0.69 24.13 -23.72
N ASP C 832 -0.60 22.80 -23.56
CA ASP C 832 0.30 21.97 -24.35
C ASP C 832 -0.19 21.63 -25.75
N ARG C 833 -1.42 21.16 -25.83
CA ARG C 833 -2.01 20.74 -27.10
C ARG C 833 -2.62 21.91 -27.85
N THR C 834 -2.46 21.89 -29.18
CA THR C 834 -3.11 22.87 -30.04
C THR C 834 -4.58 22.53 -30.16
N VAL C 835 -5.44 23.55 -30.03
CA VAL C 835 -6.88 23.31 -30.05
C VAL C 835 -7.38 23.10 -31.47
N MET C 836 -7.94 21.92 -31.71
CA MET C 836 -8.49 21.56 -33.00
C MET C 836 -9.99 21.82 -33.01
N GLY C 837 -10.46 22.51 -34.05
CA GLY C 837 -11.87 22.83 -34.18
C GLY C 837 -12.06 24.14 -34.92
N ILE C 838 -13.28 24.67 -34.89
CA ILE C 838 -13.56 25.96 -35.49
C ILE C 838 -13.45 27.04 -34.41
N LEU C 839 -12.39 27.84 -34.50
CA LEU C 839 -12.13 28.88 -33.51
C LEU C 839 -12.48 30.24 -34.09
N VAL C 840 -13.49 30.87 -33.51
CA VAL C 840 -14.05 32.11 -34.04
C VAL C 840 -13.51 33.34 -33.32
N SER C 841 -13.30 34.41 -34.08
CA SER C 841 -12.87 35.70 -33.55
C SER C 841 -13.48 36.84 -34.35
N TYR C 842 -13.71 37.98 -33.70
CA TYR C 842 -14.29 39.15 -34.36
C TYR C 842 -13.36 40.36 -34.27
N HIS C 843 -13.49 41.26 -35.24
CA HIS C 843 -12.78 42.53 -35.19
C HIS C 843 -13.49 43.59 -36.03
N ILE C 844 -13.25 44.86 -35.71
CA ILE C 844 -13.79 45.98 -36.44
C ILE C 844 -12.78 46.51 -37.45
N LYS C 845 -13.11 46.38 -38.73
CA LYS C 845 -12.28 46.93 -39.78
C LYS C 845 -12.80 48.29 -40.20
N VAL C 846 -12.02 49.33 -39.94
CA VAL C 846 -12.37 50.66 -40.39
C VAL C 846 -11.72 50.91 -41.75
N LYS C 847 -12.55 50.94 -42.78
CA LYS C 847 -12.10 51.12 -44.15
C LYS C 847 -12.18 52.59 -44.55
N LEU C 848 -11.10 53.08 -45.16
CA LEU C 848 -11.07 54.44 -45.67
C LEU C 848 -10.90 54.40 -47.19
N THR C 849 -11.73 55.16 -47.89
CA THR C 849 -11.60 55.26 -49.34
C THR C 849 -11.06 56.65 -49.66
N VAL C 850 -9.83 56.69 -50.15
CA VAL C 850 -9.11 57.93 -50.44
C VAL C 850 -8.92 58.10 -51.94
N SER C 851 -8.89 59.36 -52.40
CA SER C 851 -8.63 59.67 -53.80
C SER C 851 -7.18 59.35 -54.20
N GLY C 852 -7.04 58.71 -55.36
CA GLY C 852 -5.77 58.27 -55.89
C GLY C 852 -4.87 59.40 -56.34
N PHE C 853 -3.57 59.14 -56.35
CA PHE C 853 -2.61 60.18 -56.69
C PHE C 853 -2.76 60.58 -58.15
N LEU C 854 -3.08 59.61 -59.01
CA LEU C 854 -3.25 59.88 -60.42
C LEU C 854 -4.45 60.76 -60.71
N GLY C 855 -5.59 60.38 -60.16
CA GLY C 855 -6.82 61.09 -60.40
C GLY C 855 -7.93 60.81 -59.42
N GLU C 856 -9.09 61.39 -59.72
CA GLU C 856 -10.29 61.17 -58.95
C GLU C 856 -10.78 59.72 -59.05
N LEU C 857 -10.73 59.15 -60.26
CA LEU C 857 -11.16 57.77 -60.49
C LEU C 857 -10.29 56.76 -59.79
N THR C 858 -8.98 57.00 -59.80
CA THR C 858 -8.04 56.21 -59.03
C THR C 858 -8.34 56.38 -57.55
N SER C 859 -8.22 55.30 -56.78
CA SER C 859 -8.47 55.36 -55.34
C SER C 859 -7.56 54.43 -54.56
N SER C 860 -7.23 54.84 -53.33
CA SER C 860 -6.37 54.07 -52.45
C SER C 860 -7.13 53.67 -51.19
N GLU C 861 -7.49 52.40 -51.09
CA GLU C 861 -8.21 51.89 -49.92
C GLU C 861 -7.25 51.58 -48.78
N VAL C 862 -7.43 52.27 -47.66
CA VAL C 862 -6.60 52.08 -46.48
C VAL C 862 -7.50 51.66 -45.31
N ALA C 863 -6.98 50.80 -44.43
CA ALA C 863 -7.77 50.31 -43.31
C ALA C 863 -6.92 49.82 -42.14
N THR C 864 -7.55 49.75 -40.97
CA THR C 864 -6.94 49.21 -39.76
C THR C 864 -7.97 48.38 -39.01
N GLU C 865 -7.48 47.44 -38.21
CA GLU C 865 -8.33 46.50 -37.51
C GLU C 865 -8.16 46.59 -36.00
N VAL C 866 -9.24 46.36 -35.27
CA VAL C 866 -9.17 46.22 -33.82
C VAL C 866 -10.06 45.06 -33.36
N PRO C 867 -9.54 44.19 -32.49
CA PRO C 867 -10.30 43.01 -32.08
C PRO C 867 -11.33 43.30 -31.00
N PHE C 868 -12.39 42.50 -30.98
CA PHE C 868 -13.38 42.53 -29.90
C PHE C 868 -14.07 41.18 -29.78
N ARG C 869 -14.70 40.94 -28.64
CA ARG C 869 -15.42 39.70 -28.41
C ARG C 869 -16.93 39.92 -28.55
N LEU C 870 -17.59 38.93 -29.16
CA LEU C 870 -19.06 38.91 -29.20
C LEU C 870 -19.53 37.56 -28.65
N MET C 871 -20.18 37.60 -27.49
CA MET C 871 -20.57 36.39 -26.77
C MET C 871 -21.94 36.52 -26.12
N HIS C 872 -22.49 35.39 -25.65
CA HIS C 872 -23.74 35.40 -24.91
C HIS C 872 -23.56 36.00 -23.53
N PRO C 873 -24.59 36.71 -23.04
CA PRO C 873 -24.55 37.22 -21.67
C PRO C 873 -24.87 36.13 -20.66
N GLN C 874 -24.29 36.25 -19.47
CA GLN C 874 -24.59 35.35 -18.37
C GLN C 874 -25.85 35.81 -17.64
N PRO C 875 -26.86 34.93 -17.54
CA PRO C 875 -28.12 35.30 -16.89
C PRO C 875 -27.96 35.34 -15.36
N ARG D 75 6.10 -21.61 -9.60
CA ARG D 75 6.98 -21.30 -8.48
C ARG D 75 6.26 -20.50 -7.40
N GLY D 76 5.53 -19.47 -7.82
CA GLY D 76 4.74 -18.64 -6.91
C GLY D 76 3.57 -19.36 -6.25
N ILE D 77 3.03 -20.35 -6.95
CA ILE D 77 1.96 -21.20 -6.42
C ILE D 77 2.48 -22.14 -5.31
N LEU D 78 3.53 -22.90 -5.61
CA LEU D 78 4.11 -23.86 -4.66
C LEU D 78 4.72 -23.17 -3.44
N ARG D 79 5.18 -21.95 -3.65
CA ARG D 79 5.75 -21.10 -2.60
C ARG D 79 4.68 -20.65 -1.62
N ASN D 80 3.53 -20.29 -2.15
CA ASN D 80 2.40 -19.80 -1.37
C ASN D 80 1.72 -20.98 -0.67
N ALA D 81 1.38 -20.81 0.60
CA ALA D 81 0.84 -21.89 1.41
C ALA D 81 -0.60 -22.27 1.05
N LYS D 82 -1.36 -21.30 0.53
CA LYS D 82 -2.76 -21.50 0.18
C LYS D 82 -2.97 -22.14 -1.20
N LEU D 83 -2.09 -21.80 -2.14
CA LEU D 83 -2.20 -22.22 -3.55
C LEU D 83 -1.66 -23.62 -3.82
N LYS D 84 -0.66 -24.06 -3.05
CA LYS D 84 0.00 -25.35 -3.27
C LYS D 84 -0.92 -26.57 -3.12
N PRO D 85 -1.66 -26.70 -1.99
CA PRO D 85 -2.54 -27.88 -1.86
C PRO D 85 -3.67 -27.90 -2.87
N VAL D 86 -4.13 -26.73 -3.28
CA VAL D 86 -5.13 -26.61 -4.33
C VAL D 86 -4.54 -27.10 -5.65
N TYR D 87 -3.37 -26.57 -5.99
CA TYR D 87 -2.64 -26.96 -7.19
C TYR D 87 -2.33 -28.45 -7.20
N ASP D 88 -1.94 -28.98 -6.04
CA ASP D 88 -1.59 -30.40 -5.93
C ASP D 88 -2.82 -31.30 -6.04
N SER D 89 -3.94 -30.86 -5.48
CA SER D 89 -5.16 -31.66 -5.50
C SER D 89 -5.83 -31.66 -6.86
N LEU D 90 -5.87 -30.49 -7.50
CA LEU D 90 -6.53 -30.34 -8.80
C LEU D 90 -5.73 -30.96 -9.95
N ASP D 91 -6.43 -31.41 -10.98
CA ASP D 91 -5.82 -32.08 -12.14
C ASP D 91 -5.22 -31.13 -13.18
N ALA D 92 -4.63 -31.71 -14.23
CA ALA D 92 -3.86 -30.98 -15.24
C ALA D 92 -4.68 -29.92 -15.98
N VAL D 93 -5.98 -30.18 -16.16
CA VAL D 93 -6.87 -29.23 -16.81
C VAL D 93 -7.21 -28.07 -15.87
N ARG D 94 -7.55 -28.40 -14.62
CA ARG D 94 -7.86 -27.38 -13.62
C ARG D 94 -6.62 -26.67 -13.08
N ARG D 95 -5.45 -27.30 -13.20
CA ARG D 95 -4.18 -26.64 -12.87
C ARG D 95 -3.87 -25.57 -13.92
N ALA D 96 -4.18 -25.87 -15.18
CA ALA D 96 -4.03 -24.92 -16.28
C ALA D 96 -4.97 -23.73 -16.09
N ALA D 97 -6.13 -23.99 -15.50
CA ALA D 97 -7.09 -22.94 -15.14
C ALA D 97 -6.59 -22.07 -13.97
N LEU D 98 -5.96 -22.71 -12.97
CA LEU D 98 -5.44 -22.00 -11.81
C LEU D 98 -4.23 -21.13 -12.16
N ILE D 99 -3.38 -21.62 -13.06
CA ILE D 99 -2.22 -20.85 -13.54
C ILE D 99 -2.68 -19.63 -14.35
N ASN D 100 -3.79 -19.78 -15.07
CA ASN D 100 -4.42 -18.67 -15.80
C ASN D 100 -4.82 -17.53 -14.86
N MET D 101 -5.37 -17.88 -13.69
CA MET D 101 -5.73 -16.91 -12.66
C MET D 101 -4.51 -16.20 -12.04
N VAL D 102 -3.46 -16.97 -11.76
CA VAL D 102 -2.22 -16.43 -11.17
C VAL D 102 -1.44 -15.58 -12.18
N PHE D 103 -1.46 -15.97 -13.45
CA PHE D 103 -0.80 -15.23 -14.52
C PHE D 103 -1.42 -13.84 -14.71
N GLN D 104 -2.73 -13.75 -14.51
CA GLN D 104 -3.50 -12.51 -14.70
C GLN D 104 -3.52 -11.59 -13.47
N MET D 105 -4.01 -12.08 -12.34
CA MET D 105 -4.14 -11.29 -11.10
C MET D 105 -2.87 -11.20 -10.24
N GLY D 106 -2.06 -12.26 -10.25
CA GLY D 106 -0.84 -12.32 -9.46
C GLY D 106 -0.93 -13.29 -8.29
N GLU D 107 0.14 -13.39 -7.51
CA GLU D 107 0.17 -14.29 -6.36
C GLU D 107 -0.72 -13.79 -5.24
N THR D 108 -0.59 -12.52 -4.92
CA THR D 108 -1.36 -11.89 -3.87
C THR D 108 -2.83 -11.71 -4.29
N GLY D 109 -3.07 -11.64 -5.60
CA GLY D 109 -4.42 -11.49 -6.12
C GLY D 109 -5.27 -12.74 -5.97
N VAL D 110 -4.71 -13.88 -6.36
CA VAL D 110 -5.41 -15.16 -6.28
C VAL D 110 -5.54 -15.65 -4.82
N ALA D 111 -4.61 -15.23 -3.96
CA ALA D 111 -4.62 -15.58 -2.54
C ALA D 111 -5.82 -15.01 -1.77
N GLY D 112 -6.47 -13.99 -2.34
CA GLY D 112 -7.66 -13.41 -1.77
C GLY D 112 -8.90 -14.30 -1.82
N PHE D 113 -8.85 -15.34 -2.66
CA PHE D 113 -9.99 -16.25 -2.78
C PHE D 113 -9.84 -17.38 -1.78
N THR D 114 -10.63 -17.30 -0.71
CA THR D 114 -10.61 -18.29 0.37
C THR D 114 -11.67 -19.37 0.16
N ASN D 115 -12.91 -18.94 -0.01
CA ASN D 115 -14.05 -19.85 -0.10
C ASN D 115 -14.10 -20.55 -1.47
N SER D 116 -13.53 -19.92 -2.49
CA SER D 116 -13.41 -20.51 -3.83
C SER D 116 -12.39 -21.65 -3.87
N LEU D 117 -11.20 -21.38 -3.34
CA LEU D 117 -10.11 -22.36 -3.29
C LEU D 117 -10.41 -23.51 -2.32
N ARG D 118 -11.24 -23.25 -1.32
CA ARG D 118 -11.62 -24.24 -0.31
C ARG D 118 -12.53 -25.36 -0.83
N MET D 119 -13.64 -25.00 -1.44
CA MET D 119 -14.63 -25.97 -1.93
C MET D 119 -14.14 -26.83 -3.10
N LEU D 120 -13.14 -26.35 -3.82
CA LEU D 120 -12.54 -27.13 -4.90
C LEU D 120 -11.83 -28.36 -4.29
N GLN D 121 -11.27 -28.18 -3.09
CA GLN D 121 -10.68 -29.27 -2.31
C GLN D 121 -11.72 -30.22 -1.71
N GLN D 122 -12.84 -29.64 -1.27
CA GLN D 122 -13.90 -30.40 -0.60
C GLN D 122 -14.84 -31.07 -1.59
N LYS D 123 -14.49 -30.94 -2.87
CA LYS D 123 -15.26 -31.49 -3.99
C LYS D 123 -16.66 -30.89 -4.11
N ARG D 124 -16.79 -29.62 -3.77
CA ARG D 124 -17.96 -28.86 -4.17
C ARG D 124 -17.59 -27.93 -5.33
N TRP D 125 -17.88 -28.35 -6.56
CA TRP D 125 -17.57 -27.56 -7.75
C TRP D 125 -18.68 -26.59 -8.14
N ASP D 126 -19.91 -26.90 -7.71
CA ASP D 126 -21.07 -26.07 -8.03
C ASP D 126 -21.07 -24.74 -7.27
N GLU D 127 -20.80 -24.82 -5.97
CA GLU D 127 -20.84 -23.63 -5.11
C GLU D 127 -19.61 -22.76 -5.29
N ALA D 128 -18.48 -23.38 -5.66
CA ALA D 128 -17.24 -22.66 -5.91
C ALA D 128 -17.30 -21.86 -7.21
N ALA D 129 -18.10 -22.34 -8.16
CA ALA D 129 -18.30 -21.67 -9.44
C ALA D 129 -19.18 -20.42 -9.29
N VAL D 130 -20.20 -20.52 -8.44
CA VAL D 130 -21.06 -19.38 -8.10
C VAL D 130 -20.26 -18.29 -7.39
N ASN D 131 -19.29 -18.71 -6.58
CA ASN D 131 -18.40 -17.77 -5.88
C ASN D 131 -17.61 -16.91 -6.85
N LEU D 132 -17.04 -17.56 -7.86
CA LEU D 132 -16.24 -16.87 -8.86
C LEU D 132 -17.10 -16.02 -9.81
N ALA D 133 -18.35 -16.42 -10.02
CA ALA D 133 -19.27 -15.69 -10.90
C ALA D 133 -19.88 -14.42 -10.28
N LYS D 134 -20.10 -14.42 -8.97
CA LYS D 134 -20.68 -13.26 -8.28
C LYS D 134 -19.63 -12.26 -7.81
N SER D 135 -18.36 -12.60 -8.00
CA SER D 135 -17.25 -11.73 -7.62
C SER D 135 -17.01 -10.63 -8.66
N ARG D 136 -16.07 -9.74 -8.35
CA ARG D 136 -15.70 -8.63 -9.24
C ARG D 136 -14.96 -9.11 -10.50
N TRP D 137 -14.24 -10.21 -10.37
CA TRP D 137 -13.45 -10.79 -11.45
C TRP D 137 -14.34 -11.17 -12.65
N TYR D 138 -15.55 -11.66 -12.36
CA TYR D 138 -16.55 -11.94 -13.40
C TYR D 138 -17.11 -10.66 -14.00
N ASN D 139 -17.41 -9.69 -13.15
CA ASN D 139 -17.91 -8.40 -13.60
C ASN D 139 -16.84 -7.64 -14.38
N GLN D 140 -15.58 -7.89 -14.04
CA GLN D 140 -14.44 -7.30 -14.73
C GLN D 140 -14.30 -7.83 -16.16
N THR D 141 -14.18 -9.15 -16.31
CA THR D 141 -14.15 -9.78 -17.63
C THR D 141 -14.94 -11.12 -17.65
N PRO D 142 -16.26 -11.03 -17.85
CA PRO D 142 -17.11 -12.23 -17.82
C PRO D 142 -16.85 -13.18 -19.00
N ASN D 143 -16.28 -12.66 -20.07
CA ASN D 143 -15.86 -13.48 -21.22
C ASN D 143 -14.80 -14.49 -20.83
N ARG D 144 -13.71 -13.94 -20.28
CA ARG D 144 -12.58 -14.74 -19.81
C ARG D 144 -12.98 -15.57 -18.60
N ALA D 145 -13.72 -14.94 -17.68
CA ALA D 145 -14.14 -15.60 -16.43
C ALA D 145 -15.04 -16.81 -16.68
N LYS D 146 -16.09 -16.63 -17.49
CA LYS D 146 -17.09 -17.67 -17.71
C LYS D 146 -16.48 -18.92 -18.33
N ARG D 147 -15.40 -18.76 -19.10
CA ARG D 147 -14.68 -19.90 -19.66
C ARG D 147 -13.93 -20.68 -18.58
N VAL D 148 -13.34 -19.96 -17.62
CA VAL D 148 -12.62 -20.57 -16.51
C VAL D 148 -13.58 -21.19 -15.49
N ILE D 149 -14.74 -20.56 -15.31
CA ILE D 149 -15.76 -21.05 -14.38
C ILE D 149 -16.40 -22.36 -14.84
N THR D 150 -16.74 -22.45 -16.12
CA THR D 150 -17.35 -23.65 -16.70
C THR D 150 -16.38 -24.85 -16.60
N THR D 151 -15.08 -24.57 -16.61
CA THR D 151 -14.04 -25.60 -16.41
C THR D 151 -14.12 -26.26 -15.02
N PHE D 152 -14.34 -25.45 -13.99
CA PHE D 152 -14.48 -25.99 -12.64
C PHE D 152 -15.73 -26.86 -12.54
N ARG D 153 -16.79 -26.39 -13.17
CA ARG D 153 -18.08 -27.06 -13.15
C ARG D 153 -18.12 -28.34 -14.01
N THR D 154 -17.70 -28.22 -15.27
CA THR D 154 -17.74 -29.35 -16.20
C THR D 154 -16.51 -30.27 -16.12
N GLY D 155 -15.33 -29.66 -16.03
CA GLY D 155 -14.08 -30.38 -16.07
C GLY D 155 -13.69 -30.78 -17.48
N THR D 156 -14.13 -30.00 -18.46
CA THR D 156 -13.88 -30.31 -19.86
C THR D 156 -13.24 -29.11 -20.57
N TRP D 157 -12.84 -29.31 -21.82
CA TRP D 157 -12.30 -28.26 -22.67
C TRP D 157 -13.35 -27.65 -23.60
N ASP D 158 -14.63 -27.98 -23.38
CA ASP D 158 -15.75 -27.43 -24.17
C ASP D 158 -15.79 -25.90 -24.24
N ALA D 159 -15.36 -25.24 -23.17
CA ALA D 159 -15.30 -23.78 -23.12
C ALA D 159 -14.20 -23.21 -24.00
N TYR D 160 -13.05 -23.88 -24.02
CA TYR D 160 -11.88 -23.44 -24.78
C TYR D 160 -11.79 -24.00 -26.21
N MET D 161 -12.84 -24.65 -26.68
CA MET D 161 -12.89 -25.12 -28.08
C MET D 161 -12.77 -23.99 -29.12
N CYS D 162 -12.16 -24.30 -30.25
CA CYS D 162 -11.85 -23.33 -31.29
C CYS D 162 -13.10 -22.88 -32.04
N GLY D 163 -13.93 -23.86 -32.42
CA GLY D 163 -15.15 -23.56 -33.15
C GLY D 163 -16.29 -24.49 -32.77
N THR D 164 -17.48 -24.16 -33.25
CA THR D 164 -18.69 -24.91 -32.92
C THR D 164 -18.76 -26.23 -33.67
N GLU D 165 -18.81 -27.34 -32.92
CA GLU D 165 -18.81 -28.66 -33.54
C GLU D 165 -20.20 -29.27 -33.54
N GLY D 166 -20.83 -29.29 -34.71
CA GLY D 166 -22.12 -29.93 -34.89
C GLY D 166 -21.91 -31.40 -35.23
N PRO D 167 -23.01 -32.17 -35.32
CA PRO D 167 -22.89 -33.56 -35.73
C PRO D 167 -22.49 -33.74 -37.19
N ASN D 168 -23.09 -32.95 -38.08
CA ASN D 168 -22.84 -33.03 -39.52
C ASN D 168 -21.87 -31.97 -40.04
N PHE D 169 -21.34 -31.14 -39.16
CA PHE D 169 -20.54 -29.99 -39.59
C PHE D 169 -19.60 -29.47 -38.51
N TYR D 170 -18.66 -28.63 -38.94
CA TYR D 170 -17.84 -27.84 -38.03
C TYR D 170 -17.71 -26.42 -38.58
N VAL D 171 -18.15 -25.45 -37.80
CA VAL D 171 -17.99 -24.03 -38.14
C VAL D 171 -16.81 -23.46 -37.37
N PRO D 172 -15.86 -22.81 -38.07
CA PRO D 172 -14.71 -22.20 -37.40
C PRO D 172 -15.05 -20.85 -36.79
N PHE D 173 -15.94 -20.87 -35.79
CA PHE D 173 -16.34 -19.67 -35.07
C PHE D 173 -16.83 -20.05 -33.68
N SER D 174 -16.59 -19.19 -32.69
CA SER D 174 -17.04 -19.44 -31.32
C SER D 174 -18.52 -19.09 -31.12
N ASN D 175 -19.25 -19.97 -30.45
CA ASN D 175 -20.68 -19.77 -30.17
C ASN D 175 -20.93 -19.06 -28.83
N ALA D 176 -19.88 -18.54 -28.21
CA ALA D 176 -20.01 -17.77 -26.96
C ALA D 176 -21.01 -16.61 -27.08
N THR D 177 -20.95 -15.89 -28.20
CA THR D 177 -21.89 -14.82 -28.47
C THR D 177 -23.30 -15.33 -28.74
N GLY D 178 -23.39 -16.56 -29.26
CA GLY D 178 -24.68 -17.19 -29.50
C GLY D 178 -25.20 -17.05 -30.92
N VAL D 179 -24.38 -16.50 -31.81
CA VAL D 179 -24.80 -16.22 -33.18
C VAL D 179 -24.63 -17.39 -34.16
N VAL D 180 -23.89 -18.42 -33.75
CA VAL D 180 -23.56 -19.54 -34.65
C VAL D 180 -24.76 -20.47 -34.88
N ARG D 181 -25.06 -20.72 -36.15
CA ARG D 181 -26.15 -21.62 -36.54
C ARG D 181 -25.69 -22.58 -37.64
N SER D 182 -26.51 -23.59 -37.92
CA SER D 182 -26.16 -24.62 -38.91
C SER D 182 -26.02 -24.04 -40.32
N PRO D 183 -24.97 -24.45 -41.04
CA PRO D 183 -24.72 -23.99 -42.42
C PRO D 183 -25.75 -24.54 -43.43
N PHE D 184 -26.45 -25.61 -43.07
CA PHE D 184 -27.49 -26.17 -43.92
C PHE D 184 -28.77 -25.32 -43.89
N GLU D 185 -29.03 -24.69 -42.75
CA GLU D 185 -30.31 -24.04 -42.48
C GLU D 185 -30.24 -22.51 -42.60
N TYR D 186 -29.29 -21.88 -41.89
CA TYR D 186 -29.20 -20.41 -41.84
C TYR D 186 -27.96 -19.84 -42.54
N PRO D 187 -28.02 -18.56 -42.95
CA PRO D 187 -26.87 -17.83 -43.53
C PRO D 187 -25.64 -17.76 -42.60
N GLN D 188 -24.46 -17.79 -43.22
CA GLN D 188 -23.17 -17.78 -42.53
C GLN D 188 -22.44 -16.41 -42.53
N TYR D 189 -23.16 -15.34 -42.80
CA TYR D 189 -22.56 -14.00 -42.94
C TYR D 189 -21.81 -13.47 -41.71
N TYR D 190 -22.01 -14.08 -40.54
CA TYR D 190 -21.27 -13.70 -39.34
C TYR D 190 -19.78 -14.10 -39.38
N LEU D 191 -19.44 -15.05 -40.25
CA LEU D 191 -18.07 -15.53 -40.39
C LEU D 191 -17.14 -14.47 -40.97
N ALA D 192 -17.50 -13.97 -42.14
CA ALA D 192 -16.73 -12.92 -42.82
C ALA D 192 -17.68 -11.91 -43.44
N GLU D 193 -17.14 -10.76 -43.84
CA GLU D 193 -17.96 -9.69 -44.41
C GLU D 193 -18.64 -10.17 -45.70
N PRO D 194 -19.94 -9.86 -45.85
CA PRO D 194 -20.79 -10.37 -46.94
C PRO D 194 -20.26 -10.19 -48.37
N TRP D 195 -19.39 -9.21 -48.59
CA TRP D 195 -18.82 -9.00 -49.92
C TRP D 195 -17.91 -10.15 -50.34
N GLN D 196 -17.35 -10.85 -49.37
CA GLN D 196 -16.46 -11.99 -49.65
C GLN D 196 -17.23 -13.22 -50.16
N PHE D 197 -18.54 -13.26 -49.90
CA PHE D 197 -19.39 -14.33 -50.41
C PHE D 197 -19.71 -14.12 -51.89
N SER D 198 -20.02 -12.87 -52.25
CA SER D 198 -20.22 -12.50 -53.64
C SER D 198 -18.90 -12.55 -54.42
N MET D 199 -17.79 -12.36 -53.72
CA MET D 199 -16.46 -12.54 -54.30
C MET D 199 -16.27 -14.00 -54.71
N LEU D 200 -16.66 -14.90 -53.81
CA LEU D 200 -16.59 -16.34 -54.08
C LEU D 200 -17.55 -16.73 -55.20
N ALA D 201 -18.73 -16.11 -55.21
CA ALA D 201 -19.71 -16.32 -56.28
C ALA D 201 -19.15 -15.89 -57.64
N ALA D 202 -18.44 -14.76 -57.66
CA ALA D 202 -17.78 -14.29 -58.87
C ALA D 202 -16.62 -15.20 -59.25
N TYR D 203 -15.93 -15.72 -58.24
CA TYR D 203 -14.80 -16.63 -58.46
C TYR D 203 -15.29 -17.99 -58.99
N MET D 204 -16.35 -18.52 -58.40
CA MET D 204 -16.96 -19.76 -58.87
C MET D 204 -17.56 -19.62 -60.26
N PHE D 205 -18.05 -18.41 -60.56
CA PHE D 205 -18.58 -18.12 -61.89
C PHE D 205 -17.47 -18.17 -62.95
N LEU D 206 -16.31 -17.63 -62.60
CA LEU D 206 -15.15 -17.63 -63.51
C LEU D 206 -14.66 -19.03 -63.84
N LEU D 207 -14.65 -19.91 -62.85
CA LEU D 207 -14.22 -21.30 -63.05
C LEU D 207 -15.17 -22.07 -63.95
N ILE D 208 -16.44 -21.69 -63.93
CA ILE D 208 -17.43 -22.29 -64.82
C ILE D 208 -17.30 -21.71 -66.23
N VAL D 209 -17.08 -20.40 -66.32
CA VAL D 209 -16.90 -19.73 -67.59
C VAL D 209 -15.63 -20.16 -68.33
N LEU D 210 -14.52 -20.22 -67.61
CA LEU D 210 -13.24 -20.64 -68.19
C LEU D 210 -13.05 -22.16 -68.25
N GLY D 211 -13.43 -22.84 -67.17
CA GLY D 211 -13.16 -24.26 -67.01
C GLY D 211 -13.94 -25.20 -67.91
N PHE D 212 -15.25 -24.97 -68.04
CA PHE D 212 -16.10 -25.88 -68.80
C PHE D 212 -15.78 -25.90 -70.31
N PRO D 213 -15.67 -24.72 -70.96
CA PRO D 213 -15.37 -24.76 -72.40
C PRO D 213 -13.99 -25.36 -72.74
N ILE D 214 -12.97 -25.04 -71.96
CA ILE D 214 -11.62 -25.55 -72.20
C ILE D 214 -11.61 -27.08 -72.17
N ASN D 215 -12.23 -27.65 -71.14
CA ASN D 215 -12.32 -29.10 -71.01
C ASN D 215 -13.31 -29.74 -71.97
N PHE D 216 -14.40 -29.02 -72.27
CA PHE D 216 -15.41 -29.52 -73.20
C PHE D 216 -14.90 -29.56 -74.64
N LEU D 217 -14.12 -28.55 -75.01
CA LEU D 217 -13.51 -28.48 -76.34
C LEU D 217 -12.49 -29.60 -76.55
N THR D 218 -11.77 -29.94 -75.49
CA THR D 218 -10.81 -31.06 -75.52
C THR D 218 -11.49 -32.36 -75.96
N LEU D 219 -12.67 -32.61 -75.40
CA LEU D 219 -13.44 -33.79 -75.76
C LEU D 219 -14.19 -33.63 -77.09
N TYR D 220 -14.72 -32.43 -77.33
CA TYR D 220 -15.52 -32.15 -78.52
C TYR D 220 -14.67 -32.28 -79.80
N VAL D 221 -13.46 -31.73 -79.76
CA VAL D 221 -12.57 -31.75 -80.91
C VAL D 221 -12.06 -33.17 -81.21
N THR D 222 -11.83 -33.95 -80.16
CA THR D 222 -11.35 -35.33 -80.31
C THR D 222 -12.36 -36.24 -81.01
N VAL D 223 -13.65 -35.93 -80.86
CA VAL D 223 -14.69 -36.66 -81.57
C VAL D 223 -14.67 -36.36 -83.07
N GLN D 224 -14.49 -35.08 -83.40
CA GLN D 224 -14.40 -34.65 -84.80
C GLN D 224 -13.15 -35.18 -85.48
N HIS D 225 -11.99 -34.88 -84.89
CA HIS D 225 -10.73 -35.29 -85.46
C HIS D 225 -10.34 -36.69 -85.01
N LYS D 226 -10.21 -37.59 -85.98
CA LYS D 226 -9.79 -38.96 -85.71
C LYS D 226 -8.29 -38.99 -85.40
N LYS D 227 -7.60 -37.92 -85.79
CA LYS D 227 -6.17 -37.76 -85.56
C LYS D 227 -5.81 -37.83 -84.08
N LEU D 228 -6.67 -37.26 -83.24
CA LEU D 228 -6.43 -37.19 -81.80
C LEU D 228 -6.73 -38.48 -81.05
N ARG D 229 -7.33 -39.47 -81.73
CA ARG D 229 -7.72 -40.69 -81.04
C ARG D 229 -6.55 -41.64 -81.03
N THR D 230 -5.88 -41.74 -79.88
CA THR D 230 -4.69 -42.55 -79.71
C THR D 230 -4.64 -43.03 -78.27
N PRO D 231 -4.12 -44.23 -78.01
CA PRO D 231 -4.01 -44.73 -76.62
C PRO D 231 -3.35 -43.76 -75.64
N LEU D 232 -2.29 -43.07 -76.06
CA LEU D 232 -1.57 -42.16 -75.19
C LEU D 232 -2.39 -40.93 -74.79
N ASN D 233 -3.27 -40.48 -75.69
CA ASN D 233 -4.13 -39.33 -75.39
C ASN D 233 -5.33 -39.66 -74.47
N TYR D 234 -5.64 -40.95 -74.29
CA TYR D 234 -6.76 -41.37 -73.45
C TYR D 234 -6.61 -40.85 -72.01
N ILE D 235 -5.38 -40.78 -71.52
CA ILE D 235 -5.12 -40.26 -70.18
C ILE D 235 -5.30 -38.74 -70.16
N LEU D 236 -5.02 -38.08 -71.28
CA LEU D 236 -5.23 -36.64 -71.38
C LEU D 236 -6.71 -36.31 -71.56
N LEU D 237 -7.46 -37.25 -72.14
CA LEU D 237 -8.90 -37.13 -72.24
C LEU D 237 -9.56 -37.36 -70.88
N ASN D 238 -8.97 -38.25 -70.10
CA ASN D 238 -9.42 -38.52 -68.74
C ASN D 238 -9.29 -37.30 -67.85
N LEU D 239 -8.27 -36.48 -68.11
CA LEU D 239 -8.06 -35.24 -67.37
C LEU D 239 -9.19 -34.24 -67.64
N ALA D 240 -9.63 -34.17 -68.90
CA ALA D 240 -10.72 -33.29 -69.29
C ALA D 240 -12.04 -33.68 -68.62
N VAL D 241 -12.32 -34.98 -68.60
CA VAL D 241 -13.52 -35.50 -67.95
C VAL D 241 -13.47 -35.27 -66.44
N ALA D 242 -12.28 -35.43 -65.86
CA ALA D 242 -12.06 -35.22 -64.43
C ALA D 242 -12.32 -33.77 -64.04
N ASP D 243 -11.76 -32.85 -64.81
CA ASP D 243 -11.93 -31.42 -64.54
C ASP D 243 -13.37 -30.96 -64.78
N LEU D 244 -14.08 -31.65 -65.66
CA LEU D 244 -15.48 -31.32 -65.91
C LEU D 244 -16.38 -31.65 -64.72
N PHE D 245 -16.07 -32.74 -64.02
CA PHE D 245 -16.82 -33.11 -62.81
C PHE D 245 -16.66 -32.07 -61.72
N MET D 246 -15.49 -31.43 -61.67
CA MET D 246 -15.24 -30.36 -60.71
C MET D 246 -16.06 -29.12 -61.05
N VAL D 247 -16.14 -28.82 -62.34
CA VAL D 247 -16.92 -27.67 -62.80
C VAL D 247 -18.42 -27.95 -62.71
N LEU D 248 -18.83 -29.07 -63.31
CA LEU D 248 -20.25 -29.43 -63.39
C LEU D 248 -20.84 -29.74 -62.02
N GLY D 249 -20.26 -30.72 -61.32
CA GLY D 249 -20.75 -31.11 -60.01
C GLY D 249 -20.40 -30.14 -58.91
N GLY D 250 -19.10 -29.83 -58.80
CA GLY D 250 -18.60 -28.97 -57.74
C GLY D 250 -18.92 -27.48 -57.82
N PHE D 251 -18.45 -26.84 -58.89
CA PHE D 251 -18.45 -25.38 -58.97
C PHE D 251 -19.83 -24.79 -59.24
N THR D 252 -20.67 -25.52 -59.96
CA THR D 252 -22.02 -25.06 -60.26
C THR D 252 -22.88 -24.99 -59.00
N SER D 253 -22.78 -26.00 -58.15
CA SER D 253 -23.50 -26.02 -56.88
C SER D 253 -22.89 -25.05 -55.88
N THR D 254 -21.57 -25.01 -55.82
CA THR D 254 -20.85 -24.08 -54.93
C THR D 254 -21.17 -22.62 -55.26
N LEU D 255 -21.44 -22.35 -56.53
CA LEU D 255 -21.86 -21.02 -56.97
C LEU D 255 -23.20 -20.65 -56.36
N TYR D 256 -24.17 -21.56 -56.47
CA TYR D 256 -25.52 -21.31 -55.97
C TYR D 256 -25.57 -21.13 -54.46
N THR D 257 -24.70 -21.85 -53.75
CA THR D 257 -24.62 -21.75 -52.30
C THR D 257 -23.94 -20.46 -51.86
N SER D 258 -22.87 -20.10 -52.55
CA SER D 258 -22.15 -18.85 -52.28
C SER D 258 -22.98 -17.64 -52.66
N LEU D 259 -23.94 -17.84 -53.57
CA LEU D 259 -24.92 -16.81 -53.93
C LEU D 259 -25.77 -16.40 -52.74
N HIS D 260 -26.42 -17.38 -52.11
CA HIS D 260 -27.31 -17.13 -50.98
C HIS D 260 -26.56 -16.91 -49.66
N GLY D 261 -25.32 -17.41 -49.59
CA GLY D 261 -24.48 -17.21 -48.42
C GLY D 261 -24.30 -18.42 -47.52
N TYR D 262 -25.12 -19.44 -47.72
CA TYR D 262 -25.01 -20.67 -46.95
C TYR D 262 -25.30 -21.90 -47.82
N PHE D 263 -25.18 -23.09 -47.24
CA PHE D 263 -25.35 -24.31 -48.02
C PHE D 263 -26.83 -24.67 -48.03
N VAL D 264 -27.45 -24.53 -49.19
CA VAL D 264 -28.89 -24.70 -49.36
C VAL D 264 -29.28 -26.18 -49.52
N PHE D 265 -28.41 -26.95 -50.15
CA PHE D 265 -28.75 -28.32 -50.58
C PHE D 265 -28.73 -29.37 -49.47
N GLY D 266 -28.28 -28.99 -48.28
CA GLY D 266 -28.27 -29.90 -47.14
C GLY D 266 -27.14 -30.91 -47.15
N PRO D 267 -27.13 -31.82 -46.16
CA PRO D 267 -26.10 -32.87 -46.04
C PRO D 267 -25.97 -33.80 -47.26
N THR D 268 -27.10 -34.11 -47.89
CA THR D 268 -27.11 -34.95 -49.09
C THR D 268 -26.40 -34.25 -50.24
N GLY D 269 -26.69 -32.97 -50.42
CA GLY D 269 -26.03 -32.16 -51.44
C GLY D 269 -24.57 -31.95 -51.12
N CYS D 270 -24.24 -31.88 -49.83
CA CYS D 270 -22.87 -31.70 -49.38
C CYS D 270 -22.03 -32.96 -49.66
N ASN D 271 -22.67 -34.12 -49.55
CA ASN D 271 -22.03 -35.39 -49.86
C ASN D 271 -21.72 -35.54 -51.35
N LEU D 272 -22.70 -35.20 -52.19
CA LEU D 272 -22.53 -35.32 -53.63
C LEU D 272 -21.55 -34.28 -54.19
N GLN D 273 -21.63 -33.06 -53.68
CA GLN D 273 -20.69 -32.02 -54.09
C GLN D 273 -19.28 -32.36 -53.63
N GLY D 274 -19.17 -32.82 -52.39
CA GLY D 274 -17.88 -33.24 -51.85
C GLY D 274 -17.32 -34.45 -52.55
N PHE D 275 -18.19 -35.36 -52.98
CA PHE D 275 -17.78 -36.55 -53.72
C PHE D 275 -17.22 -36.20 -55.10
N PHE D 276 -18.00 -35.47 -55.89
CA PHE D 276 -17.61 -35.11 -57.25
C PHE D 276 -16.38 -34.20 -57.30
N ALA D 277 -16.30 -33.28 -56.34
CA ALA D 277 -15.15 -32.36 -56.27
C ALA D 277 -13.87 -33.09 -55.89
N THR D 278 -13.98 -34.07 -55.00
CA THR D 278 -12.84 -34.90 -54.61
C THR D 278 -12.48 -35.89 -55.71
N LEU D 279 -13.49 -36.55 -56.27
CA LEU D 279 -13.30 -37.51 -57.35
C LEU D 279 -12.68 -36.84 -58.57
N GLY D 280 -13.30 -35.75 -59.02
CA GLY D 280 -12.79 -34.98 -60.15
C GLY D 280 -11.39 -34.46 -59.96
N GLY D 281 -11.05 -34.14 -58.71
CA GLY D 281 -9.70 -33.71 -58.36
C GLY D 281 -8.71 -34.86 -58.30
N GLU D 282 -9.15 -35.99 -57.74
CA GLU D 282 -8.28 -37.15 -57.58
C GLU D 282 -8.03 -37.91 -58.89
N ILE D 283 -9.02 -37.92 -59.78
CA ILE D 283 -8.83 -38.48 -61.13
C ILE D 283 -7.81 -37.61 -61.87
N ALA D 284 -7.98 -36.30 -61.77
CA ALA D 284 -7.08 -35.35 -62.40
C ALA D 284 -5.66 -35.49 -61.88
N LEU D 285 -5.54 -35.83 -60.60
CA LEU D 285 -4.23 -36.06 -59.99
C LEU D 285 -3.52 -37.27 -60.62
N TRP D 286 -4.16 -38.43 -60.53
CA TRP D 286 -3.55 -39.67 -60.99
C TRP D 286 -3.46 -39.74 -62.51
N SER D 287 -4.23 -38.91 -63.20
CA SER D 287 -4.12 -38.80 -64.65
C SER D 287 -2.73 -38.28 -65.03
N LEU D 288 -2.29 -37.26 -64.30
CA LEU D 288 -0.98 -36.65 -64.53
C LEU D 288 0.17 -37.56 -64.08
N VAL D 289 -0.11 -38.42 -63.12
CA VAL D 289 0.86 -39.43 -62.68
C VAL D 289 1.06 -40.48 -63.78
N VAL D 290 -0.05 -41.05 -64.24
CA VAL D 290 -0.04 -42.04 -65.32
C VAL D 290 0.54 -41.44 -66.60
N LEU D 291 0.20 -40.18 -66.86
CA LEU D 291 0.74 -39.45 -68.00
C LEU D 291 2.26 -39.36 -67.93
N ALA D 292 2.78 -39.04 -66.76
CA ALA D 292 4.22 -38.96 -66.52
C ALA D 292 4.92 -40.31 -66.71
N ILE D 293 4.28 -41.37 -66.23
CA ILE D 293 4.79 -42.73 -66.41
C ILE D 293 4.76 -43.14 -67.88
N GLU D 294 3.63 -42.89 -68.53
CA GLU D 294 3.44 -43.21 -69.94
C GLU D 294 4.45 -42.48 -70.83
N ARG D 295 4.62 -41.19 -70.59
CA ARG D 295 5.56 -40.36 -71.36
C ARG D 295 7.02 -40.80 -71.16
N TYR D 296 7.33 -41.27 -69.96
CA TYR D 296 8.68 -41.75 -69.66
C TYR D 296 9.03 -43.04 -70.38
N VAL D 297 8.11 -44.01 -70.34
CA VAL D 297 8.34 -45.32 -70.93
C VAL D 297 8.33 -45.29 -72.46
N VAL D 298 7.37 -44.55 -73.03
CA VAL D 298 7.19 -44.49 -74.47
C VAL D 298 8.37 -43.85 -75.21
N VAL D 299 8.84 -42.71 -74.69
CA VAL D 299 9.93 -41.98 -75.34
C VAL D 299 11.26 -42.71 -75.19
N CYS D 300 11.58 -43.08 -73.95
CA CYS D 300 12.85 -43.72 -73.63
C CYS D 300 13.02 -45.08 -74.31
N LYS D 301 11.96 -45.89 -74.27
CA LYS D 301 11.97 -47.20 -74.90
C LYS D 301 11.06 -47.20 -76.13
N PRO D 302 11.64 -47.22 -77.34
CA PRO D 302 10.80 -47.18 -78.54
C PRO D 302 10.04 -48.48 -78.77
N MET D 303 10.54 -49.59 -78.22
CA MET D 303 9.86 -50.87 -78.30
C MET D 303 8.57 -50.85 -77.51
N SER D 304 8.58 -50.13 -76.39
CA SER D 304 7.42 -50.06 -75.51
C SER D 304 6.27 -49.30 -76.14
N ASN D 305 6.62 -48.33 -76.98
CA ASN D 305 5.64 -47.57 -77.74
C ASN D 305 4.87 -48.47 -78.70
N PHE D 306 5.61 -49.36 -79.33
CA PHE D 306 5.06 -50.35 -80.23
C PHE D 306 4.15 -51.31 -79.48
N ARG D 307 4.62 -51.75 -78.32
CA ARG D 307 3.86 -52.63 -77.45
C ARG D 307 2.62 -52.00 -76.81
N PHE D 308 2.60 -50.67 -76.76
CA PHE D 308 1.55 -49.95 -76.03
C PHE D 308 0.31 -49.77 -76.89
N GLY D 309 -0.74 -50.52 -76.54
CA GLY D 309 -2.01 -50.45 -77.24
C GLY D 309 -3.13 -49.84 -76.42
N GLU D 310 -4.37 -50.06 -76.84
CA GLU D 310 -5.53 -49.56 -76.10
C GLU D 310 -5.73 -50.22 -74.73
N ASN D 311 -5.39 -51.51 -74.62
CA ASN D 311 -5.49 -52.22 -73.34
C ASN D 311 -4.58 -51.61 -72.28
N HIS D 312 -3.38 -51.24 -72.71
CA HIS D 312 -2.40 -50.65 -71.80
C HIS D 312 -2.82 -49.25 -71.39
N ALA D 313 -3.50 -48.54 -72.30
CA ALA D 313 -4.02 -47.21 -72.02
C ALA D 313 -5.23 -47.27 -71.10
N ILE D 314 -6.14 -48.21 -71.39
CA ILE D 314 -7.32 -48.44 -70.56
C ILE D 314 -6.95 -48.81 -69.11
N MET D 315 -5.94 -49.66 -68.97
CA MET D 315 -5.41 -50.03 -67.64
C MET D 315 -4.91 -48.80 -66.86
N GLY D 316 -4.35 -47.83 -67.57
CA GLY D 316 -3.92 -46.59 -66.96
C GLY D 316 -5.07 -45.70 -66.54
N VAL D 317 -6.08 -45.60 -67.39
CA VAL D 317 -7.26 -44.78 -67.11
C VAL D 317 -8.16 -45.43 -66.05
N ALA D 318 -8.24 -46.76 -66.08
CA ALA D 318 -9.01 -47.50 -65.09
C ALA D 318 -8.37 -47.39 -63.70
N PHE D 319 -7.05 -47.58 -63.64
CA PHE D 319 -6.29 -47.44 -62.40
C PHE D 319 -6.50 -46.05 -61.77
N THR D 320 -6.59 -45.04 -62.62
CA THR D 320 -6.85 -43.67 -62.20
C THR D 320 -8.18 -43.57 -61.44
N TRP D 321 -9.23 -44.15 -62.02
CA TRP D 321 -10.54 -44.14 -61.38
C TRP D 321 -10.60 -44.98 -60.11
N VAL D 322 -9.79 -46.04 -60.06
CA VAL D 322 -9.71 -46.89 -58.87
C VAL D 322 -9.08 -46.14 -57.70
N MET D 323 -7.94 -45.51 -57.96
CA MET D 323 -7.27 -44.70 -56.94
C MET D 323 -8.07 -43.46 -56.57
N ALA D 324 -8.86 -42.96 -57.52
CA ALA D 324 -9.73 -41.81 -57.27
C ALA D 324 -10.84 -42.17 -56.29
N LEU D 325 -11.46 -43.33 -56.52
CA LEU D 325 -12.51 -43.84 -55.63
C LEU D 325 -11.96 -44.27 -54.27
N ALA D 326 -10.67 -44.59 -54.22
CA ALA D 326 -10.01 -44.92 -52.96
C ALA D 326 -10.00 -43.71 -52.01
N CYS D 327 -9.89 -42.52 -52.58
CA CYS D 327 -10.01 -41.28 -51.83
C CYS D 327 -11.46 -40.82 -51.64
N ALA D 328 -12.26 -40.94 -52.69
CA ALA D 328 -13.57 -40.32 -52.75
C ALA D 328 -14.69 -41.09 -52.03
N ALA D 329 -14.65 -42.42 -52.13
CA ALA D 329 -15.68 -43.27 -51.54
C ALA D 329 -15.72 -43.36 -50.00
N PRO D 330 -14.55 -43.52 -49.34
CA PRO D 330 -14.58 -43.72 -47.87
C PRO D 330 -15.26 -42.62 -47.02
N PRO D 331 -15.16 -41.33 -47.39
CA PRO D 331 -15.92 -40.33 -46.64
C PRO D 331 -17.44 -40.58 -46.66
N LEU D 332 -17.95 -41.13 -47.76
CA LEU D 332 -19.35 -41.53 -47.85
C LEU D 332 -19.62 -42.77 -47.00
N ALA D 333 -18.69 -43.72 -47.06
CA ALA D 333 -18.78 -44.97 -46.32
C ALA D 333 -18.64 -44.78 -44.81
N GLY D 334 -18.11 -43.62 -44.40
CA GLY D 334 -17.92 -43.29 -43.00
C GLY D 334 -16.49 -43.09 -42.49
N TRP D 335 -15.48 -43.50 -43.26
CA TRP D 335 -14.11 -43.17 -42.91
C TRP D 335 -13.85 -41.72 -43.31
N SER D 336 -13.58 -40.89 -42.31
CA SER D 336 -13.72 -39.43 -42.37
C SER D 336 -15.13 -38.99 -42.79
N ARG D 337 -15.25 -37.90 -43.55
CA ARG D 337 -16.56 -37.34 -43.91
C ARG D 337 -16.48 -36.14 -44.85
N TYR D 338 -17.63 -35.80 -45.45
CA TYR D 338 -17.78 -34.60 -46.27
C TYR D 338 -18.57 -33.55 -45.49
N ILE D 339 -17.93 -32.41 -45.21
CA ILE D 339 -18.55 -31.32 -44.46
C ILE D 339 -18.28 -29.97 -45.13
N PRO D 340 -19.09 -28.93 -44.80
CA PRO D 340 -18.80 -27.60 -45.34
C PRO D 340 -17.45 -27.06 -44.88
N GLU D 341 -16.68 -26.57 -45.84
CA GLU D 341 -15.31 -26.12 -45.61
C GLU D 341 -15.20 -24.60 -45.79
N GLY D 342 -14.31 -23.97 -45.01
CA GLY D 342 -14.13 -22.53 -45.14
C GLY D 342 -15.31 -21.71 -44.67
N LEU D 343 -15.90 -20.97 -45.59
CA LEU D 343 -17.06 -20.12 -45.35
C LEU D 343 -18.35 -20.95 -45.31
N GLN D 344 -18.18 -22.27 -45.44
CA GLN D 344 -19.26 -23.26 -45.35
C GLN D 344 -20.26 -23.20 -46.50
N CYS D 345 -19.87 -22.56 -47.60
CA CYS D 345 -20.65 -22.63 -48.85
C CYS D 345 -20.14 -23.72 -49.78
N SER D 346 -18.94 -24.23 -49.48
CA SER D 346 -18.29 -25.24 -50.30
C SER D 346 -17.94 -26.45 -49.45
N CYS D 347 -18.30 -27.63 -49.91
CA CYS D 347 -18.06 -28.86 -49.17
C CYS D 347 -16.81 -29.61 -49.65
N GLY D 348 -16.09 -30.20 -48.70
CA GLY D 348 -14.88 -30.94 -49.00
C GLY D 348 -14.57 -31.96 -47.91
N ILE D 349 -13.48 -32.72 -48.08
CA ILE D 349 -13.06 -33.71 -47.09
C ILE D 349 -12.67 -33.02 -45.79
N ASP D 350 -12.85 -33.73 -44.67
CA ASP D 350 -12.55 -33.13 -43.38
C ASP D 350 -11.13 -33.46 -42.97
N TYR D 351 -10.21 -32.54 -43.30
CA TYR D 351 -8.81 -32.60 -42.86
C TYR D 351 -8.57 -31.84 -41.56
N TYR D 352 -9.37 -30.80 -41.33
CA TYR D 352 -9.10 -29.89 -40.21
C TYR D 352 -9.66 -30.35 -38.86
N THR D 353 -10.91 -30.80 -38.83
CA THR D 353 -11.54 -31.25 -37.59
C THR D 353 -11.06 -32.65 -37.27
N LEU D 354 -10.68 -32.87 -36.01
CA LEU D 354 -10.28 -34.20 -35.58
C LEU D 354 -11.45 -34.90 -34.90
N LYS D 355 -12.07 -35.83 -35.62
CA LYS D 355 -13.17 -36.62 -35.09
C LYS D 355 -12.77 -38.08 -35.08
N PRO D 356 -12.52 -38.62 -33.88
CA PRO D 356 -12.00 -39.99 -33.72
C PRO D 356 -12.98 -41.12 -34.03
N GLU D 357 -14.28 -40.86 -34.04
CA GLU D 357 -15.21 -41.92 -34.41
C GLU D 357 -15.08 -42.20 -35.91
N VAL D 358 -15.00 -41.16 -36.75
CA VAL D 358 -14.78 -41.37 -38.18
C VAL D 358 -13.28 -41.51 -38.51
N ASN D 359 -12.43 -41.23 -37.53
CA ASN D 359 -10.96 -41.32 -37.66
C ASN D 359 -10.34 -40.49 -38.78
N ASN D 360 -10.42 -39.17 -38.64
CA ASN D 360 -9.73 -38.26 -39.55
C ASN D 360 -8.21 -38.33 -39.43
N GLU D 361 -7.73 -38.83 -38.29
CA GLU D 361 -6.30 -38.96 -38.03
C GLU D 361 -5.60 -39.84 -39.07
N SER D 362 -6.17 -41.01 -39.32
CA SER D 362 -5.59 -41.96 -40.26
C SER D 362 -5.80 -41.55 -41.71
N PHE D 363 -6.94 -40.93 -41.99
CA PHE D 363 -7.29 -40.56 -43.37
C PHE D 363 -6.39 -39.44 -43.91
N VAL D 364 -6.03 -38.49 -43.06
CA VAL D 364 -5.13 -37.39 -43.48
C VAL D 364 -3.72 -37.90 -43.73
N ILE D 365 -3.25 -38.82 -42.88
CA ILE D 365 -1.96 -39.48 -43.08
C ILE D 365 -1.98 -40.33 -44.36
N TYR D 366 -3.08 -41.06 -44.55
CA TYR D 366 -3.34 -41.84 -45.75
C TYR D 366 -3.34 -40.97 -46.99
N MET D 367 -3.97 -39.80 -46.88
CA MET D 367 -3.99 -38.81 -47.95
C MET D 367 -2.59 -38.25 -48.22
N PHE D 368 -1.89 -37.90 -47.15
CA PHE D 368 -0.58 -37.27 -47.27
C PHE D 368 0.48 -38.21 -47.86
N VAL D 369 0.45 -39.49 -47.46
CA VAL D 369 1.41 -40.47 -47.97
C VAL D 369 1.05 -41.14 -49.31
N VAL D 370 -0.17 -41.65 -49.43
CA VAL D 370 -0.58 -42.35 -50.65
C VAL D 370 -0.99 -41.40 -51.77
N HIS D 371 -1.83 -40.42 -51.42
CA HIS D 371 -2.46 -39.53 -52.40
C HIS D 371 -1.76 -38.18 -52.56
N PHE D 372 -0.59 -38.02 -51.96
CA PHE D 372 0.23 -36.83 -52.19
C PHE D 372 1.70 -37.17 -52.48
N THR D 373 2.37 -37.79 -51.50
CA THR D 373 3.79 -38.08 -51.60
C THR D 373 4.16 -39.02 -52.75
N ILE D 374 3.37 -40.07 -52.96
CA ILE D 374 3.65 -41.03 -54.04
C ILE D 374 3.45 -40.40 -55.43
N PRO D 375 2.34 -39.66 -55.66
CA PRO D 375 2.26 -38.90 -56.92
C PRO D 375 3.39 -37.89 -57.10
N MET D 376 3.85 -37.29 -56.01
CA MET D 376 4.91 -36.29 -56.06
C MET D 376 6.24 -36.93 -56.44
N ILE D 377 6.52 -38.10 -55.87
CA ILE D 377 7.74 -38.84 -56.17
C ILE D 377 7.76 -39.35 -57.60
N ILE D 378 6.67 -39.98 -58.01
CA ILE D 378 6.57 -40.58 -59.35
C ILE D 378 6.67 -39.55 -60.46
N ILE D 379 5.92 -38.46 -60.35
CA ILE D 379 5.91 -37.42 -61.37
C ILE D 379 7.28 -36.75 -61.50
N PHE D 380 7.89 -36.41 -60.37
CA PHE D 380 9.23 -35.81 -60.38
C PHE D 380 10.31 -36.80 -60.82
N PHE D 381 10.09 -38.09 -60.54
CA PHE D 381 11.02 -39.13 -60.99
C PHE D 381 10.93 -39.35 -62.49
N CYS D 382 9.71 -39.49 -62.98
CA CYS D 382 9.48 -39.76 -64.40
C CYS D 382 9.96 -38.63 -65.29
N TYR D 383 9.45 -37.42 -65.05
CA TYR D 383 9.88 -36.25 -65.81
C TYR D 383 11.33 -35.86 -65.51
N GLY D 384 11.81 -36.21 -64.32
CA GLY D 384 13.20 -35.98 -63.95
C GLY D 384 14.17 -36.87 -64.71
N GLN D 385 13.87 -38.16 -64.76
CA GLN D 385 14.67 -39.12 -65.52
C GLN D 385 14.50 -38.90 -67.02
N LEU D 386 13.37 -38.33 -67.41
CA LEU D 386 13.08 -38.02 -68.81
C LEU D 386 14.03 -36.93 -69.32
N VAL D 387 14.23 -35.89 -68.53
CA VAL D 387 15.15 -34.81 -68.88
C VAL D 387 16.60 -35.31 -68.84
N PHE D 388 16.91 -36.16 -67.86
CA PHE D 388 18.24 -36.75 -67.72
C PHE D 388 18.66 -37.54 -68.95
N THR D 389 17.73 -38.31 -69.51
CA THR D 389 17.98 -39.08 -70.73
C THR D 389 18.15 -38.19 -71.95
N VAL D 390 17.30 -37.17 -72.07
CA VAL D 390 17.37 -36.25 -73.19
C VAL D 390 18.66 -35.41 -73.10
N LYS D 391 19.06 -35.06 -71.89
CA LYS D 391 20.32 -34.35 -71.65
C LYS D 391 21.52 -35.19 -72.07
N GLU D 392 21.45 -36.49 -71.81
CA GLU D 392 22.50 -37.43 -72.19
C GLU D 392 22.52 -37.65 -73.70
N ALA D 393 21.34 -37.74 -74.30
CA ALA D 393 21.19 -37.98 -75.74
C ALA D 393 21.63 -36.78 -76.59
N ALA D 394 21.27 -35.57 -76.15
CA ALA D 394 21.68 -34.35 -76.83
C ALA D 394 23.17 -34.12 -76.70
N ALA D 395 23.75 -34.61 -75.60
CA ALA D 395 25.18 -34.51 -75.37
C ALA D 395 25.97 -35.39 -76.32
N GLN D 396 25.40 -36.54 -76.69
CA GLN D 396 26.03 -37.42 -77.68
C GLN D 396 26.02 -36.78 -79.06
N GLN D 397 24.83 -36.40 -79.54
CA GLN D 397 24.74 -35.74 -80.83
C GLN D 397 24.55 -34.25 -80.62
N GLN D 398 25.65 -33.52 -80.70
CA GLN D 398 25.64 -32.07 -80.56
C GLN D 398 25.55 -31.41 -81.92
N GLU D 399 25.73 -32.21 -82.96
CA GLU D 399 25.75 -31.72 -84.32
C GLU D 399 24.35 -31.37 -84.81
N SER D 400 23.38 -32.19 -84.41
CA SER D 400 22.01 -31.98 -84.82
C SER D 400 21.39 -30.84 -84.03
N ALA D 401 21.05 -29.76 -84.73
CA ALA D 401 20.52 -28.56 -84.09
C ALA D 401 19.05 -28.72 -83.73
N THR D 402 18.37 -29.64 -84.42
CA THR D 402 16.98 -29.94 -84.14
C THR D 402 16.83 -30.65 -82.80
N THR D 403 17.78 -31.53 -82.49
CA THR D 403 17.77 -32.25 -81.22
C THR D 403 18.12 -31.33 -80.04
N GLN D 404 18.86 -30.27 -80.31
CA GLN D 404 19.22 -29.29 -79.28
C GLN D 404 18.04 -28.39 -78.94
N LYS D 405 17.29 -28.00 -79.97
CA LYS D 405 16.12 -27.15 -79.80
C LYS D 405 15.02 -27.87 -79.01
N ALA D 406 14.96 -29.20 -79.16
CA ALA D 406 14.01 -30.02 -78.41
C ALA D 406 14.36 -30.07 -76.92
N GLU D 407 15.62 -30.39 -76.61
CA GLU D 407 16.13 -30.44 -75.23
C GLU D 407 15.88 -29.15 -74.48
N LYS D 408 15.94 -28.03 -75.21
CA LYS D 408 15.60 -26.73 -74.63
C LYS D 408 14.12 -26.68 -74.26
N GLU D 409 13.26 -27.08 -75.19
CA GLU D 409 11.81 -27.10 -74.95
C GLU D 409 11.36 -28.18 -73.96
N VAL D 410 12.14 -29.26 -73.85
CA VAL D 410 11.85 -30.32 -72.88
C VAL D 410 11.94 -29.79 -71.46
N THR D 411 13.09 -29.21 -71.12
CA THR D 411 13.35 -28.66 -69.80
C THR D 411 12.33 -27.58 -69.43
N ARG D 412 11.90 -26.81 -70.43
CA ARG D 412 10.93 -25.74 -70.24
C ARG D 412 9.59 -26.23 -69.70
N MET D 413 8.97 -27.17 -70.40
CA MET D 413 7.65 -27.67 -70.03
C MET D 413 7.68 -28.50 -68.75
N VAL D 414 8.76 -29.24 -68.53
CA VAL D 414 8.90 -30.06 -67.32
C VAL D 414 8.88 -29.17 -66.07
N ILE D 415 9.60 -28.06 -66.12
CA ILE D 415 9.60 -27.09 -65.04
C ILE D 415 8.19 -26.54 -64.80
N ILE D 416 7.45 -26.32 -65.88
CA ILE D 416 6.06 -25.86 -65.79
C ILE D 416 5.16 -26.96 -65.20
N TYR D 417 5.40 -28.21 -65.57
CA TYR D 417 4.67 -29.35 -65.02
C TYR D 417 4.92 -29.51 -63.51
N VAL D 418 6.15 -29.23 -63.09
CA VAL D 418 6.50 -29.27 -61.67
C VAL D 418 5.76 -28.16 -60.91
N ILE D 419 5.83 -26.94 -61.42
CA ILE D 419 5.17 -25.79 -60.83
C ILE D 419 3.65 -25.98 -60.76
N ALA D 420 3.06 -26.50 -61.84
CA ALA D 420 1.63 -26.77 -61.89
C ALA D 420 1.19 -27.76 -60.81
N PHE D 421 2.01 -28.79 -60.59
CA PHE D 421 1.74 -29.77 -59.55
C PHE D 421 1.91 -29.18 -58.16
N LEU D 422 2.98 -28.41 -57.96
CA LEU D 422 3.30 -27.82 -56.66
C LEU D 422 2.29 -26.75 -56.26
N ILE D 423 1.96 -25.85 -57.18
CA ILE D 423 0.97 -24.80 -56.91
C ILE D 423 -0.38 -25.41 -56.49
N CYS D 424 -0.73 -26.53 -57.11
CA CYS D 424 -2.02 -27.19 -56.88
C CYS D 424 -2.14 -27.90 -55.51
N TRP D 425 -1.24 -28.84 -55.23
CA TRP D 425 -1.35 -29.67 -54.04
C TRP D 425 -0.50 -29.33 -52.79
N VAL D 426 0.50 -28.46 -52.91
CA VAL D 426 1.29 -28.05 -51.74
C VAL D 426 0.49 -27.22 -50.70
N PRO D 427 -0.39 -26.30 -51.16
CA PRO D 427 -1.24 -25.61 -50.18
C PRO D 427 -2.05 -26.55 -49.30
N TYR D 428 -2.64 -27.58 -49.88
CA TYR D 428 -3.37 -28.59 -49.12
C TYR D 428 -2.42 -29.39 -48.24
N ALA D 429 -1.25 -29.73 -48.78
CA ALA D 429 -0.25 -30.48 -48.04
C ALA D 429 0.30 -29.67 -46.87
N SER D 430 0.41 -28.35 -47.07
CA SER D 430 0.86 -27.46 -46.01
C SER D 430 -0.21 -27.23 -44.95
N VAL D 431 -1.41 -26.86 -45.39
CA VAL D 431 -2.50 -26.49 -44.49
C VAL D 431 -3.00 -27.67 -43.65
N ALA D 432 -3.35 -28.77 -44.30
CA ALA D 432 -3.86 -29.96 -43.60
C ALA D 432 -2.85 -30.54 -42.61
N PHE D 433 -1.57 -30.47 -42.95
CA PHE D 433 -0.50 -30.93 -42.06
C PHE D 433 -0.28 -29.98 -40.90
N TYR D 434 -0.35 -28.67 -41.19
CA TYR D 434 -0.23 -27.64 -40.16
C TYR D 434 -1.36 -27.74 -39.13
N ILE D 435 -2.57 -27.95 -39.63
CA ILE D 435 -3.73 -28.07 -38.76
C ILE D 435 -3.64 -29.35 -37.93
N PHE D 436 -3.13 -30.42 -38.53
CA PHE D 436 -2.93 -31.67 -37.81
C PHE D 436 -1.90 -31.54 -36.69
N THR D 437 -0.83 -30.80 -36.94
CA THR D 437 0.21 -30.58 -35.94
C THR D 437 -0.17 -29.52 -34.90
N HIS D 438 -0.76 -28.44 -35.39
CA HIS D 438 -1.15 -27.28 -34.57
C HIS D 438 -2.62 -27.30 -34.13
N GLN D 439 -3.23 -28.47 -34.14
CA GLN D 439 -4.65 -28.66 -33.81
C GLN D 439 -5.10 -27.96 -32.52
N GLY D 440 -4.17 -27.78 -31.57
CA GLY D 440 -4.46 -27.02 -30.36
C GLY D 440 -4.82 -25.57 -30.67
N SER D 441 -4.13 -24.98 -31.63
CA SER D 441 -4.42 -23.62 -32.08
C SER D 441 -5.68 -23.56 -32.94
N CYS D 442 -6.26 -22.36 -33.05
CA CYS D 442 -7.54 -22.16 -33.74
C CYS D 442 -7.34 -21.53 -35.11
N PHE D 443 -8.20 -21.90 -36.06
CA PHE D 443 -8.07 -21.45 -37.45
C PHE D 443 -9.39 -20.89 -38.01
N GLY D 444 -9.29 -19.81 -38.77
CA GLY D 444 -10.43 -19.15 -39.38
C GLY D 444 -10.90 -19.77 -40.69
N PRO D 445 -12.01 -19.25 -41.24
CA PRO D 445 -12.56 -19.73 -42.51
C PRO D 445 -11.75 -19.37 -43.77
N ILE D 446 -11.11 -18.21 -43.75
CA ILE D 446 -10.34 -17.74 -44.91
C ILE D 446 -9.03 -18.54 -45.04
N PHE D 447 -8.56 -19.05 -43.90
CA PHE D 447 -7.37 -19.89 -43.86
C PHE D 447 -7.52 -21.16 -44.71
N MET D 448 -8.72 -21.72 -44.72
CA MET D 448 -9.02 -22.95 -45.48
C MET D 448 -9.42 -22.65 -46.92
N THR D 449 -9.72 -21.39 -47.20
CA THR D 449 -10.10 -20.95 -48.55
C THR D 449 -8.87 -20.76 -49.45
N ILE D 450 -7.73 -20.44 -48.84
CA ILE D 450 -6.49 -20.21 -49.59
C ILE D 450 -5.95 -21.46 -50.31
N PRO D 451 -5.91 -22.62 -49.63
CA PRO D 451 -5.59 -23.84 -50.39
C PRO D 451 -6.68 -24.23 -51.40
N ALA D 452 -7.93 -24.02 -51.03
CA ALA D 452 -9.07 -24.29 -51.91
C ALA D 452 -9.03 -23.46 -53.19
N PHE D 453 -8.40 -22.29 -53.12
CA PHE D 453 -8.21 -21.44 -54.29
C PHE D 453 -7.40 -22.15 -55.37
N PHE D 454 -6.25 -22.70 -54.97
CA PHE D 454 -5.28 -23.24 -55.91
C PHE D 454 -5.69 -24.57 -56.56
N ALA D 455 -6.35 -25.43 -55.80
CA ALA D 455 -6.82 -26.72 -56.33
C ALA D 455 -8.00 -26.53 -57.29
N LYS D 456 -8.87 -25.59 -56.97
CA LYS D 456 -9.98 -25.22 -57.84
C LYS D 456 -9.48 -24.44 -59.06
N SER D 457 -8.37 -23.72 -58.89
CA SER D 457 -7.72 -23.04 -60.00
C SER D 457 -7.05 -24.03 -60.95
N ALA D 458 -6.67 -25.20 -60.43
CA ALA D 458 -6.05 -26.24 -61.25
C ALA D 458 -7.00 -26.79 -62.31
N ALA D 459 -8.30 -26.59 -62.10
CA ALA D 459 -9.31 -26.95 -63.09
C ALA D 459 -9.21 -26.06 -64.33
N ILE D 460 -8.40 -25.00 -64.24
CA ILE D 460 -8.14 -24.11 -65.35
C ILE D 460 -6.74 -24.36 -65.92
N TYR D 461 -5.70 -24.18 -65.12
CA TYR D 461 -4.34 -24.20 -65.65
C TYR D 461 -3.79 -25.60 -65.98
N ASN D 462 -4.27 -26.65 -65.32
CA ASN D 462 -3.86 -28.01 -65.70
C ASN D 462 -4.37 -28.40 -67.10
N PRO D 463 -5.65 -28.10 -67.41
CA PRO D 463 -6.07 -28.22 -68.82
C PRO D 463 -5.21 -27.43 -69.78
N VAL D 464 -4.90 -26.17 -69.45
CA VAL D 464 -4.12 -25.33 -70.35
C VAL D 464 -2.68 -25.83 -70.49
N ILE D 465 -2.02 -26.06 -69.37
CA ILE D 465 -0.61 -26.48 -69.37
C ILE D 465 -0.41 -27.85 -70.03
N TYR D 466 -1.27 -28.82 -69.71
CA TYR D 466 -1.14 -30.16 -70.29
C TYR D 466 -1.77 -30.35 -71.67
N ILE D 467 -2.88 -29.67 -71.95
CA ILE D 467 -3.56 -29.84 -73.23
C ILE D 467 -3.25 -28.71 -74.20
N MET D 468 -3.60 -27.48 -73.82
CA MET D 468 -3.43 -26.32 -74.70
C MET D 468 -1.99 -26.01 -75.09
N MET D 469 -1.03 -26.36 -74.24
CA MET D 469 0.38 -26.13 -74.54
C MET D 469 0.95 -27.18 -75.50
N ASN D 470 0.30 -28.34 -75.58
CA ASN D 470 0.68 -29.36 -76.56
C ASN D 470 0.43 -28.87 -77.98
N LYS D 471 1.37 -29.18 -78.88
CA LYS D 471 1.35 -28.64 -80.23
C LYS D 471 0.25 -29.24 -81.09
N GLN D 472 -0.01 -30.53 -80.92
CA GLN D 472 -1.07 -31.19 -81.67
C GLN D 472 -2.45 -30.67 -81.29
N PHE D 473 -2.68 -30.50 -79.99
CA PHE D 473 -3.96 -30.04 -79.50
C PHE D 473 -4.24 -28.58 -79.85
N ARG D 474 -3.23 -27.72 -79.67
CA ARG D 474 -3.39 -26.29 -79.97
C ARG D 474 -3.73 -26.07 -81.45
N ASN D 475 -3.16 -26.88 -82.34
CA ASN D 475 -3.39 -26.77 -83.78
C ASN D 475 -4.81 -27.15 -84.15
N CYS D 476 -5.33 -28.19 -83.50
CA CYS D 476 -6.70 -28.64 -83.73
C CYS D 476 -7.69 -27.61 -83.18
N MET D 477 -7.31 -26.96 -82.08
CA MET D 477 -8.12 -25.92 -81.45
C MET D 477 -8.18 -24.66 -82.31
N LEU D 478 -7.11 -24.43 -83.07
CA LEU D 478 -7.02 -23.29 -83.98
C LEU D 478 -8.03 -23.36 -85.12
N THR D 479 -8.18 -24.54 -85.70
CA THR D 479 -9.10 -24.77 -86.81
C THR D 479 -10.56 -24.53 -86.41
N THR D 480 -10.86 -24.60 -85.12
CA THR D 480 -12.21 -24.37 -84.61
C THR D 480 -12.58 -22.88 -84.65
N ILE D 481 -11.67 -22.03 -84.22
CA ILE D 481 -11.87 -20.59 -84.29
C ILE D 481 -11.84 -20.13 -85.75
N CYS D 482 -11.03 -20.80 -86.56
CA CYS D 482 -10.99 -20.58 -88.00
C CYS D 482 -12.20 -21.18 -88.74
N CYS D 483 -12.91 -22.07 -88.06
CA CYS D 483 -14.10 -22.76 -88.59
C CYS D 483 -13.76 -23.53 -89.87
N GLY D 484 -12.64 -24.26 -89.82
CA GLY D 484 -12.19 -25.05 -90.95
C GLY D 484 -10.96 -24.46 -91.62
N ASP D 490 -3.11 -29.28 -101.37
CA ASP D 490 -2.45 -30.43 -100.75
C ASP D 490 -3.08 -31.70 -101.28
N ASP D 491 -4.23 -31.97 -100.69
CA ASP D 491 -5.04 -33.10 -101.00
C ASP D 491 -5.53 -33.04 -102.44
N GLU D 492 -5.91 -31.83 -102.79
CA GLU D 492 -6.41 -31.47 -104.10
C GLU D 492 -5.44 -31.75 -105.22
N ALA D 493 -4.16 -31.55 -104.91
CA ALA D 493 -3.09 -31.66 -105.88
C ALA D 493 -2.89 -33.12 -106.25
N SER D 494 -2.39 -33.88 -105.29
CA SER D 494 -2.24 -35.33 -105.43
C SER D 494 -1.48 -35.78 -106.67
N ALA D 495 -0.48 -35.01 -107.06
CA ALA D 495 0.33 -35.29 -108.24
C ALA D 495 1.61 -36.03 -107.91
N THR D 496 1.67 -36.58 -106.72
CA THR D 496 2.88 -37.26 -106.29
C THR D 496 2.91 -38.70 -106.74
N VAL D 497 4.01 -39.05 -107.39
CA VAL D 497 4.19 -40.39 -107.88
C VAL D 497 5.67 -40.69 -108.08
N LYS D 499 8.32 -42.66 -110.41
CA LYS D 499 8.30 -43.07 -111.81
C LYS D 499 9.60 -43.76 -112.18
N THR D 500 9.61 -44.46 -113.32
CA THR D 500 10.76 -45.27 -113.71
C THR D 500 11.01 -45.27 -115.22
N GLU D 501 12.27 -45.19 -115.60
CA GLU D 501 12.73 -45.28 -116.99
C GLU D 501 14.12 -45.91 -117.09
N THR D 502 14.36 -46.67 -118.16
CA THR D 502 15.68 -47.27 -118.38
C THR D 502 16.51 -46.39 -119.30
N SER D 503 17.78 -46.20 -118.94
CA SER D 503 18.73 -45.48 -119.78
C SER D 503 20.16 -45.78 -119.32
N VAL D 526 18.70 -49.34 -114.75
CA VAL D 526 17.33 -48.84 -114.58
C VAL D 526 17.32 -47.67 -113.60
N ILE D 527 16.71 -46.57 -114.02
CA ILE D 527 16.68 -45.32 -113.26
C ILE D 527 15.27 -44.96 -112.83
N PHE D 528 15.13 -44.28 -111.69
CA PHE D 528 13.83 -43.75 -111.28
C PHE D 528 13.91 -42.29 -110.87
N LYS D 529 12.77 -41.62 -110.91
CA LYS D 529 12.68 -40.21 -110.58
C LYS D 529 11.40 -39.92 -109.80
N LYS D 530 11.36 -38.73 -109.21
CA LYS D 530 10.14 -38.26 -108.55
C LYS D 530 10.03 -36.74 -108.68
N VAL D 531 8.82 -36.27 -108.97
CA VAL D 531 8.57 -34.85 -109.15
C VAL D 531 7.93 -34.28 -107.89
N SER D 532 8.25 -33.03 -107.58
CA SER D 532 7.69 -32.35 -106.41
C SER D 532 6.23 -31.95 -106.63
N ARG D 533 5.62 -31.35 -105.60
CA ARG D 533 4.22 -30.95 -105.67
C ARG D 533 4.02 -29.77 -106.60
N ASP D 534 4.87 -28.75 -106.45
CA ASP D 534 4.87 -27.59 -107.33
C ASP D 534 5.56 -27.90 -108.65
N LYS D 535 6.26 -29.03 -108.68
CA LYS D 535 6.95 -29.57 -109.86
C LYS D 535 8.11 -28.68 -110.32
N SER D 536 8.65 -27.90 -109.40
CA SER D 536 9.85 -27.10 -109.65
C SER D 536 11.09 -27.95 -109.53
N VAL D 537 11.16 -28.68 -108.41
CA VAL D 537 12.30 -29.54 -108.11
C VAL D 537 11.99 -30.99 -108.46
N THR D 538 12.77 -31.55 -109.38
CA THR D 538 12.63 -32.96 -109.77
C THR D 538 13.93 -33.70 -109.47
N ILE D 539 13.82 -34.80 -108.73
CA ILE D 539 15.00 -35.56 -108.29
C ILE D 539 15.16 -36.88 -109.07
N TYR D 540 16.41 -37.28 -109.28
CA TYR D 540 16.73 -38.52 -109.98
C TYR D 540 17.75 -39.34 -109.18
N LEU D 541 17.57 -40.66 -109.16
CA LEU D 541 18.49 -41.57 -108.47
C LEU D 541 18.69 -42.87 -109.22
N GLY D 542 19.86 -43.46 -109.02
CA GLY D 542 20.26 -44.68 -109.70
C GLY D 542 19.61 -45.95 -109.20
N LYS D 543 19.65 -46.17 -107.89
CA LYS D 543 19.06 -47.38 -107.31
C LYS D 543 18.63 -47.18 -105.86
N ARG D 544 17.58 -47.89 -105.47
CA ARG D 544 17.02 -47.77 -104.12
C ARG D 544 17.88 -48.48 -103.09
N ASP D 545 18.28 -49.70 -103.40
CA ASP D 545 19.08 -50.48 -102.49
C ASP D 545 20.55 -50.10 -102.61
N TYR D 546 21.12 -49.59 -101.51
CA TYR D 546 22.54 -49.26 -101.48
C TYR D 546 23.29 -50.27 -100.62
N VAL D 547 24.26 -50.95 -101.22
CA VAL D 547 24.97 -52.04 -100.55
C VAL D 547 25.94 -51.48 -99.52
N ASP D 548 25.82 -51.97 -98.30
CA ASP D 548 26.67 -51.58 -97.19
C ASP D 548 27.77 -52.60 -96.99
N HIS D 549 29.01 -52.18 -97.20
CA HIS D 549 30.15 -53.05 -96.93
C HIS D 549 30.54 -52.89 -95.45
N VAL D 550 31.48 -53.70 -94.98
CA VAL D 550 31.92 -53.63 -93.60
C VAL D 550 32.81 -52.41 -93.45
N SER D 551 33.79 -52.29 -94.35
CA SER D 551 34.74 -51.19 -94.34
C SER D 551 34.10 -49.85 -94.74
N GLN D 552 33.45 -49.84 -95.91
CA GLN D 552 32.87 -48.62 -96.47
C GLN D 552 31.39 -48.77 -96.75
N VAL D 553 30.78 -47.71 -97.29
CA VAL D 553 29.38 -47.73 -97.68
C VAL D 553 29.22 -47.18 -99.10
N GLU D 554 28.26 -47.71 -99.84
CA GLU D 554 27.96 -47.22 -101.19
C GLU D 554 27.11 -45.95 -101.13
N PRO D 555 27.63 -44.82 -101.64
CA PRO D 555 26.98 -43.51 -101.52
C PRO D 555 25.79 -43.30 -102.45
N VAL D 556 24.98 -42.30 -102.15
CA VAL D 556 23.82 -41.96 -102.96
C VAL D 556 24.22 -41.16 -104.19
N ASP D 557 23.97 -41.75 -105.36
CA ASP D 557 24.36 -41.15 -106.63
C ASP D 557 23.13 -40.69 -107.40
N GLY D 558 23.17 -39.47 -107.93
CA GLY D 558 22.04 -38.92 -108.66
C GLY D 558 22.17 -37.46 -109.04
N VAL D 559 21.09 -36.90 -109.59
CA VAL D 559 21.05 -35.49 -110.00
C VAL D 559 19.70 -34.86 -109.67
N VAL D 560 19.63 -33.53 -109.78
CA VAL D 560 18.41 -32.78 -109.51
C VAL D 560 18.12 -31.76 -110.62
N LEU D 561 16.99 -31.92 -111.29
CA LEU D 561 16.52 -30.94 -112.27
C LEU D 561 15.74 -29.83 -111.58
N VAL D 562 16.14 -28.59 -111.83
CA VAL D 562 15.51 -27.42 -111.22
C VAL D 562 14.80 -26.56 -112.26
N ASP D 563 13.58 -26.13 -111.96
CA ASP D 563 12.85 -25.20 -112.82
C ASP D 563 13.36 -23.78 -112.59
N PRO D 564 13.97 -23.16 -113.62
CA PRO D 564 14.59 -21.83 -113.43
C PRO D 564 13.57 -20.70 -113.24
N GLU D 565 12.40 -20.84 -113.84
CA GLU D 565 11.36 -19.82 -113.69
C GLU D 565 10.75 -19.84 -112.30
N LEU D 566 10.40 -21.04 -111.84
CA LEU D 566 9.83 -21.22 -110.51
C LEU D 566 10.88 -20.96 -109.43
N VAL D 567 12.07 -21.53 -109.61
CA VAL D 567 13.14 -21.35 -108.64
C VAL D 567 14.08 -20.28 -109.16
N LYS D 568 13.90 -19.05 -108.68
CA LYS D 568 14.73 -17.93 -109.10
C LYS D 568 15.17 -17.17 -107.88
N GLY D 569 16.48 -17.09 -107.69
CA GLY D 569 17.03 -16.45 -106.50
C GLY D 569 16.74 -17.23 -105.23
N LYS D 570 16.60 -18.54 -105.37
CA LYS D 570 16.30 -19.42 -104.24
C LYS D 570 17.49 -20.31 -103.94
N LYS D 571 17.37 -21.11 -102.88
CA LYS D 571 18.43 -22.04 -102.52
C LYS D 571 17.93 -23.48 -102.52
N VAL D 572 18.33 -24.24 -103.53
CA VAL D 572 17.98 -25.65 -103.63
C VAL D 572 18.97 -26.51 -102.86
N TYR D 573 18.45 -27.44 -102.06
CA TYR D 573 19.28 -28.33 -101.29
C TYR D 573 18.92 -29.80 -101.52
N VAL D 574 19.80 -30.69 -101.09
CA VAL D 574 19.51 -32.12 -101.05
C VAL D 574 19.95 -32.66 -99.69
N THR D 575 19.19 -33.63 -99.17
CA THR D 575 19.45 -34.18 -97.85
C THR D 575 19.61 -35.69 -97.83
N LEU D 576 20.24 -36.20 -96.79
CA LEU D 576 20.27 -37.62 -96.47
C LEU D 576 19.84 -37.81 -95.03
N THR D 577 18.64 -38.34 -94.83
CA THR D 577 18.05 -38.44 -93.50
C THR D 577 17.94 -39.88 -93.03
N CYS D 578 18.68 -40.23 -91.99
CA CYS D 578 18.50 -41.51 -91.32
C CYS D 578 17.77 -41.27 -89.99
N ALA D 579 16.52 -41.68 -89.92
CA ALA D 579 15.67 -41.40 -88.77
C ALA D 579 15.16 -42.67 -88.10
N PHE D 580 15.29 -42.72 -86.78
CA PHE D 580 14.67 -43.80 -86.01
C PHE D 580 13.23 -43.40 -85.74
N ARG D 581 12.30 -44.21 -86.26
CA ARG D 581 10.89 -43.89 -86.19
C ARG D 581 10.15 -44.80 -85.19
N TYR D 582 9.37 -44.18 -84.33
CA TYR D 582 8.51 -44.92 -83.41
C TYR D 582 7.20 -44.15 -83.16
N GLY D 583 6.09 -44.87 -83.22
CA GLY D 583 4.76 -44.28 -83.07
C GLY D 583 4.34 -43.41 -84.25
N GLN D 584 3.40 -42.51 -83.99
CA GLN D 584 2.82 -41.64 -85.02
C GLN D 584 3.49 -40.26 -85.00
N GLU D 585 3.63 -39.64 -86.17
CA GLU D 585 4.32 -38.35 -86.32
C GLU D 585 3.70 -37.20 -85.52
N ASP D 586 2.37 -37.15 -85.47
CA ASP D 586 1.65 -36.05 -84.84
C ASP D 586 1.84 -36.12 -83.33
N ILE D 587 1.56 -37.29 -82.78
CA ILE D 587 1.57 -37.51 -81.35
C ILE D 587 3.01 -37.48 -80.79
N ASP D 588 3.97 -37.92 -81.60
CA ASP D 588 5.36 -37.96 -81.19
C ASP D 588 5.95 -36.56 -81.01
N VAL D 589 5.58 -35.65 -81.91
CA VAL D 589 6.00 -34.25 -81.82
C VAL D 589 5.28 -33.54 -80.67
N MET D 590 4.05 -33.93 -80.43
CA MET D 590 3.24 -33.36 -79.34
C MET D 590 3.80 -33.74 -77.97
N GLY D 591 4.54 -34.85 -77.94
CA GLY D 591 4.96 -35.47 -76.70
C GLY D 591 6.14 -34.79 -76.06
N LEU D 592 6.34 -33.51 -76.37
CA LEU D 592 7.30 -32.66 -75.69
C LEU D 592 8.73 -32.86 -76.25
N THR D 593 8.85 -33.86 -77.12
CA THR D 593 10.06 -34.15 -77.88
C THR D 593 9.58 -34.68 -79.24
N PHE D 594 10.47 -35.19 -80.08
CA PHE D 594 10.05 -35.86 -81.32
C PHE D 594 10.96 -37.04 -81.68
N ARG D 595 10.67 -37.70 -82.79
CA ARG D 595 11.48 -38.83 -83.27
C ARG D 595 12.93 -38.43 -83.51
N ARG D 596 13.85 -39.27 -83.06
CA ARG D 596 15.27 -38.95 -83.10
C ARG D 596 15.90 -39.25 -84.46
N ASP D 597 16.53 -38.23 -85.03
CA ASP D 597 17.30 -38.40 -86.26
C ASP D 597 18.67 -39.02 -85.93
N LEU D 598 18.93 -40.19 -86.48
CA LEU D 598 20.17 -40.91 -86.22
C LEU D 598 21.36 -40.26 -86.93
N TYR D 599 21.21 -40.01 -88.23
CA TYR D 599 22.21 -39.29 -89.02
C TYR D 599 21.55 -38.29 -89.97
N PHE D 600 22.25 -37.20 -90.24
CA PHE D 600 21.77 -36.18 -91.16
C PHE D 600 22.92 -35.55 -91.95
N SER D 601 22.69 -35.30 -93.23
CA SER D 601 23.70 -34.70 -94.10
C SER D 601 23.07 -33.70 -95.08
N ARG D 602 23.88 -32.76 -95.56
CA ARG D 602 23.39 -31.70 -96.46
C ARG D 602 24.39 -31.35 -97.55
N VAL D 603 23.86 -31.05 -98.73
CA VAL D 603 24.66 -30.52 -99.83
C VAL D 603 23.85 -29.46 -100.57
N GLN D 604 24.49 -28.35 -100.94
CA GLN D 604 23.87 -27.30 -101.75
C GLN D 604 23.90 -27.64 -103.23
N VAL D 605 22.74 -27.70 -103.86
CA VAL D 605 22.60 -28.06 -105.27
C VAL D 605 22.63 -26.84 -106.19
N TYR D 606 21.71 -25.91 -105.98
CA TYR D 606 21.64 -24.68 -106.78
C TYR D 606 21.40 -23.44 -105.91
N PRO D 607 22.10 -22.33 -106.20
CA PRO D 607 23.19 -22.22 -107.18
C PRO D 607 24.46 -22.90 -106.66
N PRO D 608 25.17 -23.63 -107.54
CA PRO D 608 26.29 -24.43 -107.03
C PRO D 608 27.49 -23.61 -106.57
N VAL D 609 27.94 -23.86 -105.34
CA VAL D 609 29.14 -23.23 -104.83
C VAL D 609 30.30 -24.16 -105.12
N GLY D 610 31.11 -23.79 -106.09
CA GLY D 610 32.13 -24.66 -106.61
C GLY D 610 31.48 -25.83 -107.31
N ALA D 611 32.16 -26.97 -107.30
CA ALA D 611 31.61 -28.17 -107.90
C ALA D 611 32.34 -29.40 -107.42
N MET D 612 31.72 -30.55 -107.68
CA MET D 612 32.31 -31.83 -107.37
C MET D 612 33.47 -32.12 -108.33
N SER D 613 34.61 -32.48 -107.76
CA SER D 613 35.84 -32.70 -108.52
C SER D 613 35.70 -33.84 -109.53
N VAL D 614 35.00 -34.90 -109.14
CA VAL D 614 34.79 -36.04 -110.04
C VAL D 614 33.34 -36.52 -110.03
N LEU D 615 32.79 -36.75 -111.22
CA LEU D 615 31.43 -37.24 -111.35
C LEU D 615 31.42 -38.75 -111.62
N THR D 616 30.23 -39.33 -111.64
CA THR D 616 30.06 -40.75 -111.92
C THR D 616 29.60 -40.98 -113.36
N GLN D 617 29.50 -42.25 -113.77
CA GLN D 617 29.02 -42.61 -115.10
C GLN D 617 27.53 -42.32 -115.24
N LEU D 618 26.80 -42.38 -114.13
CA LEU D 618 25.37 -42.07 -114.11
C LEU D 618 25.13 -40.58 -114.33
N GLN D 619 25.83 -39.76 -113.56
CA GLN D 619 25.71 -38.31 -113.64
C GLN D 619 26.06 -37.75 -115.01
N GLU D 620 27.02 -38.38 -115.70
CA GLU D 620 27.39 -38.01 -117.06
C GLU D 620 26.24 -38.25 -118.05
N SER D 621 25.53 -39.36 -117.84
CA SER D 621 24.43 -39.73 -118.73
C SER D 621 23.23 -38.81 -118.55
N LEU D 622 22.87 -38.54 -117.30
CA LEU D 622 21.69 -37.75 -116.99
C LEU D 622 21.85 -36.26 -117.32
N LEU D 623 23.08 -35.75 -117.20
CA LEU D 623 23.35 -34.35 -117.52
C LEU D 623 23.19 -34.09 -119.01
N LYS D 624 23.66 -35.02 -119.83
CA LYS D 624 23.54 -34.91 -121.28
C LYS D 624 22.11 -35.21 -121.75
N LYS D 625 21.45 -36.14 -121.07
CA LYS D 625 20.07 -36.48 -121.35
C LYS D 625 19.12 -35.34 -121.02
N LEU D 626 19.23 -34.82 -119.79
CA LEU D 626 18.38 -33.72 -119.34
C LEU D 626 18.92 -32.36 -119.79
N GLY D 627 18.20 -31.30 -119.43
CA GLY D 627 18.52 -29.95 -119.87
C GLY D 627 19.68 -29.28 -119.15
N ASP D 628 19.78 -27.96 -119.33
CA ASP D 628 20.89 -27.18 -118.77
C ASP D 628 20.82 -26.99 -117.25
N ASN D 629 19.61 -27.04 -116.70
CA ASN D 629 19.39 -26.72 -115.30
C ASN D 629 19.57 -27.89 -114.33
N THR D 630 20.02 -29.03 -114.84
CA THR D 630 20.28 -30.19 -114.01
C THR D 630 21.59 -30.03 -113.25
N TYR D 631 21.62 -30.47 -111.99
CA TYR D 631 22.83 -30.40 -111.16
C TYR D 631 23.06 -31.70 -110.39
N PRO D 632 24.33 -32.15 -110.30
CA PRO D 632 24.70 -33.37 -109.60
C PRO D 632 24.79 -33.23 -108.07
N PHE D 633 24.72 -34.36 -107.38
CA PHE D 633 24.96 -34.42 -105.93
C PHE D 633 25.45 -35.80 -105.48
N LEU D 634 26.11 -35.85 -104.32
CA LEU D 634 26.56 -37.10 -103.74
C LEU D 634 26.41 -37.04 -102.22
N LEU D 635 25.80 -38.07 -101.63
CA LEU D 635 25.59 -38.12 -100.19
C LEU D 635 26.25 -39.37 -99.61
N THR D 636 27.34 -39.16 -98.89
CA THR D 636 28.10 -40.26 -98.28
C THR D 636 27.49 -40.74 -96.97
N PHE D 637 27.78 -41.99 -96.62
CA PHE D 637 27.34 -42.54 -95.34
C PHE D 637 28.58 -42.76 -94.47
N PRO D 638 28.45 -42.52 -93.16
CA PRO D 638 29.53 -42.90 -92.25
C PRO D 638 29.48 -44.38 -91.88
N ASP D 639 30.43 -44.83 -91.06
CA ASP D 639 30.54 -46.24 -90.72
C ASP D 639 29.77 -46.66 -89.46
N TYR D 640 29.16 -45.71 -88.76
CA TYR D 640 28.44 -46.02 -87.51
C TYR D 640 26.92 -46.20 -87.65
N LEU D 641 26.40 -46.26 -88.88
CA LEU D 641 24.97 -46.44 -89.11
C LEU D 641 24.52 -47.90 -89.24
N PRO D 642 23.25 -48.18 -88.88
CA PRO D 642 22.66 -49.52 -89.01
C PRO D 642 22.05 -49.76 -90.39
N CYS D 643 21.40 -50.90 -90.56
CA CYS D 643 20.72 -51.25 -91.79
C CYS D 643 19.27 -50.77 -91.74
N SER D 644 18.53 -50.94 -92.83
CA SER D 644 17.12 -50.59 -92.83
C SER D 644 16.33 -51.75 -92.25
N VAL D 645 15.71 -51.50 -91.10
CA VAL D 645 15.03 -52.51 -90.32
C VAL D 645 13.71 -51.94 -89.78
N MET D 646 12.64 -52.74 -89.85
CA MET D 646 11.37 -52.34 -89.25
C MET D 646 10.75 -53.49 -88.46
N LEU D 647 10.04 -53.14 -87.38
CA LEU D 647 9.35 -54.12 -86.56
C LEU D 647 7.97 -54.44 -87.12
N GLN D 648 7.60 -55.72 -87.05
CA GLN D 648 6.36 -56.21 -87.66
C GLN D 648 5.15 -55.93 -86.78
N PRO D 649 4.16 -55.20 -87.33
CA PRO D 649 2.88 -55.03 -86.64
C PRO D 649 1.93 -56.20 -86.81
N ALA D 650 1.05 -56.42 -85.84
CA ALA D 650 0.00 -57.42 -85.94
C ALA D 650 -1.13 -56.93 -86.86
N PRO D 651 -2.00 -57.85 -87.31
CA PRO D 651 -3.12 -57.41 -88.18
C PRO D 651 -4.10 -56.46 -87.50
N GLN D 652 -4.43 -56.71 -86.24
CA GLN D 652 -5.33 -55.84 -85.49
C GLN D 652 -4.71 -54.47 -85.23
N ASP D 653 -3.38 -54.41 -85.21
CA ASP D 653 -2.67 -53.15 -85.00
C ASP D 653 -2.73 -52.30 -86.27
N VAL D 654 -3.34 -51.12 -86.17
CA VAL D 654 -3.54 -50.25 -87.32
C VAL D 654 -2.56 -49.08 -87.28
N GLY D 655 -2.66 -48.26 -86.24
CA GLY D 655 -1.84 -47.07 -86.11
C GLY D 655 -0.40 -47.27 -85.68
N LYS D 656 -0.09 -48.47 -85.16
CA LYS D 656 1.26 -48.79 -84.70
C LYS D 656 2.26 -48.94 -85.85
N SER D 657 3.33 -48.16 -85.79
CA SER D 657 4.41 -48.23 -86.76
C SER D 657 5.76 -47.94 -86.10
N CYS D 658 6.75 -48.79 -86.33
CA CYS D 658 8.09 -48.56 -85.81
C CYS D 658 9.17 -49.18 -86.70
N GLY D 659 10.29 -48.47 -86.87
CA GLY D 659 11.41 -48.99 -87.63
C GLY D 659 12.40 -47.92 -88.04
N VAL D 660 13.59 -48.36 -88.47
CA VAL D 660 14.61 -47.46 -88.99
C VAL D 660 14.45 -47.37 -90.50
N ASP D 661 14.63 -46.17 -91.05
CA ASP D 661 14.57 -45.99 -92.50
C ASP D 661 15.41 -44.82 -92.99
N PHE D 662 15.91 -44.92 -94.21
CA PHE D 662 16.71 -43.86 -94.82
C PHE D 662 15.88 -43.10 -95.85
N GLU D 663 16.05 -41.78 -95.89
CA GLU D 663 15.25 -40.93 -96.76
C GLU D 663 16.09 -39.84 -97.44
N VAL D 664 16.07 -39.84 -98.77
CA VAL D 664 16.70 -38.79 -99.55
C VAL D 664 15.67 -37.74 -99.97
N LYS D 665 15.84 -36.52 -99.47
CA LYS D 665 14.91 -35.43 -99.78
C LYS D 665 15.62 -34.30 -100.50
N ALA D 666 14.85 -33.54 -101.28
CA ALA D 666 15.36 -32.36 -101.97
C ALA D 666 14.29 -31.28 -102.01
N PHE D 667 14.70 -30.03 -101.83
CA PHE D 667 13.77 -28.92 -101.72
C PHE D 667 14.41 -27.57 -102.05
N ALA D 668 13.56 -26.58 -102.30
CA ALA D 668 13.98 -25.20 -102.51
C ALA D 668 13.36 -24.26 -101.48
N SER D 669 14.12 -23.27 -101.04
CA SER D 669 13.64 -22.34 -100.01
C SER D 669 14.30 -20.95 -100.06
N ASP D 670 13.54 -19.93 -99.65
CA ASP D 670 14.07 -18.58 -99.48
C ASP D 670 15.00 -18.54 -98.28
N ILE D 671 14.66 -19.34 -97.27
CA ILE D 671 15.36 -19.35 -96.00
C ILE D 671 16.71 -20.04 -96.11
N THR D 672 17.64 -19.66 -95.24
CA THR D 672 19.00 -20.16 -95.30
C THR D 672 19.12 -21.64 -94.90
N ASP D 673 20.34 -22.15 -95.03
CA ASP D 673 20.67 -23.56 -94.83
C ASP D 673 20.21 -24.17 -93.49
N PRO D 674 20.45 -23.48 -92.34
CA PRO D 674 20.14 -24.12 -91.05
C PRO D 674 18.68 -24.56 -90.83
N GLU D 675 17.71 -23.98 -91.54
CA GLU D 675 16.32 -24.34 -91.27
C GLU D 675 15.94 -25.62 -92.02
N GLU D 676 15.73 -26.67 -91.23
CA GLU D 676 15.42 -28.02 -91.70
C GLU D 676 14.11 -28.45 -91.08
N ASP D 677 14.00 -28.27 -89.77
CA ASP D 677 12.76 -28.56 -89.04
C ASP D 677 11.51 -28.04 -89.77
N LYS D 678 11.60 -26.84 -90.33
CA LYS D 678 10.52 -26.26 -91.12
C LYS D 678 10.92 -26.00 -92.57
N ILE D 679 10.23 -26.65 -93.51
CA ILE D 679 10.48 -26.43 -94.93
C ILE D 679 9.16 -26.36 -95.69
N PRO D 680 9.15 -25.71 -96.88
CA PRO D 680 7.93 -25.69 -97.67
C PRO D 680 7.59 -27.09 -98.20
N LYS D 681 6.33 -27.49 -98.02
CA LYS D 681 5.87 -28.80 -98.47
C LYS D 681 5.77 -28.92 -99.99
N LYS D 682 5.42 -27.82 -100.68
CA LYS D 682 5.25 -27.84 -102.13
C LYS D 682 6.53 -28.10 -102.91
N SER D 683 7.59 -27.38 -102.52
CA SER D 683 8.86 -27.47 -103.23
C SER D 683 9.60 -28.77 -102.89
N SER D 684 9.29 -29.34 -101.74
CA SER D 684 9.98 -30.54 -101.27
C SER D 684 9.52 -31.78 -102.01
N VAL D 685 10.47 -32.71 -102.21
CA VAL D 685 10.18 -34.02 -102.80
C VAL D 685 11.07 -35.04 -102.09
N ARG D 686 10.55 -36.24 -101.86
CA ARG D 686 11.28 -37.24 -101.10
C ARG D 686 11.01 -38.67 -101.58
N LEU D 687 12.03 -39.51 -101.48
CA LEU D 687 11.88 -40.93 -101.81
C LEU D 687 12.76 -41.79 -100.90
N LEU D 688 12.19 -42.88 -100.42
CA LEU D 688 12.87 -43.80 -99.50
C LEU D 688 13.91 -44.68 -100.20
N ILE D 689 15.03 -44.89 -99.52
CA ILE D 689 16.09 -45.78 -99.98
C ILE D 689 16.46 -46.78 -98.90
N ARG D 690 17.23 -47.79 -99.26
CA ARG D 690 17.68 -48.83 -98.33
C ARG D 690 19.18 -48.86 -98.13
N LYS D 691 19.60 -49.22 -96.93
CA LYS D 691 20.98 -49.58 -96.67
C LYS D 691 21.04 -51.07 -96.27
N VAL D 692 21.50 -51.91 -97.18
CA VAL D 692 21.41 -53.36 -96.99
C VAL D 692 22.80 -54.00 -96.94
N GLN D 693 22.98 -54.98 -96.06
CA GLN D 693 24.22 -55.74 -95.98
C GLN D 693 24.05 -57.15 -96.56
N HIS D 694 24.77 -57.44 -97.64
CA HIS D 694 24.88 -58.80 -98.18
C HIS D 694 25.85 -59.64 -97.37
N ALA D 695 25.73 -60.96 -97.47
CA ALA D 695 26.62 -61.88 -96.78
C ALA D 695 28.04 -61.79 -97.33
N PRO D 696 29.04 -61.77 -96.45
CA PRO D 696 30.45 -61.65 -96.85
C PRO D 696 31.00 -62.92 -97.51
N PRO D 697 32.13 -62.81 -98.23
CA PRO D 697 32.74 -63.96 -98.90
C PRO D 697 33.10 -65.10 -97.95
N GLU D 698 33.59 -64.75 -96.76
CA GLU D 698 34.01 -65.78 -95.83
C GLU D 698 32.86 -66.32 -95.01
N MET D 699 32.52 -67.58 -95.26
CA MET D 699 31.69 -68.33 -94.33
C MET D 699 32.62 -68.83 -93.24
N GLY D 700 32.30 -68.53 -92.00
CA GLY D 700 33.17 -68.85 -90.89
C GLY D 700 33.30 -70.32 -90.59
N PRO D 701 34.09 -70.67 -89.55
CA PRO D 701 34.31 -72.07 -89.19
C PRO D 701 33.02 -72.72 -88.72
N GLN D 702 32.98 -74.03 -88.83
CA GLN D 702 31.82 -74.82 -88.45
C GLN D 702 31.43 -74.55 -87.01
N PRO D 703 30.24 -73.96 -86.78
CA PRO D 703 29.83 -73.60 -85.42
C PRO D 703 29.71 -74.82 -84.52
N SER D 704 30.35 -74.76 -83.37
CA SER D 704 30.30 -75.86 -82.41
C SER D 704 30.19 -75.35 -80.97
N ALA D 705 29.08 -75.66 -80.32
CA ALA D 705 28.90 -75.33 -78.91
C ALA D 705 28.93 -76.59 -78.06
N GLU D 706 29.45 -76.47 -76.84
CA GLU D 706 29.53 -77.60 -75.93
C GLU D 706 29.37 -77.13 -74.49
N ALA D 707 28.59 -77.88 -73.70
CA ALA D 707 28.35 -77.55 -72.31
C ALA D 707 28.04 -78.79 -71.50
N SER D 708 28.41 -78.77 -70.22
CA SER D 708 28.18 -79.88 -69.30
C SER D 708 27.37 -79.42 -68.10
N TRP D 709 26.40 -80.24 -67.70
CA TRP D 709 25.43 -79.87 -66.66
C TRP D 709 25.26 -80.93 -65.57
N GLN D 710 24.84 -80.47 -64.39
CA GLN D 710 24.63 -81.33 -63.22
C GLN D 710 23.32 -80.94 -62.54
N PHE D 711 22.95 -81.69 -61.49
CA PHE D 711 21.70 -81.45 -60.79
C PHE D 711 21.88 -81.36 -59.29
N PHE D 712 20.80 -80.97 -58.62
CA PHE D 712 20.85 -80.72 -57.20
C PHE D 712 21.06 -81.98 -56.36
N MET D 713 20.21 -82.98 -56.53
CA MET D 713 20.38 -84.26 -55.85
C MET D 713 21.44 -85.14 -56.51
N SER D 714 21.37 -85.25 -57.83
CA SER D 714 22.28 -86.09 -58.61
C SER D 714 23.45 -85.28 -59.19
N ASP D 715 24.67 -85.60 -58.75
CA ASP D 715 25.87 -84.85 -59.17
C ASP D 715 26.61 -85.43 -60.40
N LYS D 716 26.08 -86.50 -60.99
CA LYS D 716 26.69 -87.14 -62.16
C LYS D 716 26.60 -86.24 -63.41
N PRO D 717 27.60 -86.34 -64.32
CA PRO D 717 27.67 -85.39 -65.45
C PRO D 717 26.70 -85.69 -66.60
N LEU D 718 26.33 -84.64 -67.32
CA LEU D 718 25.57 -84.75 -68.57
C LEU D 718 26.20 -83.89 -69.65
N ASN D 719 26.76 -84.54 -70.67
CA ASN D 719 27.43 -83.82 -71.75
C ASN D 719 26.52 -83.56 -72.94
N LEU D 720 26.70 -82.40 -73.56
CA LEU D 720 25.94 -82.00 -74.74
C LEU D 720 26.86 -81.30 -75.72
N SER D 721 26.71 -81.64 -77.00
CA SER D 721 27.52 -81.03 -78.05
C SER D 721 26.65 -80.62 -79.25
N VAL D 722 26.56 -79.32 -79.48
CA VAL D 722 25.82 -78.79 -80.63
C VAL D 722 26.77 -78.56 -81.79
N SER D 723 26.31 -78.84 -83.00
CA SER D 723 27.12 -78.57 -84.19
C SER D 723 26.25 -78.15 -85.37
N LEU D 724 26.63 -77.05 -86.03
CA LEU D 724 25.97 -76.61 -87.25
C LEU D 724 26.83 -76.95 -88.46
N SER D 725 26.32 -76.66 -89.65
CA SER D 725 27.05 -76.89 -90.89
C SER D 725 27.82 -75.64 -91.32
N LYS D 726 27.08 -74.54 -91.48
CA LYS D 726 27.64 -73.23 -91.84
C LYS D 726 27.54 -72.25 -90.68
N GLU D 727 28.43 -71.27 -90.67
CA GLU D 727 28.26 -70.14 -89.76
C GLU D 727 27.23 -69.15 -90.31
N ILE D 728 27.37 -68.82 -91.58
CA ILE D 728 26.42 -67.94 -92.25
C ILE D 728 25.42 -68.74 -93.06
N TYR D 729 24.16 -68.39 -92.91
CA TYR D 729 23.08 -69.00 -93.66
C TYR D 729 22.38 -67.94 -94.47
N PHE D 730 21.61 -68.38 -95.45
CA PHE D 730 20.89 -67.47 -96.33
C PHE D 730 19.40 -67.56 -96.07
N HIS D 731 18.68 -66.51 -96.45
CA HIS D 731 17.24 -66.47 -96.26
C HIS D 731 16.58 -67.47 -97.19
N GLY D 732 15.82 -68.40 -96.63
CA GLY D 732 15.24 -69.50 -97.37
C GLY D 732 16.00 -70.80 -97.25
N GLU D 733 17.27 -70.70 -96.87
CA GLU D 733 18.12 -71.88 -96.68
C GLU D 733 17.77 -72.62 -95.40
N PRO D 734 17.68 -73.95 -95.46
CA PRO D 734 17.40 -74.76 -94.27
C PRO D 734 18.61 -74.86 -93.35
N ILE D 735 18.37 -74.88 -92.04
CA ILE D 735 19.43 -74.94 -91.04
C ILE D 735 19.46 -76.28 -90.31
N PRO D 736 20.44 -77.13 -90.65
CA PRO D 736 20.63 -78.37 -89.89
C PRO D 736 21.28 -78.11 -88.53
N VAL D 737 20.73 -78.69 -87.48
CA VAL D 737 21.33 -78.58 -86.16
C VAL D 737 21.70 -79.98 -85.66
N THR D 738 22.99 -80.29 -85.67
CA THR D 738 23.47 -81.58 -85.19
C THR D 738 23.64 -81.52 -83.68
N VAL D 739 22.93 -82.40 -82.98
CA VAL D 739 22.96 -82.43 -81.53
C VAL D 739 23.37 -83.82 -81.03
N THR D 740 24.40 -83.85 -80.19
CA THR D 740 24.85 -85.09 -79.56
C THR D 740 24.62 -85.04 -78.05
N VAL D 741 23.66 -85.83 -77.57
CA VAL D 741 23.34 -85.91 -76.15
C VAL D 741 23.99 -87.15 -75.53
N THR D 742 24.89 -86.94 -74.58
CA THR D 742 25.54 -88.06 -73.88
C THR D 742 25.08 -88.15 -72.42
N ASN D 743 24.25 -89.16 -72.11
CA ASN D 743 23.63 -89.26 -70.80
C ASN D 743 24.39 -90.23 -69.91
N ASN D 744 25.12 -89.67 -68.95
CA ASN D 744 25.79 -90.44 -67.90
C ASN D 744 25.05 -90.41 -66.57
N THR D 745 23.92 -89.70 -66.53
CA THR D 745 23.19 -89.48 -65.28
C THR D 745 22.14 -90.53 -65.02
N ASP D 746 21.50 -90.43 -63.86
CA ASP D 746 20.51 -91.40 -63.40
C ASP D 746 19.15 -91.22 -64.10
N LYS D 747 18.95 -90.05 -64.71
CA LYS D 747 17.67 -89.69 -65.31
C LYS D 747 17.55 -89.72 -66.83
N VAL D 748 16.30 -89.84 -67.27
CA VAL D 748 15.92 -89.93 -68.67
C VAL D 748 15.56 -88.57 -69.26
N VAL D 749 15.96 -88.35 -70.51
CA VAL D 749 15.55 -87.16 -71.25
C VAL D 749 14.24 -87.43 -71.98
N LYS D 750 13.21 -86.62 -71.72
CA LYS D 750 11.89 -86.82 -72.30
C LYS D 750 11.83 -86.45 -73.78
N LYS D 751 12.27 -85.23 -74.08
CA LYS D 751 12.23 -84.70 -75.43
C LYS D 751 13.31 -83.65 -75.63
N ILE D 752 13.59 -83.37 -76.90
CA ILE D 752 14.58 -82.38 -77.28
C ILE D 752 13.93 -81.36 -78.20
N LYS D 753 14.11 -80.08 -77.87
CA LYS D 753 13.52 -79.00 -78.65
C LYS D 753 14.61 -78.06 -79.15
N VAL D 754 14.65 -77.84 -80.46
CA VAL D 754 15.57 -76.88 -81.05
C VAL D 754 14.80 -75.64 -81.47
N SER D 755 15.41 -74.48 -81.28
CA SER D 755 14.72 -73.21 -81.54
C SER D 755 15.63 -72.16 -82.16
N VAL D 756 15.17 -71.58 -83.27
CA VAL D 756 15.80 -70.38 -83.83
C VAL D 756 15.22 -69.15 -83.16
N GLU D 757 16.08 -68.36 -82.52
CA GLU D 757 15.62 -67.18 -81.80
C GLU D 757 16.25 -65.91 -82.37
N GLN D 758 15.43 -64.88 -82.53
CA GLN D 758 15.85 -63.62 -83.10
C GLN D 758 16.11 -62.60 -82.01
N ILE D 759 17.39 -62.28 -81.79
CA ILE D 759 17.76 -61.21 -80.88
C ILE D 759 17.61 -59.89 -81.61
N ALA D 760 16.76 -59.01 -81.09
CA ALA D 760 16.65 -57.66 -81.62
C ALA D 760 17.15 -56.67 -80.59
N ASN D 761 18.36 -56.18 -80.78
CA ASN D 761 18.95 -55.24 -79.83
C ASN D 761 18.63 -53.84 -80.28
N VAL D 762 17.71 -53.19 -79.56
CA VAL D 762 17.26 -51.86 -79.91
C VAL D 762 18.07 -50.83 -79.13
N VAL D 763 18.79 -49.99 -79.84
CA VAL D 763 19.52 -48.91 -79.20
C VAL D 763 19.01 -47.56 -79.70
N LEU D 764 18.29 -46.84 -78.83
CA LEU D 764 17.93 -45.46 -79.08
C LEU D 764 18.40 -44.58 -77.92
N TYR D 765 17.64 -44.58 -76.83
CA TYR D 765 18.08 -43.93 -75.60
C TYR D 765 18.78 -44.90 -74.66
N SER D 766 18.61 -46.19 -74.92
CA SER D 766 19.22 -47.23 -74.10
C SER D 766 19.30 -48.56 -74.85
N SER D 767 20.22 -49.42 -74.44
CA SER D 767 20.40 -50.73 -75.05
C SER D 767 19.38 -51.72 -74.47
N ASP D 768 18.55 -52.29 -75.35
CA ASP D 768 17.47 -53.19 -74.94
C ASP D 768 17.43 -54.44 -75.81
N TYR D 769 17.64 -55.61 -75.21
CA TYR D 769 17.59 -56.87 -75.94
C TYR D 769 16.19 -57.49 -75.86
N TYR D 770 15.67 -57.90 -77.02
CA TYR D 770 14.36 -58.53 -77.11
C TYR D 770 14.45 -59.82 -77.93
N VAL D 771 14.04 -60.93 -77.32
CA VAL D 771 14.16 -62.25 -77.94
C VAL D 771 12.79 -62.85 -78.26
N LYS D 772 12.49 -62.98 -79.55
CA LYS D 772 11.28 -63.67 -80.03
C LYS D 772 11.65 -64.86 -80.92
N PRO D 773 11.24 -66.09 -80.54
CA PRO D 773 11.58 -67.26 -81.36
C PRO D 773 10.94 -67.24 -82.75
N VAL D 774 11.77 -67.34 -83.78
CA VAL D 774 11.31 -67.29 -85.17
C VAL D 774 10.80 -68.64 -85.69
N ALA D 775 11.53 -69.70 -85.35
CA ALA D 775 11.17 -71.05 -85.77
C ALA D 775 11.62 -72.07 -84.74
N SER D 776 10.92 -73.20 -84.68
CA SER D 776 11.24 -74.23 -83.72
C SER D 776 10.85 -75.60 -84.22
N GLU D 777 11.66 -76.61 -83.86
CA GLU D 777 11.36 -78.00 -84.17
C GLU D 777 11.81 -78.86 -83.00
N GLU D 778 11.02 -79.88 -82.68
CA GLU D 778 11.29 -80.73 -81.53
C GLU D 778 11.04 -82.22 -81.80
N THR D 779 11.62 -83.07 -80.96
CA THR D 779 11.53 -84.52 -81.12
C THR D 779 11.28 -85.22 -79.79
N GLN D 780 10.57 -86.34 -79.85
CA GLN D 780 10.19 -87.11 -78.69
C GLN D 780 11.14 -88.26 -78.38
N GLU D 781 12.28 -88.31 -79.08
CA GLU D 781 13.23 -89.40 -78.87
C GLU D 781 13.82 -89.32 -77.46
N LYS D 782 13.57 -90.38 -76.69
CA LYS D 782 14.04 -90.43 -75.31
C LYS D 782 15.47 -90.92 -75.23
N VAL D 783 16.21 -90.42 -74.24
CA VAL D 783 17.60 -90.81 -74.00
C VAL D 783 17.77 -91.42 -72.62
N GLN D 784 18.13 -92.71 -72.60
CA GLN D 784 18.27 -93.44 -71.35
C GLN D 784 19.58 -93.11 -70.63
N PRO D 785 19.63 -93.36 -69.31
CA PRO D 785 20.87 -93.28 -68.52
C PRO D 785 21.96 -94.19 -69.05
N ASN D 786 23.22 -93.76 -68.93
CA ASN D 786 24.36 -94.48 -69.48
C ASN D 786 24.15 -94.80 -70.96
N SER D 787 23.55 -93.85 -71.68
CA SER D 787 23.27 -94.02 -73.10
C SER D 787 23.29 -92.68 -73.83
N THR D 788 23.83 -92.67 -75.05
CA THR D 788 23.93 -91.44 -75.85
C THR D 788 23.11 -91.50 -77.14
N LEU D 789 22.77 -90.34 -77.68
CA LEU D 789 21.99 -90.22 -78.90
C LEU D 789 22.45 -89.03 -79.74
N THR D 790 22.65 -89.28 -81.03
CA THR D 790 22.95 -88.23 -81.99
C THR D 790 21.76 -88.01 -82.91
N LYS D 791 21.30 -86.77 -83.03
CA LYS D 791 20.15 -86.47 -83.88
C LYS D 791 20.33 -85.12 -84.59
N THR D 792 20.12 -85.10 -85.91
CA THR D 792 20.20 -83.86 -86.68
C THR D 792 18.80 -83.43 -87.11
N LEU D 793 18.39 -82.25 -86.67
CA LEU D 793 17.07 -81.71 -86.97
C LEU D 793 17.16 -80.39 -87.74
N VAL D 794 16.37 -80.29 -88.81
CA VAL D 794 16.34 -79.09 -89.65
C VAL D 794 15.32 -78.07 -89.18
N LEU D 795 15.67 -76.79 -89.26
CA LEU D 795 14.75 -75.70 -88.97
C LEU D 795 14.64 -74.75 -90.15
N VAL D 796 13.44 -74.20 -90.35
CA VAL D 796 13.14 -73.36 -91.50
C VAL D 796 12.66 -71.99 -91.03
N PRO D 797 13.59 -71.05 -90.80
CA PRO D 797 13.24 -69.72 -90.30
C PRO D 797 12.68 -68.84 -91.41
N LEU D 798 11.37 -68.97 -91.65
CA LEU D 798 10.71 -68.22 -92.70
C LEU D 798 9.66 -67.25 -92.17
N LEU D 799 9.50 -66.12 -92.85
CA LEU D 799 8.56 -65.08 -92.46
C LEU D 799 7.11 -65.50 -92.59
N ALA D 800 6.79 -66.24 -93.65
CA ALA D 800 5.43 -66.62 -93.98
C ALA D 800 4.67 -67.28 -92.82
N ASN D 801 5.35 -68.15 -92.10
CA ASN D 801 4.79 -68.77 -90.90
C ASN D 801 4.63 -67.77 -89.76
N ASN D 802 5.57 -66.83 -89.68
CA ASN D 802 5.62 -65.84 -88.60
C ASN D 802 4.84 -64.57 -88.93
N ARG D 803 4.13 -64.57 -90.04
CA ARG D 803 3.23 -63.47 -90.36
C ARG D 803 2.09 -63.40 -89.35
N GLU D 804 1.49 -62.23 -89.24
CA GLU D 804 0.42 -61.95 -88.29
C GLU D 804 0.90 -62.19 -86.86
N ARG D 805 2.04 -61.58 -86.53
CA ARG D 805 2.61 -61.61 -85.18
C ARG D 805 3.13 -60.23 -84.77
N ARG D 806 3.63 -60.14 -83.55
CA ARG D 806 4.11 -58.87 -83.02
C ARG D 806 5.62 -58.91 -82.73
N GLY D 807 6.29 -57.80 -83.02
CA GLY D 807 7.68 -57.61 -82.65
C GLY D 807 8.74 -58.33 -83.46
N ILE D 808 8.35 -58.88 -84.61
CA ILE D 808 9.30 -59.58 -85.47
C ILE D 808 10.07 -58.56 -86.30
N ALA D 809 11.40 -58.63 -86.23
CA ALA D 809 12.26 -57.69 -86.96
C ALA D 809 12.35 -58.06 -88.43
N LEU D 810 12.04 -57.10 -89.30
CA LEU D 810 12.01 -57.33 -90.73
C LEU D 810 12.96 -56.37 -91.46
N ASP D 811 13.41 -56.76 -92.65
CA ASP D 811 14.13 -55.85 -93.54
C ASP D 811 13.16 -54.79 -94.06
N GLY D 812 13.64 -53.56 -94.19
CA GLY D 812 12.81 -52.44 -94.58
C GLY D 812 12.13 -52.59 -95.92
N LYS D 813 10.83 -52.28 -95.98
CA LYS D 813 10.08 -52.36 -97.21
C LYS D 813 10.12 -51.06 -97.97
N ILE D 814 10.37 -51.15 -99.27
CA ILE D 814 10.15 -50.03 -100.16
C ILE D 814 8.64 -50.05 -100.35
N LYS D 815 7.96 -48.95 -100.04
CA LYS D 815 6.51 -48.96 -100.02
C LYS D 815 6.09 -50.06 -99.05
N HIS D 816 5.18 -50.91 -99.51
CA HIS D 816 4.71 -52.11 -98.80
C HIS D 816 5.11 -53.45 -99.42
N GLU D 817 6.09 -53.46 -100.30
CA GLU D 817 6.42 -54.67 -101.05
C GLU D 817 6.83 -55.85 -100.16
N ASP D 818 6.67 -57.05 -100.71
CA ASP D 818 6.96 -58.29 -99.99
C ASP D 818 8.41 -58.27 -99.53
N THR D 819 8.63 -58.70 -98.30
CA THR D 819 9.95 -58.63 -97.69
C THR D 819 10.26 -59.94 -97.00
N ASN D 820 11.39 -59.98 -96.29
CA ASN D 820 11.81 -61.15 -95.53
C ASN D 820 12.20 -60.77 -94.11
N LEU D 821 12.58 -61.76 -93.31
CA LEU D 821 13.05 -61.53 -91.95
C LEU D 821 14.33 -60.69 -91.97
N ALA D 822 14.55 -59.92 -90.92
CA ALA D 822 15.68 -58.99 -90.85
C ALA D 822 17.03 -59.69 -90.94
N SER D 823 17.94 -59.11 -91.72
CA SER D 823 19.28 -59.65 -91.88
C SER D 823 20.12 -59.39 -90.64
N SER D 824 21.11 -60.25 -90.40
CA SER D 824 21.99 -60.08 -89.24
C SER D 824 22.90 -58.87 -89.45
N THR D 825 22.81 -57.90 -88.55
CA THR D 825 23.54 -56.66 -88.71
C THR D 825 24.98 -56.79 -88.25
N ILE D 826 25.90 -56.48 -89.16
CA ILE D 826 27.33 -56.50 -88.86
C ILE D 826 27.86 -55.09 -88.59
N ILE D 827 28.51 -54.93 -87.43
CA ILE D 827 29.12 -53.67 -87.06
C ILE D 827 30.59 -53.67 -87.50
N LYS D 828 31.08 -52.52 -87.95
CA LYS D 828 32.47 -52.38 -88.36
C LYS D 828 33.42 -52.51 -87.18
N GLU D 829 34.52 -53.22 -87.40
CA GLU D 829 35.49 -53.49 -86.36
C GLU D 829 36.30 -52.23 -86.02
N GLY D 830 36.41 -51.94 -84.73
CA GLY D 830 37.20 -50.80 -84.28
C GLY D 830 36.65 -49.43 -84.64
N ILE D 831 35.44 -49.13 -84.16
CA ILE D 831 34.82 -47.82 -84.40
C ILE D 831 34.63 -47.03 -83.10
N ASP D 832 34.60 -45.71 -83.23
CA ASP D 832 34.55 -44.80 -82.10
C ASP D 832 33.15 -44.63 -81.47
N ARG D 833 32.15 -44.39 -82.31
CA ARG D 833 30.78 -44.17 -81.84
C ARG D 833 29.96 -45.46 -81.73
N THR D 834 29.12 -45.53 -80.70
CA THR D 834 28.19 -46.66 -80.56
C THR D 834 27.06 -46.55 -81.56
N VAL D 835 26.74 -47.67 -82.20
CA VAL D 835 25.72 -47.69 -83.25
C VAL D 835 24.31 -47.65 -82.67
N MET D 836 23.57 -46.60 -83.02
CA MET D 836 22.20 -46.45 -82.58
C MET D 836 21.26 -46.93 -83.68
N GLY D 837 20.29 -47.77 -83.31
CA GLY D 837 19.35 -48.34 -84.25
C GLY D 837 18.90 -49.71 -83.79
N ILE D 838 18.25 -50.45 -84.69
CA ILE D 838 17.83 -51.83 -84.40
C ILE D 838 18.90 -52.80 -84.89
N LEU D 839 19.61 -53.41 -83.95
CA LEU D 839 20.70 -54.33 -84.27
C LEU D 839 20.24 -55.77 -84.07
N VAL D 840 20.19 -56.53 -85.16
CA VAL D 840 19.64 -57.88 -85.15
C VAL D 840 20.72 -58.94 -85.06
N SER D 841 20.43 -60.01 -84.33
CA SER D 841 21.32 -61.17 -84.23
C SER D 841 20.51 -62.45 -84.07
N TYR D 842 21.04 -63.57 -84.57
CA TYR D 842 20.36 -64.86 -84.46
C TYR D 842 21.20 -65.89 -83.71
N HIS D 843 20.53 -66.87 -83.11
CA HIS D 843 21.20 -68.00 -82.47
C HIS D 843 20.28 -69.22 -82.37
N ILE D 844 20.89 -70.40 -82.28
CA ILE D 844 20.15 -71.64 -82.11
C ILE D 844 20.11 -72.05 -80.65
N LYS D 845 18.91 -72.09 -80.07
CA LYS D 845 18.73 -72.56 -78.71
C LYS D 845 18.38 -74.04 -78.70
N VAL D 846 19.27 -74.86 -78.16
CA VAL D 846 19.00 -76.28 -77.99
C VAL D 846 18.45 -76.50 -76.59
N LYS D 847 17.15 -76.78 -76.53
CA LYS D 847 16.45 -76.99 -75.26
C LYS D 847 16.33 -78.47 -74.94
N LEU D 848 16.65 -78.83 -73.70
CA LEU D 848 16.51 -80.19 -73.23
C LEU D 848 15.49 -80.26 -72.11
N THR D 849 14.58 -81.21 -72.22
CA THR D 849 13.56 -81.45 -71.20
C THR D 849 13.84 -82.75 -70.47
N VAL D 850 14.17 -82.64 -69.19
CA VAL D 850 14.50 -83.80 -68.36
C VAL D 850 13.43 -84.04 -67.28
N SER D 851 13.14 -85.31 -67.00
CA SER D 851 12.21 -85.69 -65.94
C SER D 851 12.79 -85.42 -64.56
N GLY D 852 11.95 -84.88 -63.68
CA GLY D 852 12.40 -84.57 -62.34
C GLY D 852 12.65 -85.85 -61.57
N PHE D 853 13.62 -85.77 -60.67
CA PHE D 853 14.04 -86.91 -59.93
C PHE D 853 13.07 -87.30 -58.82
N LEU D 854 12.60 -86.27 -58.12
CA LEU D 854 11.68 -86.40 -56.99
C LEU D 854 10.37 -86.97 -57.47
N GLY D 855 9.90 -86.47 -58.62
CA GLY D 855 8.69 -86.97 -59.21
C GLY D 855 8.71 -86.81 -60.71
N GLU D 856 7.87 -87.61 -61.37
CA GLU D 856 7.73 -87.59 -62.81
C GLU D 856 7.23 -86.24 -63.32
N LEU D 857 6.27 -85.67 -62.59
CA LEU D 857 5.70 -84.38 -62.93
C LEU D 857 6.71 -83.25 -62.82
N THR D 858 7.56 -83.31 -61.81
CA THR D 858 8.67 -82.37 -61.66
C THR D 858 9.60 -82.49 -62.88
N SER D 859 10.15 -81.36 -63.32
CA SER D 859 11.06 -81.36 -64.45
C SER D 859 12.10 -80.24 -64.40
N SER D 860 13.26 -80.49 -65.00
CA SER D 860 14.33 -79.50 -65.08
C SER D 860 14.69 -79.19 -66.54
N GLU D 861 14.28 -78.01 -67.02
CA GLU D 861 14.60 -77.58 -68.39
C GLU D 861 15.95 -76.88 -68.45
N VAL D 862 16.88 -77.46 -69.20
CA VAL D 862 18.21 -76.86 -69.38
C VAL D 862 18.48 -76.66 -70.87
N ALA D 863 19.24 -75.61 -71.20
CA ALA D 863 19.50 -75.27 -72.60
C ALA D 863 20.79 -74.48 -72.78
N THR D 864 21.28 -74.48 -74.02
CA THR D 864 22.46 -73.72 -74.40
C THR D 864 22.25 -73.08 -75.77
N GLU D 865 23.02 -72.04 -76.05
CA GLU D 865 22.88 -71.27 -77.28
C GLU D 865 24.15 -71.26 -78.13
N VAL D 866 23.98 -71.21 -79.44
CA VAL D 866 25.11 -71.00 -80.36
C VAL D 866 24.70 -69.99 -81.42
N PRO D 867 25.56 -68.99 -81.69
CA PRO D 867 25.21 -67.93 -82.64
C PRO D 867 25.40 -68.33 -84.11
N PHE D 868 24.63 -67.69 -84.99
CA PHE D 868 24.79 -67.84 -86.42
C PHE D 868 24.23 -66.61 -87.14
N ARG D 869 24.64 -66.42 -88.39
CA ARG D 869 24.15 -65.30 -89.20
C ARG D 869 23.10 -65.75 -90.21
N LEU D 870 22.10 -64.91 -90.43
CA LEU D 870 21.15 -65.12 -91.52
C LEU D 870 21.08 -63.83 -92.34
N MET D 871 21.56 -63.90 -93.59
CA MET D 871 21.73 -62.72 -94.44
C MET D 871 21.39 -62.99 -95.90
N HIS D 872 21.31 -61.91 -96.68
CA HIS D 872 21.12 -62.01 -98.13
C HIS D 872 22.35 -62.54 -98.86
N PRO D 873 22.13 -63.27 -99.98
CA PRO D 873 23.23 -63.72 -100.83
C PRO D 873 23.77 -62.57 -101.68
N GLN D 874 25.06 -62.62 -101.98
CA GLN D 874 25.70 -61.58 -102.79
C GLN D 874 25.45 -61.80 -104.29
N PRO D 875 24.81 -60.81 -104.94
CA PRO D 875 24.50 -60.95 -106.37
C PRO D 875 25.74 -60.70 -107.23
#